data_1RJJ
#
_entry.id   1RJJ
#
_entity_poly.entity_id   1
_entity_poly.type   'polypeptide(L)'
_entity_poly.pdbx_seq_one_letter_code
;MATSGFKHLVVVKFKEDTKVDEILKGLENLVSQIDTVKSFEWGEDKESHDMLRQGFTHAFSMTFENKDGYVAFTSHPLHV
EFSAAFTAVIDKIVLLDFPVAAVKSSVVATP
;
_entity_poly.pdbx_strand_id   A,B
#
# COMPACT_ATOMS: atom_id res chain seq x y z
N MET A 1 -5.94 5.99 14.63
CA MET A 1 -5.07 6.75 15.57
C MET A 1 -4.36 7.89 14.82
N ALA A 2 -4.23 7.76 13.53
CA ALA A 2 -3.54 8.82 12.75
C ALA A 2 -2.31 9.30 13.52
N THR A 3 -1.43 8.41 13.88
CA THR A 3 -0.22 8.81 14.63
C THR A 3 0.64 9.72 13.75
N SER A 4 0.81 9.35 12.52
CA SER A 4 1.62 10.20 11.59
C SER A 4 0.94 10.19 10.23
N GLY A 5 1.42 9.41 9.31
CA GLY A 5 0.77 9.39 7.97
C GLY A 5 -0.52 8.56 8.02
N PHE A 6 -1.48 8.92 7.22
CA PHE A 6 -2.75 8.16 7.20
C PHE A 6 -2.89 7.50 5.82
N LYS A 7 -3.13 6.22 5.77
CA LYS A 7 -3.20 5.53 4.45
C LYS A 7 -4.59 5.01 4.12
N HIS A 8 -4.94 5.11 2.88
CA HIS A 8 -6.23 4.57 2.39
C HIS A 8 -5.90 3.79 1.11
N LEU A 9 -6.39 2.61 0.95
CA LEU A 9 -6.06 1.84 -0.27
C LEU A 9 -7.30 1.18 -0.82
N VAL A 10 -7.40 1.07 -2.11
CA VAL A 10 -8.59 0.43 -2.72
C VAL A 10 -8.14 -0.68 -3.68
N VAL A 11 -8.74 -1.82 -3.60
CA VAL A 11 -8.38 -2.93 -4.52
C VAL A 11 -9.62 -3.20 -5.36
N VAL A 12 -9.51 -3.24 -6.65
CA VAL A 12 -10.74 -3.46 -7.45
C VAL A 12 -10.53 -4.40 -8.63
N LYS A 13 -11.62 -4.82 -9.21
CA LYS A 13 -11.58 -5.70 -10.40
C LYS A 13 -12.56 -5.12 -11.42
N PHE A 14 -12.34 -5.33 -12.69
CA PHE A 14 -13.26 -4.72 -13.71
C PHE A 14 -14.13 -5.79 -14.38
N LYS A 15 -15.33 -5.41 -14.79
CA LYS A 15 -16.22 -6.38 -15.49
C LYS A 15 -16.72 -5.73 -16.78
N GLU A 16 -16.69 -4.43 -16.85
CA GLU A 16 -17.11 -3.73 -18.10
C GLU A 16 -15.87 -3.59 -18.98
N ASP A 17 -14.86 -2.97 -18.44
CA ASP A 17 -13.56 -2.80 -19.15
C ASP A 17 -12.92 -1.54 -18.57
N THR A 18 -12.57 -1.59 -17.30
CA THR A 18 -11.99 -0.39 -16.64
C THR A 18 -10.84 0.22 -17.41
N LYS A 19 -11.09 1.32 -18.05
CA LYS A 19 -10.02 2.04 -18.77
C LYS A 19 -9.17 2.73 -17.71
N VAL A 20 -8.20 2.04 -17.19
CA VAL A 20 -7.35 2.62 -16.12
C VAL A 20 -6.57 3.83 -16.64
N ASP A 21 -6.10 3.75 -17.86
CA ASP A 21 -5.34 4.88 -18.45
C ASP A 21 -6.25 6.11 -18.63
N GLU A 22 -7.44 5.92 -19.14
CA GLU A 22 -8.37 7.09 -19.28
C GLU A 22 -8.70 7.57 -17.88
N ILE A 23 -8.74 6.65 -16.96
CA ILE A 23 -9.02 7.00 -15.55
C ILE A 23 -7.80 7.77 -15.06
N LEU A 24 -6.64 7.35 -15.49
CA LEU A 24 -5.38 8.02 -15.09
C LEU A 24 -5.49 9.52 -15.38
N LYS A 25 -6.12 9.88 -16.49
CA LYS A 25 -6.27 11.33 -16.79
C LYS A 25 -7.06 11.95 -15.64
N GLY A 26 -7.99 11.21 -15.09
CA GLY A 26 -8.77 11.72 -13.94
C GLY A 26 -7.79 11.93 -12.78
N LEU A 27 -7.04 10.91 -12.43
CA LEU A 27 -6.04 11.05 -11.34
C LEU A 27 -5.25 12.35 -11.56
N GLU A 28 -4.77 12.58 -12.75
CA GLU A 28 -4.03 13.85 -13.01
C GLU A 28 -4.91 15.00 -12.54
N ASN A 29 -6.17 14.94 -12.87
CA ASN A 29 -7.12 15.99 -12.40
C ASN A 29 -7.28 15.83 -10.88
N LEU A 30 -7.53 14.61 -10.45
CA LEU A 30 -7.67 14.35 -8.98
C LEU A 30 -6.49 14.99 -8.25
N VAL A 31 -5.29 14.77 -8.74
CA VAL A 31 -4.09 15.41 -8.10
C VAL A 31 -4.37 16.90 -7.92
N SER A 32 -5.21 17.45 -8.74
CA SER A 32 -5.54 18.90 -8.60
C SER A 32 -5.69 19.22 -7.11
N GLN A 33 -6.35 18.37 -6.38
CA GLN A 33 -6.53 18.61 -4.92
C GLN A 33 -5.18 18.67 -4.19
N ILE A 34 -4.09 18.30 -4.82
CA ILE A 34 -2.79 18.34 -4.05
C ILE A 34 -2.22 19.74 -4.05
N ASP A 35 -3.04 20.75 -4.17
CA ASP A 35 -2.47 22.12 -4.12
C ASP A 35 -1.97 22.30 -2.69
N THR A 36 -2.57 21.57 -1.80
CA THR A 36 -2.20 21.64 -0.37
C THR A 36 -0.94 20.81 -0.15
N VAL A 37 -0.40 20.25 -1.19
CA VAL A 37 0.84 19.44 -1.03
C VAL A 37 0.77 18.67 0.28
N LYS A 38 -0.41 18.47 0.79
CA LYS A 38 -0.58 17.69 2.04
C LYS A 38 -1.46 16.50 1.73
N SER A 39 -1.26 15.89 0.59
CA SER A 39 -2.09 14.73 0.20
C SER A 39 -1.33 13.90 -0.84
N PHE A 40 -1.61 12.63 -0.96
CA PHE A 40 -0.85 11.81 -1.96
C PHE A 40 -1.73 10.75 -2.62
N GLU A 41 -1.35 10.35 -3.81
CA GLU A 41 -2.14 9.32 -4.56
C GLU A 41 -1.26 8.69 -5.66
N TRP A 42 -1.23 7.38 -5.74
CA TRP A 42 -0.42 6.71 -6.79
C TRP A 42 -1.31 5.68 -7.47
N GLY A 43 -0.84 5.02 -8.51
CA GLY A 43 -1.72 4.00 -9.16
C GLY A 43 -0.93 2.73 -9.49
N GLU A 44 -1.58 1.61 -9.56
CA GLU A 44 -0.86 0.34 -9.84
C GLU A 44 -1.80 -0.62 -10.57
N ASP A 45 -1.26 -1.35 -11.49
CA ASP A 45 -2.05 -2.40 -12.21
C ASP A 45 -1.39 -3.73 -11.87
N LYS A 46 -2.13 -4.81 -11.80
CA LYS A 46 -1.50 -6.09 -11.39
C LYS A 46 -0.54 -6.56 -12.49
N GLU A 47 0.64 -6.02 -12.51
CA GLU A 47 1.67 -6.47 -13.51
C GLU A 47 2.60 -7.48 -12.85
N SER A 48 2.06 -8.53 -12.28
CA SER A 48 2.92 -9.55 -11.63
C SER A 48 2.47 -10.97 -12.04
N HIS A 49 2.43 -11.89 -11.11
CA HIS A 49 2.02 -13.28 -11.46
C HIS A 49 0.62 -13.56 -10.91
N ASP A 50 -0.18 -14.29 -11.64
CA ASP A 50 -1.57 -14.59 -11.18
C ASP A 50 -1.58 -14.92 -9.68
N MET A 51 -0.62 -15.69 -9.23
CA MET A 51 -0.59 -16.05 -7.78
C MET A 51 -0.20 -14.84 -6.92
N LEU A 52 0.57 -13.92 -7.44
CA LEU A 52 0.95 -12.73 -6.63
C LEU A 52 0.03 -11.56 -7.01
N ARG A 53 -0.62 -11.63 -8.14
CA ARG A 53 -1.50 -10.52 -8.59
C ARG A 53 -2.81 -10.48 -7.77
N GLN A 54 -2.96 -11.36 -6.83
CA GLN A 54 -4.21 -11.36 -6.02
C GLN A 54 -5.44 -11.48 -6.92
N GLY A 55 -5.23 -11.47 -8.22
CA GLY A 55 -6.35 -11.62 -9.19
C GLY A 55 -7.10 -10.30 -9.46
N PHE A 56 -6.98 -9.31 -8.62
CA PHE A 56 -7.73 -8.04 -8.88
C PHE A 56 -7.31 -7.45 -10.24
N THR A 57 -6.93 -6.20 -10.27
CA THR A 57 -6.53 -5.56 -11.56
C THR A 57 -5.78 -4.25 -11.31
N HIS A 58 -6.17 -3.49 -10.31
CA HIS A 58 -5.48 -2.21 -10.06
C HIS A 58 -5.92 -1.62 -8.71
N ALA A 59 -5.07 -0.83 -8.10
CA ALA A 59 -5.44 -0.23 -6.79
C ALA A 59 -4.90 1.21 -6.73
N PHE A 60 -5.32 1.96 -5.75
CA PHE A 60 -4.84 3.35 -5.62
C PHE A 60 -4.33 3.56 -4.19
N SER A 61 -3.11 4.02 -4.04
CA SER A 61 -2.57 4.21 -2.67
C SER A 61 -2.68 5.70 -2.32
N MET A 62 -3.64 6.06 -1.50
CA MET A 62 -3.78 7.47 -1.10
C MET A 62 -3.29 7.68 0.33
N THR A 63 -2.28 8.48 0.47
CA THR A 63 -1.70 8.74 1.82
C THR A 63 -1.80 10.24 2.10
N PHE A 64 -2.07 10.62 3.31
CA PHE A 64 -2.19 12.08 3.61
C PHE A 64 -1.14 12.50 4.64
N GLU A 65 -0.83 13.76 4.72
CA GLU A 65 0.18 14.21 5.73
C GLU A 65 -0.48 14.13 7.10
N ASN A 66 -1.77 14.27 7.13
CA ASN A 66 -2.52 14.20 8.41
C ASN A 66 -4.02 14.24 8.09
N LYS A 67 -4.85 14.30 9.10
CA LYS A 67 -6.32 14.33 8.86
C LYS A 67 -6.73 15.53 8.01
N ASP A 68 -5.98 16.61 8.05
CA ASP A 68 -6.36 17.80 7.23
C ASP A 68 -6.45 17.44 5.75
N GLY A 69 -5.59 16.59 5.26
CA GLY A 69 -5.66 16.22 3.82
C GLY A 69 -6.90 15.38 3.60
N TYR A 70 -7.24 14.54 4.54
CA TYR A 70 -8.44 13.67 4.39
C TYR A 70 -9.71 14.53 4.31
N VAL A 71 -9.88 15.51 5.16
CA VAL A 71 -11.11 16.35 5.05
C VAL A 71 -11.01 17.22 3.79
N ALA A 72 -9.81 17.55 3.40
CA ALA A 72 -9.64 18.40 2.18
C ALA A 72 -10.13 17.63 0.95
N PHE A 73 -9.53 16.50 0.67
CA PHE A 73 -9.93 15.72 -0.54
C PHE A 73 -11.46 15.60 -0.65
N THR A 74 -12.15 15.47 0.46
CA THR A 74 -13.64 15.33 0.39
C THR A 74 -14.30 16.70 0.33
N SER A 75 -13.67 17.71 0.87
CA SER A 75 -14.30 19.06 0.87
C SER A 75 -14.40 19.62 -0.56
N HIS A 76 -14.20 18.81 -1.56
CA HIS A 76 -14.31 19.31 -2.96
C HIS A 76 -15.32 18.46 -3.74
N PRO A 77 -15.95 19.02 -4.75
CA PRO A 77 -16.95 18.29 -5.58
C PRO A 77 -16.28 17.37 -6.63
N LEU A 78 -14.98 17.44 -6.74
CA LEU A 78 -14.26 16.58 -7.75
C LEU A 78 -14.22 15.12 -7.28
N HIS A 79 -14.25 14.87 -6.01
CA HIS A 79 -14.18 13.46 -5.51
C HIS A 79 -15.56 12.81 -5.58
N VAL A 80 -16.59 13.58 -5.33
CA VAL A 80 -17.96 13.01 -5.35
C VAL A 80 -18.31 12.55 -6.77
N GLU A 81 -18.30 13.45 -7.71
CA GLU A 81 -18.62 13.06 -9.11
C GLU A 81 -17.69 11.94 -9.57
N PHE A 82 -16.44 12.01 -9.18
CA PHE A 82 -15.47 10.96 -9.60
C PHE A 82 -15.79 9.65 -8.87
N SER A 83 -16.11 9.73 -7.60
CA SER A 83 -16.40 8.48 -6.83
C SER A 83 -17.62 7.78 -7.43
N ALA A 84 -18.62 8.51 -7.84
CA ALA A 84 -19.83 7.86 -8.42
C ALA A 84 -19.41 7.02 -9.61
N ALA A 85 -18.65 7.60 -10.51
CA ALA A 85 -18.19 6.84 -11.70
C ALA A 85 -17.19 5.78 -11.24
N PHE A 86 -16.34 6.10 -10.30
CA PHE A 86 -15.36 5.09 -9.83
C PHE A 86 -16.09 3.78 -9.62
N THR A 87 -17.35 3.85 -9.28
CA THR A 87 -18.12 2.59 -9.07
C THR A 87 -18.59 2.11 -10.45
N ALA A 88 -19.41 2.90 -11.09
CA ALA A 88 -19.91 2.53 -12.44
C ALA A 88 -18.78 1.89 -13.26
N VAL A 89 -17.56 2.23 -12.98
CA VAL A 89 -16.43 1.68 -13.76
C VAL A 89 -15.73 0.54 -12.99
N ILE A 90 -16.34 0.03 -11.95
CA ILE A 90 -15.68 -1.08 -11.20
C ILE A 90 -16.64 -2.25 -11.02
N ASP A 91 -16.10 -3.41 -10.73
CA ASP A 91 -16.92 -4.64 -10.56
C ASP A 91 -17.03 -4.94 -9.06
N LYS A 92 -15.97 -4.66 -8.34
CA LYS A 92 -15.94 -4.94 -6.87
C LYS A 92 -15.10 -3.84 -6.19
N ILE A 93 -15.43 -3.44 -4.99
CA ILE A 93 -14.63 -2.38 -4.30
C ILE A 93 -14.16 -2.88 -2.93
N VAL A 94 -12.87 -2.87 -2.71
CA VAL A 94 -12.31 -3.30 -1.39
C VAL A 94 -11.36 -2.21 -0.88
N LEU A 95 -11.46 -1.80 0.36
CA LEU A 95 -10.55 -0.70 0.84
C LEU A 95 -10.02 -0.98 2.26
N LEU A 96 -8.74 -0.76 2.45
CA LEU A 96 -8.13 -0.92 3.81
C LEU A 96 -7.51 0.41 4.25
N ASP A 97 -7.88 0.92 5.39
CA ASP A 97 -7.30 2.22 5.84
C ASP A 97 -6.73 2.04 7.26
N PHE A 98 -5.55 2.52 7.50
CA PHE A 98 -4.95 2.37 8.86
C PHE A 98 -3.87 3.45 9.10
N PRO A 99 -3.57 3.75 10.34
CA PRO A 99 -2.56 4.79 10.68
C PRO A 99 -1.12 4.30 10.38
N VAL A 100 -0.37 5.08 9.65
CA VAL A 100 1.03 4.67 9.32
C VAL A 100 2.02 5.52 10.13
N ALA A 101 2.93 4.88 10.81
CA ALA A 101 3.94 5.64 11.61
C ALA A 101 5.31 5.56 10.93
N ALA A 102 5.66 6.52 10.12
CA ALA A 102 6.99 6.49 9.46
C ALA A 102 8.08 6.40 10.52
N VAL A 103 8.26 5.25 11.11
CA VAL A 103 9.30 5.09 12.16
C VAL A 103 9.85 3.66 12.12
N LYS A 104 9.06 2.73 11.65
CA LYS A 104 9.53 1.33 11.57
C LYS A 104 11.00 1.31 11.15
N SER A 105 11.44 2.29 10.41
CA SER A 105 12.85 2.32 9.97
C SER A 105 13.75 2.28 11.21
N SER A 106 13.80 1.15 11.88
CA SER A 106 14.67 1.05 13.08
C SER A 106 15.83 0.10 12.79
N VAL A 107 17.02 0.62 12.69
CA VAL A 107 18.20 -0.23 12.38
C VAL A 107 18.82 -0.68 13.70
N VAL A 108 18.02 -0.81 14.73
CA VAL A 108 18.54 -1.25 16.04
C VAL A 108 17.61 -2.28 16.67
N ALA A 109 18.14 -3.27 17.31
CA ALA A 109 17.27 -4.30 17.94
C ALA A 109 17.83 -4.64 19.31
N THR A 110 17.01 -4.67 20.32
CA THR A 110 17.53 -5.00 21.67
C THR A 110 17.91 -6.48 21.74
N PRO A 111 18.84 -6.82 22.59
CA PRO A 111 19.30 -8.22 22.76
C PRO A 111 18.31 -9.06 23.56
N MET B 1 7.43 -4.40 -14.53
CA MET B 1 8.16 -3.41 -15.36
C MET B 1 9.17 -2.66 -14.49
N ALA B 2 8.96 -2.64 -13.21
CA ALA B 2 9.90 -1.92 -12.30
C ALA B 2 10.32 -0.60 -12.95
N THR B 3 9.38 0.22 -13.32
CA THR B 3 9.72 1.52 -13.97
C THR B 3 10.51 2.38 -12.98
N SER B 4 10.04 2.44 -11.76
CA SER B 4 10.74 3.24 -10.73
C SER B 4 10.72 2.48 -9.41
N GLY B 5 9.84 2.82 -8.52
CA GLY B 5 9.78 2.10 -7.23
C GLY B 5 9.08 0.74 -7.42
N PHE B 6 9.47 -0.24 -6.66
CA PHE B 6 8.81 -1.58 -6.78
C PHE B 6 8.08 -1.85 -5.47
N LYS B 7 6.82 -2.20 -5.52
CA LYS B 7 6.06 -2.42 -4.26
C LYS B 7 5.64 -3.87 -4.05
N HIS B 8 5.69 -4.30 -2.83
CA HIS B 8 5.23 -5.66 -2.45
C HIS B 8 4.36 -5.48 -1.22
N LEU B 9 3.20 -6.09 -1.17
CA LEU B 9 2.33 -5.89 0.01
C LEU B 9 1.75 -7.23 0.44
N VAL B 10 1.57 -7.41 1.70
CA VAL B 10 0.99 -8.69 2.19
C VAL B 10 -0.21 -8.40 3.09
N VAL B 11 -1.30 -9.09 2.89
CA VAL B 11 -2.49 -8.89 3.76
C VAL B 11 -2.70 -10.19 4.49
N VAL B 12 -2.84 -10.17 5.79
CA VAL B 12 -2.99 -11.47 6.48
C VAL B 12 -4.02 -11.42 7.61
N LYS B 13 -4.38 -12.59 8.08
CA LYS B 13 -5.34 -12.70 9.22
C LYS B 13 -4.74 -13.70 10.21
N PHE B 14 -5.05 -13.58 11.47
CA PHE B 14 -4.43 -14.52 12.47
C PHE B 14 -5.46 -15.52 13.00
N LYS B 15 -5.01 -16.70 13.36
CA LYS B 15 -5.95 -17.73 13.93
C LYS B 15 -5.34 -18.25 15.24
N GLU B 16 -4.05 -18.12 15.39
CA GLU B 16 -3.40 -18.57 16.66
C GLU B 16 -3.43 -17.38 17.63
N ASP B 17 -2.86 -16.29 17.20
CA ASP B 17 -2.84 -15.04 18.00
C ASP B 17 -1.61 -14.25 17.55
N THR B 18 -1.61 -13.83 16.32
CA THR B 18 -0.42 -13.11 15.77
C THR B 18 0.04 -11.96 16.65
N LYS B 19 1.12 -12.17 17.35
CA LYS B 19 1.68 -11.09 18.18
C LYS B 19 2.36 -10.13 17.22
N VAL B 20 1.63 -9.18 16.73
CA VAL B 20 2.21 -8.21 15.75
C VAL B 20 3.31 -7.37 16.42
N ASP B 21 3.11 -7.00 17.65
CA ASP B 21 4.13 -6.20 18.36
C ASP B 21 5.41 -7.01 18.58
N GLU B 22 5.30 -8.25 18.99
CA GLU B 22 6.53 -9.07 19.16
C GLU B 22 7.13 -9.28 17.77
N ILE B 23 6.27 -9.32 16.78
CA ILE B 23 6.74 -9.47 15.40
C ILE B 23 7.43 -8.16 15.03
N LEU B 24 6.88 -7.08 15.51
CA LEU B 24 7.46 -5.74 15.23
C LEU B 24 8.94 -5.76 15.63
N LYS B 25 9.28 -6.42 16.71
CA LYS B 25 10.72 -6.48 17.11
C LYS B 25 11.48 -7.13 15.96
N GLY B 26 10.85 -8.07 15.30
CA GLY B 26 11.51 -8.72 14.13
C GLY B 26 11.71 -7.66 13.06
N LEU B 27 10.66 -6.97 12.69
CA LEU B 27 10.78 -5.90 11.68
C LEU B 27 11.98 -5.01 12.04
N GLU B 28 12.11 -4.61 13.27
CA GLU B 28 13.29 -3.78 13.66
C GLU B 28 14.54 -4.54 13.21
N ASN B 29 14.56 -5.82 13.46
CA ASN B 29 15.71 -6.64 13.00
C ASN B 29 15.66 -6.70 11.47
N LEU B 30 14.50 -7.03 10.93
CA LEU B 30 14.35 -7.08 9.45
C LEU B 30 14.94 -5.81 8.85
N VAL B 31 14.59 -4.66 9.39
CA VAL B 31 15.15 -3.38 8.88
C VAL B 31 16.66 -3.52 8.79
N SER B 32 17.25 -4.37 9.59
CA SER B 32 18.72 -4.56 9.53
C SER B 32 19.15 -4.59 8.06
N GLN B 33 18.40 -5.26 7.23
CA GLN B 33 18.75 -5.32 5.78
C GLN B 33 18.74 -3.91 5.14
N ILE B 34 18.24 -2.90 5.81
CA ILE B 34 18.22 -1.56 5.14
C ILE B 34 19.56 -0.87 5.27
N ASP B 35 20.63 -1.61 5.41
CA ASP B 35 21.94 -0.95 5.49
C ASP B 35 22.17 -0.33 4.12
N THR B 36 21.55 -0.93 3.13
CA THR B 36 21.68 -0.45 1.74
C THR B 36 20.77 0.75 1.54
N VAL B 37 20.09 1.17 2.57
CA VAL B 37 19.20 2.35 2.43
C VAL B 37 18.52 2.31 1.07
N LYS B 38 18.45 1.15 0.47
CA LYS B 38 17.77 1.02 -0.84
C LYS B 38 16.64 0.00 -0.66
N SER B 39 15.95 0.09 0.44
CA SER B 39 14.84 -0.87 0.70
C SER B 39 13.88 -0.25 1.72
N PHE B 40 12.64 -0.65 1.74
CA PHE B 40 11.69 -0.02 2.71
C PHE B 40 10.68 -1.03 3.25
N GLU B 41 10.16 -0.76 4.43
CA GLU B 41 9.16 -1.68 5.05
C GLU B 41 8.39 -0.95 6.16
N TRP B 42 7.08 -1.02 6.15
CA TRP B 42 6.27 -0.34 7.21
C TRP B 42 5.28 -1.36 7.76
N GLY B 43 4.52 -1.03 8.76
CA GLY B 43 3.54 -2.02 9.28
C GLY B 43 2.19 -1.36 9.57
N GLU B 44 1.12 -2.11 9.53
CA GLU B 44 -0.22 -1.51 9.76
C GLU B 44 -1.14 -2.57 10.36
N ASP B 45 -1.97 -2.17 11.26
CA ASP B 45 -2.99 -3.08 11.85
C ASP B 45 -4.35 -2.52 11.46
N LYS B 46 -5.35 -3.34 11.27
CA LYS B 46 -6.66 -2.78 10.82
C LYS B 46 -7.28 -1.93 11.93
N GLU B 47 -6.84 -0.72 12.07
CA GLU B 47 -7.44 0.19 13.10
C GLU B 47 -8.49 1.09 12.43
N SER B 48 -9.45 0.50 11.76
CA SER B 48 -10.49 1.32 11.08
C SER B 48 -11.89 0.72 11.38
N HIS B 49 -12.74 0.68 10.39
CA HIS B 49 -14.11 0.13 10.61
C HIS B 49 -14.23 -1.24 9.95
N ASP B 50 -14.94 -2.14 10.57
CA ASP B 50 -15.08 -3.52 10.01
C ASP B 50 -15.33 -3.46 8.49
N MET B 51 -16.14 -2.54 8.04
CA MET B 51 -16.40 -2.43 6.57
C MET B 51 -15.18 -1.88 5.83
N LEU B 52 -14.37 -1.08 6.48
CA LEU B 52 -13.16 -0.56 5.78
C LEU B 52 -11.94 -1.39 6.17
N ARG B 53 -12.04 -2.12 7.25
CA ARG B 53 -10.88 -2.95 7.71
C ARG B 53 -10.68 -4.18 6.83
N GLN B 54 -11.48 -4.34 5.82
CA GLN B 54 -11.32 -5.54 4.92
C GLN B 54 -11.39 -6.83 5.75
N GLY B 55 -11.48 -6.70 7.04
CA GLY B 55 -11.60 -7.90 7.92
C GLY B 55 -10.23 -8.55 8.25
N PHE B 56 -9.20 -8.29 7.48
CA PHE B 56 -7.90 -8.96 7.78
C PHE B 56 -7.44 -8.59 9.20
N THR B 57 -6.23 -8.11 9.34
CA THR B 57 -5.71 -7.75 10.70
C THR B 57 -4.45 -6.88 10.59
N HIS B 58 -3.61 -7.13 9.62
CA HIS B 58 -2.36 -6.31 9.50
C HIS B 58 -1.66 -6.61 8.18
N ALA B 59 -0.90 -5.68 7.68
CA ALA B 59 -0.19 -5.89 6.40
C ALA B 59 1.19 -5.25 6.47
N PHE B 60 2.04 -5.53 5.52
CA PHE B 60 3.39 -4.91 5.52
C PHE B 60 3.65 -4.30 4.14
N SER B 61 4.01 -3.06 4.10
CA SER B 61 4.24 -2.39 2.78
C SER B 61 5.75 -2.36 2.53
N MET B 62 6.24 -3.23 1.68
CA MET B 62 7.69 -3.22 1.38
C MET B 62 7.95 -2.62 0.01
N THR B 63 8.67 -1.54 -0.02
CA THR B 63 8.95 -0.85 -1.31
C THR B 63 10.47 -0.81 -1.49
N PHE B 64 10.96 -0.96 -2.69
CA PHE B 64 12.44 -0.94 -2.89
C PHE B 64 12.82 0.21 -3.82
N GLU B 65 14.07 0.63 -3.80
CA GLU B 65 14.49 1.73 -4.70
C GLU B 65 14.55 1.17 -6.11
N ASN B 66 14.80 -0.10 -6.21
CA ASN B 66 14.89 -0.77 -7.54
C ASN B 66 15.02 -2.28 -7.32
N LYS B 67 15.23 -3.03 -8.37
CA LYS B 67 15.36 -4.51 -8.22
C LYS B 67 16.54 -4.87 -7.32
N ASP B 68 17.54 -4.03 -7.23
CA ASP B 68 18.71 -4.37 -6.36
C ASP B 68 18.26 -4.60 -4.92
N GLY B 69 17.33 -3.83 -4.43
CA GLY B 69 16.87 -4.03 -3.03
C GLY B 69 16.12 -5.37 -2.95
N TYR B 70 15.37 -5.69 -3.96
CA TYR B 70 14.61 -6.96 -3.96
C TYR B 70 15.56 -8.17 -3.89
N VAL B 71 16.60 -8.21 -4.68
CA VAL B 71 17.54 -9.37 -4.60
C VAL B 71 18.31 -9.29 -3.27
N ALA B 72 18.52 -8.10 -2.78
CA ALA B 72 19.26 -7.95 -1.51
C ALA B 72 18.46 -8.58 -0.37
N PHE B 73 17.27 -8.09 -0.11
CA PHE B 73 16.45 -8.63 1.00
C PHE B 73 16.45 -10.17 1.00
N THR B 74 16.46 -10.79 -0.15
CA THR B 74 16.44 -12.28 -0.19
C THR B 74 17.86 -12.85 -0.07
N SER B 75 18.84 -12.09 -0.50
CA SER B 75 20.24 -12.61 -0.44
C SER B 75 20.71 -12.76 1.00
N HIS B 76 19.83 -12.70 1.95
CA HIS B 76 20.25 -12.86 3.38
C HIS B 76 19.43 -13.99 4.04
N PRO B 77 19.98 -14.63 5.04
CA PRO B 77 19.29 -15.75 5.75
C PRO B 77 18.25 -15.24 6.76
N LEU B 78 18.20 -13.95 6.97
CA LEU B 78 17.22 -13.36 7.95
C LEU B 78 15.79 -13.41 7.39
N HIS B 79 15.63 -13.37 6.11
CA HIS B 79 14.25 -13.39 5.52
C HIS B 79 13.72 -14.82 5.45
N VAL B 80 14.58 -15.76 5.19
CA VAL B 80 14.14 -17.17 5.08
C VAL B 80 13.62 -17.65 6.44
N GLU B 81 14.45 -17.64 7.45
CA GLU B 81 14.01 -18.08 8.79
C GLU B 81 12.78 -17.27 9.23
N PHE B 82 12.77 -16.00 8.93
CA PHE B 82 11.61 -15.15 9.34
C PHE B 82 10.39 -15.53 8.49
N SER B 83 10.57 -15.75 7.22
CA SER B 83 9.41 -16.10 6.35
C SER B 83 8.77 -17.40 6.82
N ALA B 84 9.56 -18.37 7.21
CA ALA B 84 8.98 -19.66 7.66
C ALA B 84 8.03 -19.39 8.82
N ALA B 85 8.48 -18.66 9.79
CA ALA B 85 7.61 -18.34 10.96
C ALA B 85 6.50 -17.40 10.50
N PHE B 86 6.82 -16.46 9.65
CA PHE B 86 5.75 -15.54 9.17
C PHE B 86 4.52 -16.36 8.80
N THR B 87 4.72 -17.58 8.39
CA THR B 87 3.55 -18.43 8.06
C THR B 87 3.03 -19.04 9.35
N ALA B 88 3.84 -19.83 10.01
CA ALA B 88 3.42 -20.45 11.29
C ALA B 88 2.64 -19.45 12.13
N VAL B 89 2.90 -18.18 11.95
CA VAL B 89 2.20 -17.15 12.77
C VAL B 89 1.05 -16.51 11.96
N ILE B 90 0.67 -17.07 10.85
CA ILE B 90 -0.44 -16.46 10.06
C ILE B 90 -1.51 -17.49 9.75
N ASP B 91 -2.68 -17.02 9.41
CA ASP B 91 -3.83 -17.93 9.10
C ASP B 91 -4.03 -17.96 7.58
N LYS B 92 -3.81 -16.83 6.95
CA LYS B 92 -3.98 -16.72 5.48
C LYS B 92 -2.92 -15.75 4.93
N ILE B 93 -2.41 -15.97 3.73
CA ILE B 93 -1.39 -15.03 3.19
C ILE B 93 -1.83 -14.52 1.81
N VAL B 94 -1.91 -13.22 1.67
CA VAL B 94 -2.32 -12.60 0.36
C VAL B 94 -1.27 -11.53 -0.01
N LEU B 95 -0.77 -11.52 -1.23
CA LEU B 95 0.26 -10.49 -1.56
C LEU B 95 0.04 -9.88 -2.96
N LEU B 96 0.15 -8.58 -3.05
CA LEU B 96 0.04 -7.90 -4.38
C LEU B 96 1.33 -7.13 -4.67
N ASP B 97 1.95 -7.39 -5.80
CA ASP B 97 3.22 -6.67 -6.13
C ASP B 97 3.08 -6.02 -7.51
N PHE B 98 3.47 -4.78 -7.65
CA PHE B 98 3.36 -4.11 -8.97
C PHE B 98 4.35 -2.94 -9.07
N PRO B 99 4.71 -2.53 -10.26
CA PRO B 99 5.66 -1.40 -10.46
C PRO B 99 5.05 -0.05 -10.11
N VAL B 100 5.71 0.72 -9.28
CA VAL B 100 5.17 2.05 -8.90
C VAL B 100 5.97 3.16 -9.58
N ALA B 101 5.30 4.07 -10.23
CA ALA B 101 6.02 5.18 -10.92
C ALA B 101 5.77 6.49 -10.16
N ALA B 102 6.65 6.86 -9.26
CA ALA B 102 6.47 8.13 -8.52
C ALA B 102 6.34 9.29 -9.52
N VAL B 103 5.22 9.40 -10.17
CA VAL B 103 5.05 10.51 -11.16
C VAL B 103 3.58 10.93 -11.18
N LYS B 104 2.69 10.04 -10.82
CA LYS B 104 1.24 10.38 -10.82
C LYS B 104 1.07 11.82 -10.31
N SER B 105 1.97 12.28 -9.48
CA SER B 105 1.85 13.67 -8.95
C SER B 105 1.81 14.65 -10.12
N SER B 106 0.73 14.64 -10.87
CA SER B 106 0.63 15.58 -12.02
C SER B 106 -0.44 16.63 -11.72
N VAL B 107 -0.02 17.85 -11.50
CA VAL B 107 -0.99 18.94 -11.19
C VAL B 107 -1.40 19.61 -12.50
N VAL B 108 -1.41 18.87 -13.57
CA VAL B 108 -1.80 19.46 -14.88
C VAL B 108 -2.70 18.47 -15.63
N ALA B 109 -3.69 18.97 -16.31
CA ALA B 109 -4.60 18.07 -17.05
C ALA B 109 -4.90 18.69 -18.42
N THR B 110 -4.78 17.95 -19.48
CA THR B 110 -5.07 18.53 -20.81
C THR B 110 -6.57 18.79 -20.95
N PRO B 111 -6.94 19.75 -21.76
CA PRO B 111 -8.37 20.10 -22.00
C PRO B 111 -9.07 19.10 -22.92
N MET A 1 -1.52 4.81 14.60
CA MET A 1 -2.32 5.86 15.31
C MET A 1 -2.12 7.20 14.63
N ALA A 2 -3.17 7.88 14.28
CA ALA A 2 -3.03 9.21 13.63
C ALA A 2 -1.88 9.97 14.27
N THR A 3 -0.81 10.16 13.55
CA THR A 3 0.37 10.88 14.12
C THR A 3 1.07 11.65 13.01
N SER A 4 1.34 10.99 11.91
CA SER A 4 2.03 11.66 10.79
C SER A 4 1.17 11.53 9.53
N GLY A 5 1.54 10.65 8.64
CA GLY A 5 0.74 10.52 7.39
C GLY A 5 -0.40 9.51 7.61
N PHE A 6 -1.25 9.36 6.64
CA PHE A 6 -2.37 8.39 6.77
C PHE A 6 -2.49 7.61 5.47
N LYS A 7 -2.65 6.32 5.54
CA LYS A 7 -2.72 5.51 4.28
C LYS A 7 -4.15 5.17 3.88
N HIS A 8 -4.48 5.48 2.66
CA HIS A 8 -5.80 5.12 2.09
C HIS A 8 -5.50 4.29 0.84
N LEU A 9 -5.95 3.08 0.76
CA LEU A 9 -5.63 2.27 -0.44
C LEU A 9 -6.90 1.56 -0.92
N VAL A 10 -7.04 1.43 -2.20
CA VAL A 10 -8.24 0.75 -2.75
C VAL A 10 -7.81 -0.35 -3.71
N VAL A 11 -8.40 -1.51 -3.60
CA VAL A 11 -8.06 -2.61 -4.53
C VAL A 11 -9.33 -2.92 -5.31
N VAL A 12 -9.27 -2.95 -6.61
CA VAL A 12 -10.54 -3.19 -7.34
C VAL A 12 -10.35 -4.08 -8.58
N LYS A 13 -11.43 -4.66 -9.02
CA LYS A 13 -11.42 -5.51 -10.23
C LYS A 13 -12.57 -5.02 -11.12
N PHE A 14 -12.49 -5.25 -12.40
CA PHE A 14 -13.55 -4.72 -13.32
C PHE A 14 -14.40 -5.85 -13.91
N LYS A 15 -15.63 -5.56 -14.26
CA LYS A 15 -16.50 -6.59 -14.91
C LYS A 15 -17.11 -5.99 -16.18
N GLU A 16 -17.14 -4.68 -16.26
CA GLU A 16 -17.67 -4.01 -17.48
C GLU A 16 -16.49 -3.79 -18.43
N ASP A 17 -15.50 -3.09 -17.94
CA ASP A 17 -14.27 -2.80 -18.71
C ASP A 17 -13.67 -1.53 -18.14
N THR A 18 -13.29 -1.58 -16.89
CA THR A 18 -12.76 -0.36 -16.21
C THR A 18 -11.67 0.33 -17.03
N LYS A 19 -12.03 1.43 -17.62
CA LYS A 19 -11.04 2.23 -18.38
C LYS A 19 -10.13 2.86 -17.33
N VAL A 20 -9.12 2.14 -16.92
CA VAL A 20 -8.18 2.66 -15.88
C VAL A 20 -7.42 3.88 -16.42
N ASP A 21 -7.00 3.83 -17.65
CA ASP A 21 -6.24 4.97 -18.23
C ASP A 21 -7.13 6.21 -18.36
N GLU A 22 -8.33 6.06 -18.87
CA GLU A 22 -9.23 7.25 -18.96
C GLU A 22 -9.57 7.66 -17.52
N ILE A 23 -9.59 6.71 -16.65
CA ILE A 23 -9.85 7.01 -15.22
C ILE A 23 -8.59 7.68 -14.69
N LEU A 24 -7.45 7.17 -15.08
CA LEU A 24 -6.16 7.75 -14.65
C LEU A 24 -6.13 9.23 -15.06
N LYS A 25 -6.65 9.56 -16.21
CA LYS A 25 -6.67 11.01 -16.61
C LYS A 25 -7.55 11.74 -15.60
N GLY A 26 -8.56 11.09 -15.12
CA GLY A 26 -9.44 11.72 -14.10
C GLY A 26 -8.62 11.86 -12.81
N LEU A 27 -8.03 10.79 -12.35
CA LEU A 27 -7.20 10.86 -11.12
C LEU A 27 -6.29 12.09 -11.21
N GLU A 28 -5.70 12.33 -12.35
CA GLU A 28 -4.85 13.54 -12.48
C GLU A 28 -5.67 14.74 -12.03
N ASN A 29 -6.91 14.79 -12.44
CA ASN A 29 -7.81 15.89 -12.00
C ASN A 29 -7.87 15.87 -10.47
N LEU A 30 -8.03 14.69 -9.91
CA LEU A 30 -8.06 14.55 -8.42
C LEU A 30 -6.85 15.29 -7.84
N VAL A 31 -5.70 15.10 -8.42
CA VAL A 31 -4.48 15.81 -7.93
C VAL A 31 -4.73 17.31 -7.98
N SER A 32 -5.67 17.73 -8.77
CA SER A 32 -5.97 19.18 -8.87
C SER A 32 -5.98 19.77 -7.46
N GLN A 33 -6.49 19.04 -6.51
CA GLN A 33 -6.53 19.55 -5.10
C GLN A 33 -5.23 19.20 -4.36
N ILE A 34 -4.37 18.36 -4.89
CA ILE A 34 -3.11 18.06 -4.12
C ILE A 34 -2.04 19.09 -4.44
N ASP A 35 -2.40 20.25 -4.89
CA ASP A 35 -1.36 21.26 -5.17
C ASP A 35 -0.65 21.47 -3.85
N THR A 36 -1.21 20.92 -2.81
CA THR A 36 -0.63 21.03 -1.45
C THR A 36 0.50 20.00 -1.32
N VAL A 37 0.74 19.24 -2.34
CA VAL A 37 1.86 18.26 -2.27
C VAL A 37 2.04 17.81 -0.82
N LYS A 38 0.97 17.51 -0.15
CA LYS A 38 1.06 17.01 1.23
C LYS A 38 0.41 15.63 1.27
N SER A 39 0.62 14.85 0.25
CA SER A 39 -0.03 13.52 0.18
C SER A 39 0.54 12.76 -1.03
N PHE A 40 0.11 11.56 -1.27
CA PHE A 40 0.67 10.81 -2.45
C PHE A 40 -0.38 9.92 -3.11
N GLU A 41 -0.18 9.64 -4.38
CA GLU A 41 -1.14 8.78 -5.14
C GLU A 41 -0.44 8.10 -6.32
N TRP A 42 -0.47 6.79 -6.38
CA TRP A 42 0.17 6.08 -7.53
C TRP A 42 -0.79 4.98 -7.99
N GLY A 43 -0.48 4.28 -9.04
CA GLY A 43 -1.44 3.22 -9.50
C GLY A 43 -0.69 1.91 -9.78
N GLU A 44 -1.40 0.81 -9.81
CA GLU A 44 -0.74 -0.49 -10.07
C GLU A 44 -1.71 -1.42 -10.80
N ASP A 45 -1.20 -2.15 -11.75
CA ASP A 45 -2.03 -3.13 -12.50
C ASP A 45 -1.49 -4.52 -12.14
N LYS A 46 -2.32 -5.53 -12.08
CA LYS A 46 -1.77 -6.86 -11.70
C LYS A 46 -0.81 -7.35 -12.77
N GLU A 47 0.41 -6.90 -12.74
CA GLU A 47 1.43 -7.37 -13.72
C GLU A 47 2.62 -7.97 -12.97
N SER A 48 2.38 -8.99 -12.17
CA SER A 48 3.50 -9.63 -11.42
C SER A 48 3.11 -11.05 -11.01
N HIS A 49 3.08 -11.97 -11.95
CA HIS A 49 2.79 -13.39 -11.60
C HIS A 49 1.47 -13.47 -10.83
N ASP A 50 0.55 -14.25 -11.30
CA ASP A 50 -0.77 -14.39 -10.61
C ASP A 50 -0.56 -14.53 -9.10
N MET A 51 0.51 -15.13 -8.68
CA MET A 51 0.73 -15.34 -7.22
C MET A 51 1.19 -14.04 -6.54
N LEU A 52 1.89 -13.19 -7.23
CA LEU A 52 2.39 -11.95 -6.58
C LEU A 52 1.49 -10.78 -6.97
N ARG A 53 0.87 -10.85 -8.12
CA ARG A 53 0.00 -9.73 -8.59
C ARG A 53 -1.43 -9.88 -8.07
N GLN A 54 -1.72 -10.93 -7.35
CA GLN A 54 -3.09 -11.10 -6.78
C GLN A 54 -4.15 -10.87 -7.88
N GLY A 55 -3.73 -10.85 -9.11
CA GLY A 55 -4.69 -10.71 -10.26
C GLY A 55 -5.54 -9.43 -10.17
N PHE A 56 -5.40 -8.65 -9.13
CA PHE A 56 -6.25 -7.41 -9.04
C PHE A 56 -6.01 -6.53 -10.28
N THR A 57 -7.05 -6.19 -11.00
CA THR A 57 -6.88 -5.41 -12.27
C THR A 57 -6.10 -4.12 -12.01
N HIS A 58 -6.39 -3.41 -10.96
CA HIS A 58 -5.65 -2.15 -10.69
C HIS A 58 -5.98 -1.62 -9.31
N ALA A 59 -5.10 -0.85 -8.73
CA ALA A 59 -5.36 -0.28 -7.37
C ALA A 59 -4.77 1.12 -7.30
N PHE A 60 -5.09 1.84 -6.26
CA PHE A 60 -4.54 3.21 -6.10
C PHE A 60 -3.95 3.35 -4.70
N SER A 61 -2.72 3.76 -4.59
CA SER A 61 -2.10 3.90 -3.24
C SER A 61 -2.24 5.37 -2.81
N MET A 62 -3.24 5.68 -2.05
CA MET A 62 -3.42 7.09 -1.61
C MET A 62 -2.95 7.27 -0.18
N THR A 63 -1.98 8.11 0.00
CA THR A 63 -1.43 8.37 1.37
C THR A 63 -1.50 9.89 1.61
N PHE A 64 -1.74 10.30 2.82
CA PHE A 64 -1.82 11.77 3.09
C PHE A 64 -0.80 12.18 4.15
N GLU A 65 -0.51 13.44 4.27
CA GLU A 65 0.48 13.88 5.30
C GLU A 65 -0.27 14.06 6.61
N ASN A 66 -1.52 14.43 6.51
CA ASN A 66 -2.36 14.62 7.73
C ASN A 66 -3.83 14.49 7.32
N LYS A 67 -4.70 14.32 8.26
CA LYS A 67 -6.16 14.16 7.94
C LYS A 67 -6.68 15.38 7.16
N ASP A 68 -6.06 16.52 7.30
CA ASP A 68 -6.55 17.73 6.58
C ASP A 68 -6.61 17.47 5.07
N GLY A 69 -5.63 16.80 4.52
CA GLY A 69 -5.66 16.53 3.06
C GLY A 69 -6.80 15.56 2.76
N TYR A 70 -6.96 14.57 3.60
CA TYR A 70 -8.04 13.56 3.37
C TYR A 70 -9.42 14.24 3.37
N VAL A 71 -9.71 15.10 4.31
CA VAL A 71 -11.05 15.76 4.30
C VAL A 71 -11.09 16.75 3.14
N ALA A 72 -9.97 17.29 2.77
CA ALA A 72 -9.94 18.27 1.65
C ALA A 72 -10.34 17.56 0.35
N PHE A 73 -9.59 16.57 -0.05
CA PHE A 73 -9.89 15.88 -1.35
C PHE A 73 -11.32 15.32 -1.37
N THR A 74 -11.79 14.78 -0.28
CA THR A 74 -13.17 14.20 -0.27
C THR A 74 -14.22 15.30 -0.11
N SER A 75 -13.92 16.33 0.64
CA SER A 75 -14.91 17.41 0.85
C SER A 75 -15.16 18.19 -0.44
N HIS A 76 -14.17 18.33 -1.28
CA HIS A 76 -14.39 19.10 -2.55
C HIS A 76 -15.30 18.30 -3.49
N PRO A 77 -16.38 18.91 -3.94
CA PRO A 77 -17.33 18.24 -4.89
C PRO A 77 -16.61 17.47 -6.01
N LEU A 78 -15.32 17.61 -6.10
CA LEU A 78 -14.53 16.91 -7.17
C LEU A 78 -14.45 15.40 -6.90
N HIS A 79 -14.44 15.00 -5.65
CA HIS A 79 -14.33 13.55 -5.33
C HIS A 79 -15.70 12.89 -5.41
N VAL A 80 -16.74 13.62 -5.15
CA VAL A 80 -18.10 13.03 -5.20
C VAL A 80 -18.43 12.59 -6.63
N GLU A 81 -18.40 13.51 -7.56
CA GLU A 81 -18.70 13.14 -8.97
C GLU A 81 -17.75 12.03 -9.43
N PHE A 82 -16.52 12.08 -9.01
CA PHE A 82 -15.56 11.02 -9.41
C PHE A 82 -15.88 9.71 -8.68
N SER A 83 -16.20 9.79 -7.42
CA SER A 83 -16.52 8.54 -6.66
C SER A 83 -17.74 7.85 -7.25
N ALA A 84 -18.74 8.60 -7.65
CA ALA A 84 -19.95 7.95 -8.24
C ALA A 84 -19.53 7.15 -9.47
N ALA A 85 -18.79 7.78 -10.35
CA ALA A 85 -18.33 7.07 -11.56
C ALA A 85 -17.35 5.96 -11.15
N PHE A 86 -16.49 6.24 -10.21
CA PHE A 86 -15.53 5.20 -9.77
C PHE A 86 -16.30 3.89 -9.59
N THR A 87 -17.56 3.98 -9.25
CA THR A 87 -18.35 2.74 -9.09
C THR A 87 -18.82 2.30 -10.48
N ALA A 88 -19.59 3.12 -11.12
CA ALA A 88 -20.06 2.79 -12.50
C ALA A 88 -18.94 2.12 -13.28
N VAL A 89 -17.71 2.39 -12.95
CA VAL A 89 -16.57 1.79 -13.69
C VAL A 89 -15.90 0.69 -12.87
N ILE A 90 -16.49 0.27 -11.77
CA ILE A 90 -15.85 -0.81 -10.97
C ILE A 90 -16.86 -1.91 -10.65
N ASP A 91 -16.37 -3.05 -10.24
CA ASP A 91 -17.25 -4.21 -9.91
C ASP A 91 -16.94 -4.65 -8.48
N LYS A 92 -15.70 -4.54 -8.09
CA LYS A 92 -15.27 -4.97 -6.73
C LYS A 92 -14.52 -3.81 -6.06
N ILE A 93 -14.93 -3.39 -4.88
CA ILE A 93 -14.22 -2.26 -4.22
C ILE A 93 -13.73 -2.69 -2.84
N VAL A 94 -12.44 -2.58 -2.59
CA VAL A 94 -11.87 -2.94 -1.26
C VAL A 94 -10.97 -1.78 -0.79
N LEU A 95 -11.09 -1.34 0.45
CA LEU A 95 -10.23 -0.19 0.89
C LEU A 95 -9.66 -0.41 2.29
N LEU A 96 -8.39 -0.14 2.46
CA LEU A 96 -7.75 -0.27 3.81
C LEU A 96 -7.31 1.12 4.29
N ASP A 97 -7.87 1.60 5.38
CA ASP A 97 -7.48 2.95 5.89
C ASP A 97 -6.79 2.78 7.25
N PHE A 98 -5.57 3.23 7.38
CA PHE A 98 -4.85 3.10 8.68
C PHE A 98 -3.77 4.19 8.81
N PRO A 99 -3.64 4.78 9.97
CA PRO A 99 -2.64 5.86 10.21
C PRO A 99 -1.21 5.36 10.07
N VAL A 100 -0.33 6.15 9.52
CA VAL A 100 1.08 5.69 9.34
C VAL A 100 2.04 6.67 10.04
N ALA A 101 3.07 6.15 10.64
CA ALA A 101 4.05 7.05 11.33
C ALA A 101 5.40 7.00 10.58
N ALA A 102 5.64 7.95 9.73
CA ALA A 102 6.93 7.96 8.98
C ALA A 102 8.10 8.01 9.96
N VAL A 103 8.40 6.91 10.60
CA VAL A 103 9.52 6.90 11.58
C VAL A 103 10.17 5.52 11.57
N LYS A 104 11.44 5.46 11.26
CA LYS A 104 12.14 4.14 11.22
C LYS A 104 13.29 4.15 12.23
N SER A 105 13.22 3.32 13.24
CA SER A 105 14.32 3.30 14.25
C SER A 105 15.57 2.71 13.60
N SER A 106 15.42 1.62 12.89
CA SER A 106 16.59 0.99 12.23
C SER A 106 17.77 0.98 13.21
N VAL A 107 17.56 0.47 14.39
CA VAL A 107 18.66 0.42 15.40
C VAL A 107 18.14 -0.30 16.65
N VAL A 108 17.57 -1.46 16.47
CA VAL A 108 17.03 -2.23 17.63
C VAL A 108 16.71 -3.65 17.20
N ALA A 109 17.58 -4.26 16.44
CA ALA A 109 17.33 -5.65 16.01
C ALA A 109 17.48 -6.58 17.21
N THR A 110 16.52 -6.61 18.09
CA THR A 110 16.64 -7.48 19.28
C THR A 110 16.37 -8.94 18.88
N PRO A 111 16.93 -9.86 19.61
CA PRO A 111 16.74 -11.32 19.33
C PRO A 111 15.37 -11.83 19.80
N MET B 1 5.86 -0.09 -14.30
CA MET B 1 7.00 -0.77 -14.98
C MET B 1 8.29 -0.50 -14.20
N ALA B 2 9.03 -1.52 -13.87
CA ALA B 2 10.29 -1.32 -13.11
C ALA B 2 10.99 -0.06 -13.63
N THR B 3 11.04 0.97 -12.83
CA THR B 3 11.70 2.23 -13.27
C THR B 3 12.32 2.92 -12.07
N SER B 4 11.58 3.05 -11.01
CA SER B 4 12.12 3.72 -9.79
C SER B 4 11.97 2.77 -8.61
N GLY B 5 11.01 2.99 -7.75
CA GLY B 5 10.86 2.11 -6.57
C GLY B 5 9.98 0.90 -6.94
N PHE B 6 9.84 -0.02 -6.03
CA PHE B 6 8.99 -1.21 -6.31
C PHE B 6 8.13 -1.48 -5.07
N LYS B 7 6.87 -1.74 -5.25
CA LYS B 7 5.99 -1.96 -4.06
C LYS B 7 5.74 -3.43 -3.78
N HIS B 8 6.01 -3.82 -2.56
CA HIS B 8 5.71 -5.21 -2.10
C HIS B 8 4.80 -5.06 -0.89
N LEU B 9 3.62 -5.61 -0.92
CA LEU B 9 2.72 -5.46 0.24
C LEU B 9 2.09 -6.80 0.58
N VAL B 10 1.88 -7.04 1.84
CA VAL B 10 1.28 -8.33 2.26
C VAL B 10 0.09 -8.06 3.17
N VAL B 11 -1.00 -8.73 2.94
CA VAL B 11 -2.20 -8.55 3.81
C VAL B 11 -2.45 -9.88 4.48
N VAL B 12 -2.55 -9.92 5.77
CA VAL B 12 -2.73 -11.25 6.41
C VAL B 12 -3.72 -11.22 7.59
N LYS B 13 -4.23 -12.38 7.92
CA LYS B 13 -5.15 -12.52 9.07
C LYS B 13 -4.63 -13.68 9.92
N PHE B 14 -4.94 -13.71 11.18
CA PHE B 14 -4.37 -14.80 12.06
C PHE B 14 -5.47 -15.76 12.52
N LYS B 15 -5.10 -16.99 12.81
CA LYS B 15 -6.09 -17.98 13.33
C LYS B 15 -5.51 -18.63 14.59
N GLU B 16 -4.23 -18.54 14.77
CA GLU B 16 -3.59 -19.11 16.00
C GLU B 16 -3.53 -17.99 17.03
N ASP B 17 -2.89 -16.91 16.65
CA ASP B 17 -2.76 -15.71 17.52
C ASP B 17 -1.51 -14.97 17.07
N THR B 18 -1.51 -14.51 15.85
CA THR B 18 -0.31 -13.83 15.29
C THR B 18 0.24 -12.76 16.23
N LYS B 19 1.34 -13.07 16.88
CA LYS B 19 1.99 -12.07 17.75
C LYS B 19 2.60 -11.04 16.80
N VAL B 20 1.82 -10.06 16.42
CA VAL B 20 2.33 -9.03 15.48
C VAL B 20 3.44 -8.20 16.14
N ASP B 21 3.28 -7.88 17.39
CA ASP B 21 4.31 -7.06 18.09
C ASP B 21 5.60 -7.86 18.25
N GLU B 22 5.53 -9.09 18.67
CA GLU B 22 6.79 -9.90 18.78
C GLU B 22 7.32 -10.11 17.37
N ILE B 23 6.42 -10.14 16.43
CA ILE B 23 6.83 -10.28 15.01
C ILE B 23 7.44 -8.93 14.61
N LEU B 24 6.80 -7.87 15.04
CA LEU B 24 7.29 -6.52 14.73
C LEU B 24 8.74 -6.38 15.24
N LYS B 25 9.04 -6.96 16.37
CA LYS B 25 10.45 -6.90 16.87
C LYS B 25 11.32 -7.63 15.86
N GLY B 26 10.79 -8.66 15.27
CA GLY B 26 11.56 -9.41 14.24
C GLY B 26 11.72 -8.49 13.03
N LEU B 27 10.63 -7.97 12.53
CA LEU B 27 10.70 -7.05 11.36
C LEU B 27 11.84 -6.04 11.59
N GLU B 28 11.96 -5.52 12.79
CA GLU B 28 13.08 -4.57 13.06
C GLU B 28 14.38 -5.27 12.64
N ASN B 29 14.50 -6.53 12.97
CA ASN B 29 15.71 -7.29 12.56
C ASN B 29 15.78 -7.26 11.02
N LEU B 30 14.66 -7.48 10.38
CA LEU B 30 14.63 -7.42 8.88
C LEU B 30 15.29 -6.12 8.44
N VAL B 31 14.96 -5.02 9.07
CA VAL B 31 15.59 -3.71 8.71
C VAL B 31 17.11 -3.85 8.85
N SER B 32 17.55 -4.80 9.60
CA SER B 32 19.01 -4.99 9.79
C SER B 32 19.69 -4.85 8.43
N GLN B 33 19.08 -5.35 7.39
CA GLN B 33 19.67 -5.25 6.03
C GLN B 33 19.26 -3.93 5.34
N ILE B 34 18.31 -3.19 5.86
CA ILE B 34 17.95 -1.91 5.17
C ILE B 34 18.87 -0.78 5.62
N ASP B 35 20.03 -1.08 6.12
CA ASP B 35 20.92 0.02 6.54
C ASP B 35 21.15 0.84 5.28
N THR B 36 20.72 0.29 4.17
CA THR B 36 20.87 0.98 2.87
C THR B 36 19.76 2.03 2.74
N VAL B 37 18.91 2.14 3.72
CA VAL B 37 17.84 3.18 3.65
C VAL B 37 17.48 3.43 2.19
N LYS B 38 17.31 2.38 1.44
CA LYS B 38 16.90 2.52 0.02
C LYS B 38 15.59 1.76 -0.15
N SER B 39 14.73 1.85 0.82
CA SER B 39 13.46 1.08 0.76
C SER B 39 12.57 1.51 1.95
N PHE B 40 11.40 0.96 2.08
CA PHE B 40 10.54 1.37 3.23
C PHE B 40 9.70 0.22 3.76
N GLU B 41 9.32 0.29 5.02
CA GLU B 41 8.49 -0.78 5.65
C GLU B 41 7.69 -0.21 6.83
N TRP B 42 6.38 -0.36 6.79
CA TRP B 42 5.54 0.14 7.92
C TRP B 42 4.52 -0.94 8.25
N GLY B 43 3.71 -0.77 9.27
CA GLY B 43 2.71 -1.83 9.59
C GLY B 43 1.33 -1.22 9.82
N GLU B 44 0.30 -2.01 9.73
CA GLU B 44 -1.07 -1.47 9.94
C GLU B 44 -1.96 -2.56 10.54
N ASP B 45 -2.78 -2.18 11.46
CA ASP B 45 -3.73 -3.14 12.08
C ASP B 45 -5.14 -2.70 11.67
N LYS B 46 -6.07 -3.60 11.49
CA LYS B 46 -7.42 -3.14 11.06
C LYS B 46 -8.07 -2.29 12.16
N GLU B 47 -7.70 -1.05 12.22
CA GLU B 47 -8.33 -0.14 13.23
C GLU B 47 -8.98 1.05 12.52
N SER B 48 -9.92 0.79 11.64
CA SER B 48 -10.61 1.90 10.92
C SER B 48 -11.97 1.43 10.39
N HIS B 49 -12.93 1.26 11.26
CA HIS B 49 -14.29 0.87 10.79
C HIS B 49 -14.20 -0.39 9.94
N ASP B 50 -14.94 -1.41 10.30
CA ASP B 50 -14.91 -2.68 9.51
C ASP B 50 -14.97 -2.39 8.00
N MET B 51 -15.64 -1.33 7.61
CA MET B 51 -15.78 -1.03 6.16
C MET B 51 -14.48 -0.42 5.60
N LEU B 52 -13.74 0.30 6.39
CA LEU B 52 -12.51 0.95 5.87
C LEU B 52 -11.29 0.12 6.28
N ARG B 53 -11.39 -0.58 7.38
CA ARG B 53 -10.23 -1.39 7.88
C ARG B 53 -10.22 -2.80 7.25
N GLN B 54 -11.19 -3.11 6.45
CA GLN B 54 -11.20 -4.46 5.78
C GLN B 54 -10.95 -5.57 6.82
N GLY B 55 -11.06 -5.23 8.08
CA GLY B 55 -10.91 -6.25 9.17
C GLY B 55 -9.55 -6.98 9.11
N PHE B 56 -8.72 -6.71 8.13
CA PHE B 56 -7.41 -7.45 8.09
C PHE B 56 -6.63 -7.22 9.40
N THR B 57 -6.26 -8.29 10.06
CA THR B 57 -5.58 -8.14 11.38
C THR B 57 -4.35 -7.23 11.27
N HIS B 58 -3.54 -7.40 10.26
CA HIS B 58 -2.34 -6.54 10.13
C HIS B 58 -1.69 -6.73 8.77
N ALA B 59 -0.96 -5.74 8.30
CA ALA B 59 -0.29 -5.87 6.98
C ALA B 59 1.05 -5.16 7.04
N PHE B 60 1.87 -5.35 6.03
CA PHE B 60 3.18 -4.67 6.00
C PHE B 60 3.37 -3.98 4.66
N SER B 61 3.67 -2.71 4.66
CA SER B 61 3.86 -1.99 3.37
C SER B 61 5.36 -1.98 3.03
N MET B 62 5.79 -2.90 2.23
CA MET B 62 7.23 -2.93 1.87
C MET B 62 7.47 -2.35 0.49
N THR B 63 8.24 -1.31 0.44
CA THR B 63 8.53 -0.64 -0.87
C THR B 63 10.06 -0.57 -1.01
N PHE B 64 10.58 -0.69 -2.20
CA PHE B 64 12.06 -0.65 -2.38
C PHE B 64 12.43 0.49 -3.33
N GLU B 65 13.68 0.89 -3.35
CA GLU B 65 14.10 1.98 -4.28
C GLU B 65 14.42 1.33 -5.62
N ASN B 66 14.89 0.12 -5.58
CA ASN B 66 15.23 -0.62 -6.83
C ASN B 66 15.20 -2.12 -6.52
N LYS B 67 15.16 -2.94 -7.54
CA LYS B 67 15.12 -4.41 -7.31
C LYS B 67 16.32 -4.89 -6.49
N ASP B 68 17.42 -4.17 -6.51
CA ASP B 68 18.61 -4.62 -5.73
C ASP B 68 18.27 -4.79 -4.25
N GLY B 69 17.48 -3.92 -3.70
CA GLY B 69 17.13 -4.07 -2.25
C GLY B 69 16.23 -5.30 -2.10
N TYR B 70 15.31 -5.48 -3.00
CA TYR B 70 14.39 -6.65 -2.92
C TYR B 70 15.18 -7.97 -2.96
N VAL B 71 16.12 -8.12 -3.87
CA VAL B 71 16.89 -9.41 -3.88
C VAL B 71 17.81 -9.45 -2.66
N ALA B 72 18.22 -8.31 -2.19
CA ALA B 72 19.13 -8.28 -1.00
C ALA B 72 18.37 -8.83 0.22
N PHE B 73 17.30 -8.19 0.59
CA PHE B 73 16.56 -8.63 1.81
C PHE B 73 16.12 -10.10 1.70
N THR B 74 15.70 -10.54 0.56
CA THR B 74 15.24 -11.95 0.42
C THR B 74 16.43 -12.89 0.27
N SER B 75 17.47 -12.46 -0.38
CA SER B 75 18.65 -13.35 -0.59
C SER B 75 19.36 -13.63 0.74
N HIS B 76 19.37 -12.69 1.65
CA HIS B 76 20.07 -12.93 2.95
C HIS B 76 19.29 -13.97 3.77
N PRO B 77 19.95 -15.01 4.20
CA PRO B 77 19.31 -16.08 5.04
C PRO B 77 18.42 -15.51 6.14
N LEU B 78 18.43 -14.22 6.32
CA LEU B 78 17.60 -13.57 7.39
C LEU B 78 16.11 -13.59 7.01
N HIS B 79 15.80 -13.52 5.75
CA HIS B 79 14.37 -13.51 5.34
C HIS B 79 13.81 -14.94 5.28
N VAL B 80 14.65 -15.89 5.02
CA VAL B 80 14.19 -17.30 4.93
C VAL B 80 13.69 -17.76 6.30
N GLU B 81 14.53 -17.72 7.29
CA GLU B 81 14.10 -18.15 8.66
C GLU B 81 12.88 -17.33 9.09
N PHE B 82 12.85 -16.06 8.75
CA PHE B 82 11.68 -15.22 9.14
C PHE B 82 10.47 -15.61 8.31
N SER B 83 10.65 -15.83 7.03
CA SER B 83 9.49 -16.19 6.16
C SER B 83 8.86 -17.51 6.63
N ALA B 84 9.66 -18.46 7.02
CA ALA B 84 9.09 -19.76 7.47
C ALA B 84 8.19 -19.49 8.68
N ALA B 85 8.68 -18.76 9.64
CA ALA B 85 7.86 -18.45 10.83
C ALA B 85 6.70 -17.55 10.41
N PHE B 86 6.96 -16.59 9.55
CA PHE B 86 5.87 -15.70 9.10
C PHE B 86 4.65 -16.55 8.77
N THR B 87 4.87 -17.78 8.36
CA THR B 87 3.71 -18.67 8.07
C THR B 87 3.23 -19.25 9.39
N ALA B 88 4.07 -20.00 10.04
CA ALA B 88 3.69 -20.59 11.36
C ALA B 88 2.88 -19.58 12.17
N VAL B 89 3.07 -18.31 11.92
CA VAL B 89 2.32 -17.29 12.70
C VAL B 89 1.22 -16.64 11.84
N ILE B 90 0.93 -17.19 10.68
CA ILE B 90 -0.15 -16.59 9.85
C ILE B 90 -1.13 -17.66 9.38
N ASP B 91 -2.28 -17.24 8.94
CA ASP B 91 -3.33 -18.19 8.46
C ASP B 91 -3.70 -17.82 7.02
N LYS B 92 -3.68 -16.55 6.73
CA LYS B 92 -4.07 -16.06 5.38
C LYS B 92 -2.93 -15.17 4.83
N ILE B 93 -2.40 -15.46 3.67
CA ILE B 93 -1.29 -14.61 3.13
C ILE B 93 -1.67 -14.08 1.75
N VAL B 94 -1.66 -12.77 1.60
CA VAL B 94 -1.99 -12.12 0.29
C VAL B 94 -0.88 -11.11 -0.04
N LEU B 95 -0.35 -11.11 -1.25
CA LEU B 95 0.74 -10.12 -1.55
C LEU B 95 0.56 -9.48 -2.93
N LEU B 96 0.74 -8.18 -3.01
CA LEU B 96 0.64 -7.47 -4.31
C LEU B 96 2.02 -6.88 -4.67
N ASP B 97 2.61 -7.32 -5.75
CA ASP B 97 3.95 -6.78 -6.14
C ASP B 97 3.82 -6.01 -7.46
N PHE B 98 4.17 -4.76 -7.47
CA PHE B 98 4.05 -3.96 -8.74
C PHE B 98 5.05 -2.79 -8.73
N PRO B 99 5.71 -2.54 -9.83
CA PRO B 99 6.72 -1.44 -9.92
C PRO B 99 6.09 -0.06 -9.74
N VAL B 100 6.75 0.83 -9.07
CA VAL B 100 6.17 2.19 -8.83
C VAL B 100 7.10 3.26 -9.40
N ALA B 101 6.54 4.29 -9.97
CA ALA B 101 7.39 5.39 -10.53
C ALA B 101 7.18 6.67 -9.71
N ALA B 102 8.04 6.93 -8.77
CA ALA B 102 7.90 8.16 -7.94
C ALA B 102 7.91 9.39 -8.84
N VAL B 103 6.83 9.64 -9.54
CA VAL B 103 6.78 10.82 -10.44
C VAL B 103 5.35 11.36 -10.49
N LYS B 104 5.16 12.60 -10.10
CA LYS B 104 3.79 13.18 -10.12
C LYS B 104 3.77 14.40 -11.04
N SER B 105 3.02 14.33 -12.11
CA SER B 105 2.97 15.50 -13.04
C SER B 105 2.23 16.64 -12.36
N SER B 106 1.11 16.36 -11.74
CA SER B 106 0.35 17.43 -11.06
C SER B 106 0.29 18.67 -11.95
N VAL B 107 -0.12 18.50 -13.17
CA VAL B 107 -0.20 19.65 -14.11
C VAL B 107 -0.78 19.16 -15.44
N VAL B 108 -1.91 18.49 -15.38
CA VAL B 108 -2.55 17.98 -16.63
C VAL B 108 -3.96 17.51 -16.32
N ALA B 109 -4.69 18.28 -15.54
CA ALA B 109 -6.09 17.88 -15.22
C ALA B 109 -6.94 18.04 -16.48
N THR B 110 -6.82 17.14 -17.41
CA THR B 110 -7.63 17.27 -18.66
C THR B 110 -9.08 16.86 -18.38
N PRO B 111 -10.01 17.39 -19.13
CA PRO B 111 -11.45 17.06 -18.98
C PRO B 111 -11.81 15.70 -19.56
N MET A 1 -6.88 8.19 15.27
CA MET A 1 -5.66 8.67 15.96
C MET A 1 -4.89 9.64 15.04
N ALA A 2 -4.69 9.25 13.81
CA ALA A 2 -3.95 10.14 12.87
C ALA A 2 -2.71 10.71 13.58
N THR A 3 -1.79 9.87 13.94
CA THR A 3 -0.57 10.36 14.64
C THR A 3 0.24 11.23 13.67
N SER A 4 0.41 10.76 12.47
CA SER A 4 1.17 11.54 11.45
C SER A 4 0.43 11.49 10.13
N GLY A 5 0.80 10.61 9.26
CA GLY A 5 0.08 10.52 7.95
C GLY A 5 -1.13 9.59 8.09
N PHE A 6 -1.97 9.56 7.10
CA PHE A 6 -3.16 8.67 7.16
C PHE A 6 -3.24 7.89 5.85
N LYS A 7 -3.40 6.58 5.91
CA LYS A 7 -3.43 5.79 4.65
C LYS A 7 -4.85 5.44 4.20
N HIS A 8 -5.15 5.80 2.98
CA HIS A 8 -6.45 5.45 2.37
C HIS A 8 -6.13 4.60 1.15
N LEU A 9 -6.62 3.40 1.08
CA LEU A 9 -6.30 2.56 -0.12
C LEU A 9 -7.56 1.86 -0.59
N VAL A 10 -7.71 1.72 -1.87
CA VAL A 10 -8.92 1.06 -2.41
C VAL A 10 -8.50 -0.05 -3.39
N VAL A 11 -9.12 -1.19 -3.30
CA VAL A 11 -8.79 -2.29 -4.25
C VAL A 11 -10.02 -2.51 -5.10
N VAL A 12 -9.90 -2.48 -6.39
CA VAL A 12 -11.14 -2.62 -7.20
C VAL A 12 -10.95 -3.53 -8.42
N LYS A 13 -12.04 -4.12 -8.85
CA LYS A 13 -12.02 -5.00 -10.04
C LYS A 13 -13.10 -4.48 -10.99
N PHE A 14 -12.97 -4.73 -12.27
CA PHE A 14 -13.98 -4.20 -13.24
C PHE A 14 -14.83 -5.32 -13.84
N LYS A 15 -16.05 -5.01 -14.23
CA LYS A 15 -16.93 -6.04 -14.88
C LYS A 15 -17.45 -5.46 -16.20
N GLU A 16 -17.40 -4.17 -16.35
CA GLU A 16 -17.86 -3.54 -17.61
C GLU A 16 -16.64 -3.46 -18.53
N ASP A 17 -15.61 -2.81 -18.05
CA ASP A 17 -14.33 -2.66 -18.80
C ASP A 17 -13.67 -1.38 -18.32
N THR A 18 -13.41 -1.31 -17.04
CA THR A 18 -12.83 -0.06 -16.46
C THR A 18 -11.66 0.49 -17.28
N LYS A 19 -11.90 1.57 -17.96
CA LYS A 19 -10.81 2.24 -18.70
C LYS A 19 -9.97 2.95 -17.66
N VAL A 20 -9.01 2.27 -17.10
CA VAL A 20 -8.18 2.87 -16.02
C VAL A 20 -7.51 4.15 -16.51
N ASP A 21 -7.13 4.18 -17.75
CA ASP A 21 -6.46 5.39 -18.31
C ASP A 21 -7.43 6.57 -18.34
N GLU A 22 -8.67 6.35 -18.71
CA GLU A 22 -9.64 7.47 -18.70
C GLU A 22 -9.88 7.87 -17.25
N ILE A 23 -9.82 6.91 -16.39
CA ILE A 23 -9.95 7.18 -14.94
C ILE A 23 -8.74 8.04 -14.55
N LEU A 24 -7.60 7.65 -15.04
CA LEU A 24 -6.36 8.43 -14.78
C LEU A 24 -6.58 9.88 -15.19
N LYS A 25 -7.34 10.11 -16.24
CA LYS A 25 -7.60 11.53 -16.66
C LYS A 25 -8.32 12.21 -15.49
N GLY A 26 -9.13 11.47 -14.79
CA GLY A 26 -9.84 12.06 -13.63
C GLY A 26 -8.86 12.07 -12.45
N LEU A 27 -8.17 10.98 -12.25
CA LEU A 27 -7.20 10.91 -11.11
C LEU A 27 -6.19 12.05 -11.26
N GLU A 28 -5.49 12.12 -12.37
CA GLU A 28 -4.50 13.23 -12.54
C GLU A 28 -5.25 14.55 -12.34
N ASN A 29 -6.44 14.63 -12.88
CA ASN A 29 -7.25 15.86 -12.69
C ASN A 29 -7.51 16.02 -11.18
N LEU A 30 -7.86 14.95 -10.53
CA LEU A 30 -8.11 15.00 -9.05
C LEU A 30 -6.88 15.59 -8.38
N VAL A 31 -5.71 15.14 -8.75
CA VAL A 31 -4.46 15.68 -8.14
C VAL A 31 -4.43 17.20 -8.35
N SER A 32 -4.96 17.65 -9.44
CA SER A 32 -5.00 19.12 -9.69
C SER A 32 -5.47 19.81 -8.41
N GLN A 33 -6.43 19.24 -7.73
CA GLN A 33 -6.91 19.83 -6.45
C GLN A 33 -5.85 19.72 -5.34
N ILE A 34 -5.34 18.56 -5.05
CA ILE A 34 -4.28 18.48 -3.98
C ILE A 34 -3.07 19.31 -4.39
N ASP A 35 -3.26 20.46 -4.95
CA ASP A 35 -2.07 21.29 -5.27
C ASP A 35 -1.39 21.56 -3.93
N THR A 36 -2.02 21.09 -2.90
CA THR A 36 -1.47 21.25 -1.53
C THR A 36 -0.34 20.24 -1.33
N VAL A 37 -0.07 19.43 -2.31
CA VAL A 37 1.05 18.47 -2.20
C VAL A 37 1.20 18.06 -0.73
N LYS A 38 0.12 17.72 -0.10
CA LYS A 38 0.18 17.22 1.29
C LYS A 38 -0.49 15.86 1.33
N SER A 39 -0.22 15.04 0.34
CA SER A 39 -0.89 13.72 0.25
C SER A 39 -0.30 12.95 -0.93
N PHE A 40 -0.75 11.74 -1.18
CA PHE A 40 -0.17 10.98 -2.33
C PHE A 40 -1.20 10.10 -3.01
N GLU A 41 -0.97 9.79 -4.27
CA GLU A 41 -1.92 8.93 -5.03
C GLU A 41 -1.20 8.27 -6.22
N TRP A 42 -1.27 6.97 -6.34
CA TRP A 42 -0.61 6.27 -7.48
C TRP A 42 -1.52 5.13 -7.91
N GLY A 43 -1.17 4.39 -8.94
CA GLY A 43 -2.07 3.27 -9.36
C GLY A 43 -1.25 2.07 -9.81
N GLU A 44 -1.89 0.94 -10.01
CA GLU A 44 -1.14 -0.28 -10.43
C GLU A 44 -2.06 -1.15 -11.28
N ASP A 45 -1.50 -1.82 -12.24
CA ASP A 45 -2.26 -2.79 -13.07
C ASP A 45 -1.53 -4.12 -12.98
N LYS A 46 -2.21 -5.22 -13.02
CA LYS A 46 -1.49 -6.52 -12.81
C LYS A 46 -2.14 -7.61 -13.64
N GLU A 47 -1.34 -8.42 -14.29
CA GLU A 47 -1.88 -9.60 -15.02
C GLU A 47 -1.08 -10.85 -14.65
N SER A 48 -0.08 -10.69 -13.80
CA SER A 48 0.73 -11.87 -13.40
C SER A 48 -0.17 -13.04 -12.98
N HIS A 49 0.29 -13.89 -12.10
CA HIS A 49 -0.52 -15.08 -11.71
C HIS A 49 -1.71 -14.62 -10.87
N ASP A 50 -2.78 -15.37 -10.88
CA ASP A 50 -3.99 -14.99 -10.09
C ASP A 50 -3.70 -15.09 -8.59
N MET A 51 -3.01 -16.11 -8.16
CA MET A 51 -2.71 -16.25 -6.71
C MET A 51 -1.72 -15.18 -6.25
N LEU A 52 -0.80 -14.78 -7.09
CA LEU A 52 0.18 -13.72 -6.66
C LEU A 52 -0.43 -12.34 -6.96
N ARG A 53 -0.78 -12.10 -8.19
CA ARG A 53 -1.36 -10.76 -8.56
C ARG A 53 -2.63 -10.46 -7.76
N GLN A 54 -2.98 -11.30 -6.84
CA GLN A 54 -4.21 -11.04 -6.02
C GLN A 54 -5.44 -10.96 -6.93
N GLY A 55 -5.23 -10.75 -8.20
CA GLY A 55 -6.37 -10.67 -9.17
C GLY A 55 -7.02 -9.27 -9.23
N PHE A 56 -6.80 -8.43 -8.26
CA PHE A 56 -7.44 -7.08 -8.32
C PHE A 56 -6.96 -6.34 -9.57
N THR A 57 -7.86 -6.02 -10.47
CA THR A 57 -7.47 -5.38 -11.76
C THR A 57 -6.58 -4.15 -11.51
N HIS A 58 -6.81 -3.43 -10.44
CA HIS A 58 -5.97 -2.22 -10.18
C HIS A 58 -6.35 -1.62 -8.83
N ALA A 59 -5.47 -0.83 -8.26
CA ALA A 59 -5.75 -0.20 -6.95
C ALA A 59 -5.16 1.21 -6.91
N PHE A 60 -5.51 1.97 -5.92
CA PHE A 60 -4.95 3.34 -5.81
C PHE A 60 -4.44 3.57 -4.40
N SER A 61 -3.21 4.00 -4.26
CA SER A 61 -2.65 4.20 -2.89
C SER A 61 -2.88 5.66 -2.50
N MET A 62 -3.90 5.91 -1.73
CA MET A 62 -4.17 7.31 -1.30
C MET A 62 -3.70 7.53 0.13
N THR A 63 -2.71 8.35 0.28
CA THR A 63 -2.16 8.64 1.64
C THR A 63 -2.24 10.16 1.86
N PHE A 64 -2.56 10.59 3.05
CA PHE A 64 -2.67 12.07 3.28
C PHE A 64 -1.65 12.51 4.33
N GLU A 65 -1.36 13.78 4.41
CA GLU A 65 -0.38 14.25 5.42
C GLU A 65 -1.11 14.39 6.75
N ASN A 66 -2.38 14.70 6.67
CA ASN A 66 -3.20 14.88 7.90
C ASN A 66 -4.67 14.94 7.49
N LYS A 67 -5.56 14.99 8.44
CA LYS A 67 -7.01 15.05 8.11
C LYS A 67 -7.37 16.34 7.38
N ASP A 68 -6.61 17.39 7.55
CA ASP A 68 -6.96 18.69 6.88
C ASP A 68 -6.93 18.51 5.36
N GLY A 69 -5.93 17.87 4.82
CA GLY A 69 -5.90 17.67 3.35
C GLY A 69 -7.00 16.71 2.95
N TYR A 70 -7.29 15.75 3.79
CA TYR A 70 -8.36 14.77 3.47
C TYR A 70 -9.73 15.45 3.42
N VAL A 71 -10.06 16.28 4.38
CA VAL A 71 -11.40 16.94 4.34
C VAL A 71 -11.39 17.96 3.20
N ALA A 72 -10.25 18.52 2.89
CA ALA A 72 -10.18 19.52 1.79
C ALA A 72 -10.53 18.85 0.46
N PHE A 73 -9.76 17.87 0.07
CA PHE A 73 -10.01 17.20 -1.25
C PHE A 73 -11.41 16.56 -1.29
N THR A 74 -11.72 15.69 -0.35
CA THR A 74 -13.06 15.02 -0.37
C THR A 74 -14.17 16.07 -0.35
N SER A 75 -13.97 17.16 0.34
CA SER A 75 -15.03 18.20 0.43
C SER A 75 -15.24 18.90 -0.92
N HIS A 76 -14.23 18.94 -1.75
CA HIS A 76 -14.38 19.62 -3.08
C HIS A 76 -15.41 18.86 -3.93
N PRO A 77 -16.09 19.55 -4.81
CA PRO A 77 -17.10 18.91 -5.71
C PRO A 77 -16.45 18.06 -6.83
N LEU A 78 -15.16 18.19 -7.00
CA LEU A 78 -14.45 17.40 -8.06
C LEU A 78 -14.33 15.93 -7.65
N HIS A 79 -14.28 15.64 -6.38
CA HIS A 79 -14.15 14.21 -5.95
C HIS A 79 -15.51 13.53 -5.93
N VAL A 80 -16.54 14.26 -5.62
CA VAL A 80 -17.90 13.65 -5.58
C VAL A 80 -18.28 13.14 -6.97
N GLU A 81 -18.34 14.01 -7.94
CA GLU A 81 -18.69 13.56 -9.31
C GLU A 81 -17.77 12.42 -9.73
N PHE A 82 -16.52 12.48 -9.35
CA PHE A 82 -15.58 11.39 -9.72
C PHE A 82 -15.93 10.12 -8.94
N SER A 83 -16.28 10.25 -7.69
CA SER A 83 -16.60 9.05 -6.88
C SER A 83 -17.81 8.32 -7.46
N ALA A 84 -18.82 9.05 -7.88
CA ALA A 84 -20.02 8.38 -8.45
C ALA A 84 -19.58 7.54 -9.65
N ALA A 85 -18.84 8.12 -10.54
CA ALA A 85 -18.35 7.35 -11.72
C ALA A 85 -17.34 6.31 -11.24
N PHE A 86 -16.48 6.69 -10.33
CA PHE A 86 -15.49 5.70 -9.83
C PHE A 86 -16.21 4.39 -9.56
N THR A 87 -17.46 4.45 -9.19
CA THR A 87 -18.22 3.19 -8.94
C THR A 87 -18.71 2.67 -10.29
N ALA A 88 -19.52 3.44 -10.95
CA ALA A 88 -20.04 3.02 -12.27
C ALA A 88 -18.95 2.30 -13.05
N VAL A 89 -17.71 2.63 -12.82
CA VAL A 89 -16.60 1.96 -13.55
C VAL A 89 -15.95 0.86 -12.70
N ILE A 90 -16.59 0.42 -11.64
CA ILE A 90 -15.97 -0.66 -10.82
C ILE A 90 -16.96 -1.83 -10.66
N ASP A 91 -16.43 -2.98 -10.34
CA ASP A 91 -17.28 -4.19 -10.13
C ASP A 91 -17.44 -4.43 -8.63
N LYS A 92 -16.43 -4.08 -7.88
CA LYS A 92 -16.46 -4.26 -6.41
C LYS A 92 -15.56 -3.19 -5.75
N ILE A 93 -15.88 -2.75 -4.56
CA ILE A 93 -15.03 -1.68 -3.93
C ILE A 93 -14.54 -2.17 -2.55
N VAL A 94 -13.24 -2.16 -2.36
CA VAL A 94 -12.66 -2.59 -1.04
C VAL A 94 -11.72 -1.48 -0.53
N LEU A 95 -11.84 -1.05 0.70
CA LEU A 95 -10.93 0.05 1.17
C LEU A 95 -10.47 -0.17 2.63
N LEU A 96 -9.21 0.09 2.88
CA LEU A 96 -8.66 -0.05 4.27
C LEU A 96 -8.15 1.31 4.74
N ASP A 97 -8.60 1.79 5.87
CA ASP A 97 -8.11 3.11 6.39
C ASP A 97 -7.46 2.88 7.76
N PHE A 98 -6.22 3.28 7.92
CA PHE A 98 -5.55 3.08 9.24
C PHE A 98 -4.44 4.13 9.45
N PRO A 99 -4.49 4.88 10.51
CA PRO A 99 -3.45 5.91 10.82
C PRO A 99 -2.03 5.37 10.63
N VAL A 100 -1.17 6.13 10.01
CA VAL A 100 0.23 5.65 9.81
C VAL A 100 1.22 6.61 10.47
N ALA A 101 2.24 6.07 11.08
CA ALA A 101 3.26 6.96 11.75
C ALA A 101 4.59 6.83 11.03
N ALA A 102 4.89 7.74 10.13
CA ALA A 102 6.18 7.68 9.41
C ALA A 102 7.33 7.77 10.39
N VAL A 103 7.62 6.69 11.09
CA VAL A 103 8.73 6.71 12.08
C VAL A 103 9.36 5.32 12.15
N LYS A 104 10.62 5.22 11.83
CA LYS A 104 11.29 3.89 11.88
C LYS A 104 12.74 4.07 12.34
N SER A 105 13.21 5.28 12.37
CA SER A 105 14.62 5.51 12.81
C SER A 105 14.91 4.62 14.02
N SER A 106 13.89 4.25 14.75
CA SER A 106 14.10 3.38 15.93
C SER A 106 14.90 2.13 15.50
N VAL A 107 14.23 1.15 14.98
CA VAL A 107 14.94 -0.07 14.51
C VAL A 107 16.00 -0.46 15.54
N VAL A 108 15.62 -1.22 16.52
CA VAL A 108 16.60 -1.67 17.55
C VAL A 108 16.51 -3.17 17.73
N ALA A 109 17.58 -3.87 17.47
CA ALA A 109 17.55 -5.34 17.64
C ALA A 109 17.40 -5.67 19.12
N THR A 110 16.91 -6.84 19.45
CA THR A 110 16.74 -7.18 20.89
C THR A 110 18.11 -7.35 21.54
N PRO A 111 18.21 -7.08 22.82
CA PRO A 111 19.47 -7.22 23.57
C PRO A 111 20.31 -8.41 23.11
N MET B 1 9.71 -5.12 -15.08
CA MET B 1 10.13 -3.81 -15.65
C MET B 1 10.97 -3.05 -14.61
N ALA B 2 10.49 -2.95 -13.40
CA ALA B 2 11.24 -2.21 -12.36
C ALA B 2 11.76 -0.89 -12.94
N THR B 3 10.86 -0.01 -13.30
CA THR B 3 11.30 1.29 -13.88
C THR B 3 12.02 2.10 -12.81
N SER B 4 11.47 2.15 -11.64
CA SER B 4 12.11 2.90 -10.52
C SER B 4 12.04 2.06 -9.26
N GLY B 5 11.07 2.30 -8.43
CA GLY B 5 10.96 1.49 -7.18
C GLY B 5 10.15 0.22 -7.46
N PHE B 6 10.13 -0.70 -6.54
CA PHE B 6 9.34 -1.94 -6.73
C PHE B 6 8.49 -2.17 -5.48
N LYS B 7 7.22 -2.43 -5.64
CA LYS B 7 6.35 -2.62 -4.45
C LYS B 7 6.10 -4.08 -4.11
N HIS B 8 6.40 -4.44 -2.90
CA HIS B 8 6.13 -5.81 -2.39
C HIS B 8 5.18 -5.64 -1.21
N LEU B 9 4.02 -6.23 -1.25
CA LEU B 9 3.09 -6.07 -0.11
C LEU B 9 2.46 -7.41 0.23
N VAL B 10 2.25 -7.65 1.49
CA VAL B 10 1.67 -8.94 1.90
C VAL B 10 0.47 -8.69 2.82
N VAL B 11 -0.61 -9.40 2.63
CA VAL B 11 -1.79 -9.22 3.51
C VAL B 11 -1.96 -10.53 4.26
N VAL B 12 -2.02 -10.49 5.56
CA VAL B 12 -2.11 -11.79 6.28
C VAL B 12 -3.11 -11.76 7.44
N LYS B 13 -3.62 -12.92 7.75
CA LYS B 13 -4.58 -13.06 8.88
C LYS B 13 -4.04 -14.15 9.80
N PHE B 14 -4.38 -14.13 11.05
CA PHE B 14 -3.83 -15.16 11.99
C PHE B 14 -4.91 -16.14 12.46
N LYS B 15 -4.52 -17.35 12.80
CA LYS B 15 -5.51 -18.36 13.31
C LYS B 15 -4.97 -18.92 14.63
N GLU B 16 -3.70 -18.78 14.86
CA GLU B 16 -3.11 -19.27 16.15
C GLU B 16 -3.19 -18.11 17.14
N ASP B 17 -2.61 -17.01 16.78
CA ASP B 17 -2.62 -15.78 17.62
C ASP B 17 -1.37 -14.98 17.27
N THR B 18 -1.24 -14.63 16.02
CA THR B 18 -0.02 -13.91 15.57
C THR B 18 0.37 -12.77 16.48
N LYS B 19 1.43 -12.96 17.22
CA LYS B 19 1.94 -11.87 18.09
C LYS B 19 2.66 -10.90 17.14
N VAL B 20 1.93 -9.97 16.60
CA VAL B 20 2.52 -9.01 15.61
C VAL B 20 3.71 -8.27 16.25
N ASP B 21 3.63 -7.98 17.51
CA ASP B 21 4.74 -7.25 18.19
C ASP B 21 6.00 -8.13 18.25
N GLU B 22 5.86 -9.41 18.51
CA GLU B 22 7.06 -10.28 18.53
C GLU B 22 7.56 -10.38 17.09
N ILE B 23 6.65 -10.34 16.16
CA ILE B 23 7.03 -10.35 14.73
C ILE B 23 7.81 -9.05 14.49
N LEU B 24 7.30 -7.97 15.03
CA LEU B 24 7.98 -6.66 14.90
C LEU B 24 9.42 -6.79 15.39
N LYS B 25 9.65 -7.60 16.40
CA LYS B 25 11.04 -7.77 16.89
C LYS B 25 11.86 -8.35 15.74
N GLY B 26 11.24 -9.17 14.94
CA GLY B 26 11.97 -9.74 13.78
C GLY B 26 11.96 -8.70 12.66
N LEU B 27 10.84 -8.08 12.43
CA LEU B 27 10.75 -7.04 11.37
C LEU B 27 11.80 -5.96 11.66
N GLU B 28 11.74 -5.33 12.80
CA GLU B 28 12.74 -4.27 13.11
C GLU B 28 14.12 -4.89 12.96
N ASN B 29 14.27 -6.10 13.42
CA ASN B 29 15.57 -6.80 13.27
C ASN B 29 15.86 -6.93 11.77
N LEU B 30 14.86 -7.34 11.01
CA LEU B 30 15.04 -7.47 9.55
C LEU B 30 15.56 -6.14 8.98
N VAL B 31 14.98 -5.05 9.40
CA VAL B 31 15.45 -3.72 8.92
C VAL B 31 16.94 -3.59 9.22
N SER B 32 17.37 -4.15 10.31
CA SER B 32 18.81 -4.09 10.66
C SER B 32 19.63 -4.41 9.40
N GLN B 33 19.18 -5.36 8.63
CA GLN B 33 19.90 -5.70 7.37
C GLN B 33 19.77 -4.58 6.32
N ILE B 34 18.58 -4.15 5.98
CA ILE B 34 18.49 -3.03 4.98
C ILE B 34 19.18 -1.78 5.52
N ASP B 35 20.32 -1.92 6.14
CA ASP B 35 21.01 -0.69 6.60
C ASP B 35 21.30 0.10 5.33
N THR B 36 20.96 -0.49 4.22
CA THR B 36 21.16 0.17 2.90
C THR B 36 20.07 1.22 2.71
N VAL B 37 19.18 1.35 3.66
CA VAL B 37 18.13 2.39 3.54
C VAL B 37 17.81 2.62 2.06
N LYS B 38 17.59 1.56 1.34
CA LYS B 38 17.18 1.67 -0.08
C LYS B 38 15.88 0.89 -0.25
N SER B 39 15.00 1.02 0.69
CA SER B 39 13.73 0.25 0.64
C SER B 39 12.84 0.68 1.81
N PHE B 40 11.66 0.14 1.95
CA PHE B 40 10.79 0.57 3.08
C PHE B 40 9.95 -0.58 3.62
N GLU B 41 9.54 -0.47 4.87
CA GLU B 41 8.72 -1.53 5.51
C GLU B 41 7.93 -0.95 6.70
N TRP B 42 6.63 -1.14 6.71
CA TRP B 42 5.81 -0.62 7.85
C TRP B 42 4.72 -1.65 8.14
N GLY B 43 3.90 -1.43 9.13
CA GLY B 43 2.82 -2.44 9.41
C GLY B 43 1.53 -1.76 9.83
N GLU B 44 0.46 -2.50 9.90
CA GLU B 44 -0.84 -1.88 10.29
C GLU B 44 -1.70 -2.93 11.01
N ASP B 45 -2.46 -2.49 11.97
CA ASP B 45 -3.41 -3.39 12.67
C ASP B 45 -4.80 -2.76 12.53
N LYS B 46 -5.85 -3.53 12.44
CA LYS B 46 -7.18 -2.90 12.19
C LYS B 46 -8.26 -3.70 12.92
N GLU B 47 -9.17 -3.01 13.55
CA GLU B 47 -10.35 -3.69 14.17
C GLU B 47 -11.63 -2.97 13.75
N SER B 48 -11.51 -1.92 12.98
CA SER B 48 -12.73 -1.18 12.55
C SER B 48 -13.78 -2.14 12.00
N HIS B 49 -14.61 -1.68 11.10
CA HIS B 49 -15.69 -2.56 10.57
C HIS B 49 -15.09 -3.65 9.68
N ASP B 50 -15.73 -4.78 9.59
CA ASP B 50 -15.21 -5.89 8.75
C ASP B 50 -15.23 -5.51 7.25
N MET B 51 -16.28 -4.88 6.81
CA MET B 51 -16.35 -4.49 5.37
C MET B 51 -15.34 -3.38 5.05
N LEU B 52 -15.08 -2.49 5.97
CA LEU B 52 -14.09 -1.41 5.69
C LEU B 52 -12.68 -1.92 6.04
N ARG B 53 -12.49 -2.34 7.25
CA ARG B 53 -11.14 -2.82 7.68
C ARG B 53 -10.68 -4.01 6.83
N GLN B 54 -11.42 -4.37 5.82
CA GLN B 54 -11.00 -5.51 4.95
C GLN B 54 -10.87 -6.79 5.78
N GLY B 55 -10.77 -6.65 7.08
CA GLY B 55 -10.66 -7.84 7.99
C GLY B 55 -9.22 -8.37 8.09
N PHE B 56 -8.33 -8.03 7.19
CA PHE B 56 -6.93 -8.55 7.31
C PHE B 56 -6.31 -8.11 8.64
N THR B 57 -5.98 -9.05 9.50
CA THR B 57 -5.46 -8.68 10.86
C THR B 57 -4.30 -7.69 10.75
N HIS B 58 -3.49 -7.78 9.71
CA HIS B 58 -2.35 -6.83 9.59
C HIS B 58 -1.63 -7.05 8.27
N ALA B 59 -0.89 -6.08 7.81
CA ALA B 59 -0.15 -6.22 6.53
C ALA B 59 1.20 -5.52 6.63
N PHE B 60 2.05 -5.73 5.68
CA PHE B 60 3.38 -5.06 5.70
C PHE B 60 3.64 -4.43 4.34
N SER B 61 3.98 -3.17 4.31
CA SER B 61 4.22 -2.49 3.01
C SER B 61 5.72 -2.58 2.69
N MET B 62 6.11 -3.52 1.89
CA MET B 62 7.54 -3.64 1.53
C MET B 62 7.81 -3.06 0.16
N THR B 63 8.56 -1.99 0.12
CA THR B 63 8.88 -1.33 -1.17
C THR B 63 10.42 -1.27 -1.28
N PHE B 64 10.95 -1.46 -2.46
CA PHE B 64 12.44 -1.44 -2.60
C PHE B 64 12.86 -0.32 -3.56
N GLU B 65 14.10 0.08 -3.51
CA GLU B 65 14.56 1.17 -4.43
C GLU B 65 14.85 0.54 -5.78
N ASN B 66 15.25 -0.70 -5.77
CA ASN B 66 15.57 -1.42 -7.03
C ASN B 66 15.74 -2.91 -6.72
N LYS B 67 15.92 -3.72 -7.72
CA LYS B 67 16.08 -5.18 -7.47
C LYS B 67 17.35 -5.49 -6.68
N ASP B 68 18.34 -4.63 -6.74
CA ASP B 68 19.61 -4.91 -5.99
C ASP B 68 19.35 -5.00 -4.48
N GLY B 69 18.59 -4.10 -3.93
CA GLY B 69 18.30 -4.18 -2.47
C GLY B 69 17.40 -5.39 -2.21
N TYR B 70 16.53 -5.70 -3.14
CA TYR B 70 15.62 -6.87 -2.96
C TYR B 70 16.42 -8.18 -2.95
N VAL B 71 17.33 -8.37 -3.88
CA VAL B 71 18.10 -9.65 -3.86
C VAL B 71 19.05 -9.65 -2.65
N ALA B 72 19.47 -8.49 -2.24
CA ALA B 72 20.41 -8.41 -1.08
C ALA B 72 19.68 -8.90 0.18
N PHE B 73 18.62 -8.24 0.56
CA PHE B 73 17.89 -8.64 1.80
C PHE B 73 17.36 -10.08 1.70
N THR B 74 16.58 -10.40 0.69
CA THR B 74 16.03 -11.78 0.59
C THR B 74 17.18 -12.80 0.56
N SER B 75 18.28 -12.47 -0.04
CA SER B 75 19.42 -13.44 -0.12
C SER B 75 20.04 -13.67 1.26
N HIS B 76 19.94 -12.72 2.16
CA HIS B 76 20.54 -12.91 3.51
C HIS B 76 19.82 -14.05 4.24
N PRO B 77 20.50 -14.74 5.13
CA PRO B 77 19.91 -15.86 5.91
C PRO B 77 18.94 -15.36 7.00
N LEU B 78 18.94 -14.08 7.27
CA LEU B 78 18.02 -13.50 8.31
C LEU B 78 16.57 -13.47 7.81
N HIS B 79 16.36 -13.37 6.53
CA HIS B 79 14.96 -13.31 6.01
C HIS B 79 14.40 -14.73 5.85
N VAL B 80 15.24 -15.68 5.54
CA VAL B 80 14.76 -17.06 5.36
C VAL B 80 14.19 -17.60 6.69
N GLU B 81 15.00 -17.65 7.70
CA GLU B 81 14.50 -18.12 9.02
C GLU B 81 13.25 -17.33 9.42
N PHE B 82 13.23 -16.06 9.13
CA PHE B 82 12.03 -15.24 9.47
C PHE B 82 10.85 -15.63 8.58
N SER B 83 11.10 -15.88 7.32
CA SER B 83 9.98 -16.25 6.41
C SER B 83 9.33 -17.56 6.86
N ALA B 84 10.11 -18.52 7.27
CA ALA B 84 9.52 -19.81 7.72
C ALA B 84 8.57 -19.53 8.88
N ALA B 85 9.02 -18.80 9.86
CA ALA B 85 8.14 -18.46 11.01
C ALA B 85 7.05 -17.51 10.53
N PHE B 86 7.41 -16.56 9.70
CA PHE B 86 6.37 -15.62 9.19
C PHE B 86 5.14 -16.42 8.80
N THR B 87 5.34 -17.63 8.35
CA THR B 87 4.18 -18.47 7.96
C THR B 87 3.61 -19.10 9.23
N ALA B 88 4.40 -19.90 9.89
CA ALA B 88 3.94 -20.53 11.16
C ALA B 88 3.08 -19.56 11.95
N VAL B 89 3.31 -18.28 11.81
CA VAL B 89 2.51 -17.29 12.57
C VAL B 89 1.41 -16.68 11.68
N ILE B 90 1.10 -17.27 10.57
CA ILE B 90 0.02 -16.69 9.71
C ILE B 90 -1.04 -17.75 9.39
N ASP B 91 -2.21 -17.30 9.03
CA ASP B 91 -3.33 -18.23 8.69
C ASP B 91 -3.46 -18.30 7.17
N LYS B 92 -3.14 -17.22 6.51
CA LYS B 92 -3.23 -17.16 5.02
C LYS B 92 -2.20 -16.14 4.51
N ILE B 93 -1.66 -16.33 3.33
CA ILE B 93 -0.63 -15.36 2.83
C ILE B 93 -1.06 -14.81 1.46
N VAL B 94 -1.16 -13.51 1.34
CA VAL B 94 -1.55 -12.88 0.04
C VAL B 94 -0.49 -11.82 -0.32
N LEU B 95 0.01 -11.80 -1.53
CA LEU B 95 1.06 -10.78 -1.86
C LEU B 95 0.90 -10.24 -3.29
N LEU B 96 1.06 -8.94 -3.45
CA LEU B 96 0.98 -8.33 -4.80
C LEU B 96 2.32 -7.66 -5.16
N ASP B 97 2.90 -8.00 -6.27
CA ASP B 97 4.19 -7.36 -6.66
C ASP B 97 4.01 -6.65 -8.00
N PHE B 98 4.31 -5.38 -8.06
CA PHE B 98 4.14 -4.63 -9.34
C PHE B 98 5.09 -3.43 -9.40
N PRO B 99 5.92 -3.34 -10.42
CA PRO B 99 6.87 -2.20 -10.57
C PRO B 99 6.20 -0.85 -10.34
N VAL B 100 6.83 0.04 -9.61
CA VAL B 100 6.22 1.37 -9.35
C VAL B 100 7.13 2.48 -9.89
N ALA B 101 6.56 3.49 -10.47
CA ALA B 101 7.39 4.62 -11.01
C ALA B 101 7.11 5.89 -10.20
N ALA B 102 7.93 6.19 -9.23
CA ALA B 102 7.70 7.43 -8.43
C ALA B 102 7.75 8.65 -9.34
N VAL B 103 6.71 8.89 -10.08
CA VAL B 103 6.70 10.05 -11.00
C VAL B 103 5.27 10.58 -11.14
N LYS B 104 5.03 11.80 -10.74
CA LYS B 104 3.66 12.37 -10.84
C LYS B 104 3.75 13.85 -11.19
N SER B 105 4.91 14.43 -11.11
CA SER B 105 5.05 15.87 -11.44
C SER B 105 4.22 16.18 -12.68
N SER B 106 3.98 15.19 -13.49
CA SER B 106 3.16 15.41 -14.72
C SER B 106 1.84 16.06 -14.33
N VAL B 107 0.87 15.28 -13.93
CA VAL B 107 -0.43 15.85 -13.49
C VAL B 107 -0.83 16.94 -14.48
N VAL B 108 -1.50 16.57 -15.54
CA VAL B 108 -1.96 17.58 -16.53
C VAL B 108 -3.43 17.39 -16.83
N ALA B 109 -4.25 18.38 -16.55
CA ALA B 109 -5.70 18.23 -16.82
C ALA B 109 -5.90 18.16 -18.33
N THR B 110 -7.00 17.61 -18.77
CA THR B 110 -7.24 17.51 -20.23
C THR B 110 -7.49 18.90 -20.81
N PRO B 111 -7.14 19.11 -22.05
CA PRO B 111 -7.34 20.42 -22.73
C PRO B 111 -8.63 21.11 -22.29
N MET A 1 0.40 3.02 13.95
CA MET A 1 -0.40 3.08 15.21
C MET A 1 -1.35 4.28 15.15
N ALA A 2 -0.85 5.47 15.32
CA ALA A 2 -1.73 6.67 15.27
C ALA A 2 -0.90 7.91 15.60
N THR A 3 -0.03 8.30 14.71
CA THR A 3 0.82 9.50 14.96
C THR A 3 1.23 10.12 13.63
N SER A 4 1.72 9.30 12.73
CA SER A 4 2.16 9.82 11.41
C SER A 4 0.98 10.47 10.71
N GLY A 5 0.01 9.71 10.31
CA GLY A 5 -1.15 10.32 9.61
C GLY A 5 -2.33 9.34 9.62
N PHE A 6 -3.31 9.57 8.78
CA PHE A 6 -4.48 8.65 8.73
C PHE A 6 -4.42 7.89 7.40
N LYS A 7 -4.64 6.61 7.42
CA LYS A 7 -4.55 5.84 6.14
C LYS A 7 -5.90 5.54 5.52
N HIS A 8 -6.02 5.85 4.26
CA HIS A 8 -7.25 5.53 3.49
C HIS A 8 -6.79 4.66 2.32
N LEU A 9 -7.29 3.47 2.21
CA LEU A 9 -6.82 2.60 1.10
C LEU A 9 -8.02 1.99 0.40
N VAL A 10 -7.94 1.86 -0.89
CA VAL A 10 -9.08 1.29 -1.65
C VAL A 10 -8.55 0.21 -2.61
N VAL A 11 -9.25 -0.88 -2.73
CA VAL A 11 -8.81 -1.94 -3.67
C VAL A 11 -9.99 -2.24 -4.58
N VAL A 12 -9.79 -2.33 -5.86
CA VAL A 12 -10.96 -2.57 -6.73
C VAL A 12 -10.67 -3.53 -7.88
N LYS A 13 -11.71 -4.14 -8.37
CA LYS A 13 -11.60 -5.08 -9.51
C LYS A 13 -12.47 -4.53 -10.64
N PHE A 14 -12.14 -4.81 -11.87
CA PHE A 14 -12.95 -4.26 -13.00
C PHE A 14 -13.80 -5.36 -13.67
N LYS A 15 -14.93 -4.98 -14.22
CA LYS A 15 -15.80 -5.97 -14.93
C LYS A 15 -16.07 -5.47 -16.34
N GLU A 16 -15.97 -4.18 -16.55
CA GLU A 16 -16.17 -3.63 -17.91
C GLU A 16 -14.80 -3.61 -18.60
N ASP A 17 -13.87 -2.95 -17.98
CA ASP A 17 -12.47 -2.87 -18.50
C ASP A 17 -11.89 -1.57 -17.97
N THR A 18 -11.70 -1.49 -16.69
CA THR A 18 -11.20 -0.23 -16.07
C THR A 18 -9.93 0.30 -16.73
N LYS A 19 -10.07 1.35 -17.48
CA LYS A 19 -8.89 1.98 -18.09
C LYS A 19 -8.16 2.69 -16.96
N VAL A 20 -7.32 1.97 -16.27
CA VAL A 20 -6.59 2.57 -15.10
C VAL A 20 -5.85 3.84 -15.52
N ASP A 21 -5.31 3.85 -16.70
CA ASP A 21 -4.58 5.06 -17.19
C ASP A 21 -5.54 6.25 -17.30
N GLU A 22 -6.76 6.03 -17.71
CA GLU A 22 -7.72 7.16 -17.78
C GLU A 22 -8.09 7.53 -16.35
N ILE A 23 -8.22 6.54 -15.52
CA ILE A 23 -8.50 6.78 -14.09
C ILE A 23 -7.36 7.65 -13.57
N LEU A 24 -6.16 7.28 -13.92
CA LEU A 24 -4.97 8.07 -13.52
C LEU A 24 -5.22 9.54 -13.84
N LYS A 25 -5.89 9.83 -14.93
CA LYS A 25 -6.18 11.26 -15.25
C LYS A 25 -6.96 11.84 -14.07
N GLY A 26 -7.83 11.06 -13.51
CA GLY A 26 -8.61 11.54 -12.33
C GLY A 26 -7.67 11.56 -11.13
N LEU A 27 -6.64 10.76 -11.16
CA LEU A 27 -5.68 10.73 -10.02
C LEU A 27 -4.80 11.97 -10.08
N GLU A 28 -4.06 12.15 -11.15
CA GLU A 28 -3.22 13.38 -11.26
C GLU A 28 -4.10 14.57 -10.94
N ASN A 29 -5.36 14.47 -11.28
CA ASN A 29 -6.30 15.57 -10.95
C ASN A 29 -6.42 15.65 -9.42
N LEU A 30 -6.53 14.52 -8.78
CA LEU A 30 -6.59 14.49 -7.29
C LEU A 30 -5.48 15.39 -6.74
N VAL A 31 -4.26 15.16 -7.16
CA VAL A 31 -3.12 16.00 -6.66
C VAL A 31 -3.51 17.48 -6.80
N SER A 32 -4.30 17.78 -7.79
CA SER A 32 -4.71 19.20 -7.99
C SER A 32 -5.10 19.79 -6.63
N GLN A 33 -5.95 19.11 -5.91
CA GLN A 33 -6.38 19.63 -4.57
C GLN A 33 -5.37 19.25 -3.47
N ILE A 34 -4.39 18.42 -3.74
CA ILE A 34 -3.43 18.07 -2.65
C ILE A 34 -2.23 19.02 -2.68
N ASP A 35 -2.41 20.23 -3.14
CA ASP A 35 -1.26 21.15 -3.11
C ASP A 35 -0.86 21.27 -1.65
N THR A 36 -1.69 20.73 -0.81
CA THR A 36 -1.44 20.76 0.65
C THR A 36 -0.22 19.89 0.96
N VAL A 37 0.27 19.18 -0.01
CA VAL A 37 1.47 18.31 0.24
C VAL A 37 1.39 17.76 1.65
N LYS A 38 0.21 17.49 2.12
CA LYS A 38 0.05 16.91 3.48
C LYS A 38 -0.72 15.60 3.33
N SER A 39 -0.29 14.78 2.42
CA SER A 39 -1.00 13.49 2.18
C SER A 39 -0.21 12.67 1.15
N PHE A 40 -0.60 11.46 0.87
CA PHE A 40 0.17 10.67 -0.12
C PHE A 40 -0.72 9.70 -0.90
N GLU A 41 -0.25 9.28 -2.06
CA GLU A 41 -1.02 8.33 -2.91
C GLU A 41 -0.08 7.48 -3.77
N TRP A 42 -0.08 6.19 -3.57
CA TRP A 42 0.79 5.30 -4.40
C TRP A 42 -0.11 4.56 -5.40
N GLY A 43 0.45 3.92 -6.39
CA GLY A 43 -0.44 3.21 -7.37
C GLY A 43 -0.04 1.74 -7.49
N GLU A 44 -0.99 0.89 -7.79
CA GLU A 44 -0.67 -0.56 -7.91
C GLU A 44 -1.65 -1.21 -8.88
N ASP A 45 -1.18 -2.14 -9.65
CA ASP A 45 -2.05 -2.89 -10.59
C ASP A 45 -1.22 -4.05 -11.13
N LYS A 46 -1.33 -5.23 -10.57
CA LYS A 46 -0.53 -6.35 -11.12
C LYS A 46 -1.26 -6.99 -12.31
N GLU A 47 -0.53 -7.64 -13.17
CA GLU A 47 -1.18 -8.32 -14.34
C GLU A 47 -0.23 -9.40 -14.87
N SER A 48 -0.24 -10.56 -14.27
CA SER A 48 0.66 -11.65 -14.73
C SER A 48 0.85 -12.70 -13.63
N HIS A 49 1.10 -13.93 -13.99
CA HIS A 49 1.36 -14.98 -12.96
C HIS A 49 0.11 -15.16 -12.09
N ASP A 50 -0.60 -16.23 -12.30
CA ASP A 50 -1.83 -16.49 -11.47
C ASP A 50 -1.50 -16.33 -9.97
N MET A 51 -0.39 -16.87 -9.53
CA MET A 51 -0.04 -16.75 -8.08
C MET A 51 0.09 -15.27 -7.68
N LEU A 52 0.59 -14.43 -8.55
CA LEU A 52 0.65 -12.98 -8.20
C LEU A 52 -0.66 -12.30 -8.62
N ARG A 53 -1.49 -13.00 -9.34
CA ARG A 53 -2.78 -12.41 -9.79
C ARG A 53 -3.86 -12.56 -8.71
N GLN A 54 -3.51 -12.45 -7.46
CA GLN A 54 -4.53 -12.51 -6.38
C GLN A 54 -5.87 -11.92 -6.88
N GLY A 55 -5.85 -11.27 -8.01
CA GLY A 55 -7.11 -10.75 -8.63
C GLY A 55 -7.27 -9.23 -8.44
N PHE A 56 -6.94 -8.68 -7.30
CA PHE A 56 -7.12 -7.20 -7.12
C PHE A 56 -6.44 -6.46 -8.27
N THR A 57 -7.21 -6.00 -9.23
CA THR A 57 -6.62 -5.30 -10.41
C THR A 57 -5.78 -4.09 -9.97
N HIS A 58 -6.40 -2.97 -9.71
CA HIS A 58 -5.62 -1.77 -9.31
C HIS A 58 -6.05 -1.27 -7.94
N ALA A 59 -5.17 -0.64 -7.22
CA ALA A 59 -5.54 -0.10 -5.88
C ALA A 59 -4.81 1.22 -5.65
N PHE A 60 -5.19 1.94 -4.63
CA PHE A 60 -4.52 3.23 -4.33
C PHE A 60 -4.30 3.35 -2.83
N SER A 61 -3.13 3.73 -2.41
CA SER A 61 -2.87 3.87 -0.95
C SER A 61 -2.96 5.36 -0.60
N MET A 62 -4.10 5.80 -0.13
CA MET A 62 -4.26 7.23 0.22
C MET A 62 -4.03 7.46 1.70
N THR A 63 -3.08 8.29 2.01
CA THR A 63 -2.75 8.58 3.43
C THR A 63 -2.84 10.10 3.63
N PHE A 64 -3.22 10.55 4.79
CA PHE A 64 -3.31 12.03 5.00
C PHE A 64 -2.48 12.44 6.23
N GLU A 65 -2.05 13.67 6.29
CA GLU A 65 -1.25 14.10 7.47
C GLU A 65 -2.23 14.35 8.62
N ASN A 66 -3.44 14.67 8.28
CA ASN A 66 -4.48 14.94 9.31
C ASN A 66 -5.86 14.89 8.64
N LYS A 67 -6.90 14.93 9.41
CA LYS A 67 -8.27 14.87 8.82
C LYS A 67 -8.52 16.05 7.88
N ASP A 68 -7.79 17.13 8.02
CA ASP A 68 -8.04 18.31 7.14
C ASP A 68 -7.87 17.92 5.66
N GLY A 69 -6.90 17.10 5.34
CA GLY A 69 -6.72 16.70 3.93
C GLY A 69 -7.88 15.80 3.51
N TYR A 70 -8.39 15.04 4.44
CA TYR A 70 -9.53 14.12 4.11
C TYR A 70 -10.79 14.92 3.78
N VAL A 71 -11.11 15.95 4.53
CA VAL A 71 -12.34 16.73 4.19
C VAL A 71 -12.07 17.52 2.90
N ALA A 72 -10.84 17.88 2.65
CA ALA A 72 -10.51 18.65 1.42
C ALA A 72 -10.80 17.78 0.20
N PHE A 73 -10.12 16.67 0.08
CA PHE A 73 -10.31 15.79 -1.12
C PHE A 73 -11.80 15.48 -1.35
N THR A 74 -12.55 15.25 -0.30
CA THR A 74 -13.99 14.88 -0.48
C THR A 74 -14.84 16.14 -0.65
N SER A 75 -14.46 17.23 -0.03
CA SER A 75 -15.27 18.47 -0.14
C SER A 75 -15.22 19.04 -1.57
N HIS A 76 -14.13 18.87 -2.27
CA HIS A 76 -14.05 19.41 -3.66
C HIS A 76 -14.86 18.52 -4.61
N PRO A 77 -15.75 19.09 -5.38
CA PRO A 77 -16.59 18.34 -6.36
C PRO A 77 -15.76 17.31 -7.16
N LEU A 78 -14.45 17.32 -7.00
CA LEU A 78 -13.58 16.37 -7.74
C LEU A 78 -13.85 14.92 -7.32
N HIS A 79 -14.27 14.70 -6.10
CA HIS A 79 -14.51 13.31 -5.63
C HIS A 79 -15.91 12.86 -6.02
N VAL A 80 -16.87 13.74 -5.98
CA VAL A 80 -18.26 13.36 -6.35
C VAL A 80 -18.31 12.89 -7.80
N GLU A 81 -17.97 13.75 -8.72
CA GLU A 81 -17.99 13.35 -10.16
C GLU A 81 -17.03 12.18 -10.38
N PHE A 82 -15.90 12.20 -9.73
CA PHE A 82 -14.93 11.08 -9.89
C PHE A 82 -15.49 9.81 -9.25
N SER A 83 -16.02 9.92 -8.06
CA SER A 83 -16.56 8.70 -7.38
C SER A 83 -17.71 8.10 -8.20
N ALA A 84 -18.50 8.91 -8.84
CA ALA A 84 -19.63 8.35 -9.63
C ALA A 84 -19.05 7.46 -10.73
N ALA A 85 -18.13 7.96 -11.48
CA ALA A 85 -17.51 7.14 -12.55
C ALA A 85 -16.63 6.07 -11.91
N PHE A 86 -15.89 6.43 -10.90
CA PHE A 86 -15.03 5.43 -10.23
C PHE A 86 -15.86 4.16 -10.00
N THR A 87 -17.15 4.32 -9.84
CA THR A 87 -17.99 3.12 -9.63
C THR A 87 -18.30 2.51 -11.00
N ALA A 88 -18.99 3.25 -11.83
CA ALA A 88 -19.32 2.75 -13.18
C ALA A 88 -18.13 1.98 -13.77
N VAL A 89 -16.93 2.38 -13.43
CA VAL A 89 -15.73 1.68 -13.98
C VAL A 89 -15.18 0.66 -12.97
N ILE A 90 -15.92 0.33 -11.94
CA ILE A 90 -15.38 -0.67 -10.97
C ILE A 90 -16.35 -1.86 -10.85
N ASP A 91 -15.83 -2.97 -10.43
CA ASP A 91 -16.66 -4.21 -10.28
C ASP A 91 -16.96 -4.42 -8.78
N LYS A 92 -15.99 -4.09 -7.96
CA LYS A 92 -16.14 -4.24 -6.48
C LYS A 92 -15.35 -3.14 -5.78
N ILE A 93 -15.79 -2.66 -4.65
CA ILE A 93 -15.02 -1.58 -3.95
C ILE A 93 -14.67 -2.02 -2.53
N VAL A 94 -13.40 -2.14 -2.25
CA VAL A 94 -12.94 -2.56 -0.88
C VAL A 94 -12.10 -1.43 -0.26
N LEU A 95 -12.41 -0.97 0.93
CA LEU A 95 -11.59 0.14 1.51
C LEU A 95 -11.21 -0.14 2.97
N LEU A 96 -9.94 -0.02 3.28
CA LEU A 96 -9.47 -0.19 4.69
C LEU A 96 -8.90 1.14 5.20
N ASP A 97 -9.47 1.69 6.24
CA ASP A 97 -8.96 2.99 6.76
C ASP A 97 -8.63 2.84 8.26
N PHE A 98 -7.47 3.28 8.67
CA PHE A 98 -7.10 3.17 10.11
C PHE A 98 -5.83 3.98 10.40
N PRO A 99 -5.82 4.72 11.49
CA PRO A 99 -4.62 5.52 11.89
C PRO A 99 -3.31 4.75 11.68
N VAL A 100 -2.42 5.27 10.87
CA VAL A 100 -1.15 4.54 10.61
C VAL A 100 0.04 5.35 11.16
N ALA A 101 1.02 4.68 11.69
CA ALA A 101 2.22 5.39 12.21
C ALA A 101 3.45 5.05 11.34
N ALA A 102 3.46 5.49 10.12
CA ALA A 102 4.62 5.20 9.24
C ALA A 102 5.90 5.68 9.91
N VAL A 103 6.62 4.81 10.55
CA VAL A 103 7.89 5.22 11.21
C VAL A 103 8.91 4.09 11.11
N LYS A 104 10.09 4.38 10.63
CA LYS A 104 11.12 3.31 10.50
C LYS A 104 12.25 3.58 11.49
N SER A 105 12.52 4.82 11.79
CA SER A 105 13.61 5.12 12.76
C SER A 105 14.94 4.63 12.18
N SER A 106 15.00 3.38 11.79
CA SER A 106 16.27 2.84 11.25
C SER A 106 17.27 2.63 12.39
N VAL A 107 18.11 1.66 12.27
CA VAL A 107 19.11 1.39 13.34
C VAL A 107 18.38 1.36 14.68
N VAL A 108 17.55 0.37 14.88
CA VAL A 108 16.78 0.27 16.16
C VAL A 108 16.42 -1.20 16.41
N ALA A 109 16.28 -1.56 17.65
CA ALA A 109 15.91 -2.97 17.96
C ALA A 109 14.84 -2.96 19.05
N THR A 110 13.84 -3.79 18.93
CA THR A 110 12.77 -3.81 19.97
C THR A 110 12.47 -5.25 20.37
N PRO A 111 13.38 -5.87 21.07
CA PRO A 111 13.22 -7.28 21.53
C PRO A 111 11.82 -7.54 22.10
N MET B 1 3.86 1.62 -13.66
CA MET B 1 4.07 0.91 -14.95
C MET B 1 5.33 0.06 -14.87
N ALA B 2 6.48 0.67 -14.92
CA ALA B 2 7.75 -0.11 -14.85
C ALA B 2 8.94 0.84 -15.03
N THR B 3 9.19 1.67 -14.06
CA THR B 3 10.33 2.64 -14.18
C THR B 3 10.82 2.99 -12.77
N SER B 4 9.91 3.35 -11.91
CA SER B 4 10.30 3.74 -10.54
C SER B 4 11.02 2.58 -9.87
N GLY B 5 10.31 1.52 -9.58
CA GLY B 5 10.97 0.36 -8.92
C GLY B 5 10.10 -0.88 -9.07
N PHE B 6 10.36 -1.89 -8.29
CA PHE B 6 9.54 -3.13 -8.38
C PHE B 6 8.71 -3.24 -7.10
N LYS B 7 7.44 -3.55 -7.22
CA LYS B 7 6.58 -3.61 -6.00
C LYS B 7 6.37 -5.04 -5.49
N HIS B 8 6.61 -5.21 -4.22
CA HIS B 8 6.35 -6.50 -3.55
C HIS B 8 5.36 -6.21 -2.42
N LEU B 9 4.22 -6.81 -2.42
CA LEU B 9 3.23 -6.50 -1.35
C LEU B 9 2.69 -7.78 -0.77
N VAL B 10 2.48 -7.81 0.51
CA VAL B 10 1.95 -9.04 1.16
C VAL B 10 0.78 -8.66 2.07
N VAL B 11 -0.25 -9.46 2.07
CA VAL B 11 -1.42 -9.17 2.95
C VAL B 11 -1.66 -10.43 3.76
N VAL B 12 -1.86 -10.33 5.04
CA VAL B 12 -2.04 -11.57 5.82
C VAL B 12 -3.09 -11.44 6.91
N LYS B 13 -3.64 -12.56 7.29
CA LYS B 13 -4.67 -12.61 8.36
C LYS B 13 -4.11 -13.50 9.48
N PHE B 14 -4.50 -13.28 10.71
CA PHE B 14 -3.95 -14.13 11.82
C PHE B 14 -5.02 -15.11 12.35
N LYS B 15 -4.58 -16.24 12.86
CA LYS B 15 -5.54 -17.23 13.43
C LYS B 15 -5.10 -17.57 14.86
N GLU B 16 -3.85 -17.37 15.16
CA GLU B 16 -3.36 -17.62 16.54
C GLU B 16 -3.51 -16.31 17.33
N ASP B 17 -2.89 -15.28 16.80
CA ASP B 17 -2.97 -13.93 17.43
C ASP B 17 -1.69 -13.20 17.02
N THR B 18 -1.55 -12.92 15.76
CA THR B 18 -0.29 -12.27 15.26
C THR B 18 0.07 -11.02 16.04
N LYS B 19 1.09 -11.12 16.85
CA LYS B 19 1.58 -9.94 17.58
C LYS B 19 2.29 -9.07 16.55
N VAL B 20 1.55 -8.24 15.86
CA VAL B 20 2.15 -7.40 14.79
C VAL B 20 3.32 -6.59 15.35
N ASP B 21 3.21 -6.13 16.56
CA ASP B 21 4.32 -5.34 17.17
C ASP B 21 5.58 -6.20 17.31
N GLU B 22 5.44 -7.46 17.61
CA GLU B 22 6.65 -8.33 17.71
C GLU B 22 7.14 -8.57 16.28
N ILE B 23 6.21 -8.72 15.38
CA ILE B 23 6.58 -8.88 13.96
C ILE B 23 7.36 -7.64 13.57
N LEU B 24 6.88 -6.50 13.98
CA LEU B 24 7.58 -5.22 13.70
C LEU B 24 9.05 -5.37 14.11
N LYS B 25 9.33 -6.10 15.17
CA LYS B 25 10.75 -6.29 15.57
C LYS B 25 11.47 -6.93 14.39
N GLY B 26 10.81 -7.83 13.71
CA GLY B 26 11.42 -8.48 12.53
C GLY B 26 11.45 -7.45 11.39
N LEU B 27 10.55 -6.51 11.43
CA LEU B 27 10.50 -5.48 10.35
C LEU B 27 11.66 -4.50 10.57
N GLU B 28 11.71 -3.83 11.69
CA GLU B 28 12.84 -2.89 11.93
C GLU B 28 14.14 -3.65 11.65
N ASN B 29 14.12 -4.93 11.89
CA ASN B 29 15.32 -5.76 11.58
C ASN B 29 15.51 -5.76 10.06
N LEU B 30 14.43 -5.92 9.33
CA LEU B 30 14.50 -5.88 7.84
C LEU B 30 15.34 -4.67 7.42
N VAL B 31 14.98 -3.50 7.90
CA VAL B 31 15.75 -2.27 7.54
C VAL B 31 17.24 -2.53 7.77
N SER B 32 17.56 -3.37 8.71
CA SER B 32 18.98 -3.67 8.98
C SER B 32 19.69 -3.92 7.66
N GLN B 33 19.14 -4.77 6.83
CA GLN B 33 19.77 -5.06 5.51
C GLN B 33 19.39 -4.01 4.46
N ILE B 34 18.45 -3.13 4.72
CA ILE B 34 18.10 -2.12 3.68
C ILE B 34 18.93 -0.86 3.84
N ASP B 35 20.11 -0.96 4.38
CA ASP B 35 20.94 0.26 4.50
C ASP B 35 21.12 0.77 3.07
N THR B 36 20.70 -0.05 2.14
CA THR B 36 20.79 0.31 0.71
C THR B 36 19.85 1.47 0.42
N VAL B 37 19.03 1.84 1.37
CA VAL B 37 18.10 2.97 1.14
C VAL B 37 17.64 2.95 -0.31
N LYS B 38 17.50 1.78 -0.87
CA LYS B 38 17.04 1.67 -2.28
C LYS B 38 15.79 0.79 -2.28
N SER B 39 14.87 1.08 -1.39
CA SER B 39 13.64 0.27 -1.30
C SER B 39 12.69 0.91 -0.28
N PHE B 40 11.50 0.40 -0.11
CA PHE B 40 10.58 1.04 0.88
C PHE B 40 9.65 0.02 1.53
N GLU B 41 9.12 0.37 2.67
CA GLU B 41 8.18 -0.54 3.41
C GLU B 41 7.20 0.28 4.27
N TRP B 42 5.93 0.17 3.99
CA TRP B 42 4.91 0.91 4.81
C TRP B 42 4.20 -0.11 5.68
N GLY B 43 3.45 0.32 6.66
CA GLY B 43 2.76 -0.69 7.53
C GLY B 43 1.26 -0.43 7.57
N GLU B 44 0.47 -1.45 7.75
CA GLU B 44 -1.00 -1.26 7.80
C GLU B 44 -1.63 -2.37 8.65
N ASP B 45 -2.65 -2.02 9.38
CA ASP B 45 -3.37 -3.02 10.21
C ASP B 45 -4.64 -2.32 10.72
N LYS B 46 -5.76 -2.48 10.08
CA LYS B 46 -6.99 -1.81 10.60
C LYS B 46 -7.62 -2.68 11.68
N GLU B 47 -8.39 -2.07 12.54
CA GLU B 47 -9.08 -2.85 13.62
C GLU B 47 -10.28 -2.04 14.14
N SER B 48 -11.39 -2.09 13.45
CA SER B 48 -12.58 -1.32 13.91
C SER B 48 -13.57 -1.14 12.74
N HIS B 49 -14.84 -1.02 13.04
CA HIS B 49 -15.84 -0.78 11.95
C HIS B 49 -15.86 -1.96 10.99
N ASP B 50 -16.87 -2.78 11.07
CA ASP B 50 -16.97 -3.96 10.15
C ASP B 50 -16.75 -3.53 8.70
N MET B 51 -17.35 -2.44 8.28
CA MET B 51 -17.16 -1.97 6.88
C MET B 51 -15.68 -1.69 6.58
N LEU B 52 -14.94 -1.19 7.54
CA LEU B 52 -13.49 -0.98 7.31
C LEU B 52 -12.72 -2.25 7.68
N ARG B 53 -13.39 -3.19 8.30
CA ARG B 53 -12.72 -4.47 8.70
C ARG B 53 -12.71 -5.48 7.55
N GLN B 54 -12.55 -5.02 6.34
CA GLN B 54 -12.46 -5.97 5.20
C GLN B 54 -11.78 -7.29 5.64
N GLY B 55 -11.22 -7.29 6.82
CA GLY B 55 -10.62 -8.55 7.39
C GLY B 55 -9.09 -8.57 7.30
N PHE B 56 -8.50 -8.12 6.21
CA PHE B 56 -7.00 -8.16 6.13
C PHE B 56 -6.39 -7.51 7.37
N THR B 57 -5.93 -8.31 8.31
CA THR B 57 -5.36 -7.73 9.57
C THR B 57 -4.21 -6.78 9.27
N HIS B 58 -3.03 -7.29 9.04
CA HIS B 58 -1.88 -6.37 8.79
C HIS B 58 -1.25 -6.68 7.43
N ALA B 59 -0.65 -5.69 6.82
CA ALA B 59 0.00 -5.93 5.50
C ALA B 59 1.27 -5.07 5.41
N PHE B 60 2.07 -5.32 4.41
CA PHE B 60 3.32 -4.53 4.25
C PHE B 60 3.51 -4.20 2.77
N SER B 61 3.82 -2.98 2.46
CA SER B 61 4.04 -2.60 1.03
C SER B 61 5.55 -2.55 0.79
N MET B 62 6.10 -3.62 0.27
CA MET B 62 7.57 -3.63 0.02
C MET B 62 7.87 -3.28 -1.43
N THR B 63 8.64 -2.24 -1.62
CA THR B 63 8.98 -1.80 -3.00
C THR B 63 10.51 -1.74 -3.09
N PHE B 64 11.08 -2.01 -4.23
CA PHE B 64 12.57 -1.96 -4.35
C PHE B 64 12.98 -1.01 -5.49
N GLU B 65 14.17 -0.49 -5.44
CA GLU B 65 14.61 0.42 -6.54
C GLU B 65 15.01 -0.44 -7.73
N ASN B 66 15.42 -1.65 -7.45
CA ASN B 66 15.84 -2.58 -8.52
C ASN B 66 15.86 -4.00 -7.94
N LYS B 67 16.04 -4.99 -8.78
CA LYS B 67 16.06 -6.40 -8.28
C LYS B 67 17.20 -6.61 -7.27
N ASP B 68 18.21 -5.79 -7.28
CA ASP B 68 19.35 -6.00 -6.33
C ASP B 68 18.86 -5.96 -4.89
N GLY B 69 17.94 -5.09 -4.57
CA GLY B 69 17.43 -5.05 -3.17
C GLY B 69 16.61 -6.30 -2.90
N TYR B 70 15.95 -6.80 -3.91
CA TYR B 70 15.12 -8.03 -3.72
C TYR B 70 16.01 -9.24 -3.41
N VAL B 71 17.10 -9.43 -4.11
CA VAL B 71 17.96 -10.61 -3.79
C VAL B 71 18.64 -10.37 -2.44
N ALA B 72 18.88 -9.14 -2.09
CA ALA B 72 19.54 -8.83 -0.80
C ALA B 72 18.62 -9.27 0.35
N PHE B 73 17.45 -8.70 0.44
CA PHE B 73 16.53 -9.05 1.56
C PHE B 73 16.32 -10.57 1.66
N THR B 74 16.23 -11.26 0.56
CA THR B 74 15.97 -12.73 0.62
C THR B 74 17.28 -13.48 0.82
N SER B 75 18.37 -12.97 0.31
CA SER B 75 19.67 -13.68 0.45
C SER B 75 20.14 -13.69 1.92
N HIS B 76 19.84 -12.67 2.67
CA HIS B 76 20.27 -12.64 4.09
C HIS B 76 19.40 -13.59 4.92
N PRO B 77 20.00 -14.48 5.67
CA PRO B 77 19.25 -15.43 6.55
C PRO B 77 18.11 -14.76 7.32
N LEU B 78 18.02 -13.45 7.25
CA LEU B 78 16.94 -12.70 7.98
C LEU B 78 15.56 -13.06 7.43
N HIS B 79 15.45 -13.41 6.18
CA HIS B 79 14.12 -13.73 5.60
C HIS B 79 13.76 -15.19 5.87
N VAL B 80 14.72 -16.06 5.83
CA VAL B 80 14.44 -17.50 6.08
C VAL B 80 13.89 -17.70 7.50
N GLU B 81 14.66 -17.36 8.48
CA GLU B 81 14.17 -17.51 9.89
C GLU B 81 12.91 -16.66 10.08
N PHE B 82 12.87 -15.50 9.51
CA PHE B 82 11.67 -14.63 9.67
C PHE B 82 10.50 -15.24 8.90
N SER B 83 10.72 -15.69 7.69
CA SER B 83 9.61 -16.27 6.89
C SER B 83 9.05 -17.52 7.59
N ALA B 84 9.89 -18.28 8.24
CA ALA B 84 9.39 -19.51 8.92
C ALA B 84 8.36 -19.09 9.98
N ALA B 85 8.74 -18.18 10.83
CA ALA B 85 7.80 -17.70 11.87
C ALA B 85 6.70 -16.87 11.22
N PHE B 86 7.06 -16.03 10.28
CA PHE B 86 6.03 -15.21 9.60
C PHE B 86 4.86 -16.12 9.24
N THR B 87 5.13 -17.38 9.00
CA THR B 87 4.02 -18.31 8.65
C THR B 87 3.37 -18.75 9.95
N ALA B 88 4.10 -19.44 10.78
CA ALA B 88 3.55 -19.90 12.07
C ALA B 88 2.65 -18.83 12.68
N VAL B 89 2.96 -17.58 12.45
CA VAL B 89 2.14 -16.49 13.02
C VAL B 89 1.13 -15.95 11.99
N ILE B 90 0.93 -16.62 10.89
CA ILE B 90 -0.05 -16.12 9.89
C ILE B 90 -1.14 -17.16 9.63
N ASP B 91 -2.27 -16.71 9.16
CA ASP B 91 -3.41 -17.62 8.87
C ASP B 91 -3.50 -17.83 7.36
N LYS B 92 -3.20 -16.79 6.62
CA LYS B 92 -3.25 -16.86 5.13
C LYS B 92 -2.17 -15.92 4.56
N ILE B 93 -1.58 -16.24 3.44
CA ILE B 93 -0.53 -15.34 2.87
C ILE B 93 -0.91 -14.93 1.44
N VAL B 94 -1.11 -13.65 1.23
CA VAL B 94 -1.49 -13.13 -0.13
C VAL B 94 -0.39 -12.16 -0.61
N LEU B 95 0.16 -12.35 -1.79
CA LEU B 95 1.23 -11.41 -2.24
C LEU B 95 1.01 -10.95 -3.69
N LEU B 96 1.05 -9.66 -3.90
CA LEU B 96 0.93 -9.10 -5.29
C LEU B 96 2.24 -8.39 -5.67
N ASP B 97 2.90 -8.84 -6.71
CA ASP B 97 4.18 -8.20 -7.10
C ASP B 97 4.09 -7.77 -8.57
N PHE B 98 4.47 -6.55 -8.88
CA PHE B 98 4.40 -6.09 -10.30
C PHE B 98 5.13 -4.74 -10.45
N PRO B 99 5.93 -4.59 -11.48
CA PRO B 99 6.64 -3.32 -11.75
C PRO B 99 5.75 -2.09 -11.51
N VAL B 100 6.14 -1.22 -10.60
CA VAL B 100 5.30 -0.03 -10.31
C VAL B 100 6.03 1.25 -10.73
N ALA B 101 5.31 2.21 -11.25
CA ALA B 101 5.95 3.50 -11.64
C ALA B 101 5.45 4.62 -10.73
N ALA B 102 5.81 4.59 -9.47
CA ALA B 102 5.35 5.66 -8.54
C ALA B 102 5.78 7.02 -9.08
N VAL B 103 4.89 7.71 -9.74
CA VAL B 103 5.23 9.05 -10.29
C VAL B 103 4.00 9.95 -10.20
N LYS B 104 4.16 11.13 -9.63
CA LYS B 104 3.01 12.06 -9.51
C LYS B 104 3.23 13.27 -10.41
N SER B 105 4.47 13.67 -10.60
CA SER B 105 4.74 14.84 -11.48
C SER B 105 4.09 16.08 -10.84
N SER B 106 2.83 16.01 -10.54
CA SER B 106 2.13 17.19 -9.96
C SER B 106 1.93 18.25 -11.04
N VAL B 107 0.87 19.00 -10.94
CA VAL B 107 0.59 20.04 -11.96
C VAL B 107 0.71 19.41 -13.35
N VAL B 108 -0.19 18.51 -13.66
CA VAL B 108 -0.15 17.84 -15.00
C VAL B 108 -1.55 17.37 -15.37
N ALA B 109 -1.82 17.29 -16.64
CA ALA B 109 -3.17 16.83 -17.07
C ALA B 109 -3.01 15.84 -18.22
N THR B 110 -3.74 14.76 -18.22
CA THR B 110 -3.61 13.78 -19.33
C THR B 110 -4.99 13.39 -19.84
N PRO B 111 -5.64 14.29 -20.53
CA PRO B 111 -6.99 14.05 -21.09
C PRO B 111 -7.10 12.67 -21.77
N MET A 1 -5.35 7.61 16.43
CA MET A 1 -4.14 8.07 17.15
C MET A 1 -3.44 9.16 16.32
N ALA A 2 -3.31 8.94 15.04
CA ALA A 2 -2.63 9.96 14.19
C ALA A 2 -1.25 10.28 14.76
N THR A 3 -0.37 9.32 14.78
CA THR A 3 1.00 9.57 15.34
C THR A 3 1.95 9.92 14.19
N SER A 4 1.42 10.01 13.00
CA SER A 4 2.27 10.34 11.83
C SER A 4 1.37 10.65 10.64
N GLY A 5 1.03 9.66 9.87
CA GLY A 5 0.15 9.92 8.70
C GLY A 5 -1.07 8.99 8.74
N PHE A 6 -2.06 9.24 7.92
CA PHE A 6 -3.26 8.38 7.90
C PHE A 6 -3.27 7.62 6.58
N LYS A 7 -3.47 6.33 6.61
CA LYS A 7 -3.45 5.54 5.35
C LYS A 7 -4.85 5.14 4.86
N HIS A 8 -5.10 5.38 3.61
CA HIS A 8 -6.38 4.98 2.98
C HIS A 8 -6.01 4.16 1.75
N LEU A 9 -6.54 2.99 1.61
CA LEU A 9 -6.17 2.17 0.42
C LEU A 9 -7.42 1.56 -0.18
N VAL A 10 -7.48 1.48 -1.47
CA VAL A 10 -8.68 0.91 -2.13
C VAL A 10 -8.25 -0.13 -3.16
N VAL A 11 -8.97 -1.21 -3.26
CA VAL A 11 -8.62 -2.25 -4.27
C VAL A 11 -9.87 -2.47 -5.10
N VAL A 12 -9.76 -2.48 -6.40
CA VAL A 12 -11.01 -2.61 -7.19
C VAL A 12 -10.90 -3.66 -8.30
N LYS A 13 -12.00 -4.35 -8.51
CA LYS A 13 -12.07 -5.38 -9.58
C LYS A 13 -12.94 -4.79 -10.69
N PHE A 14 -12.74 -5.20 -11.92
CA PHE A 14 -13.55 -4.61 -13.03
C PHE A 14 -14.47 -5.66 -13.68
N LYS A 15 -15.61 -5.24 -14.17
CA LYS A 15 -16.53 -6.19 -14.89
C LYS A 15 -16.80 -5.63 -16.28
N GLU A 16 -16.66 -4.34 -16.45
CA GLU A 16 -16.90 -3.73 -17.78
C GLU A 16 -15.55 -3.68 -18.50
N ASP A 17 -14.58 -3.09 -17.85
CA ASP A 17 -13.20 -2.96 -18.40
C ASP A 17 -12.62 -1.68 -17.83
N THR A 18 -12.38 -1.68 -16.54
CA THR A 18 -11.88 -0.45 -15.87
C THR A 18 -10.69 0.18 -16.60
N LYS A 19 -10.94 1.27 -17.26
CA LYS A 19 -9.85 2.00 -17.94
C LYS A 19 -9.06 2.68 -16.84
N VAL A 20 -8.13 1.96 -16.26
CA VAL A 20 -7.33 2.53 -15.15
C VAL A 20 -6.59 3.80 -15.61
N ASP A 21 -6.12 3.81 -16.81
CA ASP A 21 -5.40 5.00 -17.34
C ASP A 21 -6.36 6.20 -17.44
N GLU A 22 -7.58 5.99 -17.83
CA GLU A 22 -8.54 7.13 -17.89
C GLU A 22 -8.85 7.54 -16.45
N ILE A 23 -8.87 6.58 -15.58
CA ILE A 23 -9.08 6.86 -14.15
C ILE A 23 -7.89 7.70 -13.69
N LEU A 24 -6.72 7.29 -14.10
CA LEU A 24 -5.49 8.04 -13.77
C LEU A 24 -5.67 9.50 -14.16
N LYS A 25 -6.36 9.77 -15.25
CA LYS A 25 -6.59 11.19 -15.62
C LYS A 25 -7.38 11.85 -14.50
N GLY A 26 -8.25 11.08 -13.88
CA GLY A 26 -9.03 11.64 -12.74
C GLY A 26 -8.13 11.59 -11.50
N LEU A 27 -7.45 10.50 -11.30
CA LEU A 27 -6.55 10.38 -10.12
C LEU A 27 -5.54 11.53 -10.14
N GLU A 28 -4.75 11.62 -11.19
CA GLU A 28 -3.76 12.73 -11.25
C GLU A 28 -4.51 14.03 -10.99
N ASN A 29 -5.63 14.20 -11.63
CA ASN A 29 -6.46 15.40 -11.40
C ASN A 29 -6.81 15.45 -9.91
N LEU A 30 -7.18 14.32 -9.35
CA LEU A 30 -7.48 14.26 -7.89
C LEU A 30 -6.34 14.91 -7.11
N VAL A 31 -5.12 14.61 -7.48
CA VAL A 31 -3.95 15.24 -6.80
C VAL A 31 -4.13 16.76 -6.82
N SER A 32 -4.93 17.25 -7.74
CA SER A 32 -5.17 18.70 -7.80
C SER A 32 -5.33 19.23 -6.37
N GLN A 33 -5.99 18.48 -5.53
CA GLN A 33 -6.17 18.91 -4.11
C GLN A 33 -4.87 18.70 -3.30
N ILE A 34 -3.99 17.81 -3.69
CA ILE A 34 -2.76 17.62 -2.86
C ILE A 34 -1.72 18.68 -3.20
N ASP A 35 -2.12 19.79 -3.76
CA ASP A 35 -1.11 20.83 -4.05
C ASP A 35 -0.47 21.15 -2.70
N THR A 36 -1.03 20.57 -1.67
CA THR A 36 -0.51 20.78 -0.30
C THR A 36 0.58 19.75 -0.02
N VAL A 37 0.91 18.94 -0.99
CA VAL A 37 1.97 17.93 -0.77
C VAL A 37 1.90 17.43 0.67
N LYS A 38 0.72 17.32 1.20
CA LYS A 38 0.56 16.80 2.57
C LYS A 38 -0.20 15.49 2.49
N SER A 39 0.10 14.70 1.50
CA SER A 39 -0.61 13.41 1.32
C SER A 39 0.07 12.62 0.20
N PHE A 40 -0.35 11.41 -0.07
CA PHE A 40 0.32 10.64 -1.16
C PHE A 40 -0.66 9.72 -1.89
N GLU A 41 -0.32 9.36 -3.11
CA GLU A 41 -1.20 8.47 -3.92
C GLU A 41 -0.36 7.70 -4.96
N TRP A 42 -0.37 6.40 -4.91
CA TRP A 42 0.39 5.60 -5.91
C TRP A 42 -0.58 4.65 -6.60
N GLY A 43 -0.19 3.97 -7.65
CA GLY A 43 -1.15 3.05 -8.32
C GLY A 43 -0.48 1.72 -8.66
N GLU A 44 -1.25 0.71 -8.95
CA GLU A 44 -0.66 -0.61 -9.29
C GLU A 44 -1.63 -1.40 -10.17
N ASP A 45 -1.11 -2.20 -11.03
CA ASP A 45 -1.95 -3.06 -11.90
C ASP A 45 -1.69 -4.50 -11.48
N LYS A 46 -2.68 -5.35 -11.45
CA LYS A 46 -2.41 -6.75 -11.00
C LYS A 46 -3.19 -7.73 -11.87
N GLU A 47 -2.51 -8.44 -12.72
CA GLU A 47 -3.19 -9.42 -13.62
C GLU A 47 -2.23 -10.56 -13.95
N SER A 48 -1.55 -11.09 -12.97
CA SER A 48 -0.61 -12.23 -13.23
C SER A 48 -0.62 -13.19 -12.04
N HIS A 49 -0.95 -14.43 -12.26
CA HIS A 49 -1.01 -15.42 -11.14
C HIS A 49 -2.14 -15.03 -10.19
N ASP A 50 -3.11 -15.88 -10.02
CA ASP A 50 -4.27 -15.56 -9.14
C ASP A 50 -3.81 -15.35 -7.69
N MET A 51 -2.75 -16.00 -7.29
CA MET A 51 -2.29 -15.88 -5.88
C MET A 51 -1.40 -14.65 -5.71
N LEU A 52 -0.59 -14.32 -6.68
CA LEU A 52 0.33 -13.16 -6.51
C LEU A 52 -0.45 -11.85 -6.75
N ARG A 53 -0.78 -11.57 -7.98
CA ARG A 53 -1.46 -10.29 -8.32
C ARG A 53 -2.93 -10.30 -7.85
N GLN A 54 -3.34 -11.33 -7.17
CA GLN A 54 -4.78 -11.41 -6.75
C GLN A 54 -5.69 -10.87 -7.86
N GLY A 55 -5.13 -10.58 -9.00
CA GLY A 55 -5.95 -10.09 -10.16
C GLY A 55 -6.86 -8.91 -9.78
N PHE A 56 -6.82 -8.42 -8.57
CA PHE A 56 -7.75 -7.29 -8.22
C PHE A 56 -7.87 -6.32 -9.39
N THR A 57 -6.87 -6.27 -10.23
CA THR A 57 -6.90 -5.32 -11.40
C THR A 57 -6.09 -4.07 -11.10
N HIS A 58 -6.46 -3.30 -10.10
CA HIS A 58 -5.69 -2.06 -9.82
C HIS A 58 -6.05 -1.53 -8.42
N ALA A 59 -5.14 -0.84 -7.79
CA ALA A 59 -5.40 -0.30 -6.44
C ALA A 59 -4.75 1.07 -6.30
N PHE A 60 -5.09 1.80 -5.28
CA PHE A 60 -4.48 3.14 -5.07
C PHE A 60 -4.10 3.27 -3.60
N SER A 61 -2.90 3.68 -3.32
CA SER A 61 -2.48 3.84 -1.90
C SER A 61 -2.62 5.32 -1.52
N MET A 62 -3.72 5.67 -0.90
CA MET A 62 -3.92 7.09 -0.51
C MET A 62 -3.54 7.31 0.95
N THR A 63 -2.56 8.14 1.16
CA THR A 63 -2.10 8.42 2.55
C THR A 63 -2.21 9.94 2.77
N PHE A 64 -2.55 10.38 3.96
CA PHE A 64 -2.67 11.84 4.20
C PHE A 64 -1.74 12.25 5.34
N GLU A 65 -1.40 13.52 5.41
CA GLU A 65 -0.52 13.97 6.53
C GLU A 65 -1.39 14.20 7.74
N ASN A 66 -2.62 14.61 7.51
CA ASN A 66 -3.56 14.86 8.62
C ASN A 66 -4.99 14.87 8.05
N LYS A 67 -5.98 14.86 8.89
CA LYS A 67 -7.39 14.86 8.41
C LYS A 67 -7.65 16.02 7.45
N ASP A 68 -6.87 17.07 7.50
CA ASP A 68 -7.11 18.24 6.61
C ASP A 68 -7.13 17.81 5.14
N GLY A 69 -6.25 16.94 4.75
CA GLY A 69 -6.25 16.49 3.33
C GLY A 69 -7.49 15.63 3.08
N TYR A 70 -7.85 14.83 4.04
CA TYR A 70 -9.05 13.95 3.89
C TYR A 70 -10.32 14.80 3.70
N VAL A 71 -10.51 15.83 4.48
CA VAL A 71 -11.75 16.67 4.28
C VAL A 71 -11.59 17.44 2.98
N ALA A 72 -10.39 17.75 2.59
CA ALA A 72 -10.16 18.52 1.34
C ALA A 72 -10.62 17.67 0.15
N PHE A 73 -10.01 16.53 -0.05
CA PHE A 73 -10.35 15.68 -1.22
C PHE A 73 -11.87 15.43 -1.30
N THR A 74 -12.53 15.26 -0.19
CA THR A 74 -14.00 14.99 -0.23
C THR A 74 -14.79 16.30 -0.31
N SER A 75 -14.30 17.35 0.32
CA SER A 75 -15.04 18.64 0.30
C SER A 75 -14.97 19.29 -1.09
N HIS A 76 -13.97 19.00 -1.87
CA HIS A 76 -13.87 19.63 -3.22
C HIS A 76 -14.77 18.87 -4.21
N PRO A 77 -15.71 19.55 -4.82
CA PRO A 77 -16.63 18.94 -5.82
C PRO A 77 -15.89 18.02 -6.80
N LEU A 78 -14.59 18.08 -6.84
CA LEU A 78 -13.79 17.23 -7.77
C LEU A 78 -13.96 15.74 -7.43
N HIS A 79 -14.24 15.41 -6.20
CA HIS A 79 -14.39 13.98 -5.83
C HIS A 79 -15.79 13.48 -6.19
N VAL A 80 -16.76 14.35 -6.16
CA VAL A 80 -18.15 13.94 -6.51
C VAL A 80 -18.20 13.42 -7.95
N GLU A 81 -17.84 14.26 -8.89
CA GLU A 81 -17.84 13.81 -10.31
C GLU A 81 -17.02 12.53 -10.45
N PHE A 82 -15.91 12.45 -9.76
CA PHE A 82 -15.07 11.21 -9.82
C PHE A 82 -15.83 10.04 -9.20
N SER A 83 -16.62 10.30 -8.18
CA SER A 83 -17.38 9.19 -7.54
C SER A 83 -18.32 8.53 -8.54
N ALA A 84 -19.01 9.31 -9.33
CA ALA A 84 -19.95 8.70 -10.32
C ALA A 84 -19.17 7.73 -11.19
N ALA A 85 -17.95 8.06 -11.51
CA ALA A 85 -17.13 7.15 -12.34
C ALA A 85 -16.73 5.94 -11.51
N PHE A 86 -16.39 6.15 -10.26
CA PHE A 86 -15.97 4.99 -9.42
C PHE A 86 -16.84 3.79 -9.79
N THR A 87 -18.11 4.01 -10.01
CA THR A 87 -18.99 2.88 -10.37
C THR A 87 -18.84 2.63 -11.87
N ALA A 88 -19.16 3.61 -12.66
CA ALA A 88 -19.06 3.46 -14.14
C ALA A 88 -17.69 2.87 -14.51
N VAL A 89 -16.79 2.80 -13.56
CA VAL A 89 -15.44 2.27 -13.88
C VAL A 89 -15.08 1.10 -12.95
N ILE A 90 -15.87 0.81 -11.96
CA ILE A 90 -15.53 -0.32 -11.05
C ILE A 90 -16.74 -1.23 -10.87
N ASP A 91 -16.51 -2.43 -10.39
CA ASP A 91 -17.60 -3.41 -10.16
C ASP A 91 -17.60 -3.80 -8.68
N LYS A 92 -16.46 -3.66 -8.05
CA LYS A 92 -16.33 -4.03 -6.61
C LYS A 92 -15.42 -2.99 -5.92
N ILE A 93 -15.75 -2.57 -4.72
CA ILE A 93 -14.89 -1.54 -4.05
C ILE A 93 -14.52 -2.01 -2.64
N VAL A 94 -13.24 -2.01 -2.33
CA VAL A 94 -12.77 -2.42 -0.96
C VAL A 94 -11.85 -1.32 -0.42
N LEU A 95 -12.03 -0.87 0.80
CA LEU A 95 -11.13 0.22 1.32
C LEU A 95 -10.69 -0.04 2.76
N LEU A 96 -9.41 0.11 3.02
CA LEU A 96 -8.88 -0.09 4.39
C LEU A 96 -8.31 1.24 4.92
N ASP A 97 -8.82 1.74 6.01
CA ASP A 97 -8.30 3.04 6.55
C ASP A 97 -7.81 2.82 7.99
N PHE A 98 -6.62 3.22 8.30
CA PHE A 98 -6.09 3.02 9.70
C PHE A 98 -4.84 3.87 9.92
N PRO A 99 -4.78 4.60 11.01
CA PRO A 99 -3.59 5.43 11.35
C PRO A 99 -2.27 4.67 11.19
N VAL A 100 -1.29 5.26 10.55
CA VAL A 100 0.01 4.55 10.37
C VAL A 100 1.12 5.33 11.08
N ALA A 101 2.03 4.64 11.70
CA ALA A 101 3.15 5.34 12.41
C ALA A 101 4.43 5.27 11.57
N ALA A 102 4.48 5.98 10.48
CA ALA A 102 5.70 5.97 9.64
C ALA A 102 6.90 6.40 10.47
N VAL A 103 7.47 5.49 11.21
CA VAL A 103 8.64 5.84 12.06
C VAL A 103 9.79 4.86 11.76
N LYS A 104 9.49 3.76 11.14
CA LYS A 104 10.56 2.77 10.81
C LYS A 104 11.46 2.59 12.03
N SER A 105 11.17 1.60 12.85
CA SER A 105 12.04 1.35 14.03
C SER A 105 13.42 0.93 13.55
N SER A 106 14.04 1.70 12.70
CA SER A 106 15.37 1.33 12.17
C SER A 106 16.44 1.77 13.15
N VAL A 107 16.19 1.64 14.43
CA VAL A 107 17.18 2.05 15.46
C VAL A 107 18.05 0.85 15.79
N VAL A 108 17.46 -0.30 15.97
CA VAL A 108 18.25 -1.51 16.31
C VAL A 108 17.62 -2.73 15.63
N ALA A 109 18.43 -3.62 15.14
CA ALA A 109 17.88 -4.83 14.48
C ALA A 109 18.21 -6.05 15.35
N THR A 110 17.22 -6.75 15.81
CA THR A 110 17.51 -7.94 16.67
C THR A 110 17.94 -9.11 15.78
N PRO A 111 18.72 -10.01 16.32
CA PRO A 111 19.20 -11.20 15.59
C PRO A 111 18.12 -12.28 15.44
N MET B 1 9.07 -3.56 -16.17
CA MET B 1 9.48 -2.26 -16.77
C MET B 1 10.44 -1.53 -15.84
N ALA B 2 10.14 -1.51 -14.57
CA ALA B 2 11.04 -0.81 -13.60
C ALA B 2 11.28 0.61 -14.07
N THR B 3 10.25 1.42 -14.09
CA THR B 3 10.41 2.84 -14.53
C THR B 3 10.60 3.73 -13.31
N SER B 4 10.67 3.13 -12.15
CA SER B 4 10.84 3.92 -10.91
C SER B 4 11.16 2.97 -9.77
N GLY B 5 10.15 2.49 -9.08
CA GLY B 5 10.41 1.56 -7.96
C GLY B 5 9.60 0.28 -8.15
N PHE B 6 9.88 -0.73 -7.38
CA PHE B 6 9.12 -2.00 -7.49
C PHE B 6 8.27 -2.17 -6.22
N LYS B 7 7.01 -2.48 -6.37
CA LYS B 7 6.15 -2.60 -5.15
C LYS B 7 5.84 -4.06 -4.80
N HIS B 8 6.03 -4.38 -3.55
CA HIS B 8 5.70 -5.73 -3.03
C HIS B 8 4.77 -5.51 -1.85
N LEU B 9 3.64 -6.15 -1.81
CA LEU B 9 2.73 -5.93 -0.66
C LEU B 9 2.18 -7.27 -0.19
N VAL B 10 2.02 -7.42 1.09
CA VAL B 10 1.51 -8.70 1.62
C VAL B 10 0.37 -8.43 2.60
N VAL B 11 -0.65 -9.24 2.59
CA VAL B 11 -1.77 -9.06 3.54
C VAL B 11 -1.93 -10.37 4.27
N VAL B 12 -2.04 -10.36 5.57
CA VAL B 12 -2.11 -11.66 6.28
C VAL B 12 -3.24 -11.72 7.30
N LYS B 13 -3.84 -12.87 7.40
CA LYS B 13 -4.92 -13.10 8.39
C LYS B 13 -4.34 -14.00 9.48
N PHE B 14 -4.83 -13.92 10.69
CA PHE B 14 -4.24 -14.76 11.78
C PHE B 14 -5.26 -15.80 12.29
N LYS B 15 -4.78 -16.93 12.74
CA LYS B 15 -5.68 -17.97 13.32
C LYS B 15 -5.20 -18.30 14.74
N GLU B 16 -3.94 -18.06 15.01
CA GLU B 16 -3.39 -18.34 16.36
C GLU B 16 -3.50 -17.05 17.17
N ASP B 17 -2.96 -15.99 16.62
CA ASP B 17 -2.99 -14.65 17.27
C ASP B 17 -1.73 -13.92 16.82
N THR B 18 -1.67 -13.59 15.56
CA THR B 18 -0.44 -12.95 15.01
C THR B 18 0.04 -11.77 15.85
N LYS B 19 1.10 -11.99 16.58
CA LYS B 19 1.69 -10.89 17.38
C LYS B 19 2.36 -9.96 16.37
N VAL B 20 1.60 -9.06 15.80
CA VAL B 20 2.17 -8.14 14.78
C VAL B 20 3.34 -7.33 15.37
N ASP B 21 3.23 -6.95 16.61
CA ASP B 21 4.33 -6.17 17.26
C ASP B 21 5.59 -7.03 17.39
N GLU B 22 5.46 -8.30 17.68
CA GLU B 22 6.68 -9.15 17.77
C GLU B 22 7.20 -9.32 16.34
N ILE B 23 6.30 -9.36 15.40
CA ILE B 23 6.70 -9.45 13.99
C ILE B 23 7.45 -8.17 13.66
N LEU B 24 6.92 -7.07 14.11
CA LEU B 24 7.58 -5.76 13.91
C LEU B 24 9.03 -5.85 14.39
N LYS B 25 9.28 -6.59 15.44
CA LYS B 25 10.69 -6.73 15.91
C LYS B 25 11.47 -7.39 14.79
N GLY B 26 10.84 -8.27 14.06
CA GLY B 26 11.53 -8.91 12.92
C GLY B 26 11.49 -7.95 11.73
N LEU B 27 10.36 -7.34 11.51
CA LEU B 27 10.23 -6.38 10.38
C LEU B 27 11.28 -5.28 10.55
N GLU B 28 11.25 -4.55 11.64
CA GLU B 28 12.26 -3.48 11.84
C GLU B 28 13.64 -4.11 11.63
N ASN B 29 13.85 -5.25 12.21
CA ASN B 29 15.14 -5.97 12.01
C ASN B 29 15.32 -6.20 10.50
N LEU B 30 14.26 -6.61 9.84
CA LEU B 30 14.31 -6.83 8.37
C LEU B 30 14.91 -5.59 7.72
N VAL B 31 14.48 -4.42 8.14
CA VAL B 31 15.06 -3.16 7.58
C VAL B 31 16.58 -3.22 7.69
N SER B 32 17.07 -4.02 8.60
CA SER B 32 18.55 -4.15 8.74
C SER B 32 19.17 -4.18 7.34
N GLN B 33 18.54 -4.83 6.41
CA GLN B 33 19.08 -4.87 5.02
C GLN B 33 18.80 -3.55 4.27
N ILE B 34 17.82 -2.77 4.66
CA ILE B 34 17.57 -1.50 3.90
C ILE B 34 18.52 -0.40 4.37
N ASP B 35 19.61 -0.76 4.98
CA ASP B 35 20.54 0.32 5.41
C ASP B 35 20.90 1.07 4.13
N THR B 36 20.44 0.53 3.03
CA THR B 36 20.68 1.16 1.72
C THR B 36 19.58 2.18 1.43
N VAL B 37 18.69 2.37 2.36
CA VAL B 37 17.61 3.37 2.15
C VAL B 37 17.21 3.36 0.68
N LYS B 38 17.23 2.21 0.06
CA LYS B 38 16.82 2.10 -1.37
C LYS B 38 15.58 1.23 -1.41
N SER B 39 14.70 1.41 -0.47
CA SER B 39 13.47 0.58 -0.42
C SER B 39 12.56 1.11 0.69
N PHE B 40 11.37 0.58 0.85
CA PHE B 40 10.48 1.10 1.91
C PHE B 40 9.60 0.01 2.51
N GLU B 41 9.13 0.23 3.73
CA GLU B 41 8.26 -0.78 4.41
C GLU B 41 7.37 -0.07 5.46
N TRP B 42 6.08 -0.19 5.32
CA TRP B 42 5.14 0.44 6.30
C TRP B 42 4.25 -0.66 6.86
N GLY B 43 3.48 -0.40 7.88
CA GLY B 43 2.59 -1.47 8.42
C GLY B 43 1.19 -0.94 8.70
N GLU B 44 0.24 -1.81 8.88
CA GLU B 44 -1.15 -1.36 9.16
C GLU B 44 -1.90 -2.44 9.91
N ASP B 45 -2.80 -2.05 10.76
CA ASP B 45 -3.63 -3.02 11.51
C ASP B 45 -5.06 -2.85 11.01
N LYS B 46 -5.82 -3.90 10.85
CA LYS B 46 -7.21 -3.71 10.33
C LYS B 46 -8.16 -4.63 11.07
N GLU B 47 -8.99 -4.07 11.92
CA GLU B 47 -9.96 -4.89 12.69
C GLU B 47 -11.21 -4.05 13.01
N SER B 48 -11.72 -3.34 12.04
CA SER B 48 -12.95 -2.53 12.27
C SER B 48 -13.83 -2.53 11.02
N HIS B 49 -15.05 -2.97 11.15
CA HIS B 49 -15.95 -3.04 9.96
C HIS B 49 -15.42 -4.06 8.96
N ASP B 50 -16.17 -5.08 8.68
CA ASP B 50 -15.69 -6.15 7.75
C ASP B 50 -15.43 -5.57 6.35
N MET B 51 -16.15 -4.55 5.97
CA MET B 51 -15.96 -3.98 4.60
C MET B 51 -14.81 -2.98 4.56
N LEU B 52 -14.61 -2.22 5.61
CA LEU B 52 -13.52 -1.19 5.58
C LEU B 52 -12.18 -1.88 5.86
N ARG B 53 -11.96 -2.28 7.09
CA ARG B 53 -10.64 -2.87 7.46
C ARG B 53 -10.49 -4.30 6.90
N GLN B 54 -11.44 -4.75 6.13
CA GLN B 54 -11.36 -6.15 5.61
C GLN B 54 -10.83 -7.09 6.70
N GLY B 55 -10.66 -6.59 7.89
CA GLY B 55 -10.16 -7.44 9.03
C GLY B 55 -8.90 -8.24 8.68
N PHE B 56 -8.34 -8.07 7.51
CA PHE B 56 -7.12 -8.88 7.17
C PHE B 56 -6.20 -9.00 8.39
N THR B 57 -6.30 -8.06 9.31
CA THR B 57 -5.43 -8.10 10.52
C THR B 57 -4.23 -7.15 10.37
N HIS B 58 -3.37 -7.40 9.42
CA HIS B 58 -2.18 -6.51 9.26
C HIS B 58 -1.54 -6.73 7.89
N ALA B 59 -0.90 -5.72 7.37
CA ALA B 59 -0.25 -5.85 6.04
C ALA B 59 1.06 -5.07 6.04
N PHE B 60 1.88 -5.29 5.06
CA PHE B 60 3.17 -4.55 4.97
C PHE B 60 3.38 -4.05 3.55
N SER B 61 3.70 -2.81 3.37
CA SER B 61 3.91 -2.27 2.00
C SER B 61 5.42 -2.28 1.72
N MET B 62 5.90 -3.29 1.06
CA MET B 62 7.35 -3.35 0.75
C MET B 62 7.64 -2.86 -0.66
N THR B 63 8.39 -1.80 -0.76
CA THR B 63 8.72 -1.23 -2.09
C THR B 63 10.25 -1.20 -2.21
N PHE B 64 10.79 -1.42 -3.38
CA PHE B 64 12.27 -1.40 -3.52
C PHE B 64 12.68 -0.36 -4.57
N GLU B 65 13.91 0.09 -4.53
CA GLU B 65 14.35 1.08 -5.56
C GLU B 65 14.74 0.31 -6.81
N ASN B 66 15.23 -0.89 -6.63
CA ASN B 66 15.63 -1.74 -7.77
C ASN B 66 15.72 -3.19 -7.29
N LYS B 67 15.86 -4.12 -8.20
CA LYS B 67 15.95 -5.55 -7.81
C LYS B 67 17.07 -5.78 -6.79
N ASP B 68 18.04 -4.91 -6.72
CA ASP B 68 19.18 -5.13 -5.77
C ASP B 68 18.65 -5.28 -4.33
N GLY B 69 17.69 -4.50 -3.95
CA GLY B 69 17.14 -4.64 -2.56
C GLY B 69 16.38 -5.95 -2.46
N TYR B 70 15.68 -6.32 -3.49
CA TYR B 70 14.90 -7.59 -3.48
C TYR B 70 15.84 -8.79 -3.31
N VAL B 71 16.93 -8.85 -4.04
CA VAL B 71 17.84 -10.02 -3.85
C VAL B 71 18.53 -9.90 -2.48
N ALA B 72 18.71 -8.70 -2.02
CA ALA B 72 19.38 -8.51 -0.69
C ALA B 72 18.49 -9.11 0.40
N PHE B 73 17.30 -8.60 0.57
CA PHE B 73 16.40 -9.10 1.65
C PHE B 73 16.29 -10.63 1.61
N THR B 74 16.24 -11.23 0.45
CA THR B 74 16.10 -12.71 0.37
C THR B 74 17.46 -13.40 0.50
N SER B 75 18.49 -12.78 -0.02
CA SER B 75 19.85 -13.41 0.05
C SER B 75 20.39 -13.39 1.48
N HIS B 76 19.97 -12.47 2.29
CA HIS B 76 20.50 -12.41 3.69
C HIS B 76 19.77 -13.44 4.56
N PRO B 77 20.48 -14.36 5.15
CA PRO B 77 19.88 -15.39 6.06
C PRO B 77 18.84 -14.81 7.02
N LEU B 78 18.80 -13.50 7.14
CA LEU B 78 17.81 -12.85 8.06
C LEU B 78 16.37 -13.11 7.61
N HIS B 79 16.15 -13.33 6.34
CA HIS B 79 14.76 -13.58 5.85
C HIS B 79 14.37 -15.03 6.08
N VAL B 80 15.31 -15.92 6.06
CA VAL B 80 15.00 -17.36 6.29
C VAL B 80 14.40 -17.55 7.69
N GLU B 81 15.13 -17.20 8.70
CA GLU B 81 14.60 -17.33 10.09
C GLU B 81 13.25 -16.62 10.18
N PHE B 82 13.11 -15.49 9.56
CA PHE B 82 11.82 -14.76 9.60
C PHE B 82 10.76 -15.56 8.85
N SER B 83 11.14 -16.25 7.80
CA SER B 83 10.14 -17.05 7.03
C SER B 83 9.51 -18.12 7.93
N ALA B 84 10.29 -18.80 8.72
CA ALA B 84 9.71 -19.84 9.61
C ALA B 84 8.61 -19.21 10.46
N ALA B 85 8.82 -17.99 10.87
CA ALA B 85 7.79 -17.31 11.70
C ALA B 85 6.60 -16.95 10.80
N PHE B 86 6.86 -16.50 9.60
CA PHE B 86 5.74 -16.13 8.71
C PHE B 86 4.59 -17.11 8.93
N THR B 87 4.90 -18.38 9.08
CA THR B 87 3.83 -19.36 9.31
C THR B 87 3.48 -19.34 10.79
N ALA B 88 4.44 -19.64 11.63
CA ALA B 88 4.18 -19.65 13.09
C ALA B 88 3.45 -18.37 13.50
N VAL B 89 3.35 -17.41 12.63
CA VAL B 89 2.70 -16.13 12.99
C VAL B 89 1.56 -15.80 12.00
N ILE B 90 1.41 -16.55 10.94
CA ILE B 90 0.31 -16.24 9.98
C ILE B 90 -0.48 -17.51 9.65
N ASP B 91 -1.66 -17.33 9.12
CA ASP B 91 -2.53 -18.48 8.75
C ASP B 91 -2.82 -18.42 7.25
N LYS B 92 -2.74 -17.23 6.70
CA LYS B 92 -3.03 -17.02 5.25
C LYS B 92 -2.02 -15.99 4.70
N ILE B 93 -1.50 -16.20 3.51
CA ILE B 93 -0.51 -15.21 2.97
C ILE B 93 -0.93 -14.79 1.55
N VAL B 94 -1.01 -13.49 1.34
CA VAL B 94 -1.37 -12.96 -0.03
C VAL B 94 -0.32 -11.92 -0.44
N LEU B 95 0.22 -11.98 -1.64
CA LEU B 95 1.26 -10.96 -2.01
C LEU B 95 1.06 -10.44 -3.44
N LEU B 96 1.11 -9.14 -3.60
CA LEU B 96 0.96 -8.53 -4.95
C LEU B 96 2.27 -7.82 -5.34
N ASP B 97 2.87 -8.21 -6.43
CA ASP B 97 4.15 -7.55 -6.84
C ASP B 97 3.99 -6.98 -8.27
N PHE B 98 4.30 -5.74 -8.47
CA PHE B 98 4.15 -5.13 -9.83
C PHE B 98 4.90 -3.80 -9.92
N PRO B 99 5.69 -3.61 -10.95
CA PRO B 99 6.44 -2.34 -11.15
C PRO B 99 5.55 -1.11 -10.96
N VAL B 100 6.01 -0.12 -10.22
CA VAL B 100 5.19 1.10 -10.00
C VAL B 100 5.92 2.31 -10.58
N ALA B 101 5.19 3.21 -11.19
CA ALA B 101 5.83 4.42 -11.79
C ALA B 101 5.59 5.63 -10.86
N ALA B 102 6.23 5.66 -9.73
CA ALA B 102 6.07 6.82 -8.81
C ALA B 102 6.44 8.11 -9.54
N VAL B 103 5.53 8.66 -10.30
CA VAL B 103 5.84 9.91 -11.05
C VAL B 103 4.75 10.94 -10.75
N LYS B 104 3.64 10.51 -10.22
CA LYS B 104 2.54 11.48 -9.90
C LYS B 104 2.36 12.44 -11.06
N SER B 105 1.46 12.13 -11.96
CA SER B 105 1.21 13.05 -13.10
C SER B 105 0.63 14.36 -12.56
N SER B 106 1.30 14.97 -11.62
CA SER B 106 0.78 16.24 -11.05
C SER B 106 1.20 17.41 -11.93
N VAL B 107 1.16 17.23 -13.22
CA VAL B 107 1.56 18.32 -14.15
C VAL B 107 0.31 19.12 -14.51
N VAL B 108 -0.77 18.44 -14.80
CA VAL B 108 -2.03 19.15 -15.18
C VAL B 108 -3.23 18.39 -14.63
N ALA B 109 -4.21 19.08 -14.15
CA ALA B 109 -5.41 18.39 -13.61
C ALA B 109 -6.59 18.68 -14.54
N THR B 110 -7.18 17.67 -15.12
CA THR B 110 -8.32 17.92 -16.03
C THR B 110 -9.59 18.19 -15.20
N PRO B 111 -10.51 18.93 -15.75
CA PRO B 111 -11.79 19.26 -15.07
C PRO B 111 -12.78 18.09 -15.07
N MET A 1 -7.04 6.97 15.37
CA MET A 1 -6.30 7.91 16.27
C MET A 1 -5.50 8.90 15.43
N ALA A 2 -5.29 8.59 14.17
CA ALA A 2 -4.50 9.51 13.30
C ALA A 2 -3.23 9.95 14.04
N THR A 3 -2.37 9.02 14.35
CA THR A 3 -1.11 9.37 15.07
C THR A 3 -0.23 10.21 14.15
N SER A 4 0.01 9.73 12.96
CA SER A 4 0.85 10.49 11.99
C SER A 4 0.24 10.34 10.61
N GLY A 5 0.95 9.75 9.70
CA GLY A 5 0.40 9.59 8.33
C GLY A 5 -0.91 8.78 8.39
N PHE A 6 -1.87 9.12 7.58
CA PHE A 6 -3.15 8.36 7.57
C PHE A 6 -3.26 7.65 6.22
N LYS A 7 -3.52 6.37 6.21
CA LYS A 7 -3.58 5.64 4.91
C LYS A 7 -4.99 5.20 4.54
N HIS A 8 -5.33 5.36 3.29
CA HIS A 8 -6.62 4.87 2.76
C HIS A 8 -6.29 4.06 1.51
N LEU A 9 -6.80 2.88 1.39
CA LEU A 9 -6.46 2.06 0.19
C LEU A 9 -7.71 1.42 -0.36
N VAL A 10 -7.81 1.32 -1.66
CA VAL A 10 -9.01 0.72 -2.26
C VAL A 10 -8.59 -0.37 -3.25
N VAL A 11 -9.28 -1.49 -3.25
CA VAL A 11 -8.94 -2.56 -4.21
C VAL A 11 -10.19 -2.81 -5.04
N VAL A 12 -10.09 -2.84 -6.33
CA VAL A 12 -11.33 -3.01 -7.12
C VAL A 12 -11.17 -4.01 -8.27
N LYS A 13 -12.29 -4.42 -8.81
CA LYS A 13 -12.31 -5.34 -9.98
C LYS A 13 -13.25 -4.73 -11.01
N PHE A 14 -13.03 -4.98 -12.27
CA PHE A 14 -13.91 -4.36 -13.31
C PHE A 14 -14.84 -5.40 -13.97
N LYS A 15 -16.00 -4.98 -14.41
CA LYS A 15 -16.93 -5.90 -15.11
C LYS A 15 -17.25 -5.30 -16.49
N GLU A 16 -17.09 -4.02 -16.64
CA GLU A 16 -17.35 -3.38 -17.96
C GLU A 16 -16.02 -3.37 -18.73
N ASP A 17 -15.02 -2.83 -18.09
CA ASP A 17 -13.65 -2.76 -18.70
C ASP A 17 -13.00 -1.50 -18.14
N THR A 18 -12.68 -1.53 -16.87
CA THR A 18 -12.09 -0.32 -16.22
C THR A 18 -10.83 0.18 -16.92
N LYS A 19 -10.94 1.29 -17.57
CA LYS A 19 -9.76 1.91 -18.22
C LYS A 19 -9.00 2.62 -17.10
N VAL A 20 -8.08 1.95 -16.48
CA VAL A 20 -7.32 2.57 -15.35
C VAL A 20 -6.55 3.79 -15.84
N ASP A 21 -6.09 3.76 -17.05
CA ASP A 21 -5.33 4.93 -17.60
C ASP A 21 -6.27 6.14 -17.78
N GLU A 22 -7.46 5.92 -18.27
CA GLU A 22 -8.40 7.08 -18.42
C GLU A 22 -8.75 7.55 -17.01
N ILE A 23 -8.70 6.64 -16.08
CA ILE A 23 -8.96 7.01 -14.67
C ILE A 23 -7.72 7.75 -14.18
N LEU A 24 -6.57 7.27 -14.59
CA LEU A 24 -5.30 7.90 -14.18
C LEU A 24 -5.30 9.38 -14.61
N LYS A 25 -5.81 9.66 -15.79
CA LYS A 25 -5.83 11.09 -16.24
C LYS A 25 -6.67 11.87 -15.23
N GLY A 26 -7.57 11.19 -14.57
CA GLY A 26 -8.38 11.87 -13.53
C GLY A 26 -7.54 11.91 -12.25
N LEU A 27 -6.92 10.82 -11.91
CA LEU A 27 -6.08 10.78 -10.67
C LEU A 27 -5.15 11.99 -10.69
N GLU A 28 -4.42 12.21 -11.75
CA GLU A 28 -3.49 13.38 -11.79
C GLU A 28 -4.31 14.61 -11.45
N ASN A 29 -5.49 14.72 -12.00
CA ASN A 29 -6.38 15.86 -11.68
C ASN A 29 -6.61 15.85 -10.16
N LEU A 30 -6.85 14.69 -9.61
CA LEU A 30 -7.01 14.57 -8.13
C LEU A 30 -5.88 15.34 -7.45
N VAL A 31 -4.67 15.16 -7.92
CA VAL A 31 -3.52 15.91 -7.32
C VAL A 31 -3.86 17.39 -7.27
N SER A 32 -4.76 17.82 -8.11
CA SER A 32 -5.16 19.24 -8.10
C SER A 32 -5.33 19.70 -6.65
N GLN A 33 -6.01 18.91 -5.86
CA GLN A 33 -6.19 19.26 -4.42
C GLN A 33 -4.89 19.02 -3.62
N ILE A 34 -3.96 18.23 -4.08
CA ILE A 34 -2.73 18.00 -3.27
C ILE A 34 -1.73 19.13 -3.50
N ASP A 35 -2.17 20.27 -3.94
CA ASP A 35 -1.21 21.38 -4.12
C ASP A 35 -0.62 21.61 -2.73
N THR A 36 -1.19 20.96 -1.75
CA THR A 36 -0.73 21.09 -0.36
C THR A 36 0.46 20.14 -0.15
N VAL A 37 0.83 19.41 -1.16
CA VAL A 37 1.97 18.47 -1.01
C VAL A 37 1.96 17.88 0.40
N LYS A 38 0.79 17.74 0.96
CA LYS A 38 0.69 17.16 2.33
C LYS A 38 -0.11 15.87 2.22
N SER A 39 0.15 15.10 1.19
CA SER A 39 -0.59 13.84 0.99
C SER A 39 0.04 13.08 -0.19
N PHE A 40 -0.40 11.87 -0.46
CA PHE A 40 0.21 11.13 -1.59
C PHE A 40 -0.78 10.18 -2.27
N GLU A 41 -0.49 9.82 -3.50
CA GLU A 41 -1.39 8.90 -4.26
C GLU A 41 -0.59 8.12 -5.32
N TRP A 42 -0.59 6.82 -5.25
CA TRP A 42 0.13 6.01 -6.27
C TRP A 42 -0.86 5.04 -6.90
N GLY A 43 -0.52 4.41 -7.98
CA GLY A 43 -1.50 3.45 -8.59
C GLY A 43 -0.87 2.07 -8.78
N GLU A 44 -1.67 1.05 -8.88
CA GLU A 44 -1.13 -0.33 -9.04
C GLU A 44 -2.10 -1.16 -9.87
N ASP A 45 -1.57 -1.91 -10.79
CA ASP A 45 -2.41 -2.82 -11.61
C ASP A 45 -2.05 -4.25 -11.20
N LYS A 46 -2.98 -5.14 -11.10
CA LYS A 46 -2.63 -6.52 -10.67
C LYS A 46 -3.47 -7.55 -11.42
N GLU A 47 -2.83 -8.38 -12.20
CA GLU A 47 -3.58 -9.42 -12.98
C GLU A 47 -2.65 -10.62 -13.24
N SER A 48 -1.37 -10.45 -13.05
CA SER A 48 -0.42 -11.57 -13.30
C SER A 48 -0.61 -12.67 -12.24
N HIS A 49 -0.92 -13.87 -12.65
CA HIS A 49 -1.10 -14.98 -11.67
C HIS A 49 -2.22 -14.62 -10.69
N ASP A 50 -3.20 -15.49 -10.55
CA ASP A 50 -4.33 -15.20 -9.64
C ASP A 50 -3.87 -15.16 -8.17
N MET A 51 -2.92 -15.99 -7.82
CA MET A 51 -2.46 -16.03 -6.40
C MET A 51 -1.53 -14.85 -6.10
N LEU A 52 -0.69 -14.45 -7.02
CA LEU A 52 0.22 -13.31 -6.73
C LEU A 52 -0.55 -11.99 -6.88
N ARG A 53 -0.89 -11.62 -8.08
CA ARG A 53 -1.59 -10.33 -8.32
C ARG A 53 -3.04 -10.40 -7.84
N GLN A 54 -3.40 -11.41 -7.09
CA GLN A 54 -4.80 -11.51 -6.58
C GLN A 54 -5.80 -11.33 -7.74
N GLY A 55 -5.30 -11.28 -8.95
CA GLY A 55 -6.19 -11.16 -10.15
C GLY A 55 -7.12 -9.94 -10.08
N PHE A 56 -7.07 -9.15 -9.04
CA PHE A 56 -7.98 -7.96 -8.99
C PHE A 56 -7.82 -7.12 -10.27
N THR A 57 -7.87 -5.82 -10.15
CA THR A 57 -7.74 -4.93 -11.35
C THR A 57 -6.81 -3.76 -11.07
N HIS A 58 -6.99 -3.08 -9.96
CA HIS A 58 -6.09 -1.93 -9.66
C HIS A 58 -6.36 -1.41 -8.25
N ALA A 59 -5.42 -0.69 -7.68
CA ALA A 59 -5.63 -0.15 -6.31
C ALA A 59 -5.03 1.26 -6.24
N PHE A 60 -5.40 2.01 -5.25
CA PHE A 60 -4.85 3.38 -5.10
C PHE A 60 -4.42 3.59 -3.64
N SER A 61 -3.23 4.05 -3.43
CA SER A 61 -2.76 4.25 -2.03
C SER A 61 -2.83 5.75 -1.71
N MET A 62 -3.88 6.17 -1.05
CA MET A 62 -3.99 7.61 -0.69
C MET A 62 -3.54 7.84 0.75
N THR A 63 -2.53 8.65 0.90
CA THR A 63 -2.00 8.93 2.27
C THR A 63 -2.16 10.44 2.52
N PHE A 64 -2.51 10.84 3.70
CA PHE A 64 -2.67 12.30 3.97
C PHE A 64 -1.81 12.71 5.17
N GLU A 65 -0.95 13.69 5.01
CA GLU A 65 -0.10 14.11 6.15
C GLU A 65 -1.01 14.33 7.36
N ASN A 66 -2.21 14.76 7.10
CA ASN A 66 -3.18 15.02 8.19
C ASN A 66 -4.60 14.92 7.62
N LYS A 67 -5.58 14.76 8.45
CA LYS A 67 -6.98 14.64 7.95
C LYS A 67 -7.41 15.90 7.19
N ASP A 68 -6.77 17.02 7.41
CA ASP A 68 -7.19 18.27 6.71
C ASP A 68 -7.17 18.07 5.19
N GLY A 69 -6.23 17.31 4.69
CA GLY A 69 -6.20 17.08 3.21
C GLY A 69 -7.35 16.15 2.84
N TYR A 70 -7.71 15.26 3.71
CA TYR A 70 -8.83 14.31 3.42
C TYR A 70 -10.16 15.06 3.35
N VAL A 71 -10.44 15.96 4.25
CA VAL A 71 -11.74 16.69 4.17
C VAL A 71 -11.69 17.65 2.98
N ALA A 72 -10.52 18.12 2.63
CA ALA A 72 -10.41 19.05 1.48
C ALA A 72 -10.81 18.33 0.19
N PHE A 73 -10.09 17.28 -0.15
CA PHE A 73 -10.40 16.55 -1.41
C PHE A 73 -11.86 16.06 -1.43
N THR A 74 -12.26 15.25 -0.50
CA THR A 74 -13.66 14.74 -0.50
C THR A 74 -14.65 15.91 -0.59
N SER A 75 -14.32 17.03 0.02
CA SER A 75 -15.26 18.19 -0.01
C SER A 75 -15.20 18.92 -1.36
N HIS A 76 -14.18 18.68 -2.15
CA HIS A 76 -14.09 19.38 -3.46
C HIS A 76 -15.01 18.70 -4.49
N PRO A 77 -15.80 19.47 -5.19
CA PRO A 77 -16.72 18.92 -6.24
C PRO A 77 -16.06 17.82 -7.10
N LEU A 78 -14.76 17.69 -7.00
CA LEU A 78 -14.04 16.64 -7.80
C LEU A 78 -14.28 15.24 -7.22
N HIS A 79 -14.54 15.13 -5.96
CA HIS A 79 -14.72 13.79 -5.34
C HIS A 79 -16.13 13.25 -5.64
N VAL A 80 -17.13 14.08 -5.50
CA VAL A 80 -18.51 13.61 -5.77
C VAL A 80 -18.64 13.14 -7.20
N GLU A 81 -18.35 13.99 -8.16
CA GLU A 81 -18.41 13.56 -9.58
C GLU A 81 -17.62 12.27 -9.77
N PHE A 82 -16.53 12.13 -9.07
CA PHE A 82 -15.73 10.87 -9.19
C PHE A 82 -16.52 9.70 -8.61
N SER A 83 -17.33 9.95 -7.62
CA SER A 83 -18.13 8.84 -7.01
C SER A 83 -19.04 8.20 -8.06
N ALA A 84 -19.70 9.00 -8.86
CA ALA A 84 -20.59 8.41 -9.91
C ALA A 84 -19.77 7.52 -10.82
N ALA A 85 -18.53 7.89 -11.05
CA ALA A 85 -17.67 7.07 -11.93
C ALA A 85 -17.15 5.87 -11.13
N PHE A 86 -16.68 6.08 -9.94
CA PHE A 86 -16.15 4.94 -9.14
C PHE A 86 -17.04 3.73 -9.40
N THR A 87 -18.33 3.93 -9.46
CA THR A 87 -19.23 2.79 -9.71
C THR A 87 -19.26 2.52 -11.20
N ALA A 88 -19.72 3.47 -11.96
CA ALA A 88 -19.79 3.29 -13.44
C ALA A 88 -18.48 2.70 -13.96
N VAL A 89 -17.44 2.75 -13.17
CA VAL A 89 -16.13 2.22 -13.64
C VAL A 89 -15.67 1.05 -12.77
N ILE A 90 -16.41 0.67 -11.77
CA ILE A 90 -15.98 -0.48 -10.92
C ILE A 90 -17.14 -1.44 -10.70
N ASP A 91 -16.83 -2.63 -10.27
CA ASP A 91 -17.88 -3.67 -10.01
C ASP A 91 -17.75 -4.15 -8.56
N LYS A 92 -16.57 -4.04 -8.02
CA LYS A 92 -16.31 -4.47 -6.61
C LYS A 92 -15.50 -3.37 -5.90
N ILE A 93 -15.90 -2.96 -4.73
CA ILE A 93 -15.14 -1.88 -4.02
C ILE A 93 -14.76 -2.35 -2.61
N VAL A 94 -13.48 -2.29 -2.30
CA VAL A 94 -13.01 -2.67 -0.93
C VAL A 94 -12.05 -1.58 -0.42
N LEU A 95 -12.19 -1.13 0.81
CA LEU A 95 -11.28 -0.03 1.29
C LEU A 95 -10.76 -0.29 2.70
N LEU A 96 -9.46 -0.15 2.88
CA LEU A 96 -8.85 -0.34 4.22
C LEU A 96 -8.24 0.99 4.70
N ASP A 97 -8.66 1.49 5.83
CA ASP A 97 -8.08 2.77 6.34
C ASP A 97 -7.56 2.55 7.77
N PHE A 98 -6.37 2.99 8.06
CA PHE A 98 -5.82 2.81 9.43
C PHE A 98 -4.68 3.80 9.69
N PRO A 99 -4.73 4.53 10.78
CA PRO A 99 -3.64 5.48 11.15
C PRO A 99 -2.25 4.87 10.98
N VAL A 100 -1.35 5.58 10.35
CA VAL A 100 0.01 5.03 10.14
C VAL A 100 1.04 5.86 10.93
N ALA A 101 1.94 5.20 11.61
CA ALA A 101 2.98 5.96 12.38
C ALA A 101 4.33 5.83 11.68
N ALA A 102 4.63 6.72 10.76
CA ALA A 102 5.94 6.63 10.05
C ALA A 102 7.08 6.70 11.07
N VAL A 103 7.29 5.63 11.80
CA VAL A 103 8.37 5.63 12.82
C VAL A 103 8.72 4.18 13.17
N LYS A 104 9.77 3.66 12.60
CA LYS A 104 10.16 2.26 12.90
C LYS A 104 11.26 2.24 13.96
N SER A 105 11.59 3.39 14.50
CA SER A 105 12.67 3.43 15.53
C SER A 105 13.99 2.99 14.92
N SER A 106 14.00 1.85 14.29
CA SER A 106 15.25 1.35 13.67
C SER A 106 16.41 1.51 14.66
N VAL A 107 16.19 1.13 15.88
CA VAL A 107 17.26 1.26 16.91
C VAL A 107 18.15 0.02 16.84
N VAL A 108 17.56 -1.13 16.67
CA VAL A 108 18.36 -2.38 16.59
C VAL A 108 18.26 -2.97 15.18
N ALA A 109 18.49 -2.15 14.19
CA ALA A 109 18.41 -2.66 12.79
C ALA A 109 19.69 -3.44 12.49
N THR A 110 19.74 -4.69 12.86
CA THR A 110 20.98 -5.49 12.60
C THR A 110 20.59 -6.91 12.22
N PRO A 111 21.50 -7.63 11.60
CA PRO A 111 21.27 -9.03 11.18
C PRO A 111 21.35 -10.01 12.35
N MET B 1 8.52 -5.35 -15.27
CA MET B 1 9.45 -4.48 -16.04
C MET B 1 10.31 -3.66 -15.09
N ALA B 2 9.90 -3.57 -13.85
CA ALA B 2 10.69 -2.77 -12.87
C ALA B 2 11.07 -1.42 -13.48
N THR B 3 10.09 -0.61 -13.80
CA THR B 3 10.38 0.71 -14.42
C THR B 3 11.08 1.59 -13.38
N SER B 4 10.51 1.71 -12.22
CA SER B 4 11.13 2.53 -11.15
C SER B 4 10.94 1.83 -9.81
N GLY B 5 10.23 2.42 -8.90
CA GLY B 5 10.03 1.75 -7.59
C GLY B 5 9.34 0.41 -7.80
N PHE B 6 9.72 -0.58 -7.03
CA PHE B 6 9.07 -1.91 -7.14
C PHE B 6 8.29 -2.18 -5.86
N LYS B 7 7.04 -2.54 -5.96
CA LYS B 7 6.22 -2.76 -4.72
C LYS B 7 5.90 -4.22 -4.48
N HIS B 8 5.99 -4.63 -3.25
CA HIS B 8 5.60 -6.00 -2.83
C HIS B 8 4.68 -5.82 -1.62
N LEU B 9 3.53 -6.42 -1.61
CA LEU B 9 2.62 -6.23 -0.46
C LEU B 9 2.05 -7.57 -0.03
N VAL B 10 1.88 -7.77 1.24
CA VAL B 10 1.34 -9.07 1.72
C VAL B 10 0.16 -8.80 2.66
N VAL B 11 -0.88 -9.57 2.54
CA VAL B 11 -2.05 -9.38 3.45
C VAL B 11 -2.23 -10.71 4.17
N VAL B 12 -2.36 -10.70 5.47
CA VAL B 12 -2.48 -12.01 6.16
C VAL B 12 -3.54 -12.01 7.24
N LYS B 13 -3.89 -13.20 7.67
CA LYS B 13 -4.89 -13.37 8.77
C LYS B 13 -4.27 -14.33 9.79
N PHE B 14 -4.62 -14.22 11.04
CA PHE B 14 -4.00 -15.11 12.06
C PHE B 14 -4.99 -16.15 12.58
N LYS B 15 -4.49 -17.31 12.98
CA LYS B 15 -5.37 -18.36 13.55
C LYS B 15 -4.85 -18.73 14.95
N GLU B 16 -3.59 -18.48 15.19
CA GLU B 16 -3.01 -18.78 16.53
C GLU B 16 -3.17 -17.52 17.38
N ASP B 17 -2.68 -16.42 16.86
CA ASP B 17 -2.77 -15.11 17.55
C ASP B 17 -1.54 -14.31 17.12
N THR B 18 -1.50 -13.90 15.87
CA THR B 18 -0.31 -13.18 15.35
C THR B 18 0.03 -11.93 16.17
N LYS B 19 1.10 -11.99 16.88
CA LYS B 19 1.56 -10.81 17.65
C LYS B 19 2.29 -9.93 16.63
N VAL B 20 1.58 -9.02 16.03
CA VAL B 20 2.21 -8.14 14.99
C VAL B 20 3.33 -7.31 15.61
N ASP B 21 3.18 -6.93 16.85
CA ASP B 21 4.24 -6.13 17.52
C ASP B 21 5.50 -6.98 17.73
N GLU B 22 5.36 -8.21 18.12
CA GLU B 22 6.57 -9.06 18.29
C GLU B 22 7.16 -9.26 16.90
N ILE B 23 6.33 -9.22 15.91
CA ILE B 23 6.80 -9.36 14.51
C ILE B 23 7.46 -8.03 14.15
N LEU B 24 6.86 -6.96 14.61
CA LEU B 24 7.41 -5.61 14.33
C LEU B 24 8.84 -5.53 14.87
N LYS B 25 9.10 -6.09 16.02
CA LYS B 25 10.49 -6.03 16.56
C LYS B 25 11.40 -6.72 15.56
N GLY B 26 10.85 -7.64 14.80
CA GLY B 26 11.65 -8.30 13.75
C GLY B 26 11.71 -7.38 12.54
N LEU B 27 10.59 -6.83 12.16
CA LEU B 27 10.56 -5.92 11.00
C LEU B 27 11.69 -4.89 11.14
N GLU B 28 11.77 -4.22 12.27
CA GLU B 28 12.85 -3.21 12.44
C GLU B 28 14.17 -3.90 12.14
N ASN B 29 14.33 -5.10 12.63
CA ASN B 29 15.57 -5.87 12.32
C ASN B 29 15.68 -5.99 10.80
N LEU B 30 14.58 -6.28 10.15
CA LEU B 30 14.57 -6.35 8.66
C LEU B 30 15.28 -5.12 8.11
N VAL B 31 14.98 -3.96 8.64
CA VAL B 31 15.65 -2.71 8.17
C VAL B 31 17.16 -2.93 8.20
N SER B 32 17.61 -3.85 9.02
CA SER B 32 19.07 -4.13 9.08
C SER B 32 19.62 -4.17 7.65
N GLN B 33 18.94 -4.84 6.76
CA GLN B 33 19.39 -4.89 5.34
C GLN B 33 19.11 -3.57 4.62
N ILE B 34 18.20 -2.74 5.09
CA ILE B 34 17.93 -1.47 4.34
C ILE B 34 18.95 -0.41 4.71
N ASP B 35 20.10 -0.78 5.19
CA ASP B 35 21.10 0.26 5.51
C ASP B 35 21.37 0.95 4.18
N THR B 36 20.84 0.40 3.13
CA THR B 36 21.00 0.98 1.78
C THR B 36 19.97 2.09 1.59
N VAL B 37 19.15 2.33 2.57
CA VAL B 37 18.13 3.39 2.42
C VAL B 37 17.64 3.43 0.98
N LYS B 38 17.63 2.31 0.33
CA LYS B 38 17.15 2.25 -1.07
C LYS B 38 15.93 1.34 -1.10
N SER B 39 15.09 1.47 -0.12
CA SER B 39 13.88 0.61 -0.06
C SER B 39 12.99 1.08 1.10
N PHE B 40 11.81 0.53 1.25
CA PHE B 40 10.95 1.02 2.38
C PHE B 40 10.05 -0.10 2.92
N GLU B 41 9.58 0.06 4.13
CA GLU B 41 8.69 -0.95 4.77
C GLU B 41 7.79 -0.29 5.83
N TRP B 42 6.49 -0.40 5.67
CA TRP B 42 5.56 0.19 6.67
C TRP B 42 4.65 -0.92 7.16
N GLY B 43 3.92 -0.72 8.22
CA GLY B 43 3.01 -1.81 8.70
C GLY B 43 1.57 -1.31 8.83
N GLU B 44 0.62 -2.20 8.80
CA GLU B 44 -0.80 -1.77 8.91
C GLU B 44 -1.60 -2.87 9.62
N ASP B 45 -2.45 -2.47 10.51
CA ASP B 45 -3.34 -3.43 11.22
C ASP B 45 -4.76 -3.16 10.72
N LYS B 46 -5.57 -4.15 10.51
CA LYS B 46 -6.94 -3.88 10.00
C LYS B 46 -7.94 -4.85 10.63
N GLU B 47 -8.88 -4.34 11.38
CA GLU B 47 -9.88 -5.22 12.03
C GLU B 47 -11.18 -4.43 12.27
N SER B 48 -11.11 -3.13 12.17
CA SER B 48 -12.33 -2.29 12.42
C SER B 48 -13.33 -2.49 11.27
N HIS B 49 -14.52 -2.92 11.57
CA HIS B 49 -15.54 -3.12 10.51
C HIS B 49 -15.03 -4.15 9.49
N ASP B 50 -15.79 -5.17 9.23
CA ASP B 50 -15.35 -6.22 8.26
C ASP B 50 -15.27 -5.65 6.84
N MET B 51 -16.15 -4.74 6.49
CA MET B 51 -16.14 -4.19 5.10
C MET B 51 -15.01 -3.15 4.94
N LEU B 52 -14.76 -2.35 5.94
CA LEU B 52 -13.68 -1.33 5.80
C LEU B 52 -12.31 -2.00 5.99
N ARG B 53 -12.00 -2.39 7.18
CA ARG B 53 -10.67 -3.00 7.47
C ARG B 53 -10.58 -4.41 6.88
N GLN B 54 -11.50 -4.80 6.05
CA GLN B 54 -11.45 -6.16 5.45
C GLN B 54 -11.27 -7.22 6.55
N GLY B 55 -11.34 -6.81 7.79
CA GLY B 55 -11.22 -7.77 8.93
C GLY B 55 -9.91 -8.59 8.89
N PHE B 56 -9.06 -8.40 7.92
CA PHE B 56 -7.81 -9.20 7.89
C PHE B 56 -7.07 -9.07 9.23
N THR B 57 -5.76 -9.01 9.20
CA THR B 57 -4.97 -8.89 10.46
C THR B 57 -3.86 -7.84 10.32
N HIS B 58 -3.10 -7.89 9.25
CA HIS B 58 -2.02 -6.88 9.09
C HIS B 58 -1.38 -7.02 7.70
N ALA B 59 -0.71 -5.99 7.25
CA ALA B 59 -0.06 -6.04 5.92
C ALA B 59 1.30 -5.33 5.98
N PHE B 60 2.13 -5.57 5.02
CA PHE B 60 3.45 -4.90 5.00
C PHE B 60 3.72 -4.36 3.59
N SER B 61 4.08 -3.12 3.49
CA SER B 61 4.34 -2.53 2.13
C SER B 61 5.85 -2.47 1.93
N MET B 62 6.41 -3.41 1.22
CA MET B 62 7.86 -3.39 0.97
C MET B 62 8.16 -2.83 -0.42
N THR B 63 8.88 -1.76 -0.46
CA THR B 63 9.20 -1.10 -1.76
C THR B 63 10.73 -1.11 -1.91
N PHE B 64 11.24 -1.35 -3.09
CA PHE B 64 12.72 -1.37 -3.27
C PHE B 64 13.12 -0.40 -4.38
N GLU B 65 14.02 0.51 -4.10
CA GLU B 65 14.44 1.49 -5.15
C GLU B 65 14.81 0.68 -6.39
N ASN B 66 15.32 -0.50 -6.18
CA ASN B 66 15.73 -1.37 -7.31
C ASN B 66 15.72 -2.83 -6.84
N LYS B 67 15.70 -3.75 -7.74
CA LYS B 67 15.66 -5.20 -7.35
C LYS B 67 16.91 -5.57 -6.53
N ASP B 68 17.98 -4.82 -6.63
CA ASP B 68 19.20 -5.19 -5.87
C ASP B 68 18.91 -5.29 -4.37
N GLY B 69 18.04 -4.46 -3.85
CA GLY B 69 17.72 -4.55 -2.40
C GLY B 69 16.87 -5.81 -2.17
N TYR B 70 16.07 -6.16 -3.13
CA TYR B 70 15.21 -7.37 -2.98
C TYR B 70 16.06 -8.65 -2.93
N VAL B 71 17.04 -8.79 -3.79
CA VAL B 71 17.88 -10.02 -3.74
C VAL B 71 18.75 -9.98 -2.48
N ALA B 72 19.09 -8.81 -2.03
CA ALA B 72 19.93 -8.69 -0.82
C ALA B 72 19.17 -9.23 0.39
N PHE B 73 18.04 -8.63 0.71
CA PHE B 73 17.26 -9.08 1.89
C PHE B 73 16.90 -10.57 1.79
N THR B 74 16.18 -10.97 0.77
CA THR B 74 15.81 -12.41 0.64
C THR B 74 17.05 -13.30 0.75
N SER B 75 18.16 -12.84 0.26
CA SER B 75 19.40 -13.69 0.29
C SER B 75 20.03 -13.66 1.70
N HIS B 76 19.65 -12.73 2.53
CA HIS B 76 20.26 -12.67 3.89
C HIS B 76 19.60 -13.71 4.80
N PRO B 77 20.37 -14.48 5.52
CA PRO B 77 19.85 -15.53 6.46
C PRO B 77 18.65 -15.01 7.28
N LEU B 78 18.40 -13.73 7.25
CA LEU B 78 17.25 -13.14 8.02
C LEU B 78 15.92 -13.46 7.34
N HIS B 79 15.92 -13.64 6.04
CA HIS B 79 14.63 -13.89 5.33
C HIS B 79 14.20 -15.34 5.50
N VAL B 80 15.12 -16.27 5.36
CA VAL B 80 14.76 -17.70 5.50
C VAL B 80 14.20 -17.97 6.90
N GLU B 81 14.96 -17.67 7.92
CA GLU B 81 14.46 -17.87 9.30
C GLU B 81 13.09 -17.20 9.45
N PHE B 82 12.90 -16.07 8.82
CA PHE B 82 11.58 -15.40 8.90
C PHE B 82 10.51 -16.23 8.19
N SER B 83 10.89 -16.95 7.16
CA SER B 83 9.90 -17.79 6.44
C SER B 83 9.27 -18.82 7.38
N ALA B 84 10.07 -19.47 8.19
CA ALA B 84 9.50 -20.48 9.13
C ALA B 84 8.48 -19.79 10.03
N ALA B 85 8.73 -18.55 10.36
CA ALA B 85 7.78 -17.82 11.23
C ALA B 85 6.60 -17.36 10.40
N PHE B 86 6.85 -16.79 9.25
CA PHE B 86 5.72 -16.30 8.41
C PHE B 86 4.57 -17.30 8.52
N THR B 87 4.88 -18.56 8.52
CA THR B 87 3.80 -19.57 8.63
C THR B 87 3.44 -19.72 10.10
N ALA B 88 4.38 -20.15 10.89
CA ALA B 88 4.11 -20.34 12.34
C ALA B 88 3.38 -19.13 12.90
N VAL B 89 3.39 -18.03 12.19
CA VAL B 89 2.73 -16.81 12.70
C VAL B 89 1.56 -16.38 11.78
N ILE B 90 1.33 -17.09 10.71
CA ILE B 90 0.20 -16.69 9.82
C ILE B 90 -0.65 -17.91 9.45
N ASP B 91 -1.83 -17.66 8.95
CA ASP B 91 -2.76 -18.76 8.56
C ASP B 91 -3.14 -18.59 7.10
N LYS B 92 -3.11 -17.36 6.64
CA LYS B 92 -3.47 -17.04 5.23
C LYS B 92 -2.41 -16.10 4.65
N ILE B 93 -1.88 -16.38 3.48
CA ILE B 93 -0.83 -15.49 2.91
C ILE B 93 -1.24 -15.04 1.49
N VAL B 94 -1.27 -13.75 1.27
CA VAL B 94 -1.60 -13.21 -0.10
C VAL B 94 -0.55 -12.14 -0.46
N LEU B 95 -0.02 -12.15 -1.66
CA LEU B 95 1.02 -11.13 -2.00
C LEU B 95 0.80 -10.52 -3.40
N LEU B 96 0.84 -9.22 -3.49
CA LEU B 96 0.69 -8.53 -4.80
C LEU B 96 1.98 -7.78 -5.13
N ASP B 97 2.59 -8.08 -6.26
CA ASP B 97 3.85 -7.36 -6.64
C ASP B 97 3.69 -6.77 -8.04
N PHE B 98 4.04 -5.52 -8.22
CA PHE B 98 3.90 -4.89 -9.56
C PHE B 98 4.80 -3.65 -9.68
N PRO B 99 5.60 -3.57 -10.72
CA PRO B 99 6.48 -2.39 -10.95
C PRO B 99 5.75 -1.07 -10.74
N VAL B 100 6.32 -0.17 -9.99
CA VAL B 100 5.65 1.14 -9.74
C VAL B 100 6.44 2.28 -10.39
N ALA B 101 5.75 3.17 -11.06
CA ALA B 101 6.46 4.31 -11.72
C ALA B 101 6.17 5.61 -10.94
N ALA B 102 6.97 5.90 -9.95
CA ALA B 102 6.73 7.15 -9.16
C ALA B 102 6.75 8.36 -10.09
N VAL B 103 5.72 8.53 -10.87
CA VAL B 103 5.70 9.68 -11.82
C VAL B 103 4.25 9.94 -12.26
N LYS B 104 3.61 10.90 -11.66
CA LYS B 104 2.20 11.20 -12.03
C LYS B 104 2.16 12.36 -13.03
N SER B 105 3.30 12.83 -13.44
CA SER B 105 3.32 13.96 -14.41
C SER B 105 2.73 15.20 -13.73
N SER B 106 1.55 15.07 -13.20
CA SER B 106 0.91 16.24 -12.52
C SER B 106 1.02 17.46 -13.43
N VAL B 107 0.76 17.30 -14.69
CA VAL B 107 0.85 18.45 -15.63
C VAL B 107 -0.46 19.24 -15.59
N VAL B 108 -1.57 18.54 -15.54
CA VAL B 108 -2.89 19.23 -15.50
C VAL B 108 -3.54 18.98 -14.14
N ALA B 109 -2.82 19.20 -13.08
CA ALA B 109 -3.41 18.98 -11.73
C ALA B 109 -4.31 20.17 -11.41
N THR B 110 -5.54 20.15 -11.85
CA THR B 110 -6.44 21.29 -11.58
C THR B 110 -7.86 20.77 -11.31
N PRO B 111 -8.68 21.57 -10.69
CA PRO B 111 -10.09 21.19 -10.38
C PRO B 111 -11.00 21.28 -11.62
N MET A 1 -4.42 7.26 14.42
CA MET A 1 -4.18 8.15 15.59
C MET A 1 -3.35 9.35 15.16
N ALA A 2 -3.06 9.46 13.89
CA ALA A 2 -2.24 10.61 13.41
C ALA A 2 -0.83 10.50 13.98
N THR A 3 -0.27 11.60 14.40
CA THR A 3 1.11 11.57 14.98
C THR A 3 2.11 11.30 13.87
N SER A 4 1.67 10.65 12.82
CA SER A 4 2.58 10.33 11.69
C SER A 4 1.80 10.44 10.39
N GLY A 5 1.98 9.52 9.50
CA GLY A 5 1.25 9.62 8.20
C GLY A 5 -0.04 8.78 8.27
N PHE A 6 -0.90 8.94 7.30
CA PHE A 6 -2.16 8.14 7.29
C PHE A 6 -2.28 7.49 5.90
N LYS A 7 -2.56 6.22 5.85
CA LYS A 7 -2.67 5.54 4.52
C LYS A 7 -4.10 5.15 4.17
N HIS A 8 -4.44 5.34 2.92
CA HIS A 8 -5.75 4.89 2.39
C HIS A 8 -5.44 4.12 1.13
N LEU A 9 -5.94 2.93 0.98
CA LEU A 9 -5.61 2.15 -0.24
C LEU A 9 -6.87 1.47 -0.75
N VAL A 10 -6.98 1.34 -2.04
CA VAL A 10 -8.18 0.69 -2.62
C VAL A 10 -7.75 -0.42 -3.58
N VAL A 11 -8.36 -1.56 -3.50
CA VAL A 11 -8.03 -2.66 -4.43
C VAL A 11 -9.27 -2.93 -5.24
N VAL A 12 -9.20 -2.94 -6.53
CA VAL A 12 -10.45 -3.13 -7.31
C VAL A 12 -10.27 -4.07 -8.50
N LYS A 13 -11.37 -4.59 -8.96
CA LYS A 13 -11.37 -5.50 -10.13
C LYS A 13 -12.43 -4.98 -11.11
N PHE A 14 -12.29 -5.22 -12.38
CA PHE A 14 -13.29 -4.68 -13.36
C PHE A 14 -14.22 -5.78 -13.89
N LYS A 15 -15.44 -5.42 -14.21
CA LYS A 15 -16.39 -6.42 -14.80
C LYS A 15 -16.97 -5.83 -16.09
N GLU A 16 -16.96 -4.52 -16.21
CA GLU A 16 -17.46 -3.88 -17.44
C GLU A 16 -16.28 -3.76 -18.41
N ASP A 17 -15.25 -3.09 -17.97
CA ASP A 17 -14.00 -2.92 -18.76
C ASP A 17 -13.33 -1.66 -18.25
N THR A 18 -12.76 -1.73 -17.08
CA THR A 18 -12.13 -0.52 -16.47
C THR A 18 -10.90 -0.05 -17.24
N LYS A 19 -11.04 1.07 -17.89
CA LYS A 19 -9.88 1.67 -18.59
C LYS A 19 -9.05 2.36 -17.53
N VAL A 20 -8.10 1.66 -16.97
CA VAL A 20 -7.27 2.25 -15.87
C VAL A 20 -6.53 3.49 -16.38
N ASP A 21 -6.08 3.47 -17.60
CA ASP A 21 -5.34 4.63 -18.15
C ASP A 21 -6.27 5.85 -18.30
N GLU A 22 -7.47 5.66 -18.76
CA GLU A 22 -8.40 6.81 -18.89
C GLU A 22 -8.80 7.22 -17.47
N ILE A 23 -8.88 6.26 -16.61
CA ILE A 23 -9.23 6.53 -15.20
C ILE A 23 -8.02 7.25 -14.60
N LEU A 24 -6.86 6.84 -15.00
CA LEU A 24 -5.61 7.47 -14.51
C LEU A 24 -5.70 8.98 -14.71
N LYS A 25 -6.24 9.43 -15.82
CA LYS A 25 -6.36 10.89 -16.04
C LYS A 25 -7.21 11.45 -14.91
N GLY A 26 -8.22 10.73 -14.53
CA GLY A 26 -9.07 11.19 -13.39
C GLY A 26 -8.20 11.26 -12.14
N LEU A 27 -7.54 10.17 -11.82
CA LEU A 27 -6.62 10.17 -10.65
C LEU A 27 -5.65 11.35 -10.78
N GLU A 28 -5.05 11.52 -11.94
CA GLU A 28 -4.14 12.69 -12.11
C GLU A 28 -4.91 13.94 -11.71
N ASN A 29 -6.17 13.99 -12.07
CA ASN A 29 -7.01 15.15 -11.70
C ASN A 29 -7.09 15.18 -10.16
N LEU A 30 -7.28 14.04 -9.55
CA LEU A 30 -7.31 13.96 -8.06
C LEU A 30 -6.09 14.70 -7.51
N VAL A 31 -4.93 14.44 -8.06
CA VAL A 31 -3.70 15.14 -7.58
C VAL A 31 -3.98 16.63 -7.52
N SER A 32 -4.91 17.10 -8.30
CA SER A 32 -5.26 18.54 -8.26
C SER A 32 -5.32 18.99 -6.80
N GLN A 33 -5.87 18.16 -5.94
CA GLN A 33 -5.94 18.51 -4.50
C GLN A 33 -4.54 18.46 -3.84
N ILE A 34 -3.57 17.80 -4.43
CA ILE A 34 -2.23 17.76 -3.75
C ILE A 34 -1.46 19.04 -4.01
N ASP A 35 -2.11 20.09 -4.40
CA ASP A 35 -1.36 21.35 -4.61
C ASP A 35 -0.70 21.66 -3.28
N THR A 36 -1.13 20.95 -2.27
CA THR A 36 -0.60 21.14 -0.91
C THR A 36 0.60 20.22 -0.71
N VAL A 37 0.94 19.46 -1.71
CA VAL A 37 2.11 18.55 -1.58
C VAL A 37 2.19 18.04 -0.15
N LYS A 38 1.07 17.85 0.47
CA LYS A 38 1.04 17.33 1.87
C LYS A 38 0.33 15.99 1.85
N SER A 39 0.61 15.19 0.86
CA SER A 39 -0.05 13.87 0.74
C SER A 39 0.51 13.13 -0.48
N PHE A 40 0.06 11.92 -0.75
CA PHE A 40 0.62 11.21 -1.93
C PHE A 40 -0.41 10.28 -2.57
N GLU A 41 -0.19 9.93 -3.82
CA GLU A 41 -1.13 9.04 -4.56
C GLU A 41 -0.41 8.31 -5.70
N TRP A 42 -0.44 7.00 -5.71
CA TRP A 42 0.22 6.24 -6.81
C TRP A 42 -0.83 5.31 -7.43
N GLY A 43 -0.57 4.75 -8.57
CA GLY A 43 -1.60 3.84 -9.18
C GLY A 43 -0.97 2.94 -10.24
N GLU A 44 -1.52 1.77 -10.42
CA GLU A 44 -0.94 0.83 -11.44
C GLU A 44 -1.96 -0.25 -11.76
N ASP A 45 -1.64 -1.09 -12.70
CA ASP A 45 -2.52 -2.23 -13.04
C ASP A 45 -1.73 -3.51 -12.77
N LYS A 46 -2.33 -4.66 -12.81
CA LYS A 46 -1.55 -5.88 -12.51
C LYS A 46 -0.41 -6.04 -13.52
N GLU A 47 0.69 -5.39 -13.29
CA GLU A 47 1.86 -5.50 -14.22
C GLU A 47 2.95 -6.35 -13.57
N SER A 48 2.58 -7.43 -12.93
CA SER A 48 3.60 -8.29 -12.27
C SER A 48 3.26 -9.78 -12.47
N HIS A 49 3.49 -10.59 -11.49
CA HIS A 49 3.19 -12.04 -11.64
C HIS A 49 1.81 -12.35 -11.04
N ASP A 50 1.03 -13.14 -11.72
CA ASP A 50 -0.34 -13.46 -11.21
C ASP A 50 -0.31 -13.71 -9.69
N MET A 51 0.74 -14.30 -9.19
CA MET A 51 0.81 -14.60 -7.73
C MET A 51 1.19 -13.33 -6.94
N LEU A 52 1.93 -12.43 -7.52
CA LEU A 52 2.35 -11.21 -6.77
C LEU A 52 1.35 -10.08 -7.04
N ARG A 53 0.65 -10.15 -8.15
CA ARG A 53 -0.31 -9.07 -8.52
C ARG A 53 -1.73 -9.43 -8.08
N GLN A 54 -1.92 -10.53 -7.42
CA GLN A 54 -3.29 -10.91 -6.95
C GLN A 54 -4.32 -10.60 -8.04
N GLY A 55 -3.89 -10.49 -9.27
CA GLY A 55 -4.81 -10.24 -10.40
C GLY A 55 -5.64 -8.94 -10.23
N PHE A 56 -5.45 -8.20 -9.16
CA PHE A 56 -6.27 -6.95 -9.00
C PHE A 56 -6.09 -6.05 -10.23
N THR A 57 -7.19 -5.60 -10.80
CA THR A 57 -7.10 -4.72 -12.00
C THR A 57 -6.22 -3.50 -11.73
N HIS A 58 -6.41 -2.83 -10.63
CA HIS A 58 -5.58 -1.63 -10.35
C HIS A 58 -5.70 -1.23 -8.88
N ALA A 59 -4.67 -0.63 -8.33
CA ALA A 59 -4.70 -0.24 -6.90
C ALA A 59 -4.28 1.22 -6.77
N PHE A 60 -4.83 1.92 -5.82
CA PHE A 60 -4.43 3.33 -5.61
C PHE A 60 -4.02 3.52 -4.15
N SER A 61 -2.82 3.99 -3.92
CA SER A 61 -2.34 4.15 -2.52
C SER A 61 -2.34 5.64 -2.19
N MET A 62 -3.30 6.11 -1.45
CA MET A 62 -3.32 7.55 -1.08
C MET A 62 -2.87 7.73 0.36
N THR A 63 -1.87 8.54 0.55
CA THR A 63 -1.33 8.77 1.92
C THR A 63 -1.43 10.28 2.21
N PHE A 64 -1.70 10.65 3.43
CA PHE A 64 -1.79 12.11 3.74
C PHE A 64 -0.85 12.46 4.88
N GLU A 65 -0.51 13.72 5.04
CA GLU A 65 0.39 14.11 6.16
C GLU A 65 -0.47 14.27 7.41
N ASN A 66 -1.70 14.66 7.22
CA ASN A 66 -2.63 14.84 8.36
C ASN A 66 -4.05 14.59 7.87
N LYS A 67 -4.96 14.30 8.76
CA LYS A 67 -6.36 14.04 8.35
C LYS A 67 -6.96 15.22 7.59
N ASP A 68 -6.46 16.42 7.80
CA ASP A 68 -7.03 17.59 7.08
C ASP A 68 -7.05 17.36 5.57
N GLY A 69 -6.06 16.68 5.04
CA GLY A 69 -6.06 16.41 3.57
C GLY A 69 -7.21 15.45 3.24
N TYR A 70 -7.46 14.52 4.11
CA TYR A 70 -8.55 13.53 3.87
C TYR A 70 -9.91 14.24 3.79
N VAL A 71 -10.21 15.13 4.70
CA VAL A 71 -11.53 15.82 4.61
C VAL A 71 -11.50 16.79 3.42
N ALA A 72 -10.35 17.29 3.09
CA ALA A 72 -10.25 18.24 1.95
C ALA A 72 -10.61 17.50 0.65
N PHE A 73 -9.87 16.48 0.30
CA PHE A 73 -10.13 15.76 -0.98
C PHE A 73 -11.63 15.42 -1.12
N THR A 74 -12.29 15.08 -0.06
CA THR A 74 -13.74 14.71 -0.18
C THR A 74 -14.62 15.97 -0.19
N SER A 75 -14.15 17.03 0.41
CA SER A 75 -14.98 18.28 0.44
C SER A 75 -15.08 18.90 -0.96
N HIS A 76 -14.16 18.61 -1.84
CA HIS A 76 -14.22 19.21 -3.21
C HIS A 76 -15.15 18.37 -4.11
N PRO A 77 -16.07 19.00 -4.79
CA PRO A 77 -17.00 18.30 -5.73
C PRO A 77 -16.27 17.29 -6.64
N LEU A 78 -14.97 17.22 -6.53
CA LEU A 78 -14.19 16.27 -7.38
C LEU A 78 -14.31 14.82 -6.88
N HIS A 79 -14.47 14.64 -5.59
CA HIS A 79 -14.54 13.24 -5.05
C HIS A 79 -15.92 12.64 -5.33
N VAL A 80 -16.96 13.42 -5.22
CA VAL A 80 -18.33 12.89 -5.45
C VAL A 80 -18.46 12.41 -6.90
N GLU A 81 -18.20 13.27 -7.84
CA GLU A 81 -18.28 12.85 -9.27
C GLU A 81 -17.49 11.56 -9.47
N PHE A 82 -16.39 11.41 -8.81
CA PHE A 82 -15.59 10.16 -8.94
C PHE A 82 -16.39 8.98 -8.37
N SER A 83 -17.23 9.22 -7.40
CA SER A 83 -18.03 8.11 -6.80
C SER A 83 -18.92 7.48 -7.86
N ALA A 84 -19.60 8.27 -8.65
CA ALA A 84 -20.49 7.68 -9.69
C ALA A 84 -19.67 6.79 -10.61
N ALA A 85 -18.43 7.14 -10.81
CA ALA A 85 -17.56 6.31 -11.69
C ALA A 85 -16.99 5.17 -10.87
N PHE A 86 -16.50 5.45 -9.68
CA PHE A 86 -15.89 4.37 -8.87
C PHE A 86 -16.68 3.08 -9.12
N THR A 87 -17.99 3.17 -9.12
CA THR A 87 -18.79 1.93 -9.31
C THR A 87 -18.89 1.68 -10.81
N ALA A 88 -19.44 2.61 -11.53
CA ALA A 88 -19.60 2.43 -13.01
C ALA A 88 -18.29 1.94 -13.61
N VAL A 89 -17.20 2.03 -12.89
CA VAL A 89 -15.89 1.62 -13.44
C VAL A 89 -15.27 0.49 -12.61
N ILE A 90 -15.92 0.06 -11.55
CA ILE A 90 -15.33 -1.04 -10.73
C ILE A 90 -16.35 -2.16 -10.52
N ASP A 91 -15.87 -3.32 -10.18
CA ASP A 91 -16.76 -4.49 -9.96
C ASP A 91 -16.78 -4.83 -8.47
N LYS A 92 -15.67 -4.59 -7.81
CA LYS A 92 -15.54 -4.86 -6.36
C LYS A 92 -14.68 -3.76 -5.71
N ILE A 93 -15.00 -3.34 -4.51
CA ILE A 93 -14.18 -2.26 -3.87
C ILE A 93 -13.66 -2.74 -2.51
N VAL A 94 -12.35 -2.76 -2.35
CA VAL A 94 -11.74 -3.18 -1.06
C VAL A 94 -10.76 -2.09 -0.60
N LEU A 95 -10.80 -1.66 0.64
CA LEU A 95 -9.86 -0.57 1.07
C LEU A 95 -9.25 -0.85 2.44
N LEU A 96 -7.95 -0.68 2.55
CA LEU A 96 -7.26 -0.88 3.86
C LEU A 96 -6.65 0.46 4.32
N ASP A 97 -7.06 0.97 5.45
CA ASP A 97 -6.51 2.27 5.93
C ASP A 97 -5.94 2.09 7.34
N PHE A 98 -4.76 2.58 7.59
CA PHE A 98 -4.17 2.43 8.96
C PHE A 98 -3.09 3.50 9.19
N PRO A 99 -3.06 4.10 10.35
CA PRO A 99 -2.05 5.16 10.68
C PRO A 99 -0.63 4.73 10.28
N VAL A 100 0.03 5.52 9.46
CA VAL A 100 1.42 5.16 9.05
C VAL A 100 2.42 5.69 10.08
N ALA A 101 3.02 4.81 10.84
CA ALA A 101 3.99 5.25 11.87
C ALA A 101 5.43 5.02 11.37
N ALA A 102 5.99 6.00 10.70
CA ALA A 102 7.39 5.83 10.19
C ALA A 102 8.36 5.83 11.37
N VAL A 103 8.35 4.78 12.15
CA VAL A 103 9.26 4.71 13.32
C VAL A 103 9.57 3.25 13.64
N LYS A 104 10.56 2.68 13.01
CA LYS A 104 10.90 1.27 13.26
C LYS A 104 12.03 1.19 14.29
N SER A 105 12.43 2.30 14.83
CA SER A 105 13.55 2.28 15.83
C SER A 105 14.81 1.78 15.15
N SER A 106 14.74 0.64 14.50
CA SER A 106 15.94 0.09 13.82
C SER A 106 17.15 0.23 14.75
N VAL A 107 17.02 -0.21 15.96
CA VAL A 107 18.16 -0.11 16.92
C VAL A 107 18.79 -1.49 17.09
N VAL A 108 17.97 -2.51 17.12
CA VAL A 108 18.49 -3.90 17.30
C VAL A 108 17.65 -4.86 16.46
N ALA A 109 18.29 -5.84 15.87
CA ALA A 109 17.52 -6.82 15.06
C ALA A 109 17.37 -8.10 15.87
N THR A 110 16.19 -8.39 16.34
CA THR A 110 16.01 -9.63 17.14
C THR A 110 16.10 -10.86 16.22
N PRO A 111 16.54 -11.97 16.74
CA PRO A 111 16.68 -13.22 15.96
C PRO A 111 15.56 -13.39 14.93
N MET B 1 8.52 -2.80 -14.14
CA MET B 1 9.46 -2.41 -15.22
C MET B 1 10.56 -1.50 -14.65
N ALA B 2 10.56 -1.30 -13.36
CA ALA B 2 11.60 -0.43 -12.74
C ALA B 2 11.41 1.01 -13.24
N THR B 3 12.49 1.68 -13.55
CA THR B 3 12.38 3.09 -14.03
C THR B 3 11.95 3.99 -12.88
N SER B 4 11.28 3.42 -11.92
CA SER B 4 10.81 4.22 -10.75
C SER B 4 10.90 3.36 -9.50
N GLY B 5 9.91 3.40 -8.67
CA GLY B 5 9.98 2.59 -7.41
C GLY B 5 9.26 1.25 -7.62
N PHE B 6 9.43 0.34 -6.70
CA PHE B 6 8.75 -0.97 -6.82
C PHE B 6 8.03 -1.25 -5.50
N LYS B 7 6.78 -1.64 -5.55
CA LYS B 7 6.03 -1.88 -4.29
C LYS B 7 5.73 -3.36 -4.05
N HIS B 8 5.89 -3.77 -2.83
CA HIS B 8 5.52 -5.16 -2.42
C HIS B 8 4.64 -5.00 -1.18
N LEU B 9 3.48 -5.59 -1.16
CA LEU B 9 2.61 -5.42 0.03
C LEU B 9 2.00 -6.75 0.41
N VAL B 10 1.80 -6.98 1.68
CA VAL B 10 1.23 -8.26 2.13
C VAL B 10 0.02 -7.98 3.04
N VAL B 11 -1.06 -8.69 2.83
CA VAL B 11 -2.25 -8.50 3.71
C VAL B 11 -2.46 -9.82 4.42
N VAL B 12 -2.55 -9.83 5.71
CA VAL B 12 -2.68 -11.16 6.39
C VAL B 12 -3.71 -11.14 7.53
N LYS B 13 -4.16 -12.31 7.88
CA LYS B 13 -5.14 -12.46 8.98
C LYS B 13 -4.59 -13.54 9.91
N PHE B 14 -4.93 -13.51 11.18
CA PHE B 14 -4.36 -14.52 12.12
C PHE B 14 -5.42 -15.58 12.52
N LYS B 15 -4.98 -16.78 12.78
CA LYS B 15 -5.92 -17.84 13.23
C LYS B 15 -5.37 -18.47 14.52
N GLU B 16 -4.09 -18.36 14.73
CA GLU B 16 -3.48 -18.90 15.98
C GLU B 16 -3.53 -17.77 17.03
N ASP B 17 -2.91 -16.67 16.69
CA ASP B 17 -2.91 -15.47 17.58
C ASP B 17 -1.67 -14.66 17.20
N THR B 18 -1.72 -14.02 16.06
CA THR B 18 -0.54 -13.25 15.59
C THR B 18 -0.22 -12.04 16.46
N LYS B 19 0.86 -12.13 17.18
CA LYS B 19 1.31 -10.98 18.00
C LYS B 19 2.00 -10.03 17.03
N VAL B 20 1.27 -9.09 16.49
CA VAL B 20 1.85 -8.16 15.49
C VAL B 20 2.99 -7.34 16.13
N ASP B 21 2.84 -7.00 17.37
CA ASP B 21 3.90 -6.19 18.05
C ASP B 21 5.18 -7.02 18.23
N GLU B 22 5.06 -8.27 18.59
CA GLU B 22 6.29 -9.11 18.73
C GLU B 22 6.81 -9.38 17.34
N ILE B 23 5.92 -9.48 16.40
CA ILE B 23 6.31 -9.70 15.00
C ILE B 23 6.95 -8.40 14.51
N LEU B 24 6.43 -7.31 14.98
CA LEU B 24 6.98 -5.98 14.61
C LEU B 24 8.48 -5.96 14.90
N LYS B 25 8.89 -6.54 16.01
CA LYS B 25 10.35 -6.55 16.32
C LYS B 25 11.05 -7.27 15.17
N GLY B 26 10.45 -8.31 14.68
CA GLY B 26 11.04 -9.04 13.53
C GLY B 26 11.11 -8.07 12.36
N LEU B 27 10.00 -7.48 12.00
CA LEU B 27 10.00 -6.50 10.89
C LEU B 27 11.08 -5.44 11.17
N GLU B 28 11.12 -4.90 12.36
CA GLU B 28 12.19 -3.92 12.68
C GLU B 28 13.53 -4.56 12.32
N ASN B 29 13.66 -5.83 12.59
CA ASN B 29 14.91 -6.54 12.25
C ASN B 29 15.05 -6.52 10.72
N LEU B 30 13.97 -6.75 10.02
CA LEU B 30 14.00 -6.69 8.53
C LEU B 30 14.66 -5.38 8.11
N VAL B 31 14.26 -4.28 8.71
CA VAL B 31 14.88 -2.97 8.36
C VAL B 31 16.40 -3.12 8.40
N SER B 32 16.89 -4.07 9.14
CA SER B 32 18.35 -4.29 9.18
C SER B 32 18.90 -4.21 7.76
N GLN B 33 18.18 -4.77 6.81
CA GLN B 33 18.63 -4.71 5.39
C GLN B 33 18.50 -3.28 4.82
N ILE B 34 17.73 -2.41 5.43
CA ILE B 34 17.60 -1.03 4.84
C ILE B 34 18.80 -0.17 5.23
N ASP B 35 19.88 -0.77 5.65
CA ASP B 35 21.04 0.06 6.00
C ASP B 35 21.38 0.85 4.73
N THR B 36 20.79 0.42 3.65
CA THR B 36 21.01 1.06 2.34
C THR B 36 20.01 2.19 2.16
N VAL B 37 19.16 2.40 3.12
CA VAL B 37 18.16 3.50 3.01
C VAL B 37 17.74 3.64 1.54
N LYS B 38 17.68 2.54 0.85
CA LYS B 38 17.26 2.58 -0.58
C LYS B 38 15.98 1.76 -0.70
N SER B 39 15.10 1.91 0.25
CA SER B 39 13.84 1.13 0.22
C SER B 39 12.98 1.54 1.42
N PHE B 40 11.80 0.98 1.58
CA PHE B 40 10.97 1.39 2.74
C PHE B 40 10.09 0.25 3.25
N GLU B 41 9.65 0.36 4.49
CA GLU B 41 8.79 -0.71 5.09
C GLU B 41 7.93 -0.12 6.22
N TRP B 42 6.64 -0.26 6.14
CA TRP B 42 5.74 0.25 7.23
C TRP B 42 4.88 -0.90 7.71
N GLY B 43 4.23 -0.78 8.82
CA GLY B 43 3.37 -1.92 9.30
C GLY B 43 2.35 -1.44 10.34
N GLU B 44 1.22 -2.09 10.41
CA GLU B 44 0.19 -1.67 11.38
C GLU B 44 -0.84 -2.79 11.56
N ASP B 45 -1.75 -2.61 12.45
CA ASP B 45 -2.83 -3.60 12.66
C ASP B 45 -4.16 -2.89 12.36
N LYS B 46 -5.25 -3.59 12.28
CA LYS B 46 -6.52 -2.88 11.95
C LYS B 46 -6.85 -1.84 13.02
N GLU B 47 -6.27 -0.68 12.91
CA GLU B 47 -6.54 0.40 13.90
C GLU B 47 -7.43 1.47 13.25
N SER B 48 -8.43 1.06 12.51
CA SER B 48 -9.33 2.05 11.87
C SER B 48 -10.79 1.57 11.94
N HIS B 49 -11.56 1.81 10.92
CA HIS B 49 -12.99 1.37 10.94
C HIS B 49 -13.14 0.02 10.25
N ASP B 50 -13.90 -0.87 10.81
CA ASP B 50 -14.07 -2.22 10.20
C ASP B 50 -14.22 -2.10 8.67
N MET B 51 -14.88 -1.08 8.20
CA MET B 51 -15.08 -0.93 6.73
C MET B 51 -13.80 -0.39 6.06
N LEU B 52 -13.01 0.38 6.75
CA LEU B 52 -11.78 0.95 6.10
C LEU B 52 -10.59 0.03 6.40
N ARG B 53 -10.68 -0.74 7.45
CA ARG B 53 -9.54 -1.63 7.83
C ARG B 53 -9.75 -3.06 7.28
N GLN B 54 -10.78 -3.27 6.52
CA GLN B 54 -11.01 -4.64 5.95
C GLN B 54 -10.68 -5.71 6.99
N GLY B 55 -10.69 -5.36 8.24
CA GLY B 55 -10.43 -6.35 9.33
C GLY B 55 -9.06 -7.05 9.19
N PHE B 56 -8.27 -6.72 8.20
CA PHE B 56 -6.95 -7.42 8.06
C PHE B 56 -6.14 -7.27 9.37
N THR B 57 -5.65 -8.35 9.89
CA THR B 57 -4.85 -8.27 11.17
C THR B 57 -3.70 -7.28 11.04
N HIS B 58 -2.94 -7.34 9.97
CA HIS B 58 -1.80 -6.40 9.83
C HIS B 58 -1.31 -6.38 8.38
N ALA B 59 -0.77 -5.28 7.95
CA ALA B 59 -0.27 -5.18 6.56
C ALA B 59 1.15 -4.63 6.55
N PHE B 60 1.95 -5.05 5.61
CA PHE B 60 3.34 -4.53 5.53
C PHE B 60 3.58 -4.00 4.12
N SER B 61 3.96 -2.75 3.99
CA SER B 61 4.16 -2.17 2.64
C SER B 61 5.67 -2.00 2.42
N MET B 62 6.27 -2.89 1.67
CA MET B 62 7.72 -2.76 1.38
C MET B 62 7.95 -2.20 0.00
N THR B 63 8.69 -1.13 -0.07
CA THR B 63 8.95 -0.47 -1.38
C THR B 63 10.49 -0.43 -1.57
N PHE B 64 10.96 -0.58 -2.77
CA PHE B 64 12.44 -0.54 -3.00
C PHE B 64 12.78 0.52 -4.05
N GLU B 65 14.02 0.96 -4.09
CA GLU B 65 14.39 1.97 -5.13
C GLU B 65 14.70 1.21 -6.41
N ASN B 66 15.19 0.01 -6.28
CA ASN B 66 15.51 -0.82 -7.46
C ASN B 66 15.36 -2.29 -7.08
N LYS B 67 15.21 -3.15 -8.05
CA LYS B 67 15.04 -4.60 -7.74
C LYS B 67 16.22 -5.15 -6.93
N ASP B 68 17.38 -4.54 -7.03
CA ASP B 68 18.56 -5.06 -6.28
C ASP B 68 18.22 -5.20 -4.79
N GLY B 69 17.43 -4.32 -4.25
CA GLY B 69 17.07 -4.44 -2.81
C GLY B 69 16.20 -5.67 -2.61
N TYR B 70 15.34 -5.94 -3.56
CA TYR B 70 14.43 -7.13 -3.45
C TYR B 70 15.25 -8.43 -3.41
N VAL B 71 16.23 -8.60 -4.28
CA VAL B 71 17.02 -9.86 -4.22
C VAL B 71 17.89 -9.84 -2.97
N ALA B 72 18.28 -8.66 -2.53
CA ALA B 72 19.14 -8.57 -1.32
C ALA B 72 18.36 -9.08 -0.10
N PHE B 73 17.26 -8.45 0.22
CA PHE B 73 16.48 -8.86 1.42
C PHE B 73 16.26 -10.38 1.45
N THR B 74 16.05 -11.00 0.32
CA THR B 74 15.80 -12.47 0.32
C THR B 74 17.12 -13.24 0.37
N SER B 75 18.18 -12.66 -0.12
CA SER B 75 19.49 -13.37 -0.11
C SER B 75 20.04 -13.51 1.31
N HIS B 76 19.60 -12.69 2.23
CA HIS B 76 20.12 -12.80 3.63
C HIS B 76 19.31 -13.85 4.39
N PRO B 77 19.97 -14.77 5.06
CA PRO B 77 19.29 -15.82 5.89
C PRO B 77 18.18 -15.23 6.78
N LEU B 78 17.98 -13.94 6.74
CA LEU B 78 16.92 -13.29 7.57
C LEU B 78 15.53 -13.50 6.96
N HIS B 79 15.44 -13.59 5.67
CA HIS B 79 14.09 -13.74 5.02
C HIS B 79 13.59 -15.17 5.17
N VAL B 80 14.47 -16.13 5.04
CA VAL B 80 14.04 -17.54 5.15
C VAL B 80 13.48 -17.82 6.55
N GLU B 81 14.25 -17.56 7.57
CA GLU B 81 13.76 -17.77 8.95
C GLU B 81 12.39 -17.11 9.12
N PHE B 82 12.19 -15.98 8.52
CA PHE B 82 10.87 -15.30 8.61
C PHE B 82 9.80 -16.14 7.91
N SER B 83 10.18 -16.90 6.91
CA SER B 83 9.18 -17.74 6.19
C SER B 83 8.56 -18.75 7.14
N ALA B 84 9.36 -19.42 7.94
CA ALA B 84 8.78 -20.43 8.87
C ALA B 84 7.76 -19.73 9.77
N ALA B 85 7.99 -18.49 10.08
CA ALA B 85 7.04 -17.76 10.95
C ALA B 85 5.90 -17.22 10.09
N PHE B 86 6.21 -16.65 8.96
CA PHE B 86 5.13 -16.06 8.12
C PHE B 86 3.91 -16.97 8.21
N THR B 87 4.11 -18.26 8.15
CA THR B 87 2.95 -19.18 8.20
C THR B 87 2.60 -19.40 9.67
N ALA B 88 3.53 -19.92 10.42
CA ALA B 88 3.27 -20.19 11.86
C ALA B 88 2.63 -18.97 12.52
N VAL B 89 2.68 -17.84 11.87
CA VAL B 89 2.12 -16.61 12.48
C VAL B 89 0.99 -16.02 11.61
N ILE B 90 0.69 -16.62 10.48
CA ILE B 90 -0.41 -16.06 9.63
C ILE B 90 -1.42 -17.17 9.28
N ASP B 91 -2.59 -16.76 8.88
CA ASP B 91 -3.67 -17.72 8.52
C ASP B 91 -3.90 -17.66 7.02
N LYS B 92 -3.70 -16.49 6.45
CA LYS B 92 -3.91 -16.29 5.00
C LYS B 92 -2.84 -15.30 4.49
N ILE B 93 -2.32 -15.50 3.29
CA ILE B 93 -1.28 -14.56 2.79
C ILE B 93 -1.71 -13.97 1.44
N VAL B 94 -1.83 -12.67 1.36
CA VAL B 94 -2.22 -12.00 0.08
C VAL B 94 -1.18 -10.90 -0.24
N LEU B 95 -0.68 -10.83 -1.45
CA LEU B 95 0.35 -9.77 -1.73
C LEU B 95 0.11 -9.09 -3.09
N LEU B 96 0.16 -7.78 -3.10
CA LEU B 96 0.00 -7.01 -4.37
C LEU B 96 1.31 -6.28 -4.70
N ASP B 97 1.91 -6.56 -5.81
CA ASP B 97 3.19 -5.87 -6.16
C ASP B 97 3.05 -5.23 -7.54
N PHE B 98 3.45 -4.00 -7.69
CA PHE B 98 3.36 -3.32 -9.02
C PHE B 98 4.33 -2.14 -9.10
N PRO B 99 5.01 -1.99 -10.21
CA PRO B 99 5.99 -0.87 -10.40
C PRO B 99 5.43 0.48 -9.94
N VAL B 100 6.09 1.13 -9.03
CA VAL B 100 5.60 2.46 -8.56
C VAL B 100 6.10 3.56 -9.49
N ALA B 101 5.22 4.15 -10.26
CA ALA B 101 5.64 5.23 -11.20
C ALA B 101 5.26 6.60 -10.62
N ALA B 102 6.14 7.20 -9.85
CA ALA B 102 5.81 8.53 -9.28
C ALA B 102 5.80 9.58 -10.39
N VAL B 103 4.81 9.54 -11.23
CA VAL B 103 4.75 10.53 -12.35
C VAL B 103 3.29 10.74 -12.76
N LYS B 104 2.60 11.63 -12.09
CA LYS B 104 1.17 11.86 -12.42
C LYS B 104 1.06 13.05 -13.38
N SER B 105 2.18 13.58 -13.81
CA SER B 105 2.12 14.75 -14.73
C SER B 105 1.46 15.92 -14.00
N SER B 106 0.30 15.72 -13.46
CA SER B 106 -0.40 16.82 -12.73
C SER B 106 -0.30 18.10 -13.57
N VAL B 107 -0.65 18.02 -14.82
CA VAL B 107 -0.58 19.22 -15.69
C VAL B 107 -2.00 19.74 -15.92
N VAL B 108 -2.94 18.85 -16.07
CA VAL B 108 -4.35 19.27 -16.31
C VAL B 108 -5.29 18.30 -15.61
N ALA B 109 -6.35 18.81 -15.03
CA ALA B 109 -7.31 17.91 -14.34
C ALA B 109 -8.53 17.71 -15.24
N THR B 110 -8.68 16.56 -15.82
CA THR B 110 -9.86 16.33 -16.71
C THR B 110 -11.13 16.26 -15.87
N PRO B 111 -12.24 16.64 -16.44
CA PRO B 111 -13.55 16.62 -15.75
C PRO B 111 -13.69 15.42 -14.80
N MET A 1 -6.06 8.29 17.29
CA MET A 1 -4.63 7.89 17.40
C MET A 1 -3.78 8.75 16.46
N ALA A 2 -4.40 9.43 15.54
CA ALA A 2 -3.63 10.28 14.60
C ALA A 2 -2.21 10.48 15.14
N THR A 3 -1.30 9.62 14.76
CA THR A 3 0.10 9.77 15.24
C THR A 3 1.00 10.15 14.06
N SER A 4 0.42 10.29 12.91
CA SER A 4 1.21 10.67 11.71
C SER A 4 0.26 11.06 10.60
N GLY A 5 -0.19 10.12 9.82
CA GLY A 5 -1.13 10.46 8.71
C GLY A 5 -2.31 9.48 8.72
N PHE A 6 -3.24 9.67 7.83
CA PHE A 6 -4.41 8.75 7.76
C PHE A 6 -4.31 7.96 6.46
N LYS A 7 -4.37 6.65 6.52
CA LYS A 7 -4.24 5.85 5.27
C LYS A 7 -5.60 5.42 4.71
N HIS A 8 -5.79 5.71 3.45
CA HIS A 8 -7.02 5.29 2.74
C HIS A 8 -6.56 4.42 1.58
N LEU A 9 -6.95 3.18 1.52
CA LEU A 9 -6.49 2.33 0.39
C LEU A 9 -7.70 1.66 -0.26
N VAL A 10 -7.71 1.59 -1.55
CA VAL A 10 -8.85 0.98 -2.26
C VAL A 10 -8.35 -0.06 -3.25
N VAL A 11 -9.01 -1.18 -3.33
CA VAL A 11 -8.58 -2.23 -4.31
C VAL A 11 -9.80 -2.54 -5.16
N VAL A 12 -9.66 -2.61 -6.44
CA VAL A 12 -10.88 -2.86 -7.26
C VAL A 12 -10.63 -3.79 -8.44
N LYS A 13 -11.70 -4.33 -8.95
CA LYS A 13 -11.62 -5.22 -10.15
C LYS A 13 -12.62 -4.67 -11.17
N PHE A 14 -12.38 -4.89 -12.44
CA PHE A 14 -13.30 -4.32 -13.47
C PHE A 14 -14.13 -5.42 -14.15
N LYS A 15 -15.32 -5.08 -14.61
CA LYS A 15 -16.16 -6.07 -15.33
C LYS A 15 -16.62 -5.45 -16.66
N GLU A 16 -16.58 -4.15 -16.75
CA GLU A 16 -16.96 -3.48 -18.02
C GLU A 16 -15.68 -3.29 -18.83
N ASP A 17 -14.72 -2.65 -18.23
CA ASP A 17 -13.39 -2.41 -18.87
C ASP A 17 -12.83 -1.15 -18.24
N THR A 18 -12.53 -1.21 -16.96
CA THR A 18 -12.04 -0.01 -16.24
C THR A 18 -10.90 0.70 -16.96
N LYS A 19 -11.19 1.83 -17.54
CA LYS A 19 -10.15 2.62 -18.20
C LYS A 19 -9.28 3.20 -17.08
N VAL A 20 -8.35 2.44 -16.60
CA VAL A 20 -7.48 2.92 -15.48
C VAL A 20 -6.67 4.13 -15.93
N ASP A 21 -6.14 4.09 -17.12
CA ASP A 21 -5.33 5.24 -17.62
C ASP A 21 -6.21 6.49 -17.75
N GLU A 22 -7.38 6.38 -18.31
CA GLU A 22 -8.26 7.57 -18.42
C GLU A 22 -8.63 7.99 -17.00
N ILE A 23 -8.73 7.01 -16.13
CA ILE A 23 -9.03 7.30 -14.71
C ILE A 23 -7.78 7.96 -14.13
N LEU A 24 -6.65 7.41 -14.46
CA LEU A 24 -5.36 7.99 -14.00
C LEU A 24 -5.30 9.47 -14.38
N LYS A 25 -5.76 9.81 -15.55
CA LYS A 25 -5.76 11.25 -15.94
C LYS A 25 -6.61 12.00 -14.92
N GLY A 26 -7.68 11.39 -14.50
CA GLY A 26 -8.55 12.03 -13.47
C GLY A 26 -7.73 12.19 -12.21
N LEU A 27 -7.10 11.14 -11.74
CA LEU A 27 -6.25 11.24 -10.53
C LEU A 27 -5.38 12.50 -10.63
N GLU A 28 -4.80 12.75 -11.77
CA GLU A 28 -3.97 13.98 -11.92
C GLU A 28 -4.81 15.15 -11.40
N ASN A 29 -6.09 15.09 -11.63
CA ASN A 29 -6.98 16.17 -11.13
C ASN A 29 -6.96 16.13 -9.60
N LEU A 30 -7.03 14.95 -9.04
CA LEU A 30 -6.98 14.81 -7.55
C LEU A 30 -5.79 15.62 -7.02
N VAL A 31 -4.62 15.42 -7.60
CA VAL A 31 -3.43 16.19 -7.15
C VAL A 31 -3.80 17.66 -7.04
N SER A 32 -4.64 18.12 -7.92
CA SER A 32 -5.08 19.54 -7.85
C SER A 32 -5.42 19.88 -6.40
N GLN A 33 -6.22 19.07 -5.77
CA GLN A 33 -6.57 19.31 -4.35
C GLN A 33 -5.37 19.08 -3.41
N ILE A 34 -4.28 18.53 -3.90
CA ILE A 34 -3.13 18.29 -2.96
C ILE A 34 -2.07 19.36 -3.12
N ASP A 35 -2.44 20.56 -3.51
CA ASP A 35 -1.41 21.61 -3.60
C ASP A 35 -0.84 21.76 -2.20
N THR A 36 -1.61 21.29 -1.24
CA THR A 36 -1.20 21.35 0.17
C THR A 36 -0.03 20.39 0.39
N VAL A 37 0.30 19.61 -0.59
CA VAL A 37 1.45 18.68 -0.44
C VAL A 37 1.49 18.17 1.00
N LYS A 38 0.36 17.96 1.59
CA LYS A 38 0.31 17.42 2.97
C LYS A 38 -0.41 16.08 2.92
N SER A 39 -0.11 15.31 1.92
CA SER A 39 -0.79 13.99 1.77
C SER A 39 -0.14 13.23 0.60
N PHE A 40 -0.56 12.03 0.33
CA PHE A 40 0.08 11.28 -0.80
C PHE A 40 -0.93 10.41 -1.55
N GLU A 41 -0.65 10.14 -2.81
CA GLU A 41 -1.55 9.29 -3.64
C GLU A 41 -0.77 8.67 -4.82
N TRP A 42 -0.81 7.37 -4.96
CA TRP A 42 -0.09 6.71 -6.08
C TRP A 42 -1.02 5.68 -6.69
N GLY A 43 -0.63 5.02 -7.75
CA GLY A 43 -1.55 4.01 -8.35
C GLY A 43 -0.80 2.71 -8.66
N GLU A 44 -1.51 1.62 -8.78
CA GLU A 44 -0.84 0.32 -9.05
C GLU A 44 -1.77 -0.57 -9.87
N ASP A 45 -1.22 -1.28 -10.80
CA ASP A 45 -2.01 -2.25 -11.61
C ASP A 45 -1.38 -3.62 -11.38
N LYS A 46 -2.14 -4.68 -11.37
CA LYS A 46 -1.51 -6.00 -11.10
C LYS A 46 -2.29 -7.10 -11.83
N GLU A 47 -1.60 -7.92 -12.57
CA GLU A 47 -2.27 -9.03 -13.31
C GLU A 47 -1.23 -10.07 -13.72
N SER A 48 -0.42 -10.52 -12.79
CA SER A 48 0.62 -11.53 -13.13
C SER A 48 0.09 -12.95 -12.94
N HIS A 49 0.38 -13.57 -11.83
CA HIS A 49 -0.12 -14.96 -11.60
C HIS A 49 -1.33 -14.92 -10.67
N ASP A 50 -2.28 -15.79 -10.89
CA ASP A 50 -3.51 -15.81 -10.05
C ASP A 50 -3.13 -15.80 -8.55
N MET A 51 -2.16 -16.57 -8.16
CA MET A 51 -1.77 -16.60 -6.73
C MET A 51 -1.01 -15.32 -6.34
N LEU A 52 -0.26 -14.75 -7.24
CA LEU A 52 0.48 -13.50 -6.90
C LEU A 52 -0.41 -12.28 -7.18
N ARG A 53 -0.96 -12.21 -8.36
CA ARG A 53 -1.80 -11.03 -8.73
C ARG A 53 -3.14 -11.05 -7.99
N GLN A 54 -3.33 -11.98 -7.08
CA GLN A 54 -4.61 -12.05 -6.34
C GLN A 54 -5.80 -11.91 -7.31
N GLY A 55 -5.52 -11.83 -8.58
CA GLY A 55 -6.60 -11.74 -9.62
C GLY A 55 -7.25 -10.34 -9.67
N PHE A 56 -6.98 -9.46 -8.74
CA PHE A 56 -7.63 -8.12 -8.80
C PHE A 56 -7.27 -7.42 -10.11
N THR A 57 -7.04 -6.13 -10.07
CA THR A 57 -6.72 -5.37 -11.31
C THR A 57 -5.86 -4.13 -11.00
N HIS A 58 -6.17 -3.42 -9.95
CA HIS A 58 -5.38 -2.20 -9.64
C HIS A 58 -5.82 -1.60 -8.30
N ALA A 59 -4.97 -0.83 -7.67
CA ALA A 59 -5.34 -0.23 -6.36
C ALA A 59 -4.74 1.18 -6.27
N PHE A 60 -5.11 1.91 -5.27
CA PHE A 60 -4.55 3.28 -5.11
C PHE A 60 -4.16 3.49 -3.65
N SER A 61 -2.99 3.98 -3.40
CA SER A 61 -2.55 4.17 -1.99
C SER A 61 -2.69 5.65 -1.64
N MET A 62 -3.73 6.00 -0.92
CA MET A 62 -3.91 7.42 -0.53
C MET A 62 -3.64 7.61 0.95
N THR A 63 -2.74 8.51 1.27
CA THR A 63 -2.39 8.76 2.69
C THR A 63 -2.51 10.27 2.94
N PHE A 64 -2.85 10.68 4.12
CA PHE A 64 -2.98 12.14 4.39
C PHE A 64 -2.19 12.52 5.65
N GLU A 65 -1.38 13.56 5.58
CA GLU A 65 -0.60 13.96 6.79
C GLU A 65 -1.59 14.10 7.94
N ASN A 66 -2.79 14.51 7.63
CA ASN A 66 -3.83 14.68 8.67
C ASN A 66 -5.21 14.57 8.00
N LYS A 67 -6.22 14.29 8.77
CA LYS A 67 -7.59 14.16 8.18
C LYS A 67 -8.01 15.43 7.42
N ASP A 68 -7.36 16.54 7.67
CA ASP A 68 -7.77 17.80 6.98
C ASP A 68 -7.70 17.64 5.46
N GLY A 69 -6.70 16.97 4.96
CA GLY A 69 -6.62 16.78 3.48
C GLY A 69 -7.73 15.84 3.04
N TYR A 70 -8.08 14.90 3.88
CA TYR A 70 -9.16 13.94 3.51
C TYR A 70 -10.52 14.66 3.43
N VAL A 71 -10.85 15.52 4.37
CA VAL A 71 -12.16 16.22 4.27
C VAL A 71 -12.09 17.22 3.12
N ALA A 72 -10.92 17.72 2.83
CA ALA A 72 -10.79 18.72 1.73
C ALA A 72 -11.12 18.04 0.40
N PHE A 73 -10.38 17.02 0.04
CA PHE A 73 -10.62 16.33 -1.27
C PHE A 73 -12.13 16.07 -1.48
N THR A 74 -12.86 15.79 -0.44
CA THR A 74 -14.32 15.50 -0.61
C THR A 74 -15.11 16.81 -0.68
N SER A 75 -14.60 17.86 -0.10
CA SER A 75 -15.34 19.15 -0.11
C SER A 75 -15.44 19.73 -1.54
N HIS A 76 -14.51 19.39 -2.40
CA HIS A 76 -14.56 19.93 -3.79
C HIS A 76 -15.47 19.05 -4.65
N PRO A 77 -16.02 19.58 -5.71
CA PRO A 77 -16.91 18.81 -6.64
C PRO A 77 -16.15 17.75 -7.44
N LEU A 78 -14.87 17.59 -7.18
CA LEU A 78 -14.06 16.57 -7.92
C LEU A 78 -14.31 15.16 -7.39
N HIS A 79 -14.62 15.02 -6.13
CA HIS A 79 -14.84 13.66 -5.56
C HIS A 79 -16.22 13.14 -5.95
N VAL A 80 -17.21 13.97 -5.90
CA VAL A 80 -18.58 13.52 -6.25
C VAL A 80 -18.64 13.07 -7.71
N GLU A 81 -18.29 13.93 -8.62
CA GLU A 81 -18.30 13.54 -10.06
C GLU A 81 -17.51 12.24 -10.24
N PHE A 82 -16.41 12.10 -9.54
CA PHE A 82 -15.61 10.86 -9.66
C PHE A 82 -16.36 9.68 -9.03
N SER A 83 -17.15 9.93 -8.02
CA SER A 83 -17.90 8.82 -7.36
C SER A 83 -18.84 8.16 -8.36
N ALA A 84 -19.56 8.93 -9.13
CA ALA A 84 -20.50 8.31 -10.11
C ALA A 84 -19.71 7.43 -11.07
N ALA A 85 -18.55 7.88 -11.46
CA ALA A 85 -17.73 7.09 -12.41
C ALA A 85 -17.06 5.96 -11.64
N PHE A 86 -16.50 6.25 -10.49
CA PHE A 86 -15.83 5.18 -9.72
C PHE A 86 -16.65 3.90 -9.84
N THR A 87 -17.96 4.02 -9.82
CA THR A 87 -18.80 2.80 -9.95
C THR A 87 -18.90 2.45 -11.43
N ALA A 88 -19.44 3.34 -12.20
CA ALA A 88 -19.57 3.09 -13.67
C ALA A 88 -18.29 2.49 -14.22
N VAL A 89 -17.22 2.56 -13.47
CA VAL A 89 -15.92 2.05 -13.98
C VAL A 89 -15.40 0.91 -13.09
N ILE A 90 -16.08 0.58 -12.02
CA ILE A 90 -15.59 -0.52 -11.15
C ILE A 90 -16.63 -1.64 -11.06
N ASP A 91 -16.18 -2.83 -10.76
CA ASP A 91 -17.09 -3.99 -10.63
C ASP A 91 -17.28 -4.31 -9.14
N LYS A 92 -16.26 -4.05 -8.36
CA LYS A 92 -16.30 -4.30 -6.90
C LYS A 92 -15.38 -3.29 -6.19
N ILE A 93 -15.69 -2.93 -4.96
CA ILE A 93 -14.82 -1.92 -4.27
C ILE A 93 -14.38 -2.46 -2.91
N VAL A 94 -13.08 -2.48 -2.67
CA VAL A 94 -12.54 -2.97 -1.37
C VAL A 94 -11.67 -1.84 -0.75
N LEU A 95 -11.89 -1.47 0.48
CA LEU A 95 -11.06 -0.36 1.07
C LEU A 95 -10.69 -0.63 2.53
N LEU A 96 -9.47 -0.34 2.89
CA LEU A 96 -9.03 -0.48 4.30
C LEU A 96 -8.51 0.87 4.82
N ASP A 97 -9.06 1.37 5.90
CA ASP A 97 -8.61 2.68 6.44
C ASP A 97 -8.21 2.52 7.90
N PHE A 98 -7.11 3.08 8.31
CA PHE A 98 -6.69 2.95 9.74
C PHE A 98 -5.57 3.97 10.05
N PRO A 99 -5.38 4.29 11.32
CA PRO A 99 -4.29 5.22 11.74
C PRO A 99 -2.91 4.69 11.35
N VAL A 100 -2.22 5.38 10.48
CA VAL A 100 -0.88 4.89 10.02
C VAL A 100 0.23 5.69 10.70
N ALA A 101 1.21 5.02 11.23
CA ALA A 101 2.35 5.74 11.86
C ALA A 101 3.61 5.60 11.00
N ALA A 102 3.71 6.37 9.95
CA ALA A 102 4.91 6.28 9.08
C ALA A 102 6.11 6.92 9.78
N VAL A 103 6.89 6.13 10.46
CA VAL A 103 8.07 6.69 11.18
C VAL A 103 9.11 5.58 11.38
N LYS A 104 8.70 4.35 11.23
CA LYS A 104 9.66 3.23 11.42
C LYS A 104 11.08 3.78 11.58
N SER A 105 11.90 3.65 10.58
CA SER A 105 13.28 4.18 10.69
C SER A 105 14.03 3.42 11.78
N SER A 106 13.33 2.57 12.48
CA SER A 106 13.99 1.79 13.57
C SER A 106 15.12 0.95 12.97
N VAL A 107 16.22 0.86 13.67
CA VAL A 107 17.38 0.07 13.15
C VAL A 107 18.12 -0.53 14.34
N VAL A 108 17.41 -1.04 15.31
CA VAL A 108 18.06 -1.62 16.51
C VAL A 108 17.17 -2.70 17.10
N ALA A 109 17.76 -3.68 17.74
CA ALA A 109 16.93 -4.76 18.34
C ALA A 109 16.32 -4.23 19.64
N THR A 110 15.31 -4.88 20.15
CA THR A 110 14.69 -4.39 21.41
C THR A 110 14.29 -5.59 22.28
N PRO A 111 15.25 -6.29 22.80
CA PRO A 111 14.99 -7.49 23.66
C PRO A 111 13.89 -7.23 24.69
N MET B 1 9.88 -4.15 -17.02
CA MET B 1 9.37 -2.76 -17.08
C MET B 1 10.08 -1.90 -16.02
N ALA B 2 10.76 -2.53 -15.10
CA ALA B 2 11.48 -1.76 -14.05
C ALA B 2 11.58 -0.30 -14.48
N THR B 3 10.64 0.52 -14.10
CA THR B 3 10.69 1.96 -14.49
C THR B 3 10.91 2.80 -13.23
N SER B 4 11.03 2.15 -12.11
CA SER B 4 11.26 2.89 -10.84
C SER B 4 11.65 1.89 -9.76
N GLY B 5 10.72 1.31 -9.08
CA GLY B 5 11.06 0.33 -8.02
C GLY B 5 10.19 -0.92 -8.17
N PHE B 6 10.40 -1.90 -7.33
CA PHE B 6 9.58 -3.13 -7.40
C PHE B 6 8.70 -3.19 -6.15
N LYS B 7 7.41 -3.35 -6.31
CA LYS B 7 6.53 -3.38 -5.11
C LYS B 7 6.18 -4.80 -4.68
N HIS B 8 6.39 -5.05 -3.41
CA HIS B 8 6.04 -6.37 -2.81
C HIS B 8 5.06 -6.05 -1.68
N LEU B 9 3.86 -6.54 -1.74
CA LEU B 9 2.90 -6.25 -0.64
C LEU B 9 2.30 -7.54 -0.13
N VAL B 10 2.15 -7.64 1.16
CA VAL B 10 1.59 -8.89 1.74
C VAL B 10 0.45 -8.54 2.70
N VAL B 11 -0.62 -9.28 2.65
CA VAL B 11 -1.75 -9.01 3.58
C VAL B 11 -2.02 -10.31 4.32
N VAL B 12 -2.18 -10.27 5.61
CA VAL B 12 -2.38 -11.56 6.32
C VAL B 12 -3.40 -11.47 7.45
N LYS B 13 -3.88 -12.61 7.86
CA LYS B 13 -4.84 -12.69 8.99
C LYS B 13 -4.28 -13.70 9.98
N PHE B 14 -4.60 -13.58 11.24
CA PHE B 14 -4.02 -14.52 12.25
C PHE B 14 -5.08 -15.48 12.80
N LYS B 15 -4.67 -16.66 13.21
CA LYS B 15 -5.63 -17.63 13.81
C LYS B 15 -5.05 -18.13 15.14
N GLU B 16 -3.78 -17.99 15.32
CA GLU B 16 -3.16 -18.41 16.61
C GLU B 16 -3.12 -17.16 17.51
N ASP B 17 -2.54 -16.11 17.02
CA ASP B 17 -2.45 -14.83 17.75
C ASP B 17 -1.21 -14.12 17.25
N THR B 18 -1.21 -13.74 16.00
CA THR B 18 -0.01 -13.10 15.39
C THR B 18 0.55 -11.95 16.24
N LYS B 19 1.66 -12.20 16.87
CA LYS B 19 2.32 -11.14 17.66
C LYS B 19 2.88 -10.15 16.64
N VAL B 20 2.07 -9.26 16.16
CA VAL B 20 2.55 -8.28 15.14
C VAL B 20 3.65 -7.39 15.71
N ASP B 21 3.50 -6.96 16.92
CA ASP B 21 4.53 -6.09 17.56
C ASP B 21 5.85 -6.87 17.73
N GLU B 22 5.80 -8.09 18.20
CA GLU B 22 7.06 -8.87 18.32
C GLU B 22 7.58 -9.11 16.92
N ILE B 23 6.69 -9.22 15.99
CA ILE B 23 7.08 -9.40 14.58
C ILE B 23 7.67 -8.07 14.12
N LEU B 24 7.02 -7.01 14.49
CA LEU B 24 7.51 -5.64 14.14
C LEU B 24 8.95 -5.50 14.63
N LYS B 25 9.26 -6.01 15.79
CA LYS B 25 10.66 -5.91 16.28
C LYS B 25 11.54 -6.63 15.27
N GLY B 26 11.05 -7.72 14.73
CA GLY B 26 11.82 -8.46 13.71
C GLY B 26 12.01 -7.53 12.50
N LEU B 27 10.93 -6.97 12.02
CA LEU B 27 11.03 -6.02 10.87
C LEU B 27 12.20 -5.07 11.11
N GLU B 28 12.33 -4.55 12.31
CA GLU B 28 13.48 -3.64 12.59
C GLU B 28 14.74 -4.34 12.10
N ASN B 29 14.78 -5.64 12.24
CA ASN B 29 15.96 -6.40 11.76
C ASN B 29 16.02 -6.27 10.23
N LEU B 30 14.89 -6.41 9.59
CA LEU B 30 14.84 -6.25 8.10
C LEU B 30 15.57 -4.98 7.71
N VAL B 31 15.24 -3.88 8.34
CA VAL B 31 15.93 -2.58 8.03
C VAL B 31 17.44 -2.83 8.00
N SER B 32 17.91 -3.70 8.85
CA SER B 32 19.36 -4.01 8.85
C SER B 32 19.82 -4.21 7.41
N GLN B 33 19.13 -5.04 6.68
CA GLN B 33 19.49 -5.26 5.25
C GLN B 33 19.21 -4.02 4.39
N ILE B 34 18.55 -3.01 4.90
CA ILE B 34 18.26 -1.83 4.02
C ILE B 34 19.23 -0.69 4.33
N ASP B 35 20.42 -0.98 4.77
CA ASP B 35 21.37 0.11 5.00
C ASP B 35 21.57 0.78 3.65
N THR B 36 21.23 0.05 2.62
CA THR B 36 21.35 0.57 1.24
C THR B 36 20.30 1.67 1.03
N VAL B 37 19.44 1.85 1.98
CA VAL B 37 18.42 2.93 1.84
C VAL B 37 18.01 3.03 0.37
N LYS B 38 17.93 1.93 -0.30
CA LYS B 38 17.49 1.94 -1.71
C LYS B 38 16.22 1.10 -1.81
N SER B 39 15.35 1.27 -0.85
CA SER B 39 14.10 0.49 -0.83
C SER B 39 13.20 0.98 0.31
N PHE B 40 12.03 0.44 0.48
CA PHE B 40 11.17 0.94 1.59
C PHE B 40 10.32 -0.18 2.21
N GLU B 41 9.95 -0.01 3.46
CA GLU B 41 9.14 -1.04 4.17
C GLU B 41 8.38 -0.39 5.35
N TRP B 42 7.08 -0.55 5.39
CA TRP B 42 6.29 0.05 6.51
C TRP B 42 5.30 -1.01 6.99
N GLY B 43 4.55 -0.75 8.03
CA GLY B 43 3.58 -1.79 8.50
C GLY B 43 2.21 -1.17 8.76
N GLU B 44 1.18 -1.98 8.75
CA GLU B 44 -0.19 -1.44 8.97
C GLU B 44 -1.04 -2.49 9.67
N ASP B 45 -1.86 -2.07 10.58
CA ASP B 45 -2.80 -2.99 11.26
C ASP B 45 -4.21 -2.46 10.99
N LYS B 46 -5.20 -3.29 10.84
CA LYS B 46 -6.55 -2.76 10.53
C LYS B 46 -7.62 -3.68 11.13
N GLU B 47 -8.54 -3.11 11.86
CA GLU B 47 -9.64 -3.92 12.47
C GLU B 47 -10.79 -2.99 12.87
N SER B 48 -11.25 -2.17 11.96
CA SER B 48 -12.36 -1.23 12.30
C SER B 48 -13.71 -1.87 11.98
N HIS B 49 -14.28 -1.55 10.85
CA HIS B 49 -15.61 -2.14 10.49
C HIS B 49 -15.40 -3.28 9.49
N ASP B 50 -16.21 -4.31 9.59
CA ASP B 50 -16.06 -5.47 8.66
C ASP B 50 -15.99 -5.00 7.21
N MET B 51 -16.81 -4.07 6.82
CA MET B 51 -16.79 -3.58 5.42
C MET B 51 -15.56 -2.69 5.17
N LEU B 52 -15.11 -1.96 6.16
CA LEU B 52 -13.91 -1.10 5.94
C LEU B 52 -12.64 -1.91 6.26
N ARG B 53 -12.58 -2.53 7.40
CA ARG B 53 -11.37 -3.29 7.80
C ARG B 53 -11.24 -4.58 6.96
N GLN B 54 -12.08 -4.78 6.00
CA GLN B 54 -11.99 -6.01 5.17
C GLN B 54 -11.82 -7.25 6.07
N GLY B 55 -11.84 -7.04 7.37
CA GLY B 55 -11.71 -8.19 8.32
C GLY B 55 -10.28 -8.72 8.44
N PHE B 56 -9.37 -8.32 7.59
CA PHE B 56 -7.98 -8.87 7.69
C PHE B 56 -7.40 -8.54 9.08
N THR B 57 -6.13 -8.20 9.14
CA THR B 57 -5.48 -7.89 10.45
C THR B 57 -4.31 -6.93 10.28
N HIS B 58 -3.51 -7.10 9.27
CA HIS B 58 -2.34 -6.19 9.09
C HIS B 58 -1.63 -6.50 7.78
N ALA B 59 -0.90 -5.55 7.26
CA ALA B 59 -0.18 -5.77 5.98
C ALA B 59 1.17 -5.05 6.03
N PHE B 60 2.01 -5.29 5.05
CA PHE B 60 3.32 -4.62 5.02
C PHE B 60 3.59 -4.11 3.61
N SER B 61 3.99 -2.88 3.46
CA SER B 61 4.24 -2.34 2.10
C SER B 61 5.75 -2.34 1.85
N MET B 62 6.23 -3.28 1.10
CA MET B 62 7.68 -3.32 0.80
C MET B 62 7.94 -2.94 -0.65
N THR B 63 8.77 -1.95 -0.84
CA THR B 63 9.08 -1.48 -2.22
C THR B 63 10.62 -1.46 -2.37
N PHE B 64 11.13 -1.67 -3.55
CA PHE B 64 12.61 -1.67 -3.71
C PHE B 64 13.00 -0.76 -4.89
N GLU B 65 13.96 0.11 -4.70
CA GLU B 65 14.37 1.01 -5.82
C GLU B 65 14.67 0.12 -7.03
N ASN B 66 15.16 -1.06 -6.76
CA ASN B 66 15.48 -2.01 -7.86
C ASN B 66 15.44 -3.43 -7.29
N LYS B 67 15.31 -4.41 -8.13
CA LYS B 67 15.26 -5.82 -7.63
C LYS B 67 16.51 -6.18 -6.82
N ASP B 68 17.57 -5.43 -6.96
CA ASP B 68 18.82 -5.79 -6.21
C ASP B 68 18.55 -5.84 -4.70
N GLY B 69 17.77 -4.93 -4.19
CA GLY B 69 17.47 -4.96 -2.72
C GLY B 69 16.61 -6.19 -2.42
N TYR B 70 15.76 -6.55 -3.33
CA TYR B 70 14.87 -7.73 -3.12
C TYR B 70 15.71 -9.03 -3.07
N VAL B 71 16.64 -9.22 -3.96
CA VAL B 71 17.45 -10.47 -3.90
C VAL B 71 18.36 -10.40 -2.67
N ALA B 72 18.75 -9.22 -2.28
CA ALA B 72 19.65 -9.09 -1.10
C ALA B 72 18.92 -9.56 0.16
N PHE B 73 17.82 -8.93 0.49
CA PHE B 73 17.08 -9.32 1.72
C PHE B 73 16.92 -10.85 1.83
N THR B 74 16.77 -11.53 0.72
CA THR B 74 16.61 -13.02 0.77
C THR B 74 17.97 -13.71 0.88
N SER B 75 19.01 -13.07 0.42
CA SER B 75 20.36 -13.70 0.47
C SER B 75 20.85 -13.84 1.92
N HIS B 76 20.37 -13.01 2.81
CA HIS B 76 20.82 -13.13 4.24
C HIS B 76 19.97 -14.15 4.97
N PRO B 77 20.48 -14.73 6.04
CA PRO B 77 19.74 -15.74 6.84
C PRO B 77 18.56 -15.13 7.62
N LEU B 78 18.31 -13.85 7.42
CA LEU B 78 17.17 -13.18 8.14
C LEU B 78 15.82 -13.51 7.50
N HIS B 79 15.80 -13.74 6.21
CA HIS B 79 14.50 -14.03 5.53
C HIS B 79 14.07 -15.46 5.80
N VAL B 80 14.99 -16.38 5.75
CA VAL B 80 14.64 -17.82 5.98
C VAL B 80 14.10 -18.00 7.39
N GLU B 81 14.87 -17.65 8.38
CA GLU B 81 14.38 -17.79 9.78
C GLU B 81 13.02 -17.12 9.93
N PHE B 82 12.83 -16.00 9.29
CA PHE B 82 11.52 -15.31 9.37
C PHE B 82 10.45 -16.11 8.62
N SER B 83 10.83 -16.79 7.57
CA SER B 83 9.85 -17.58 6.80
C SER B 83 9.20 -18.65 7.69
N ALA B 84 9.97 -19.35 8.46
CA ALA B 84 9.38 -20.40 9.34
C ALA B 84 8.38 -19.76 10.28
N ALA B 85 8.69 -18.59 10.77
CA ALA B 85 7.78 -17.91 11.72
C ALA B 85 6.63 -17.28 10.91
N PHE B 86 6.95 -16.63 9.82
CA PHE B 86 5.88 -15.99 9.01
C PHE B 86 4.68 -16.92 9.00
N THR B 87 4.91 -18.21 8.91
CA THR B 87 3.77 -19.15 8.90
C THR B 87 3.33 -19.37 10.33
N ALA B 88 4.22 -19.90 11.14
CA ALA B 88 3.88 -20.16 12.56
C ALA B 88 3.14 -18.96 13.16
N VAL B 89 3.17 -17.85 12.49
CA VAL B 89 2.51 -16.63 13.04
C VAL B 89 1.39 -16.15 12.11
N ILE B 90 1.19 -16.77 10.98
CA ILE B 90 0.11 -16.31 10.07
C ILE B 90 -0.91 -17.44 9.83
N ASP B 91 -2.11 -17.07 9.47
CA ASP B 91 -3.18 -18.06 9.20
C ASP B 91 -3.38 -18.16 7.69
N LYS B 92 -3.16 -17.07 7.00
CA LYS B 92 -3.32 -17.04 5.52
C LYS B 92 -2.35 -16.00 4.95
N ILE B 93 -1.87 -16.18 3.73
CA ILE B 93 -0.90 -15.19 3.17
C ILE B 93 -1.40 -14.70 1.81
N VAL B 94 -1.51 -13.40 1.65
CA VAL B 94 -1.95 -12.81 0.35
C VAL B 94 -0.87 -11.82 -0.13
N LEU B 95 -0.40 -11.92 -1.35
CA LEU B 95 0.66 -10.96 -1.79
C LEU B 95 0.46 -10.51 -3.25
N LEU B 96 0.67 -9.24 -3.51
CA LEU B 96 0.57 -8.72 -4.90
C LEU B 96 1.90 -8.06 -5.29
N ASP B 97 2.51 -8.50 -6.36
CA ASP B 97 3.82 -7.90 -6.77
C ASP B 97 3.72 -7.42 -8.23
N PHE B 98 4.21 -6.24 -8.51
CA PHE B 98 4.14 -5.73 -9.91
C PHE B 98 5.07 -4.52 -10.10
N PRO B 99 5.47 -4.22 -11.31
CA PRO B 99 6.31 -3.03 -11.61
C PRO B 99 5.64 -1.72 -11.16
N VAL B 100 6.21 -1.04 -10.20
CA VAL B 100 5.58 0.21 -9.70
C VAL B 100 6.33 1.43 -10.24
N ALA B 101 5.61 2.39 -10.75
CA ALA B 101 6.27 3.63 -11.27
C ALA B 101 5.97 4.81 -10.34
N ALA B 102 6.65 4.89 -9.23
CA ALA B 102 6.40 6.02 -8.29
C ALA B 102 6.98 7.32 -8.86
N VAL B 103 6.18 8.08 -9.56
CA VAL B 103 6.67 9.35 -10.15
C VAL B 103 5.50 10.30 -10.36
N LYS B 104 4.30 9.79 -10.33
CA LYS B 104 3.11 10.66 -10.53
C LYS B 104 3.56 12.13 -10.57
N SER B 105 3.29 12.86 -9.52
CA SER B 105 3.70 14.29 -9.50
C SER B 105 2.95 15.04 -10.60
N SER B 106 2.21 14.32 -11.40
CA SER B 106 1.44 14.99 -12.49
C SER B 106 0.48 16.01 -11.88
N VAL B 107 0.33 17.14 -12.51
CA VAL B 107 -0.58 18.18 -11.98
C VAL B 107 -1.16 18.97 -13.16
N VAL B 108 -1.55 18.28 -14.20
CA VAL B 108 -2.10 18.97 -15.40
C VAL B 108 -3.07 18.03 -16.11
N ALA B 109 -4.05 18.58 -16.78
CA ALA B 109 -5.00 17.71 -17.52
C ALA B 109 -4.35 17.24 -18.81
N THR B 110 -4.87 16.22 -19.43
CA THR B 110 -4.25 15.73 -20.69
C THR B 110 -5.34 15.30 -21.66
N PRO B 111 -6.11 16.23 -22.16
CA PRO B 111 -7.20 15.93 -23.13
C PRO B 111 -6.79 14.93 -24.21
N MET A 1 -5.89 9.07 16.10
CA MET A 1 -4.81 9.64 16.97
C MET A 1 -4.12 10.80 16.24
N ALA A 2 -4.00 10.71 14.94
CA ALA A 2 -3.33 11.79 14.18
C ALA A 2 -1.92 12.02 14.73
N THR A 3 -1.06 11.05 14.56
CA THR A 3 0.33 11.19 15.07
C THR A 3 1.28 11.39 13.90
N SER A 4 0.74 11.42 12.71
CA SER A 4 1.59 11.60 11.50
C SER A 4 0.68 11.76 10.29
N GLY A 5 0.61 10.76 9.45
CA GLY A 5 -0.25 10.87 8.24
C GLY A 5 -1.46 9.93 8.38
N PHE A 6 -2.30 9.89 7.38
CA PHE A 6 -3.48 8.99 7.44
C PHE A 6 -3.52 8.19 6.14
N LYS A 7 -3.64 6.89 6.21
CA LYS A 7 -3.63 6.07 4.96
C LYS A 7 -5.02 5.59 4.56
N HIS A 8 -5.32 5.74 3.30
CA HIS A 8 -6.59 5.23 2.74
C HIS A 8 -6.20 4.38 1.53
N LEU A 9 -6.61 3.15 1.46
CA LEU A 9 -6.21 2.32 0.31
C LEU A 9 -7.42 1.59 -0.25
N VAL A 10 -7.49 1.45 -1.54
CA VAL A 10 -8.67 0.77 -2.14
C VAL A 10 -8.18 -0.28 -3.14
N VAL A 11 -8.82 -1.41 -3.18
CA VAL A 11 -8.41 -2.47 -4.15
C VAL A 11 -9.65 -2.75 -5.00
N VAL A 12 -9.50 -2.82 -6.29
CA VAL A 12 -10.71 -3.03 -7.12
C VAL A 12 -10.50 -4.05 -8.23
N LYS A 13 -11.59 -4.54 -8.76
CA LYS A 13 -11.55 -5.49 -9.89
C LYS A 13 -12.56 -4.99 -10.93
N PHE A 14 -12.37 -5.29 -12.18
CA PHE A 14 -13.31 -4.77 -13.23
C PHE A 14 -14.13 -5.90 -13.85
N LYS A 15 -15.34 -5.60 -14.27
CA LYS A 15 -16.19 -6.63 -14.95
C LYS A 15 -16.74 -6.02 -16.24
N GLU A 16 -16.75 -4.73 -16.34
CA GLU A 16 -17.22 -4.07 -17.59
C GLU A 16 -15.99 -3.87 -18.49
N ASP A 17 -15.02 -3.19 -17.96
CA ASP A 17 -13.74 -2.94 -18.68
C ASP A 17 -13.15 -1.65 -18.09
N THR A 18 -12.81 -1.69 -16.83
CA THR A 18 -12.29 -0.48 -16.16
C THR A 18 -11.18 0.21 -16.95
N LYS A 19 -11.52 1.31 -17.56
CA LYS A 19 -10.49 2.10 -18.28
C LYS A 19 -9.58 2.68 -17.21
N VAL A 20 -8.62 1.91 -16.77
CA VAL A 20 -7.70 2.40 -15.70
C VAL A 20 -6.93 3.63 -16.18
N ASP A 21 -6.46 3.61 -17.39
CA ASP A 21 -5.68 4.77 -17.91
C ASP A 21 -6.57 6.01 -18.03
N GLU A 22 -7.77 5.87 -18.52
CA GLU A 22 -8.67 7.06 -18.61
C GLU A 22 -9.08 7.42 -17.18
N ILE A 23 -9.22 6.42 -16.36
CA ILE A 23 -9.55 6.66 -14.94
C ILE A 23 -8.33 7.34 -14.32
N LEU A 24 -7.17 6.82 -14.64
CA LEU A 24 -5.92 7.41 -14.13
C LEU A 24 -5.89 8.91 -14.46
N LYS A 25 -6.38 9.29 -15.61
CA LYS A 25 -6.41 10.74 -15.96
C LYS A 25 -7.27 11.43 -14.90
N GLY A 26 -8.29 10.76 -14.44
CA GLY A 26 -9.14 11.35 -13.38
C GLY A 26 -8.27 11.61 -12.16
N LEU A 27 -7.59 10.59 -11.70
CA LEU A 27 -6.70 10.76 -10.52
C LEU A 27 -5.86 12.03 -10.71
N GLU A 28 -5.34 12.25 -11.89
CA GLU A 28 -4.55 13.49 -12.13
C GLU A 28 -5.39 14.66 -11.64
N ASN A 29 -6.68 14.55 -11.80
CA ASN A 29 -7.58 15.63 -11.32
C ASN A 29 -7.49 15.69 -9.80
N LEU A 30 -7.53 14.54 -9.16
CA LEU A 30 -7.42 14.48 -7.68
C LEU A 30 -6.21 15.32 -7.24
N VAL A 31 -5.08 15.14 -7.88
CA VAL A 31 -3.88 15.96 -7.54
C VAL A 31 -4.29 17.43 -7.46
N SER A 32 -5.25 17.81 -8.25
CA SER A 32 -5.73 19.22 -8.20
C SER A 32 -5.90 19.62 -6.73
N GLN A 33 -6.57 18.81 -5.97
CA GLN A 33 -6.78 19.13 -4.53
C GLN A 33 -5.48 18.94 -3.72
N ILE A 34 -4.46 18.33 -4.26
CA ILE A 34 -3.22 18.14 -3.43
C ILE A 34 -2.21 19.23 -3.74
N ASP A 35 -2.63 20.36 -4.21
CA ASP A 35 -1.65 21.44 -4.45
C ASP A 35 -1.00 21.70 -3.09
N THR A 36 -1.61 21.15 -2.07
CA THR A 36 -1.10 21.31 -0.69
C THR A 36 0.14 20.42 -0.52
N VAL A 37 0.50 19.70 -1.54
CA VAL A 37 1.69 18.81 -1.41
C VAL A 37 1.76 18.26 0.01
N LYS A 38 0.64 18.04 0.62
CA LYS A 38 0.63 17.50 2.00
C LYS A 38 -0.10 16.17 1.97
N SER A 39 0.16 15.38 0.97
CA SER A 39 -0.53 14.08 0.83
C SER A 39 0.13 13.27 -0.30
N PHE A 40 -0.26 12.04 -0.52
CA PHE A 40 0.39 11.28 -1.62
C PHE A 40 -0.59 10.29 -2.29
N GLU A 41 -0.29 9.92 -3.51
CA GLU A 41 -1.18 8.97 -4.26
C GLU A 41 -0.36 8.23 -5.34
N TRP A 42 -0.32 6.92 -5.27
CA TRP A 42 0.41 6.14 -6.30
C TRP A 42 -0.55 5.15 -6.93
N GLY A 43 -0.18 4.48 -7.99
CA GLY A 43 -1.13 3.51 -8.60
C GLY A 43 -0.45 2.17 -8.89
N GLU A 44 -1.21 1.12 -9.04
CA GLU A 44 -0.59 -0.20 -9.33
C GLU A 44 -1.55 -1.04 -10.15
N ASP A 45 -1.03 -1.83 -11.03
CA ASP A 45 -1.87 -2.76 -11.84
C ASP A 45 -1.28 -4.16 -11.66
N LYS A 46 -2.08 -5.19 -11.70
CA LYS A 46 -1.49 -6.55 -11.48
C LYS A 46 -2.23 -7.57 -12.32
N GLU A 47 -1.52 -8.28 -13.17
CA GLU A 47 -2.16 -9.32 -14.03
C GLU A 47 -1.33 -10.60 -13.98
N SER A 48 -0.28 -10.62 -13.18
CA SER A 48 0.59 -11.83 -13.12
C SER A 48 -0.26 -13.06 -12.73
N HIS A 49 0.28 -13.92 -11.90
CA HIS A 49 -0.47 -15.16 -11.52
C HIS A 49 -1.59 -14.81 -10.55
N ASP A 50 -2.57 -15.67 -10.43
CA ASP A 50 -3.70 -15.40 -9.50
C ASP A 50 -3.20 -15.28 -8.06
N MET A 51 -2.34 -16.16 -7.63
CA MET A 51 -1.82 -16.09 -6.24
C MET A 51 -0.94 -14.85 -6.04
N LEU A 52 -0.23 -14.42 -7.04
CA LEU A 52 0.63 -13.20 -6.87
C LEU A 52 -0.19 -11.96 -7.22
N ARG A 53 -0.77 -11.93 -8.40
CA ARG A 53 -1.56 -10.74 -8.83
C ARG A 53 -2.81 -10.56 -7.94
N GLN A 54 -2.97 -11.37 -6.95
CA GLN A 54 -4.16 -11.23 -6.06
C GLN A 54 -5.46 -11.34 -6.89
N GLY A 55 -5.33 -11.27 -8.18
CA GLY A 55 -6.52 -11.40 -9.09
C GLY A 55 -7.26 -10.06 -9.30
N PHE A 56 -7.12 -9.10 -8.43
CA PHE A 56 -7.86 -7.81 -8.64
C PHE A 56 -7.47 -7.21 -10.00
N THR A 57 -7.11 -5.95 -10.01
CA THR A 57 -6.71 -5.30 -11.30
C THR A 57 -5.92 -4.01 -11.05
N HIS A 58 -6.21 -3.30 -10.00
CA HIS A 58 -5.44 -2.06 -9.71
C HIS A 58 -5.83 -1.50 -8.35
N ALA A 59 -4.94 -0.76 -7.73
CA ALA A 59 -5.24 -0.18 -6.39
C ALA A 59 -4.66 1.22 -6.30
N PHE A 60 -5.03 1.95 -5.29
CA PHE A 60 -4.49 3.32 -5.13
C PHE A 60 -4.08 3.53 -3.67
N SER A 61 -2.91 4.02 -3.43
CA SER A 61 -2.46 4.23 -2.02
C SER A 61 -2.50 5.72 -1.72
N MET A 62 -3.54 6.16 -1.08
CA MET A 62 -3.64 7.61 -0.74
C MET A 62 -3.23 7.86 0.70
N THR A 63 -2.28 8.73 0.89
CA THR A 63 -1.80 9.05 2.25
C THR A 63 -1.95 10.57 2.47
N PHE A 64 -2.31 11.00 3.64
CA PHE A 64 -2.47 12.46 3.87
C PHE A 64 -1.55 12.92 5.00
N GLU A 65 -0.75 13.93 4.76
CA GLU A 65 0.16 14.42 5.84
C GLU A 65 -0.68 14.55 7.11
N ASN A 66 -1.93 14.85 6.95
CA ASN A 66 -2.84 15.01 8.11
C ASN A 66 -4.28 15.01 7.60
N LYS A 67 -5.23 14.94 8.49
CA LYS A 67 -6.66 14.93 8.05
C LYS A 67 -7.01 16.18 7.23
N ASP A 68 -6.26 17.23 7.36
CA ASP A 68 -6.59 18.47 6.57
C ASP A 68 -6.63 18.16 5.07
N GLY A 69 -5.73 17.36 4.58
CA GLY A 69 -5.77 17.02 3.13
C GLY A 69 -6.95 16.11 2.86
N TYR A 70 -7.25 15.23 3.79
CA TYR A 70 -8.40 14.30 3.61
C TYR A 70 -9.72 15.09 3.52
N VAL A 71 -9.94 16.06 4.37
CA VAL A 71 -11.21 16.83 4.26
C VAL A 71 -11.15 17.70 3.00
N ALA A 72 -9.99 18.09 2.59
CA ALA A 72 -9.85 18.94 1.38
C ALA A 72 -10.31 18.14 0.16
N PHE A 73 -9.65 17.06 -0.13
CA PHE A 73 -9.99 16.25 -1.34
C PHE A 73 -11.47 15.83 -1.32
N THR A 74 -11.98 15.40 -0.20
CA THR A 74 -13.40 14.92 -0.17
C THR A 74 -14.36 16.12 -0.19
N SER A 75 -13.98 17.21 0.41
CA SER A 75 -14.89 18.40 0.44
C SER A 75 -15.16 18.92 -0.98
N HIS A 76 -14.21 18.81 -1.87
CA HIS A 76 -14.45 19.31 -3.26
C HIS A 76 -15.42 18.36 -3.99
N PRO A 77 -16.16 18.86 -4.94
CA PRO A 77 -17.13 18.05 -5.72
C PRO A 77 -16.44 17.06 -6.67
N LEU A 78 -15.13 16.99 -6.63
CA LEU A 78 -14.37 16.06 -7.52
C LEU A 78 -14.46 14.61 -7.01
N HIS A 79 -14.61 14.42 -5.73
CA HIS A 79 -14.66 13.03 -5.19
C HIS A 79 -16.05 12.43 -5.37
N VAL A 80 -17.07 13.20 -5.12
CA VAL A 80 -18.45 12.69 -5.23
C VAL A 80 -18.75 12.28 -6.67
N GLU A 81 -18.63 13.20 -7.59
CA GLU A 81 -18.89 12.86 -9.01
C GLU A 81 -17.95 11.75 -9.46
N PHE A 82 -16.72 11.79 -9.04
CA PHE A 82 -15.75 10.74 -9.43
C PHE A 82 -16.12 9.41 -8.76
N SER A 83 -16.46 9.45 -7.49
CA SER A 83 -16.81 8.18 -6.78
C SER A 83 -18.00 7.50 -7.47
N ALA A 84 -18.94 8.26 -7.97
CA ALA A 84 -20.11 7.63 -8.63
C ALA A 84 -19.62 6.80 -9.80
N ALA A 85 -18.84 7.38 -10.66
CA ALA A 85 -18.31 6.62 -11.83
C ALA A 85 -17.29 5.61 -11.32
N PHE A 86 -16.45 6.00 -10.40
CA PHE A 86 -15.44 5.05 -9.86
C PHE A 86 -16.14 3.71 -9.63
N THR A 87 -17.41 3.73 -9.32
CA THR A 87 -18.13 2.44 -9.11
C THR A 87 -18.56 1.93 -10.48
N ALA A 88 -19.36 2.69 -11.17
CA ALA A 88 -19.83 2.29 -12.52
C ALA A 88 -18.68 1.63 -13.29
N VAL A 89 -17.46 1.94 -12.94
CA VAL A 89 -16.30 1.35 -13.67
C VAL A 89 -15.62 0.26 -12.82
N ILE A 90 -16.23 -0.17 -11.75
CA ILE A 90 -15.58 -1.23 -10.91
C ILE A 90 -16.52 -2.42 -10.74
N ASP A 91 -15.95 -3.56 -10.43
CA ASP A 91 -16.76 -4.79 -10.24
C ASP A 91 -16.95 -5.02 -8.73
N LYS A 92 -15.97 -4.66 -7.96
CA LYS A 92 -16.03 -4.82 -6.48
C LYS A 92 -15.21 -3.71 -5.82
N ILE A 93 -15.60 -3.24 -4.65
CA ILE A 93 -14.82 -2.13 -4.01
C ILE A 93 -14.47 -2.52 -2.56
N VAL A 94 -13.23 -2.34 -2.20
CA VAL A 94 -12.78 -2.64 -0.80
C VAL A 94 -11.84 -1.51 -0.33
N LEU A 95 -11.95 -1.07 0.90
CA LEU A 95 -11.04 0.05 1.35
C LEU A 95 -10.52 -0.17 2.77
N LEU A 96 -9.25 0.04 2.98
CA LEU A 96 -8.65 -0.10 4.34
C LEU A 96 -8.09 1.24 4.80
N ASP A 97 -8.52 1.74 5.93
CA ASP A 97 -8.00 3.05 6.42
C ASP A 97 -7.45 2.87 7.84
N PHE A 98 -6.25 3.34 8.10
CA PHE A 98 -5.67 3.18 9.46
C PHE A 98 -4.51 4.17 9.68
N PRO A 99 -4.44 4.78 10.83
CA PRO A 99 -3.35 5.74 11.16
C PRO A 99 -1.97 5.24 10.71
N VAL A 100 -1.31 5.97 9.84
CA VAL A 100 0.03 5.53 9.39
C VAL A 100 1.07 6.61 9.70
N ALA A 101 2.27 6.21 10.05
CA ALA A 101 3.33 7.22 10.36
C ALA A 101 4.65 6.79 9.70
N ALA A 102 5.24 7.65 8.92
CA ALA A 102 6.53 7.30 8.27
C ALA A 102 7.69 7.51 9.25
N VAL A 103 7.82 6.64 10.22
CA VAL A 103 8.90 6.79 11.22
C VAL A 103 9.31 5.41 11.73
N LYS A 104 10.36 4.86 11.19
CA LYS A 104 10.82 3.51 11.64
C LYS A 104 12.34 3.53 11.85
N SER A 105 13.07 2.81 11.05
CA SER A 105 14.55 2.80 11.20
C SER A 105 14.90 2.20 12.56
N SER A 106 13.92 2.05 13.42
CA SER A 106 14.19 1.48 14.76
C SER A 106 14.91 0.13 14.60
N VAL A 107 15.86 -0.13 15.44
CA VAL A 107 16.61 -1.42 15.34
C VAL A 107 16.67 -2.05 16.73
N VAL A 108 16.48 -3.34 16.82
CA VAL A 108 16.50 -4.02 18.14
C VAL A 108 16.21 -5.51 17.95
N ALA A 109 17.02 -6.18 17.18
CA ALA A 109 16.79 -7.63 16.95
C ALA A 109 17.42 -8.40 18.11
N THR A 110 16.63 -8.97 18.97
CA THR A 110 17.21 -9.74 20.11
C THR A 110 16.46 -11.05 20.28
N PRO A 111 16.64 -11.97 19.36
CA PRO A 111 15.97 -13.29 19.40
C PRO A 111 16.70 -14.28 20.33
N MET B 1 10.56 -3.99 -15.77
CA MET B 1 11.09 -2.81 -16.53
C MET B 1 12.12 -2.08 -15.69
N ALA B 2 11.94 -2.07 -14.40
CA ALA B 2 12.93 -1.37 -13.50
C ALA B 2 13.05 0.08 -13.95
N THR B 3 12.01 0.85 -13.79
CA THR B 3 12.08 2.30 -14.21
C THR B 3 12.11 3.17 -12.96
N SER B 4 12.11 2.55 -11.81
CA SER B 4 12.14 3.32 -10.54
C SER B 4 12.28 2.36 -9.37
N GLY B 5 11.25 2.15 -8.62
CA GLY B 5 11.37 1.21 -7.47
C GLY B 5 10.54 -0.05 -7.74
N PHE B 6 10.51 -0.96 -6.81
CA PHE B 6 9.71 -2.20 -7.00
C PHE B 6 8.83 -2.40 -5.76
N LYS B 7 7.57 -2.63 -5.93
CA LYS B 7 6.67 -2.78 -4.75
C LYS B 7 6.29 -4.22 -4.47
N HIS B 8 6.38 -4.60 -3.22
CA HIS B 8 5.94 -5.94 -2.78
C HIS B 8 4.99 -5.70 -1.61
N LEU B 9 3.80 -6.22 -1.66
CA LEU B 9 2.85 -5.97 -0.54
C LEU B 9 2.20 -7.27 -0.12
N VAL B 10 1.99 -7.44 1.14
CA VAL B 10 1.38 -8.70 1.63
C VAL B 10 0.22 -8.37 2.59
N VAL B 11 -0.85 -9.11 2.50
CA VAL B 11 -2.00 -8.86 3.42
C VAL B 11 -2.22 -10.15 4.17
N VAL B 12 -2.39 -10.10 5.45
CA VAL B 12 -2.55 -11.40 6.18
C VAL B 12 -3.65 -11.35 7.24
N LYS B 13 -4.08 -12.51 7.66
CA LYS B 13 -5.10 -12.62 8.72
C LYS B 13 -4.58 -13.66 9.72
N PHE B 14 -4.98 -13.57 10.97
CA PHE B 14 -4.44 -14.55 11.98
C PHE B 14 -5.54 -15.50 12.47
N LYS B 15 -5.16 -16.70 12.83
CA LYS B 15 -6.16 -17.69 13.38
C LYS B 15 -5.59 -18.28 14.67
N GLU B 16 -4.31 -18.17 14.87
CA GLU B 16 -3.69 -18.67 16.13
C GLU B 16 -3.66 -17.50 17.12
N ASP B 17 -3.03 -16.44 16.69
CA ASP B 17 -2.93 -15.20 17.51
C ASP B 17 -1.68 -14.47 17.05
N THR B 18 -1.66 -14.04 15.82
CA THR B 18 -0.44 -13.38 15.26
C THR B 18 0.09 -12.28 16.16
N LYS B 19 1.17 -12.56 16.83
CA LYS B 19 1.82 -11.54 17.67
C LYS B 19 2.39 -10.50 16.71
N VAL B 20 1.57 -9.58 16.28
CA VAL B 20 2.04 -8.56 15.31
C VAL B 20 3.17 -7.71 15.91
N ASP B 21 3.03 -7.34 17.14
CA ASP B 21 4.08 -6.50 17.80
C ASP B 21 5.39 -7.30 17.94
N GLU B 22 5.31 -8.54 18.35
CA GLU B 22 6.57 -9.33 18.46
C GLU B 22 7.06 -9.61 17.04
N ILE B 23 6.12 -9.78 16.15
CA ILE B 23 6.48 -9.99 14.73
C ILE B 23 7.09 -8.69 14.24
N LEU B 24 6.46 -7.60 14.59
CA LEU B 24 6.97 -6.26 14.20
C LEU B 24 8.43 -6.14 14.64
N LYS B 25 8.78 -6.68 15.79
CA LYS B 25 10.20 -6.61 16.22
C LYS B 25 11.04 -7.33 15.16
N GLY B 26 10.48 -8.37 14.60
CA GLY B 26 11.21 -9.10 13.53
C GLY B 26 11.48 -8.13 12.39
N LEU B 27 10.43 -7.50 11.89
CA LEU B 27 10.60 -6.51 10.80
C LEU B 27 11.78 -5.59 11.13
N GLU B 28 11.87 -5.14 12.35
CA GLU B 28 13.02 -4.26 12.72
C GLU B 28 14.30 -4.97 12.27
N ASN B 29 14.29 -6.27 12.33
CA ASN B 29 15.48 -7.04 11.88
C ASN B 29 15.61 -6.85 10.37
N LEU B 30 14.52 -6.93 9.65
CA LEU B 30 14.54 -6.72 8.18
C LEU B 30 15.31 -5.43 7.88
N VAL B 31 14.98 -4.36 8.58
CA VAL B 31 15.72 -3.08 8.37
C VAL B 31 17.22 -3.36 8.37
N SER B 32 17.63 -4.34 9.12
CA SER B 32 19.08 -4.69 9.13
C SER B 32 19.58 -4.74 7.69
N GLN B 33 18.88 -5.43 6.83
CA GLN B 33 19.30 -5.50 5.40
C GLN B 33 19.06 -4.16 4.67
N ILE B 34 18.33 -3.24 5.23
CA ILE B 34 18.09 -1.96 4.48
C ILE B 34 19.07 -0.89 4.91
N ASP B 35 20.20 -1.26 5.44
CA ASP B 35 21.18 -0.20 5.82
C ASP B 35 21.47 0.56 4.53
N THR B 36 21.04 -0.02 3.44
CA THR B 36 21.24 0.60 2.10
C THR B 36 20.26 1.76 1.95
N VAL B 37 19.44 2.00 2.93
CA VAL B 37 18.47 3.11 2.83
C VAL B 37 18.00 3.24 1.38
N LYS B 38 17.92 2.15 0.68
CA LYS B 38 17.47 2.18 -0.72
C LYS B 38 16.21 1.35 -0.83
N SER B 39 15.34 1.48 0.12
CA SER B 39 14.09 0.68 0.12
C SER B 39 13.16 1.20 1.23
N PHE B 40 11.96 0.69 1.34
CA PHE B 40 11.07 1.19 2.42
C PHE B 40 10.14 0.10 2.95
N GLU B 41 9.66 0.28 4.16
CA GLU B 41 8.74 -0.73 4.79
C GLU B 41 7.87 -0.06 5.87
N TRP B 42 6.57 -0.13 5.71
CA TRP B 42 5.66 0.48 6.73
C TRP B 42 4.72 -0.61 7.22
N GLY B 43 3.96 -0.37 8.25
CA GLY B 43 3.03 -1.44 8.74
C GLY B 43 1.63 -0.89 8.99
N GLU B 44 0.64 -1.73 9.01
CA GLU B 44 -0.75 -1.25 9.23
C GLU B 44 -1.56 -2.34 9.93
N ASP B 45 -2.45 -1.94 10.79
CA ASP B 45 -3.35 -2.91 11.47
C ASP B 45 -4.78 -2.43 11.23
N LYS B 46 -5.73 -3.30 11.14
CA LYS B 46 -7.12 -2.82 10.87
C LYS B 46 -8.13 -3.69 11.61
N GLU B 47 -8.95 -3.10 12.44
CA GLU B 47 -9.98 -3.88 13.18
C GLU B 47 -11.32 -3.14 13.09
N SER B 48 -11.38 -2.06 12.37
CA SER B 48 -12.65 -1.29 12.27
C SER B 48 -13.78 -2.20 11.74
N HIS B 49 -14.62 -1.68 10.89
CA HIS B 49 -15.77 -2.50 10.39
C HIS B 49 -15.26 -3.53 9.37
N ASP B 50 -16.02 -4.56 9.13
CA ASP B 50 -15.60 -5.59 8.15
C ASP B 50 -15.43 -4.99 6.75
N MET B 51 -16.35 -4.16 6.33
CA MET B 51 -16.25 -3.55 4.97
C MET B 51 -15.06 -2.57 4.91
N LEU B 52 -14.77 -1.90 5.99
CA LEU B 52 -13.62 -0.94 5.96
C LEU B 52 -12.33 -1.67 6.35
N ARG B 53 -12.33 -2.32 7.48
CA ARG B 53 -11.11 -3.05 7.94
C ARG B 53 -10.77 -4.20 6.99
N GLN B 54 -11.49 -4.36 5.93
CA GLN B 54 -11.20 -5.48 4.98
C GLN B 54 -11.24 -6.83 5.71
N GLY B 55 -11.26 -6.79 7.02
CA GLY B 55 -11.35 -8.06 7.83
C GLY B 55 -9.97 -8.69 8.09
N PHE B 56 -8.98 -8.40 7.30
CA PHE B 56 -7.64 -9.05 7.55
C PHE B 56 -7.17 -8.72 8.97
N THR B 57 -5.94 -8.24 9.11
CA THR B 57 -5.42 -7.89 10.46
C THR B 57 -4.19 -6.97 10.34
N HIS B 58 -3.39 -7.14 9.33
CA HIS B 58 -2.20 -6.26 9.18
C HIS B 58 -1.52 -6.50 7.82
N ALA B 59 -0.82 -5.52 7.32
CA ALA B 59 -0.15 -5.67 6.01
C ALA B 59 1.22 -4.97 6.05
N PHE B 60 2.04 -5.22 5.08
CA PHE B 60 3.36 -4.55 5.04
C PHE B 60 3.62 -4.03 3.63
N SER B 61 4.03 -2.80 3.51
CA SER B 61 4.28 -2.24 2.15
C SER B 61 5.80 -2.14 1.95
N MET B 62 6.37 -3.10 1.27
CA MET B 62 7.84 -3.05 1.04
C MET B 62 8.15 -2.52 -0.36
N THR B 63 8.94 -1.50 -0.42
CA THR B 63 9.30 -0.90 -1.73
C THR B 63 10.83 -0.91 -1.84
N PHE B 64 11.37 -1.14 -3.00
CA PHE B 64 12.86 -1.18 -3.14
C PHE B 64 13.31 -0.14 -4.18
N GLU B 65 14.22 0.73 -3.82
CA GLU B 65 14.69 1.74 -4.80
C GLU B 65 14.98 1.01 -6.11
N ASN B 66 15.38 -0.23 -6.00
CA ASN B 66 15.69 -1.04 -7.20
C ASN B 66 15.77 -2.50 -6.80
N LYS B 67 15.85 -3.40 -7.74
CA LYS B 67 15.94 -4.85 -7.40
C LYS B 67 17.14 -5.15 -6.50
N ASP B 68 18.15 -4.31 -6.52
CA ASP B 68 19.36 -4.58 -5.68
C ASP B 68 18.95 -4.76 -4.21
N GLY B 69 18.05 -3.96 -3.72
CA GLY B 69 17.62 -4.12 -2.30
C GLY B 69 16.80 -5.40 -2.17
N TYR B 70 16.01 -5.70 -3.17
CA TYR B 70 15.18 -6.93 -3.13
C TYR B 70 16.06 -8.18 -3.07
N VAL B 71 17.11 -8.27 -3.87
CA VAL B 71 17.97 -9.48 -3.78
C VAL B 71 18.75 -9.44 -2.47
N ALA B 72 19.01 -8.27 -1.97
CA ALA B 72 19.77 -8.16 -0.68
C ALA B 72 18.93 -8.76 0.45
N PHE B 73 17.77 -8.21 0.70
CA PHE B 73 16.94 -8.70 1.83
C PHE B 73 16.63 -10.21 1.69
N THR B 74 16.33 -10.67 0.50
CA THR B 74 15.98 -12.12 0.34
C THR B 74 17.25 -12.98 0.39
N SER B 75 18.34 -12.47 -0.10
CA SER B 75 19.60 -13.27 -0.10
C SER B 75 20.06 -13.60 1.32
N HIS B 76 19.81 -12.72 2.26
CA HIS B 76 20.23 -13.01 3.68
C HIS B 76 19.32 -14.10 4.26
N PRO B 77 19.83 -14.87 5.19
CA PRO B 77 19.05 -15.96 5.86
C PRO B 77 17.95 -15.41 6.78
N LEU B 78 17.77 -14.11 6.81
CA LEU B 78 16.72 -13.50 7.68
C LEU B 78 15.32 -13.67 7.07
N HIS B 79 15.23 -13.75 5.78
CA HIS B 79 13.88 -13.87 5.13
C HIS B 79 13.39 -15.32 5.18
N VAL B 80 14.27 -16.24 4.92
CA VAL B 80 13.86 -17.67 4.91
C VAL B 80 13.39 -18.10 6.30
N GLU B 81 14.23 -17.98 7.28
CA GLU B 81 13.84 -18.36 8.67
C GLU B 81 12.62 -17.55 9.09
N PHE B 82 12.58 -16.29 8.74
CA PHE B 82 11.42 -15.44 9.13
C PHE B 82 10.18 -15.88 8.35
N SER B 83 10.33 -16.12 7.07
CA SER B 83 9.15 -16.52 6.25
C SER B 83 8.53 -17.81 6.80
N ALA B 84 9.34 -18.71 7.29
CA ALA B 84 8.77 -19.97 7.84
C ALA B 84 7.81 -19.63 8.98
N ALA B 85 8.28 -18.87 9.93
CA ALA B 85 7.40 -18.48 11.06
C ALA B 85 6.34 -17.52 10.56
N PHE B 86 6.72 -16.58 9.71
CA PHE B 86 5.71 -15.63 9.18
C PHE B 86 4.46 -16.41 8.82
N THR B 87 4.61 -17.65 8.42
CA THR B 87 3.41 -18.46 8.08
C THR B 87 2.85 -19.02 9.39
N ALA B 88 3.64 -19.81 10.07
CA ALA B 88 3.18 -20.40 11.36
C ALA B 88 2.38 -19.36 12.15
N VAL B 89 2.59 -18.10 11.90
CA VAL B 89 1.87 -17.06 12.65
C VAL B 89 0.78 -16.40 11.77
N ILE B 90 0.48 -16.97 10.64
CA ILE B 90 -0.57 -16.34 9.78
C ILE B 90 -1.67 -17.36 9.47
N ASP B 91 -2.83 -16.87 9.12
CA ASP B 91 -3.98 -17.77 8.78
C ASP B 91 -4.09 -17.87 7.26
N LYS B 92 -3.77 -16.80 6.58
CA LYS B 92 -3.83 -16.78 5.09
C LYS B 92 -2.75 -15.83 4.56
N ILE B 93 -2.19 -16.09 3.40
CA ILE B 93 -1.11 -15.19 2.89
C ILE B 93 -1.43 -14.77 1.45
N VAL B 94 -1.34 -13.49 1.18
CA VAL B 94 -1.58 -12.98 -0.21
C VAL B 94 -0.51 -11.93 -0.54
N LEU B 95 0.02 -11.91 -1.74
CA LEU B 95 1.08 -10.89 -2.05
C LEU B 95 0.91 -10.29 -3.45
N LEU B 96 1.03 -8.98 -3.55
CA LEU B 96 0.92 -8.31 -4.88
C LEU B 96 2.25 -7.61 -5.21
N ASP B 97 2.85 -7.92 -6.33
CA ASP B 97 4.13 -7.25 -6.69
C ASP B 97 3.98 -6.62 -8.08
N PHE B 98 4.38 -5.38 -8.23
CA PHE B 98 4.26 -4.72 -9.57
C PHE B 98 5.16 -3.48 -9.63
N PRO B 99 5.83 -3.27 -10.74
CA PRO B 99 6.71 -2.08 -10.92
C PRO B 99 6.07 -0.78 -10.42
N VAL B 100 6.67 -0.13 -9.47
CA VAL B 100 6.10 1.14 -8.96
C VAL B 100 7.11 2.29 -9.12
N ALA B 101 6.63 3.46 -9.42
CA ALA B 101 7.56 4.62 -9.59
C ALA B 101 6.97 5.86 -8.89
N ALA B 102 7.73 6.46 -8.02
CA ALA B 102 7.22 7.66 -7.31
C ALA B 102 7.39 8.89 -8.19
N VAL B 103 6.59 9.02 -9.21
CA VAL B 103 6.71 10.19 -10.12
C VAL B 103 5.33 10.51 -10.70
N LYS B 104 4.66 11.48 -10.14
CA LYS B 104 3.31 11.86 -10.65
C LYS B 104 3.22 13.38 -10.76
N SER B 105 2.38 14.00 -9.96
CA SER B 105 2.25 15.47 -10.03
C SER B 105 1.71 15.87 -11.40
N SER B 106 1.72 14.95 -12.33
CA SER B 106 1.20 15.26 -13.68
C SER B 106 -0.21 15.84 -13.57
N VAL B 107 -0.50 16.84 -14.36
CA VAL B 107 -1.85 17.47 -14.31
C VAL B 107 -2.39 17.57 -15.74
N VAL B 108 -3.66 17.28 -15.92
CA VAL B 108 -4.25 17.34 -17.28
C VAL B 108 -5.72 16.92 -17.21
N ALA B 109 -6.50 17.62 -16.44
CA ALA B 109 -7.94 17.26 -16.34
C ALA B 109 -8.69 17.90 -17.50
N THR B 110 -9.14 17.12 -18.44
CA THR B 110 -9.87 17.72 -19.60
C THR B 110 -11.11 16.88 -19.91
N PRO B 111 -12.09 16.91 -19.05
CA PRO B 111 -13.35 16.15 -19.22
C PRO B 111 -14.33 16.84 -20.16
N MET A 1 -4.36 8.90 15.13
CA MET A 1 -3.43 9.43 16.16
C MET A 1 -2.76 10.70 15.63
N ALA A 2 -2.65 10.83 14.34
CA ALA A 2 -2.00 12.04 13.76
C ALA A 2 -0.59 12.19 14.35
N THR A 3 0.24 11.19 14.18
CA THR A 3 1.62 11.28 14.74
C THR A 3 2.61 11.25 13.58
N SER A 4 2.13 11.20 12.38
CA SER A 4 3.02 11.15 11.19
C SER A 4 2.17 11.21 9.93
N GLY A 5 2.34 10.28 9.04
CA GLY A 5 1.54 10.31 7.78
C GLY A 5 0.30 9.41 7.94
N PHE A 6 -0.58 9.44 6.99
CA PHE A 6 -1.79 8.58 7.05
C PHE A 6 -1.99 7.93 5.68
N LYS A 7 -2.30 6.66 5.64
CA LYS A 7 -2.48 5.99 4.31
C LYS A 7 -3.90 5.53 4.07
N HIS A 8 -4.34 5.65 2.85
CA HIS A 8 -5.66 5.14 2.42
C HIS A 8 -5.41 4.32 1.16
N LEU A 9 -5.88 3.12 1.08
CA LEU A 9 -5.59 2.30 -0.13
C LEU A 9 -6.85 1.57 -0.55
N VAL A 10 -7.02 1.40 -1.83
CA VAL A 10 -8.22 0.68 -2.32
C VAL A 10 -7.80 -0.39 -3.33
N VAL A 11 -8.38 -1.56 -3.23
CA VAL A 11 -8.01 -2.65 -4.18
C VAL A 11 -9.29 -3.03 -4.90
N VAL A 12 -9.27 -3.12 -6.19
CA VAL A 12 -10.54 -3.45 -6.89
C VAL A 12 -10.35 -4.36 -8.09
N LYS A 13 -11.43 -4.96 -8.52
CA LYS A 13 -11.41 -5.86 -9.71
C LYS A 13 -12.51 -5.37 -10.64
N PHE A 14 -12.41 -5.62 -11.91
CA PHE A 14 -13.45 -5.11 -12.87
C PHE A 14 -14.34 -6.25 -13.39
N LYS A 15 -15.58 -5.94 -13.69
CA LYS A 15 -16.50 -6.97 -14.27
C LYS A 15 -17.10 -6.41 -15.56
N GLU A 16 -17.07 -5.11 -15.72
CA GLU A 16 -17.60 -4.50 -16.97
C GLU A 16 -16.43 -4.40 -17.96
N ASP A 17 -15.39 -3.75 -17.54
CA ASP A 17 -14.16 -3.61 -18.36
C ASP A 17 -13.48 -2.32 -17.91
N THR A 18 -13.15 -2.23 -16.65
CA THR A 18 -12.55 -0.99 -16.11
C THR A 18 -11.42 -0.44 -16.99
N LYS A 19 -11.71 0.63 -17.67
CA LYS A 19 -10.66 1.30 -18.48
C LYS A 19 -9.74 1.99 -17.48
N VAL A 20 -8.73 1.29 -17.03
CA VAL A 20 -7.83 1.87 -15.99
C VAL A 20 -7.14 3.13 -16.53
N ASP A 21 -6.76 3.11 -17.78
CA ASP A 21 -6.06 4.29 -18.37
C ASP A 21 -6.97 5.53 -18.33
N GLU A 22 -8.21 5.39 -18.71
CA GLU A 22 -9.11 6.58 -18.67
C GLU A 22 -9.45 6.85 -17.21
N ILE A 23 -9.62 5.79 -16.46
CA ILE A 23 -9.91 5.93 -15.02
C ILE A 23 -8.67 6.53 -14.38
N LEU A 24 -7.54 5.95 -14.68
CA LEU A 24 -6.25 6.46 -14.15
C LEU A 24 -6.07 7.92 -14.57
N LYS A 25 -6.41 8.24 -15.79
CA LYS A 25 -6.27 9.67 -16.22
C LYS A 25 -7.23 10.49 -15.37
N GLY A 26 -8.27 9.86 -14.88
CA GLY A 26 -9.22 10.58 -14.01
C GLY A 26 -8.49 10.98 -12.72
N LEU A 27 -7.92 10.01 -12.05
CA LEU A 27 -7.18 10.31 -10.80
C LEU A 27 -6.25 11.51 -11.04
N GLU A 28 -5.68 11.62 -12.21
CA GLU A 28 -4.80 12.78 -12.49
C GLU A 28 -5.58 14.05 -12.16
N ASN A 29 -6.82 14.09 -12.55
CA ASN A 29 -7.67 15.25 -12.23
C ASN A 29 -7.74 15.37 -10.70
N LEU A 30 -7.89 14.26 -10.03
CA LEU A 30 -7.92 14.25 -8.55
C LEU A 30 -6.68 14.99 -8.03
N VAL A 31 -5.54 14.67 -8.58
CA VAL A 31 -4.29 15.36 -8.14
C VAL A 31 -4.49 16.87 -8.20
N SER A 32 -5.41 17.30 -9.02
CA SER A 32 -5.69 18.76 -9.11
C SER A 32 -5.73 19.34 -7.70
N GLN A 33 -6.27 18.61 -6.77
CA GLN A 33 -6.35 19.11 -5.37
C GLN A 33 -5.01 18.95 -4.63
N ILE A 34 -4.00 18.34 -5.23
CA ILE A 34 -2.73 18.18 -4.47
C ILE A 34 -1.83 19.39 -4.67
N ASP A 35 -2.37 20.52 -4.99
CA ASP A 35 -1.50 21.71 -5.14
C ASP A 35 -0.82 21.88 -3.78
N THR A 36 -1.38 21.22 -2.80
CA THR A 36 -0.83 21.27 -1.43
C THR A 36 0.51 20.55 -1.41
N VAL A 37 0.91 19.98 -2.51
CA VAL A 37 2.21 19.26 -2.54
C VAL A 37 2.49 18.68 -1.16
N LYS A 38 1.48 18.14 -0.53
CA LYS A 38 1.67 17.54 0.81
C LYS A 38 1.24 16.09 0.73
N SER A 39 -0.03 15.88 0.51
CA SER A 39 -0.55 14.48 0.43
C SER A 39 -0.08 13.84 -0.88
N PHE A 40 -0.50 12.64 -1.18
CA PHE A 40 0.01 12.00 -2.42
C PHE A 40 -0.97 10.97 -2.99
N GLU A 41 -0.73 10.55 -4.21
CA GLU A 41 -1.61 9.53 -4.86
C GLU A 41 -0.86 8.83 -6.01
N TRP A 42 -0.85 7.52 -6.01
CA TRP A 42 -0.16 6.77 -7.10
C TRP A 42 -1.12 5.73 -7.64
N GLY A 43 -0.80 5.06 -8.71
CA GLY A 43 -1.75 4.02 -9.23
C GLY A 43 -1.01 2.74 -9.59
N GLU A 44 -1.72 1.65 -9.71
CA GLU A 44 -1.06 0.36 -10.03
C GLU A 44 -2.04 -0.54 -10.80
N ASP A 45 -1.53 -1.33 -11.69
CA ASP A 45 -2.37 -2.29 -12.44
C ASP A 45 -1.66 -3.65 -12.36
N LYS A 46 -2.35 -4.73 -12.53
CA LYS A 46 -1.65 -6.05 -12.38
C LYS A 46 -0.54 -6.15 -13.43
N GLU A 47 0.59 -5.55 -13.16
CA GLU A 47 1.75 -5.66 -14.09
C GLU A 47 2.98 -6.14 -13.32
N SER A 48 2.80 -7.08 -12.43
CA SER A 48 3.96 -7.59 -11.63
C SER A 48 3.77 -9.07 -11.29
N HIS A 49 3.97 -9.95 -12.24
CA HIS A 49 3.85 -11.40 -11.96
C HIS A 49 2.46 -11.70 -11.39
N ASP A 50 1.66 -12.44 -12.12
CA ASP A 50 0.28 -12.76 -11.64
C ASP A 50 0.31 -13.19 -10.16
N MET A 51 1.35 -13.86 -9.74
CA MET A 51 1.39 -14.34 -8.32
C MET A 51 1.71 -13.19 -7.36
N LEU A 52 2.51 -12.23 -7.76
CA LEU A 52 2.87 -11.14 -6.83
C LEU A 52 1.84 -10.00 -6.96
N ARG A 53 1.10 -9.98 -8.04
CA ARG A 53 0.09 -8.90 -8.25
C ARG A 53 -1.33 -9.41 -7.95
N GLN A 54 -1.46 -10.59 -7.42
CA GLN A 54 -2.81 -11.10 -7.07
C GLN A 54 -3.84 -10.69 -8.14
N GLY A 55 -3.38 -10.50 -9.35
CA GLY A 55 -4.29 -10.16 -10.48
C GLY A 55 -5.19 -8.95 -10.19
N PHE A 56 -5.04 -8.30 -9.06
CA PHE A 56 -5.92 -7.11 -8.79
C PHE A 56 -5.92 -6.18 -10.00
N THR A 57 -7.09 -5.75 -10.42
CA THR A 57 -7.19 -4.84 -11.61
C THR A 57 -6.37 -3.56 -11.38
N HIS A 58 -6.63 -2.85 -10.32
CA HIS A 58 -5.86 -1.59 -10.07
C HIS A 58 -6.11 -1.09 -8.65
N ALA A 59 -5.17 -0.36 -8.10
CA ALA A 59 -5.34 0.17 -6.72
C ALA A 59 -4.81 1.59 -6.67
N PHE A 60 -5.20 2.33 -5.65
CA PHE A 60 -4.71 3.72 -5.52
C PHE A 60 -4.17 3.92 -4.11
N SER A 61 -2.96 4.38 -4.00
CA SER A 61 -2.36 4.58 -2.64
C SER A 61 -2.36 6.08 -2.34
N MET A 62 -3.28 6.52 -1.52
CA MET A 62 -3.31 7.96 -1.16
C MET A 62 -2.74 8.18 0.23
N THR A 63 -1.70 8.97 0.31
CA THR A 63 -1.05 9.23 1.62
C THR A 63 -1.31 10.71 1.98
N PHE A 64 -1.69 10.99 3.18
CA PHE A 64 -1.96 12.42 3.55
C PHE A 64 -1.04 12.85 4.69
N GLU A 65 -0.25 13.87 4.48
CA GLU A 65 0.67 14.33 5.57
C GLU A 65 -0.17 14.45 6.84
N ASN A 66 -1.42 14.77 6.68
CA ASN A 66 -2.33 14.90 7.84
C ASN A 66 -3.77 14.72 7.37
N LYS A 67 -4.67 14.45 8.26
CA LYS A 67 -6.10 14.25 7.85
C LYS A 67 -6.67 15.50 7.16
N ASP A 68 -6.12 16.66 7.41
CA ASP A 68 -6.66 17.90 6.78
C ASP A 68 -6.69 17.75 5.25
N GLY A 69 -5.69 17.13 4.68
CA GLY A 69 -5.70 16.97 3.19
C GLY A 69 -6.84 16.03 2.81
N TYR A 70 -7.14 15.08 3.64
CA TYR A 70 -8.25 14.12 3.34
C TYR A 70 -9.60 14.84 3.34
N VAL A 71 -9.88 15.66 4.33
CA VAL A 71 -11.21 16.35 4.32
C VAL A 71 -11.20 17.40 3.22
N ALA A 72 -10.05 17.94 2.90
CA ALA A 72 -9.96 18.97 1.84
C ALA A 72 -10.36 18.35 0.49
N PHE A 73 -9.62 17.36 0.05
CA PHE A 73 -9.94 16.72 -1.25
C PHE A 73 -11.34 16.10 -1.25
N THR A 74 -11.79 15.57 -0.13
CA THR A 74 -13.14 14.95 -0.09
C THR A 74 -14.23 16.03 -0.11
N SER A 75 -13.97 17.16 0.49
CA SER A 75 -15.00 18.23 0.54
C SER A 75 -15.30 18.77 -0.86
N HIS A 76 -14.38 18.64 -1.79
CA HIS A 76 -14.64 19.15 -3.17
C HIS A 76 -15.51 18.15 -3.94
N PRO A 77 -16.62 18.59 -4.46
CA PRO A 77 -17.54 17.72 -5.27
C PRO A 77 -16.78 16.89 -6.31
N LEU A 78 -15.48 17.00 -6.35
CA LEU A 78 -14.67 16.24 -7.36
C LEU A 78 -14.54 14.76 -6.96
N HIS A 79 -14.45 14.48 -5.69
CA HIS A 79 -14.28 13.06 -5.26
C HIS A 79 -15.63 12.35 -5.23
N VAL A 80 -16.67 13.05 -4.89
CA VAL A 80 -18.02 12.41 -4.82
C VAL A 80 -18.44 11.94 -6.21
N GLU A 81 -18.55 12.84 -7.14
CA GLU A 81 -18.98 12.44 -8.52
C GLU A 81 -18.09 11.30 -9.02
N PHE A 82 -16.80 11.41 -8.80
CA PHE A 82 -15.87 10.34 -9.27
C PHE A 82 -16.05 9.09 -8.41
N SER A 83 -16.34 9.25 -7.14
CA SER A 83 -16.52 8.07 -6.25
C SER A 83 -17.67 7.20 -6.74
N ALA A 84 -18.77 7.80 -7.13
CA ALA A 84 -19.91 7.00 -7.62
C ALA A 84 -19.48 6.21 -8.85
N ALA A 85 -18.74 6.83 -9.72
CA ALA A 85 -18.26 6.14 -10.94
C ALA A 85 -17.25 5.07 -10.52
N PHE A 86 -16.36 5.40 -9.62
CA PHE A 86 -15.35 4.40 -9.19
C PHE A 86 -16.07 3.08 -8.95
N THR A 87 -17.32 3.13 -8.55
CA THR A 87 -18.07 1.87 -8.33
C THR A 87 -18.58 1.37 -9.68
N ALA A 88 -19.41 2.15 -10.31
CA ALA A 88 -19.95 1.76 -11.64
C ALA A 88 -18.86 1.08 -12.47
N VAL A 89 -17.62 1.42 -12.23
CA VAL A 89 -16.52 0.82 -13.04
C VAL A 89 -15.74 -0.21 -12.20
N ILE A 90 -16.27 -0.64 -11.09
CA ILE A 90 -15.53 -1.66 -10.28
C ILE A 90 -16.41 -2.88 -10.03
N ASP A 91 -15.79 -3.99 -9.71
CA ASP A 91 -16.53 -5.25 -9.44
C ASP A 91 -16.54 -5.49 -7.92
N LYS A 92 -15.45 -5.15 -7.28
CA LYS A 92 -15.32 -5.34 -5.80
C LYS A 92 -14.49 -4.19 -5.23
N ILE A 93 -14.78 -3.73 -4.04
CA ILE A 93 -13.97 -2.60 -3.47
C ILE A 93 -13.43 -2.99 -2.09
N VAL A 94 -12.13 -2.92 -1.92
CA VAL A 94 -11.49 -3.25 -0.61
C VAL A 94 -10.60 -2.08 -0.18
N LEU A 95 -10.72 -1.59 1.03
CA LEU A 95 -9.87 -0.41 1.42
C LEU A 95 -9.16 -0.64 2.76
N LEU A 96 -7.86 -0.46 2.78
CA LEU A 96 -7.08 -0.59 4.05
C LEU A 96 -6.40 0.75 4.37
N ASP A 97 -6.66 1.32 5.52
CA ASP A 97 -6.03 2.62 5.87
C ASP A 97 -5.41 2.50 7.27
N PHE A 98 -4.24 3.04 7.47
CA PHE A 98 -3.60 2.98 8.83
C PHE A 98 -2.54 4.07 8.96
N PRO A 99 -2.51 4.77 10.07
CA PRO A 99 -1.51 5.85 10.33
C PRO A 99 -0.10 5.44 9.88
N VAL A 100 0.52 6.23 9.05
CA VAL A 100 1.89 5.88 8.57
C VAL A 100 2.94 6.47 9.52
N ALA A 101 3.69 5.64 10.18
CA ALA A 101 4.74 6.15 11.12
C ALA A 101 6.11 6.08 10.44
N ALA A 102 6.45 7.05 9.64
CA ALA A 102 7.77 7.03 8.96
C ALA A 102 8.86 7.38 9.97
N VAL A 103 9.16 6.47 10.86
CA VAL A 103 10.19 6.76 11.90
C VAL A 103 10.67 5.45 12.52
N LYS A 104 11.51 4.73 11.84
CA LYS A 104 12.00 3.43 12.38
C LYS A 104 13.30 3.66 13.15
N SER A 105 13.49 2.97 14.24
CA SER A 105 14.75 3.16 15.01
C SER A 105 15.92 2.62 14.20
N SER A 106 15.66 1.71 13.32
CA SER A 106 16.76 1.13 12.49
C SER A 106 17.78 0.45 13.41
N VAL A 107 17.32 -0.41 14.27
CA VAL A 107 18.25 -1.12 15.19
C VAL A 107 17.84 -2.59 15.27
N VAL A 108 18.80 -3.48 15.19
CA VAL A 108 18.48 -4.93 15.26
C VAL A 108 17.59 -5.21 16.47
N ALA A 109 16.64 -6.06 16.32
CA ALA A 109 15.74 -6.38 17.47
C ALA A 109 16.61 -6.80 18.66
N THR A 110 16.84 -5.91 19.59
CA THR A 110 17.69 -6.28 20.76
C THR A 110 17.03 -5.79 22.05
N PRO A 111 15.94 -6.40 22.43
CA PRO A 111 15.19 -6.02 23.65
C PRO A 111 16.12 -5.81 24.86
N MET B 1 10.20 -2.57 -14.72
CA MET B 1 10.71 -1.53 -15.65
C MET B 1 11.89 -0.78 -15.00
N ALA B 2 11.92 -0.75 -13.69
CA ALA B 2 13.04 -0.05 -12.99
C ALA B 2 13.09 1.41 -13.48
N THR B 3 12.03 2.13 -13.32
CA THR B 3 12.02 3.56 -13.78
C THR B 3 11.84 4.47 -12.56
N SER B 4 11.74 3.88 -11.41
CA SER B 4 11.55 4.69 -10.17
C SER B 4 11.60 3.76 -8.97
N GLY B 5 10.60 3.80 -8.13
CA GLY B 5 10.62 2.91 -6.93
C GLY B 5 9.85 1.62 -7.23
N PHE B 6 9.88 0.68 -6.33
CA PHE B 6 9.14 -0.59 -6.54
C PHE B 6 8.43 -0.94 -5.23
N LYS B 7 7.19 -1.36 -5.30
CA LYS B 7 6.45 -1.68 -4.04
C LYS B 7 6.10 -3.16 -3.93
N HIS B 8 6.18 -3.65 -2.73
CA HIS B 8 5.75 -5.04 -2.42
C HIS B 8 4.84 -4.94 -1.19
N LEU B 9 3.68 -5.51 -1.24
CA LEU B 9 2.76 -5.38 -0.08
C LEU B 9 2.11 -6.72 0.22
N VAL B 10 1.87 -6.99 1.46
CA VAL B 10 1.24 -8.28 1.83
C VAL B 10 0.07 -8.02 2.78
N VAL B 11 -1.03 -8.68 2.57
CA VAL B 11 -2.21 -8.46 3.46
C VAL B 11 -2.52 -9.82 4.08
N VAL B 12 -2.70 -9.90 5.36
CA VAL B 12 -2.96 -11.24 5.94
C VAL B 12 -3.97 -11.21 7.09
N LYS B 13 -4.50 -12.36 7.40
CA LYS B 13 -5.46 -12.50 8.52
C LYS B 13 -4.94 -13.62 9.42
N PHE B 14 -5.29 -13.62 10.67
CA PHE B 14 -4.76 -14.68 11.59
C PHE B 14 -5.84 -15.69 11.97
N LYS B 15 -5.45 -16.92 12.22
CA LYS B 15 -6.42 -17.96 12.66
C LYS B 15 -5.90 -18.61 13.94
N GLU B 16 -4.62 -18.48 14.20
CA GLU B 16 -4.05 -19.05 15.45
C GLU B 16 -4.12 -17.94 16.52
N ASP B 17 -3.53 -16.82 16.21
CA ASP B 17 -3.55 -15.65 17.12
C ASP B 17 -2.29 -14.84 16.81
N THR B 18 -2.16 -14.41 15.58
CA THR B 18 -0.94 -13.67 15.16
C THR B 18 -0.55 -12.57 16.15
N LYS B 19 0.50 -12.81 16.89
CA LYS B 19 1.02 -11.78 17.80
C LYS B 19 1.70 -10.74 16.91
N VAL B 20 0.95 -9.76 16.48
CA VAL B 20 1.51 -8.74 15.56
C VAL B 20 2.66 -7.98 16.22
N ASP B 21 2.54 -7.70 17.49
CA ASP B 21 3.61 -6.95 18.20
C ASP B 21 4.92 -7.76 18.19
N GLU B 22 4.87 -9.03 18.47
CA GLU B 22 6.13 -9.83 18.46
C GLU B 22 6.52 -10.04 17.01
N ILE B 23 5.54 -10.24 16.17
CA ILE B 23 5.80 -10.42 14.73
C ILE B 23 6.31 -9.09 14.21
N LEU B 24 5.62 -8.04 14.55
CA LEU B 24 6.04 -6.67 14.14
C LEU B 24 7.46 -6.40 14.66
N LYS B 25 7.73 -6.80 15.89
CA LYS B 25 9.11 -6.58 16.43
C LYS B 25 10.06 -7.40 15.56
N GLY B 26 9.56 -8.45 14.97
CA GLY B 26 10.42 -9.28 14.09
C GLY B 26 10.83 -8.43 12.89
N LEU B 27 9.86 -7.90 12.19
CA LEU B 27 10.18 -7.05 11.00
C LEU B 27 11.28 -6.05 11.38
N GLU B 28 11.25 -5.56 12.61
CA GLU B 28 12.31 -4.59 13.01
C GLU B 28 13.66 -5.25 12.72
N ASN B 29 13.79 -6.50 13.05
CA ASN B 29 15.05 -7.24 12.74
C ASN B 29 15.27 -7.19 11.23
N LEU B 30 14.22 -7.38 10.48
CA LEU B 30 14.31 -7.32 8.99
C LEU B 30 14.96 -5.98 8.60
N VAL B 31 14.52 -4.90 9.21
CA VAL B 31 15.11 -3.57 8.90
C VAL B 31 16.64 -3.66 9.05
N SER B 32 17.09 -4.60 9.84
CA SER B 32 18.56 -4.75 10.01
C SER B 32 19.24 -4.65 8.65
N GLN B 33 18.61 -5.19 7.64
CA GLN B 33 19.21 -5.13 6.27
C GLN B 33 18.98 -3.76 5.61
N ILE B 34 18.24 -2.86 6.22
CA ILE B 34 18.02 -1.54 5.54
C ILE B 34 19.13 -0.56 5.88
N ASP B 35 20.29 -1.04 6.25
CA ASP B 35 21.38 -0.08 6.53
C ASP B 35 21.58 0.70 5.25
N THR B 36 21.04 0.16 4.19
CA THR B 36 21.13 0.81 2.86
C THR B 36 20.30 2.09 2.87
N VAL B 37 19.63 2.35 3.96
CA VAL B 37 18.80 3.59 4.01
C VAL B 37 18.29 3.92 2.61
N LYS B 38 17.88 2.93 1.89
CA LYS B 38 17.35 3.16 0.52
C LYS B 38 15.94 2.60 0.48
N SER B 39 15.81 1.30 0.60
CA SER B 39 14.48 0.66 0.55
C SER B 39 13.72 0.98 1.84
N PHE B 40 12.54 0.45 2.03
CA PHE B 40 11.77 0.83 3.26
C PHE B 40 10.80 -0.28 3.68
N GLU B 41 10.28 -0.16 4.88
CA GLU B 41 9.31 -1.16 5.40
C GLU B 41 8.47 -0.55 6.54
N TRP B 42 7.17 -0.65 6.45
CA TRP B 42 6.29 -0.10 7.53
C TRP B 42 5.30 -1.18 7.93
N GLY B 43 4.54 -0.99 8.97
CA GLY B 43 3.57 -2.05 9.35
C GLY B 43 2.20 -1.44 9.66
N GLU B 44 1.17 -2.25 9.67
CA GLU B 44 -0.19 -1.72 9.95
C GLU B 44 -1.04 -2.82 10.57
N ASP B 45 -1.94 -2.43 11.44
CA ASP B 45 -2.87 -3.40 12.07
C ASP B 45 -4.27 -2.80 11.94
N LYS B 46 -5.31 -3.59 11.98
CA LYS B 46 -6.66 -3.00 11.80
C LYS B 46 -6.93 -1.97 12.90
N GLU B 47 -6.42 -0.79 12.75
CA GLU B 47 -6.68 0.29 13.74
C GLU B 47 -7.21 1.53 13.02
N SER B 48 -8.07 1.35 12.05
CA SER B 48 -8.63 2.52 11.30
C SER B 48 -10.06 2.22 10.85
N HIS B 49 -11.01 2.29 11.75
CA HIS B 49 -12.43 2.07 11.35
C HIS B 49 -12.57 0.70 10.68
N ASP B 50 -13.28 -0.20 11.30
CA ASP B 50 -13.46 -1.56 10.70
C ASP B 50 -13.79 -1.46 9.21
N MET B 51 -14.52 -0.47 8.80
CA MET B 51 -14.92 -0.36 7.37
C MET B 51 -13.73 0.11 6.51
N LEU B 52 -12.87 0.95 7.03
CA LEU B 52 -11.75 1.47 6.21
C LEU B 52 -10.54 0.53 6.35
N ARG B 53 -10.53 -0.28 7.37
CA ARG B 53 -9.39 -1.21 7.60
C ARG B 53 -9.74 -2.64 7.17
N GLN B 54 -10.87 -2.83 6.55
CA GLN B 54 -11.25 -4.20 6.08
C GLN B 54 -10.81 -5.25 7.11
N GLY B 55 -10.75 -4.86 8.36
CA GLY B 55 -10.41 -5.84 9.46
C GLY B 55 -9.09 -6.59 9.18
N PHE B 56 -8.40 -6.32 8.12
CA PHE B 56 -7.12 -7.07 7.88
C PHE B 56 -6.28 -7.09 9.15
N THR B 57 -5.78 -8.24 9.53
CA THR B 57 -4.93 -8.33 10.76
C THR B 57 -3.72 -7.41 10.68
N HIS B 58 -2.92 -7.54 9.65
CA HIS B 58 -1.72 -6.66 9.54
C HIS B 58 -1.11 -6.76 8.14
N ALA B 59 -0.44 -5.73 7.71
CA ALA B 59 0.19 -5.76 6.36
C ALA B 59 1.58 -5.12 6.43
N PHE B 60 2.40 -5.38 5.46
CA PHE B 60 3.75 -4.77 5.45
C PHE B 60 4.00 -4.11 4.10
N SER B 61 4.35 -2.86 4.09
CA SER B 61 4.58 -2.16 2.79
C SER B 61 6.10 -2.02 2.60
N MET B 62 6.67 -2.84 1.75
CA MET B 62 8.13 -2.73 1.50
C MET B 62 8.38 -2.04 0.16
N THR B 63 9.09 -0.94 0.21
CA THR B 63 9.37 -0.18 -1.03
C THR B 63 10.88 -0.29 -1.30
N PHE B 64 11.28 -0.56 -2.52
CA PHE B 64 12.74 -0.69 -2.80
C PHE B 64 13.16 0.34 -3.84
N GLU B 65 14.10 1.20 -3.51
CA GLU B 65 14.56 2.22 -4.51
C GLU B 65 14.81 1.49 -5.81
N ASN B 66 15.24 0.25 -5.72
CA ASN B 66 15.53 -0.56 -6.93
C ASN B 66 15.44 -2.04 -6.55
N LYS B 67 15.31 -2.89 -7.52
CA LYS B 67 15.20 -4.35 -7.21
C LYS B 67 16.44 -4.86 -6.47
N ASP B 68 17.57 -4.21 -6.62
CA ASP B 68 18.80 -4.70 -5.93
C ASP B 68 18.56 -4.84 -4.42
N GLY B 69 17.82 -3.94 -3.83
CA GLY B 69 17.57 -4.06 -2.36
C GLY B 69 16.72 -5.30 -2.11
N TYR B 70 15.84 -5.61 -3.04
CA TYR B 70 14.97 -6.80 -2.86
C TYR B 70 15.80 -8.09 -2.90
N VAL B 71 16.69 -8.25 -3.86
CA VAL B 71 17.49 -9.51 -3.88
C VAL B 71 18.48 -9.50 -2.70
N ALA B 72 18.88 -8.33 -2.28
CA ALA B 72 19.84 -8.24 -1.15
C ALA B 72 19.17 -8.77 0.13
N PHE B 73 18.10 -8.14 0.54
CA PHE B 73 17.39 -8.60 1.78
C PHE B 73 16.90 -10.06 1.64
N THR B 74 16.49 -10.46 0.46
CA THR B 74 15.98 -11.85 0.29
C THR B 74 17.15 -12.84 0.31
N SER B 75 18.29 -12.46 -0.19
CA SER B 75 19.45 -13.40 -0.22
C SER B 75 19.92 -13.74 1.20
N HIS B 76 19.66 -12.90 2.16
CA HIS B 76 20.11 -13.21 3.55
C HIS B 76 19.13 -14.21 4.20
N PRO B 77 19.63 -15.32 4.67
CA PRO B 77 18.78 -16.36 5.35
C PRO B 77 17.83 -15.75 6.40
N LEU B 78 17.82 -14.45 6.52
CA LEU B 78 16.93 -13.78 7.53
C LEU B 78 15.48 -13.73 7.03
N HIS B 79 15.27 -13.58 5.75
CA HIS B 79 13.88 -13.49 5.23
C HIS B 79 13.28 -14.89 5.06
N VAL B 80 14.09 -15.85 4.72
CA VAL B 80 13.58 -17.23 4.52
C VAL B 80 13.05 -17.80 5.84
N GLU B 81 13.90 -17.90 6.82
CA GLU B 81 13.46 -18.45 8.13
C GLU B 81 12.22 -17.69 8.62
N PHE B 82 12.22 -16.39 8.48
CA PHE B 82 11.05 -15.58 8.92
C PHE B 82 9.88 -15.80 7.97
N SER B 83 10.15 -15.98 6.71
CA SER B 83 9.04 -16.19 5.72
C SER B 83 8.25 -17.45 6.09
N ALA B 84 8.91 -18.51 6.45
CA ALA B 84 8.17 -19.76 6.80
C ALA B 84 7.27 -19.47 7.99
N ALA B 85 7.78 -18.74 8.95
CA ALA B 85 6.97 -18.41 10.15
C ALA B 85 5.84 -17.46 9.72
N PHE B 86 6.15 -16.48 8.91
CA PHE B 86 5.10 -15.55 8.47
C PHE B 86 3.86 -16.35 8.10
N THR B 87 4.05 -17.56 7.63
CA THR B 87 2.88 -18.39 7.27
C THR B 87 2.34 -19.03 8.53
N ALA B 88 3.15 -19.85 9.16
CA ALA B 88 2.72 -20.51 10.43
C ALA B 88 1.90 -19.54 11.27
N VAL B 89 2.14 -18.26 11.15
CA VAL B 89 1.41 -17.27 11.97
C VAL B 89 0.36 -16.52 11.13
N ILE B 90 0.05 -17.00 9.95
CA ILE B 90 -0.97 -16.29 9.13
C ILE B 90 -2.10 -17.25 8.74
N ASP B 91 -3.23 -16.70 8.38
CA ASP B 91 -4.40 -17.52 7.97
C ASP B 91 -4.56 -17.44 6.45
N LYS B 92 -4.25 -16.28 5.90
CA LYS B 92 -4.37 -16.08 4.43
C LYS B 92 -3.26 -15.11 3.98
N ILE B 93 -2.70 -15.27 2.81
CA ILE B 93 -1.61 -14.35 2.37
C ILE B 93 -1.96 -13.74 1.01
N VAL B 94 -1.98 -12.43 0.93
CA VAL B 94 -2.28 -11.73 -0.36
C VAL B 94 -1.16 -10.72 -0.64
N LEU B 95 -0.58 -10.71 -1.83
CA LEU B 95 0.54 -9.75 -2.07
C LEU B 95 0.34 -8.97 -3.39
N LEU B 96 0.40 -7.65 -3.30
CA LEU B 96 0.29 -6.81 -4.53
C LEU B 96 1.58 -6.00 -4.71
N ASP B 97 2.23 -6.14 -5.83
CA ASP B 97 3.49 -5.37 -6.05
C ASP B 97 3.43 -4.67 -7.42
N PHE B 98 3.87 -3.45 -7.50
CA PHE B 98 3.84 -2.73 -8.81
C PHE B 98 4.84 -1.56 -8.81
N PRO B 99 5.60 -1.41 -9.86
CA PRO B 99 6.60 -0.32 -9.96
C PRO B 99 6.06 1.02 -9.46
N VAL B 100 6.73 1.66 -8.54
CA VAL B 100 6.24 2.95 -8.01
C VAL B 100 6.80 4.11 -8.84
N ALA B 101 5.95 4.85 -9.52
CA ALA B 101 6.44 5.99 -10.34
C ALA B 101 6.19 7.30 -9.58
N ALA B 102 7.07 7.66 -8.69
CA ALA B 102 6.90 8.93 -7.94
C ALA B 102 7.22 10.11 -8.84
N VAL B 103 6.35 10.39 -9.79
CA VAL B 103 6.62 11.51 -10.73
C VAL B 103 5.31 11.92 -11.41
N LYS B 104 4.47 12.65 -10.71
CA LYS B 104 3.18 13.07 -11.32
C LYS B 104 3.34 14.44 -11.98
N SER B 105 2.72 14.65 -13.11
CA SER B 105 2.84 15.96 -13.79
C SER B 105 2.16 17.03 -12.94
N SER B 106 1.21 16.63 -12.14
CA SER B 106 0.49 17.63 -11.29
C SER B 106 -0.21 18.65 -12.18
N VAL B 107 -0.97 18.18 -13.13
CA VAL B 107 -1.70 19.11 -14.04
C VAL B 107 -3.12 18.58 -14.23
N VAL B 108 -4.09 19.47 -14.18
CA VAL B 108 -5.51 19.03 -14.36
C VAL B 108 -5.63 18.22 -15.64
N ALA B 109 -6.41 17.18 -15.62
CA ALA B 109 -6.58 16.35 -16.84
C ALA B 109 -6.98 17.26 -18.00
N THR B 110 -6.06 17.63 -18.84
CA THR B 110 -6.42 18.53 -19.98
C THR B 110 -5.80 18.00 -21.26
N PRO B 111 -6.28 16.88 -21.76
CA PRO B 111 -5.77 16.26 -23.01
C PRO B 111 -5.57 17.29 -24.12
N MET A 1 -5.15 6.78 18.42
CA MET A 1 -3.68 7.02 18.49
C MET A 1 -3.32 8.21 17.60
N ALA A 2 -3.44 8.05 16.30
CA ALA A 2 -3.11 9.17 15.37
C ALA A 2 -1.68 9.65 15.67
N THR A 3 -0.72 8.77 15.59
CA THR A 3 0.69 9.18 15.86
C THR A 3 1.40 9.44 14.53
N SER A 4 0.80 9.04 13.45
CA SER A 4 1.42 9.24 12.12
C SER A 4 0.42 9.94 11.22
N GLY A 5 -0.50 9.21 10.63
CA GLY A 5 -1.50 9.85 9.75
C GLY A 5 -2.80 9.03 9.74
N PHE A 6 -3.69 9.35 8.85
CA PHE A 6 -4.96 8.57 8.77
C PHE A 6 -4.98 7.83 7.43
N LYS A 7 -5.28 6.56 7.44
CA LYS A 7 -5.23 5.79 6.16
C LYS A 7 -6.62 5.56 5.57
N HIS A 8 -6.75 5.88 4.32
CA HIS A 8 -8.00 5.58 3.55
C HIS A 8 -7.57 4.71 2.38
N LEU A 9 -8.08 3.52 2.28
CA LEU A 9 -7.63 2.63 1.17
C LEU A 9 -8.84 2.02 0.48
N VAL A 10 -8.77 1.90 -0.80
CA VAL A 10 -9.91 1.30 -1.54
C VAL A 10 -9.39 0.20 -2.47
N VAL A 11 -10.07 -0.91 -2.52
CA VAL A 11 -9.62 -2.03 -3.38
C VAL A 11 -10.64 -2.18 -4.48
N VAL A 12 -10.23 -2.25 -5.71
CA VAL A 12 -11.25 -2.36 -6.77
C VAL A 12 -10.87 -3.34 -7.88
N LYS A 13 -11.87 -3.94 -8.47
CA LYS A 13 -11.66 -4.88 -9.59
C LYS A 13 -12.55 -4.42 -10.74
N PHE A 14 -12.21 -4.73 -11.96
CA PHE A 14 -13.03 -4.23 -13.11
C PHE A 14 -13.75 -5.38 -13.83
N LYS A 15 -14.82 -5.07 -14.52
CA LYS A 15 -15.55 -6.11 -15.30
C LYS A 15 -15.76 -5.60 -16.73
N GLU A 16 -15.65 -4.31 -16.93
CA GLU A 16 -15.79 -3.74 -18.29
C GLU A 16 -14.38 -3.68 -18.90
N ASP A 17 -13.48 -3.06 -18.18
CA ASP A 17 -12.06 -2.95 -18.61
C ASP A 17 -11.54 -1.63 -18.06
N THR A 18 -11.46 -1.54 -16.76
CA THR A 18 -11.00 -0.27 -16.12
C THR A 18 -9.65 0.21 -16.65
N LYS A 19 -9.68 1.30 -17.35
CA LYS A 19 -8.42 1.90 -17.86
C LYS A 19 -7.74 2.52 -16.66
N VAL A 20 -6.98 1.74 -15.95
CA VAL A 20 -6.31 2.27 -14.71
C VAL A 20 -5.35 3.41 -15.07
N ASP A 21 -4.61 3.26 -16.12
CA ASP A 21 -3.65 4.32 -16.53
C ASP A 21 -4.40 5.60 -16.90
N GLU A 22 -5.46 5.52 -17.65
CA GLU A 22 -6.23 6.75 -17.99
C GLU A 22 -6.89 7.24 -16.71
N ILE A 23 -7.28 6.30 -15.89
CA ILE A 23 -7.87 6.65 -14.58
C ILE A 23 -6.76 7.28 -13.75
N LEU A 24 -5.60 6.69 -13.82
CA LEU A 24 -4.42 7.23 -13.10
C LEU A 24 -4.16 8.67 -13.58
N LYS A 25 -4.32 8.93 -14.86
CA LYS A 25 -4.10 10.32 -15.35
C LYS A 25 -5.12 11.20 -14.64
N GLY A 26 -6.29 10.67 -14.40
CA GLY A 26 -7.33 11.46 -13.68
C GLY A 26 -6.81 11.74 -12.27
N LEU A 27 -6.40 10.71 -11.57
CA LEU A 27 -5.86 10.90 -10.20
C LEU A 27 -4.91 12.10 -10.21
N GLU A 28 -4.08 12.22 -11.23
CA GLU A 28 -3.17 13.39 -11.29
C GLU A 28 -4.02 14.65 -11.10
N ASN A 29 -5.19 14.65 -11.68
CA ASN A 29 -6.09 15.81 -11.50
C ASN A 29 -6.47 15.89 -10.02
N LEU A 30 -6.79 14.77 -9.43
CA LEU A 30 -7.11 14.73 -7.98
C LEU A 30 -6.04 15.52 -7.22
N VAL A 31 -4.78 15.26 -7.50
CA VAL A 31 -3.70 15.99 -6.81
C VAL A 31 -3.91 17.49 -7.00
N SER A 32 -4.59 17.86 -8.05
CA SER A 32 -4.84 19.31 -8.29
C SER A 32 -5.22 19.97 -6.97
N GLN A 33 -6.07 19.32 -6.21
CA GLN A 33 -6.49 19.90 -4.91
C GLN A 33 -5.54 19.48 -3.77
N ILE A 34 -4.64 18.55 -3.98
CA ILE A 34 -3.73 18.16 -2.86
C ILE A 34 -2.45 18.98 -2.90
N ASP A 35 -2.49 20.17 -3.41
CA ASP A 35 -1.25 20.99 -3.41
C ASP A 35 -0.86 21.12 -1.94
N THR A 36 -1.76 20.68 -1.09
CA THR A 36 -1.52 20.75 0.37
C THR A 36 -0.38 19.80 0.73
N VAL A 37 0.03 18.98 -0.19
CA VAL A 37 1.15 18.03 0.11
C VAL A 37 1.03 17.57 1.56
N LYS A 38 -0.17 17.43 2.04
CA LYS A 38 -0.35 16.97 3.44
C LYS A 38 -1.11 15.65 3.39
N SER A 39 -0.72 14.79 2.51
CA SER A 39 -1.41 13.49 2.35
C SER A 39 -0.67 12.64 1.30
N PHE A 40 -1.11 11.43 1.05
CA PHE A 40 -0.39 10.61 0.03
C PHE A 40 -1.33 9.67 -0.71
N GLU A 41 -0.94 9.28 -1.91
CA GLU A 41 -1.79 8.38 -2.74
C GLU A 41 -0.92 7.58 -3.72
N TRP A 42 -1.01 6.27 -3.69
CA TRP A 42 -0.24 5.43 -4.66
C TRP A 42 -1.22 4.49 -5.34
N GLY A 43 -0.82 3.81 -6.37
CA GLY A 43 -1.79 2.89 -7.05
C GLY A 43 -1.06 1.73 -7.73
N GLU A 44 -1.58 0.54 -7.62
CA GLU A 44 -0.92 -0.62 -8.28
C GLU A 44 -1.93 -1.32 -9.19
N ASP A 45 -1.46 -2.26 -9.95
CA ASP A 45 -2.36 -3.06 -10.84
C ASP A 45 -1.55 -4.25 -11.33
N LYS A 46 -1.63 -5.39 -10.69
CA LYS A 46 -0.85 -6.55 -11.20
C LYS A 46 -1.68 -7.32 -12.23
N GLU A 47 -1.06 -8.27 -12.89
CA GLU A 47 -1.81 -9.10 -13.88
C GLU A 47 -0.90 -10.23 -14.37
N SER A 48 -0.92 -11.37 -13.71
CA SER A 48 -0.04 -12.50 -14.15
C SER A 48 0.07 -13.53 -13.01
N HIS A 49 0.21 -14.78 -13.34
CA HIS A 49 0.39 -15.83 -12.30
C HIS A 49 -0.81 -15.80 -11.33
N ASP A 50 -1.61 -16.83 -11.33
CA ASP A 50 -2.78 -16.87 -10.41
C ASP A 50 -2.35 -16.59 -8.96
N MET A 51 -1.26 -17.16 -8.53
CA MET A 51 -0.81 -16.93 -7.13
C MET A 51 -0.47 -15.45 -6.91
N LEU A 52 0.06 -14.78 -7.90
CA LEU A 52 0.34 -13.31 -7.74
C LEU A 52 -0.90 -12.51 -8.16
N ARG A 53 -1.77 -13.11 -8.93
CA ARG A 53 -3.01 -12.40 -9.37
C ARG A 53 -4.11 -12.49 -8.32
N GLN A 54 -3.77 -12.32 -7.07
CA GLN A 54 -4.83 -12.34 -6.00
C GLN A 54 -6.15 -11.79 -6.57
N GLY A 55 -6.11 -11.19 -7.72
CA GLY A 55 -7.35 -10.70 -8.40
C GLY A 55 -7.53 -9.18 -8.32
N PHE A 56 -7.14 -8.53 -7.25
CA PHE A 56 -7.32 -7.05 -7.18
C PHE A 56 -6.65 -6.38 -8.39
N THR A 57 -7.42 -5.98 -9.37
CA THR A 57 -6.83 -5.37 -10.59
C THR A 57 -6.08 -4.07 -10.25
N HIS A 58 -6.55 -3.32 -9.29
CA HIS A 58 -5.84 -2.08 -8.91
C HIS A 58 -6.45 -1.47 -7.65
N ALA A 59 -5.65 -0.79 -6.87
CA ALA A 59 -6.17 -0.21 -5.60
C ALA A 59 -5.49 1.13 -5.36
N PHE A 60 -5.96 1.87 -4.39
CA PHE A 60 -5.34 3.18 -4.08
C PHE A 60 -5.25 3.35 -2.57
N SER A 61 -4.13 3.81 -2.08
CA SER A 61 -3.99 3.97 -0.60
C SER A 61 -3.92 5.47 -0.30
N MET A 62 -4.97 6.02 0.24
CA MET A 62 -4.96 7.47 0.58
C MET A 62 -4.58 7.67 2.04
N THR A 63 -3.52 8.38 2.26
CA THR A 63 -3.04 8.64 3.65
C THR A 63 -3.12 10.16 3.89
N PHE A 64 -3.50 10.58 5.06
CA PHE A 64 -3.60 12.05 5.32
C PHE A 64 -2.69 12.44 6.49
N GLU A 65 -2.21 13.65 6.51
CA GLU A 65 -1.33 14.08 7.63
C GLU A 65 -2.23 14.55 8.77
N ASN A 66 -3.41 14.96 8.44
CA ASN A 66 -4.37 15.44 9.47
C ASN A 66 -5.77 15.43 8.86
N LYS A 67 -6.78 15.54 9.67
CA LYS A 67 -8.18 15.53 9.14
C LYS A 67 -8.49 16.79 8.34
N ASP A 68 -7.80 17.87 8.59
CA ASP A 68 -8.10 19.13 7.83
C ASP A 68 -7.83 18.95 6.33
N GLY A 69 -6.76 18.27 5.99
CA GLY A 69 -6.49 18.06 4.54
C GLY A 69 -7.48 17.05 3.98
N TYR A 70 -7.89 16.11 4.79
CA TYR A 70 -8.86 15.07 4.33
C TYR A 70 -10.22 15.71 4.03
N VAL A 71 -10.70 16.60 4.86
CA VAL A 71 -12.03 17.22 4.56
C VAL A 71 -11.87 18.16 3.36
N ALA A 72 -10.70 18.72 3.19
CA ALA A 72 -10.48 19.65 2.05
C ALA A 72 -10.60 18.87 0.74
N PHE A 73 -9.77 17.89 0.54
CA PHE A 73 -9.80 17.14 -0.76
C PHE A 73 -11.19 16.59 -1.06
N THR A 74 -11.93 16.18 -0.06
CA THR A 74 -13.28 15.58 -0.33
C THR A 74 -14.34 16.68 -0.43
N SER A 75 -14.15 17.78 0.24
CA SER A 75 -15.16 18.87 0.18
C SER A 75 -15.24 19.48 -1.23
N HIS A 76 -14.15 19.56 -1.94
CA HIS A 76 -14.21 20.13 -3.31
C HIS A 76 -15.13 19.28 -4.20
N PRO A 77 -15.74 19.88 -5.19
CA PRO A 77 -16.66 19.14 -6.12
C PRO A 77 -15.90 18.14 -7.01
N LEU A 78 -14.59 18.15 -6.97
CA LEU A 78 -13.78 17.20 -7.81
C LEU A 78 -13.78 15.79 -7.20
N HIS A 79 -13.93 15.69 -5.91
CA HIS A 79 -13.87 14.34 -5.26
C HIS A 79 -15.22 13.64 -5.38
N VAL A 80 -16.29 14.37 -5.31
CA VAL A 80 -17.64 13.75 -5.40
C VAL A 80 -17.89 13.24 -6.82
N GLU A 81 -17.79 14.11 -7.79
CA GLU A 81 -18.03 13.67 -9.20
C GLU A 81 -17.05 12.56 -9.56
N PHE A 82 -15.81 12.68 -9.15
CA PHE A 82 -14.82 11.62 -9.46
C PHE A 82 -15.27 10.29 -8.87
N SER A 83 -15.77 10.30 -7.65
CA SER A 83 -16.22 9.03 -7.02
C SER A 83 -17.42 8.47 -7.78
N ALA A 84 -18.23 9.31 -8.36
CA ALA A 84 -19.41 8.80 -9.10
C ALA A 84 -18.93 7.93 -10.26
N ALA A 85 -18.09 8.46 -11.10
CA ALA A 85 -17.55 7.67 -12.22
C ALA A 85 -16.66 6.56 -11.67
N PHE A 86 -15.90 6.85 -10.65
CA PHE A 86 -15.04 5.78 -10.05
C PHE A 86 -15.89 4.53 -9.88
N THR A 87 -17.18 4.69 -9.75
CA THR A 87 -18.05 3.49 -9.60
C THR A 87 -18.34 2.95 -11.00
N ALA A 88 -19.02 3.73 -11.80
CA ALA A 88 -19.33 3.28 -13.18
C ALA A 88 -18.13 2.56 -13.80
N VAL A 89 -16.95 2.98 -13.46
CA VAL A 89 -15.74 2.34 -14.04
C VAL A 89 -15.24 1.19 -13.14
N ILE A 90 -16.02 0.73 -12.21
CA ILE A 90 -15.56 -0.39 -11.33
C ILE A 90 -16.63 -1.47 -11.23
N ASP A 91 -16.23 -2.63 -10.78
CA ASP A 91 -17.17 -3.78 -10.64
C ASP A 91 -17.34 -4.10 -9.16
N LYS A 92 -16.28 -3.92 -8.40
CA LYS A 92 -16.31 -4.21 -6.94
C LYS A 92 -15.69 -3.03 -6.19
N ILE A 93 -16.35 -2.51 -5.18
CA ILE A 93 -15.76 -1.36 -4.43
C ILE A 93 -15.76 -1.66 -2.92
N VAL A 94 -14.64 -1.47 -2.28
CA VAL A 94 -14.53 -1.71 -0.80
C VAL A 94 -13.53 -0.72 -0.21
N LEU A 95 -13.71 -0.28 1.02
CA LEU A 95 -12.73 0.71 1.58
C LEU A 95 -12.32 0.35 3.02
N LEU A 96 -11.03 0.33 3.28
CA LEU A 96 -10.53 0.03 4.65
C LEU A 96 -9.86 1.29 5.23
N ASP A 97 -10.36 1.79 6.32
CA ASP A 97 -9.76 3.02 6.92
C ASP A 97 -9.45 2.76 8.41
N PHE A 98 -8.30 3.16 8.86
CA PHE A 98 -7.94 2.93 10.30
C PHE A 98 -6.71 3.76 10.69
N PRO A 99 -6.71 4.32 11.88
CA PRO A 99 -5.53 5.09 12.38
C PRO A 99 -4.20 4.38 12.09
N VAL A 100 -3.43 4.88 11.16
CA VAL A 100 -2.15 4.21 10.82
C VAL A 100 -1.03 4.75 11.71
N ALA A 101 -0.28 3.87 12.33
CA ALA A 101 0.85 4.33 13.18
C ALA A 101 2.15 3.68 12.69
N ALA A 102 2.89 4.36 11.85
CA ALA A 102 4.15 3.78 11.33
C ALA A 102 5.10 4.90 10.89
N VAL A 103 6.37 4.67 10.96
CA VAL A 103 7.35 5.72 10.55
C VAL A 103 8.61 5.05 10.01
N LYS A 104 8.84 3.82 10.38
CA LYS A 104 10.04 3.10 9.88
C LYS A 104 11.30 3.93 10.18
N SER A 105 12.24 3.95 9.28
CA SER A 105 13.49 4.70 9.54
C SER A 105 14.17 4.14 10.78
N SER A 106 13.46 3.33 11.53
CA SER A 106 14.06 2.76 12.76
C SER A 106 15.39 2.10 12.42
N VAL A 107 16.28 2.03 13.37
CA VAL A 107 17.61 1.40 13.11
C VAL A 107 18.00 0.59 14.35
N VAL A 108 18.99 -0.26 14.21
CA VAL A 108 19.42 -1.11 15.35
C VAL A 108 18.21 -1.45 16.21
N ALA A 109 17.35 -2.30 15.73
CA ALA A 109 16.15 -2.67 16.52
C ALA A 109 16.61 -3.10 17.91
N THR A 110 15.68 -3.36 18.80
CA THR A 110 16.09 -3.76 20.18
C THR A 110 16.67 -5.18 20.15
N PRO A 111 17.80 -5.37 20.78
CA PRO A 111 18.47 -6.70 20.83
C PRO A 111 17.84 -7.64 21.87
N MET B 1 8.37 -3.28 -18.19
CA MET B 1 8.49 -1.79 -18.15
C MET B 1 9.57 -1.40 -17.15
N ALA B 2 9.35 -1.63 -15.89
CA ALA B 2 10.37 -1.27 -14.86
C ALA B 2 10.74 0.21 -15.03
N THR B 3 9.78 1.09 -14.95
CA THR B 3 10.08 2.54 -15.10
C THR B 3 10.18 3.18 -13.72
N SER B 4 9.78 2.47 -12.71
CA SER B 4 9.84 3.00 -11.32
C SER B 4 10.56 2.00 -10.44
N GLY B 5 9.88 1.00 -9.97
CA GLY B 5 10.55 -0.01 -9.10
C GLY B 5 9.84 -1.36 -9.25
N PHE B 6 10.17 -2.29 -8.40
CA PHE B 6 9.51 -3.62 -8.45
C PHE B 6 8.69 -3.80 -7.18
N LYS B 7 7.45 -4.18 -7.29
CA LYS B 7 6.60 -4.30 -6.06
C LYS B 7 6.45 -5.74 -5.58
N HIS B 8 6.70 -5.93 -4.31
CA HIS B 8 6.47 -7.24 -3.66
C HIS B 8 5.49 -6.97 -2.53
N LEU B 9 4.34 -7.59 -2.54
CA LEU B 9 3.35 -7.29 -1.47
C LEU B 9 2.80 -8.58 -0.91
N VAL B 10 2.59 -8.62 0.37
CA VAL B 10 2.05 -9.85 1.00
C VAL B 10 0.84 -9.49 1.86
N VAL B 11 -0.21 -10.26 1.79
CA VAL B 11 -1.42 -9.95 2.60
C VAL B 11 -1.53 -11.07 3.62
N VAL B 12 -1.72 -10.75 4.87
CA VAL B 12 -1.80 -11.85 5.86
C VAL B 12 -2.89 -11.63 6.91
N LYS B 13 -3.43 -12.71 7.39
CA LYS B 13 -4.46 -12.65 8.46
C LYS B 13 -4.00 -13.59 9.59
N PHE B 14 -4.42 -13.36 10.80
CA PHE B 14 -3.93 -14.21 11.92
C PHE B 14 -5.05 -15.07 12.52
N LYS B 15 -4.70 -16.16 13.16
CA LYS B 15 -5.72 -17.03 13.82
C LYS B 15 -5.28 -17.29 15.26
N GLU B 16 -4.02 -17.09 15.54
CA GLU B 16 -3.53 -17.28 16.93
C GLU B 16 -3.63 -15.91 17.64
N ASP B 17 -3.05 -14.92 17.02
CA ASP B 17 -3.09 -13.52 17.55
C ASP B 17 -1.79 -12.87 17.13
N THR B 18 -1.62 -12.68 15.84
CA THR B 18 -0.36 -12.09 15.33
C THR B 18 -0.03 -10.74 15.98
N LYS B 19 1.02 -10.73 16.75
CA LYS B 19 1.46 -9.47 17.38
C LYS B 19 2.10 -8.65 16.26
N VAL B 20 1.31 -7.90 15.55
CA VAL B 20 1.86 -7.10 14.40
C VAL B 20 2.89 -6.09 14.90
N ASP B 21 2.60 -5.44 15.99
CA ASP B 21 3.56 -4.43 16.54
C ASP B 21 4.87 -5.10 16.94
N GLU B 22 4.83 -6.22 17.61
CA GLU B 22 6.10 -6.90 17.98
C GLU B 22 6.71 -7.42 16.69
N ILE B 23 5.87 -7.83 15.79
CA ILE B 23 6.36 -8.30 14.48
C ILE B 23 6.94 -7.09 13.76
N LEU B 24 6.26 -5.98 13.87
CA LEU B 24 6.74 -4.72 13.27
C LEU B 24 8.10 -4.38 13.86
N LYS B 25 8.30 -4.60 15.14
CA LYS B 25 9.64 -4.32 15.73
C LYS B 25 10.64 -5.21 15.03
N GLY B 26 10.23 -6.40 14.68
CA GLY B 26 11.14 -7.31 13.95
C GLY B 26 11.47 -6.67 12.60
N LEU B 27 10.46 -6.30 11.86
CA LEU B 27 10.69 -5.65 10.54
C LEU B 27 11.80 -4.60 10.70
N GLU B 28 11.79 -3.85 11.77
CA GLU B 28 12.86 -2.84 11.97
C GLU B 28 14.19 -3.57 11.81
N ASN B 29 14.26 -4.77 12.31
CA ASN B 29 15.51 -5.57 12.17
C ASN B 29 15.71 -5.84 10.67
N LEU B 30 14.65 -6.20 9.98
CA LEU B 30 14.74 -6.42 8.51
C LEU B 30 15.49 -5.25 7.88
N VAL B 31 15.10 -4.04 8.24
CA VAL B 31 15.79 -2.84 7.66
C VAL B 31 17.28 -2.94 7.94
N SER B 32 17.64 -3.67 8.96
CA SER B 32 19.08 -3.81 9.29
C SER B 32 19.86 -4.06 7.99
N GLN B 33 19.34 -4.89 7.14
CA GLN B 33 20.04 -5.18 5.85
C GLN B 33 19.60 -4.19 4.75
N ILE B 34 18.59 -3.38 4.96
CA ILE B 34 18.20 -2.43 3.87
C ILE B 34 18.90 -1.10 4.05
N ASP B 35 20.06 -1.08 4.64
CA ASP B 35 20.76 0.22 4.77
C ASP B 35 20.95 0.73 3.35
N THR B 36 20.65 -0.14 2.41
CA THR B 36 20.78 0.21 0.98
C THR B 36 19.76 1.29 0.63
N VAL B 37 18.85 1.57 1.52
CA VAL B 37 17.83 2.62 1.22
C VAL B 37 17.49 2.58 -0.26
N LYS B 38 17.48 1.41 -0.83
CA LYS B 38 17.12 1.27 -2.27
C LYS B 38 15.87 0.41 -2.35
N SER B 39 14.93 0.68 -1.51
CA SER B 39 13.68 -0.14 -1.49
C SER B 39 12.71 0.45 -0.46
N PHE B 40 11.54 -0.09 -0.32
CA PHE B 40 10.59 0.48 0.69
C PHE B 40 9.68 -0.59 1.30
N GLU B 41 9.19 -0.31 2.48
CA GLU B 41 8.31 -1.29 3.20
C GLU B 41 7.38 -0.55 4.18
N TRP B 42 6.08 -0.74 4.04
CA TRP B 42 5.13 -0.12 5.01
C TRP B 42 4.22 -1.21 5.55
N GLY B 43 3.45 -0.95 6.56
CA GLY B 43 2.57 -2.04 7.11
C GLY B 43 1.32 -1.45 7.75
N GLU B 44 0.18 -2.06 7.54
CA GLU B 44 -1.06 -1.55 8.15
C GLU B 44 -1.74 -2.67 8.94
N ASP B 45 -2.77 -2.33 9.66
CA ASP B 45 -3.53 -3.35 10.43
C ASP B 45 -4.83 -2.67 10.89
N LYS B 46 -5.90 -2.81 10.16
CA LYS B 46 -7.16 -2.16 10.63
C LYS B 46 -7.92 -3.12 11.55
N GLU B 47 -8.95 -2.62 12.20
CA GLU B 47 -9.78 -3.51 13.07
C GLU B 47 -11.01 -2.73 13.54
N SER B 48 -12.09 -2.79 12.80
CA SER B 48 -13.32 -2.05 13.21
C SER B 48 -14.29 -1.94 12.02
N HIS B 49 -15.56 -1.92 12.28
CA HIS B 49 -16.55 -1.76 11.17
C HIS B 49 -16.35 -2.88 10.14
N ASP B 50 -17.32 -3.75 10.01
CA ASP B 50 -17.20 -4.85 9.02
C ASP B 50 -16.87 -4.31 7.62
N MET B 51 -17.50 -3.25 7.22
CA MET B 51 -17.21 -2.67 5.87
C MET B 51 -15.76 -2.20 5.79
N LEU B 52 -15.20 -1.69 6.85
CA LEU B 52 -13.76 -1.29 6.81
C LEU B 52 -12.88 -2.47 7.20
N ARG B 53 -13.46 -3.45 7.86
CA ARG B 53 -12.68 -4.65 8.28
C ARG B 53 -12.60 -5.68 7.14
N GLN B 54 -12.38 -5.25 5.94
CA GLN B 54 -12.24 -6.23 4.81
C GLN B 54 -11.61 -7.54 5.32
N GLY B 55 -11.09 -7.52 6.51
CA GLY B 55 -10.55 -8.77 7.14
C GLY B 55 -9.00 -8.81 7.16
N PHE B 56 -8.34 -8.29 6.16
CA PHE B 56 -6.84 -8.35 6.19
C PHE B 56 -6.31 -7.71 7.49
N THR B 57 -5.91 -8.51 8.44
CA THR B 57 -5.43 -7.96 9.74
C THR B 57 -4.18 -7.09 9.54
N HIS B 58 -3.33 -7.44 8.60
CA HIS B 58 -2.13 -6.59 8.35
C HIS B 58 -1.40 -7.06 7.10
N ALA B 59 -0.75 -6.16 6.42
CA ALA B 59 -0.04 -6.54 5.17
C ALA B 59 1.26 -5.74 5.06
N PHE B 60 2.09 -6.08 4.12
CA PHE B 60 3.37 -5.34 3.95
C PHE B 60 3.62 -5.13 2.46
N SER B 61 4.00 -3.95 2.06
CA SER B 61 4.26 -3.69 0.62
C SER B 61 5.75 -3.47 0.43
N MET B 62 6.43 -4.44 -0.14
CA MET B 62 7.89 -4.28 -0.37
C MET B 62 8.16 -3.78 -1.78
N THR B 63 8.78 -2.65 -1.89
CA THR B 63 9.09 -2.07 -3.22
C THR B 63 10.61 -1.99 -3.37
N PHE B 64 11.14 -2.27 -4.53
CA PHE B 64 12.62 -2.22 -4.69
C PHE B 64 13.01 -1.21 -5.76
N GLU B 65 14.19 -0.63 -5.67
CA GLU B 65 14.60 0.36 -6.70
C GLU B 65 15.21 -0.41 -7.86
N ASN B 66 15.70 -1.58 -7.58
CA ASN B 66 16.33 -2.42 -8.62
C ASN B 66 16.40 -3.87 -8.11
N LYS B 67 16.66 -4.80 -8.98
CA LYS B 67 16.73 -6.23 -8.55
C LYS B 67 17.96 -6.49 -7.67
N ASP B 68 18.99 -5.70 -7.80
CA ASP B 68 20.22 -5.94 -6.98
C ASP B 68 19.92 -5.79 -5.48
N GLY B 69 19.14 -4.82 -5.12
CA GLY B 69 18.80 -4.66 -3.68
C GLY B 69 17.85 -5.78 -3.26
N TYR B 70 17.00 -6.19 -4.15
CA TYR B 70 16.03 -7.27 -3.82
C TYR B 70 16.77 -8.60 -3.58
N VAL B 71 17.74 -8.95 -4.37
CA VAL B 71 18.45 -10.24 -4.11
C VAL B 71 19.30 -10.08 -2.84
N ALA B 72 19.74 -8.89 -2.56
CA ALA B 72 20.56 -8.67 -1.34
C ALA B 72 19.73 -8.95 -0.09
N PHE B 73 18.66 -8.22 0.09
CA PHE B 73 17.84 -8.39 1.32
C PHE B 73 17.39 -9.86 1.50
N THR B 74 17.11 -10.54 0.42
CA THR B 74 16.62 -11.95 0.56
C THR B 74 17.79 -12.93 0.68
N SER B 75 18.91 -12.60 0.09
CA SER B 75 20.08 -13.52 0.16
C SER B 75 20.60 -13.65 1.60
N HIS B 76 20.54 -12.61 2.38
CA HIS B 76 21.03 -12.71 3.79
C HIS B 76 20.20 -13.76 4.55
N PRO B 77 20.78 -14.40 5.54
CA PRO B 77 20.07 -15.43 6.36
C PRO B 77 18.95 -14.82 7.23
N LEU B 78 18.86 -13.51 7.28
CA LEU B 78 17.79 -12.85 8.09
C LEU B 78 16.43 -12.92 7.38
N HIS B 79 16.42 -12.98 6.08
CA HIS B 79 15.12 -12.98 5.34
C HIS B 79 14.53 -14.39 5.34
N VAL B 80 15.35 -15.39 5.25
CA VAL B 80 14.84 -16.79 5.20
C VAL B 80 14.27 -17.18 6.56
N GLU B 81 15.05 -17.09 7.60
CA GLU B 81 14.55 -17.45 8.96
C GLU B 81 13.33 -16.60 9.29
N PHE B 82 13.38 -15.33 8.99
CA PHE B 82 12.22 -14.45 9.28
C PHE B 82 10.97 -14.96 8.57
N SER B 83 11.10 -15.37 7.33
CA SER B 83 9.92 -15.88 6.58
C SER B 83 9.42 -17.18 7.21
N ALA B 84 10.29 -17.95 7.80
CA ALA B 84 9.82 -19.23 8.43
C ALA B 84 8.84 -18.89 9.55
N ALA B 85 9.26 -18.06 10.47
CA ALA B 85 8.36 -17.67 11.58
C ALA B 85 7.20 -16.84 11.00
N PHE B 86 7.49 -15.99 10.05
CA PHE B 86 6.40 -15.19 9.45
C PHE B 86 5.24 -16.12 9.14
N THR B 87 5.51 -17.38 8.94
CA THR B 87 4.41 -18.33 8.64
C THR B 87 3.80 -18.76 9.98
N ALA B 88 4.58 -19.43 10.79
CA ALA B 88 4.08 -19.87 12.11
C ALA B 88 3.23 -18.78 12.75
N VAL B 89 3.55 -17.54 12.51
CA VAL B 89 2.78 -16.43 13.12
C VAL B 89 1.65 -15.96 12.19
N ILE B 90 1.32 -16.72 11.17
CA ILE B 90 0.23 -16.29 10.26
C ILE B 90 -0.76 -17.43 10.02
N ASP B 91 -1.91 -17.10 9.51
CA ASP B 91 -2.96 -18.12 9.24
C ASP B 91 -3.18 -18.21 7.72
N LYS B 92 -3.04 -17.09 7.06
CA LYS B 92 -3.24 -17.04 5.57
C LYS B 92 -2.06 -16.27 4.94
N ILE B 93 -1.42 -16.81 3.93
CA ILE B 93 -0.29 -16.08 3.30
C ILE B 93 -0.48 -16.01 1.78
N VAL B 94 -0.35 -14.83 1.23
CA VAL B 94 -0.51 -14.64 -0.25
C VAL B 94 0.44 -13.52 -0.71
N LEU B 95 0.96 -13.58 -1.92
CA LEU B 95 1.89 -12.49 -2.34
C LEU B 95 1.60 -12.00 -3.77
N LEU B 96 1.49 -10.70 -3.95
CA LEU B 96 1.23 -10.13 -5.30
C LEU B 96 2.46 -9.33 -5.75
N ASP B 97 3.08 -9.71 -6.84
CA ASP B 97 4.29 -8.97 -7.30
C ASP B 97 4.09 -8.58 -8.77
N PHE B 98 4.42 -7.37 -9.14
CA PHE B 98 4.26 -6.94 -10.56
C PHE B 98 5.00 -5.62 -10.82
N PRO B 99 5.63 -5.48 -11.96
CA PRO B 99 6.33 -4.22 -12.32
C PRO B 99 5.49 -2.97 -12.00
N VAL B 100 5.86 -2.24 -10.99
CA VAL B 100 5.07 -1.04 -10.61
C VAL B 100 5.56 0.19 -11.38
N ALA B 101 4.67 0.89 -12.03
CA ALA B 101 5.07 2.12 -12.77
C ALA B 101 4.29 3.33 -12.23
N ALA B 102 4.86 4.06 -11.31
CA ALA B 102 4.13 5.23 -10.75
C ALA B 102 5.14 6.23 -10.17
N VAL B 103 4.81 7.49 -10.18
CA VAL B 103 5.74 8.51 -9.63
C VAL B 103 4.92 9.67 -9.06
N LYS B 104 3.71 9.83 -9.50
CA LYS B 104 2.86 10.93 -8.97
C LYS B 104 3.59 12.26 -9.13
N SER B 105 3.47 13.14 -8.17
CA SER B 105 4.13 14.47 -8.30
C SER B 105 3.60 15.18 -9.54
N SER B 106 2.89 14.47 -10.38
CA SER B 106 2.34 15.09 -11.60
C SER B 106 1.56 16.34 -11.23
N VAL B 107 1.47 17.29 -12.12
CA VAL B 107 0.73 18.54 -11.83
C VAL B 107 -0.04 18.96 -13.08
N VAL B 108 -0.98 19.85 -12.94
CA VAL B 108 -1.79 20.29 -14.12
C VAL B 108 -1.97 19.12 -15.06
N ALA B 109 -2.77 18.16 -14.70
CA ALA B 109 -2.99 16.99 -15.59
C ALA B 109 -3.36 17.51 -16.99
N THR B 110 -3.48 16.64 -17.94
CA THR B 110 -3.82 17.11 -19.32
C THR B 110 -5.29 17.57 -19.34
N PRO B 111 -5.54 18.72 -19.91
CA PRO B 111 -6.91 19.27 -20.01
C PRO B 111 -7.72 18.64 -21.15
N MET A 1 -4.93 12.67 15.98
CA MET A 1 -3.51 12.87 16.39
C MET A 1 -2.58 12.43 15.25
N ALA A 2 -2.87 11.32 14.65
CA ALA A 2 -1.99 10.82 13.54
C ALA A 2 -0.58 10.60 14.08
N THR A 3 0.06 11.65 14.54
CA THR A 3 1.44 11.50 15.09
C THR A 3 2.41 11.31 13.93
N SER A 4 1.91 11.26 12.73
CA SER A 4 2.78 11.09 11.54
C SER A 4 1.93 11.20 10.29
N GLY A 5 2.04 10.26 9.39
CA GLY A 5 1.23 10.34 8.15
C GLY A 5 -0.05 9.52 8.31
N PHE A 6 -0.98 9.66 7.41
CA PHE A 6 -2.23 8.88 7.48
C PHE A 6 -2.42 8.15 6.15
N LYS A 7 -2.64 6.86 6.17
CA LYS A 7 -2.75 6.11 4.89
C LYS A 7 -4.19 5.69 4.57
N HIS A 8 -4.57 5.90 3.34
CA HIS A 8 -5.89 5.45 2.85
C HIS A 8 -5.61 4.62 1.61
N LEU A 9 -6.05 3.40 1.55
CA LEU A 9 -5.74 2.57 0.36
C LEU A 9 -7.01 1.90 -0.15
N VAL A 10 -7.16 1.81 -1.43
CA VAL A 10 -8.36 1.16 -1.99
C VAL A 10 -7.95 0.13 -3.05
N VAL A 11 -8.58 -1.00 -3.06
CA VAL A 11 -8.23 -2.04 -4.07
C VAL A 11 -9.49 -2.30 -4.87
N VAL A 12 -9.42 -2.31 -6.17
CA VAL A 12 -10.67 -2.52 -6.93
C VAL A 12 -10.50 -3.50 -8.09
N LYS A 13 -11.54 -4.24 -8.35
CA LYS A 13 -11.54 -5.21 -9.48
C LYS A 13 -12.79 -4.91 -10.32
N PHE A 14 -12.74 -5.11 -11.60
CA PHE A 14 -13.93 -4.79 -12.45
C PHE A 14 -14.58 -6.06 -13.02
N LYS A 15 -15.83 -5.95 -13.41
CA LYS A 15 -16.53 -7.13 -14.01
C LYS A 15 -15.59 -7.81 -15.00
N GLU A 16 -15.38 -7.20 -16.14
CA GLU A 16 -14.47 -7.80 -17.16
C GLU A 16 -13.06 -7.34 -16.81
N ASP A 17 -12.90 -6.07 -16.61
CA ASP A 17 -11.57 -5.46 -16.34
C ASP A 17 -11.70 -3.97 -16.65
N THR A 18 -11.90 -3.17 -15.64
CA THR A 18 -12.08 -1.71 -15.86
C THR A 18 -10.98 -1.10 -16.71
N LYS A 19 -11.29 -0.02 -17.37
CA LYS A 19 -10.28 0.70 -18.16
C LYS A 19 -9.47 1.50 -17.15
N VAL A 20 -8.45 0.91 -16.59
CA VAL A 20 -7.67 1.60 -15.54
C VAL A 20 -6.97 2.84 -16.11
N ASP A 21 -6.57 2.78 -17.34
CA ASP A 21 -5.89 3.95 -17.97
C ASP A 21 -6.86 5.13 -18.09
N GLU A 22 -8.08 4.90 -18.49
CA GLU A 22 -9.05 6.03 -18.59
C GLU A 22 -9.31 6.51 -17.17
N ILE A 23 -9.24 5.61 -16.24
CA ILE A 23 -9.45 5.97 -14.82
C ILE A 23 -8.24 6.79 -14.40
N LEU A 24 -7.09 6.40 -14.90
CA LEU A 24 -5.83 7.13 -14.56
C LEU A 24 -6.02 8.61 -14.89
N LYS A 25 -6.72 8.93 -15.95
CA LYS A 25 -6.92 10.37 -16.28
C LYS A 25 -7.71 11.00 -15.13
N GLY A 26 -8.60 10.25 -14.56
CA GLY A 26 -9.38 10.77 -13.41
C GLY A 26 -8.43 10.94 -12.24
N LEU A 27 -7.73 9.89 -11.88
CA LEU A 27 -6.77 9.98 -10.75
C LEU A 27 -5.89 11.22 -10.96
N GLU A 28 -5.35 11.40 -12.13
CA GLU A 28 -4.50 12.60 -12.38
C GLU A 28 -5.32 13.82 -11.98
N ASN A 29 -6.57 13.85 -12.37
CA ASN A 29 -7.46 14.97 -12.00
C ASN A 29 -7.62 14.95 -10.48
N LEU A 30 -7.91 13.80 -9.92
CA LEU A 30 -8.06 13.66 -8.45
C LEU A 30 -6.85 14.31 -7.77
N VAL A 31 -5.67 14.06 -8.27
CA VAL A 31 -4.45 14.69 -7.69
C VAL A 31 -4.63 16.21 -7.68
N SER A 32 -5.45 16.70 -8.57
CA SER A 32 -5.67 18.18 -8.61
C SER A 32 -5.84 18.69 -7.18
N GLN A 33 -6.51 17.93 -6.35
CA GLN A 33 -6.70 18.35 -4.94
C GLN A 33 -5.37 18.35 -4.16
N ILE A 34 -4.25 18.02 -4.78
CA ILE A 34 -2.98 17.99 -3.98
C ILE A 34 -2.09 19.16 -4.38
N ASP A 35 -2.64 20.23 -4.85
CA ASP A 35 -1.78 21.38 -5.19
C ASP A 35 -1.10 21.78 -3.88
N THR A 36 -1.55 21.17 -2.83
CA THR A 36 -0.98 21.42 -1.49
C THR A 36 0.26 20.56 -1.29
N VAL A 37 0.60 19.77 -2.28
CA VAL A 37 1.80 18.90 -2.14
C VAL A 37 1.99 18.54 -0.67
N LYS A 38 0.92 18.28 0.02
CA LYS A 38 1.00 17.87 1.44
C LYS A 38 0.36 16.50 1.58
N SER A 39 0.59 15.65 0.61
CA SER A 39 -0.04 14.30 0.63
C SER A 39 0.53 13.48 -0.53
N PHE A 40 0.13 12.24 -0.67
CA PHE A 40 0.68 11.43 -1.80
C PHE A 40 -0.35 10.47 -2.38
N GLU A 41 -0.17 10.12 -3.64
CA GLU A 41 -1.11 9.18 -4.31
C GLU A 41 -0.43 8.51 -5.52
N TRP A 42 -0.47 7.21 -5.59
CA TRP A 42 0.16 6.48 -6.73
C TRP A 42 -0.82 5.45 -7.24
N GLY A 43 -0.54 4.79 -8.33
CA GLY A 43 -1.52 3.76 -8.82
C GLY A 43 -0.80 2.45 -9.17
N GLU A 44 -1.54 1.38 -9.29
CA GLU A 44 -0.89 0.08 -9.60
C GLU A 44 -1.87 -0.78 -10.41
N ASP A 45 -1.35 -1.50 -11.36
CA ASP A 45 -2.18 -2.45 -12.15
C ASP A 45 -1.53 -3.82 -12.05
N LYS A 46 -2.25 -4.88 -12.23
CA LYS A 46 -1.60 -6.22 -12.09
C LYS A 46 -0.46 -6.35 -13.08
N GLU A 47 0.68 -5.80 -12.75
CA GLU A 47 1.88 -5.94 -13.64
C GLU A 47 2.83 -6.98 -13.04
N SER A 48 2.30 -8.05 -12.50
CA SER A 48 3.17 -9.11 -11.91
C SER A 48 2.60 -10.50 -12.19
N HIS A 49 3.35 -11.54 -11.95
CA HIS A 49 2.84 -12.92 -12.20
C HIS A 49 1.45 -13.07 -11.59
N ASP A 50 0.56 -13.75 -12.27
CA ASP A 50 -0.82 -13.93 -11.75
C ASP A 50 -0.80 -14.29 -10.26
N MET A 51 0.04 -15.21 -9.86
CA MET A 51 0.10 -15.60 -8.41
C MET A 51 0.50 -14.41 -7.55
N LEU A 52 1.26 -13.47 -8.07
CA LEU A 52 1.67 -12.30 -7.25
C LEU A 52 0.81 -11.10 -7.64
N ARG A 53 0.20 -11.13 -8.79
CA ARG A 53 -0.61 -9.98 -9.27
C ARG A 53 -1.93 -9.86 -8.49
N GLN A 54 -2.20 -10.79 -7.62
CA GLN A 54 -3.46 -10.71 -6.82
C GLN A 54 -4.69 -10.59 -7.75
N GLY A 55 -4.44 -10.40 -9.02
CA GLY A 55 -5.56 -10.30 -10.01
C GLY A 55 -6.33 -8.96 -9.92
N PHE A 56 -6.16 -8.20 -8.87
CA PHE A 56 -6.92 -6.91 -8.78
C PHE A 56 -6.59 -6.02 -9.98
N THR A 57 -7.61 -5.52 -10.65
CA THR A 57 -7.37 -4.64 -11.84
C THR A 57 -6.44 -3.48 -11.49
N HIS A 58 -6.64 -2.85 -10.36
CA HIS A 58 -5.77 -1.68 -10.01
C HIS A 58 -6.06 -1.21 -8.59
N ALA A 59 -5.15 -0.49 -7.99
CA ALA A 59 -5.37 0.01 -6.62
C ALA A 59 -4.76 1.41 -6.50
N PHE A 60 -5.07 2.10 -5.45
CA PHE A 60 -4.51 3.46 -5.26
C PHE A 60 -3.99 3.59 -3.82
N SER A 61 -2.78 4.05 -3.66
CA SER A 61 -2.23 4.20 -2.29
C SER A 61 -2.19 5.70 -1.96
N MET A 62 -3.14 6.17 -1.21
CA MET A 62 -3.16 7.63 -0.87
C MET A 62 -2.71 7.86 0.56
N THR A 63 -1.78 8.75 0.73
CA THR A 63 -1.27 9.07 2.08
C THR A 63 -1.38 10.59 2.28
N PHE A 64 -1.71 11.04 3.45
CA PHE A 64 -1.85 12.51 3.67
C PHE A 64 -0.94 12.97 4.81
N GLU A 65 -0.17 14.01 4.58
CA GLU A 65 0.72 14.50 5.68
C GLU A 65 -0.12 14.61 6.94
N ASN A 66 -1.37 14.96 6.77
CA ASN A 66 -2.29 15.09 7.93
C ASN A 66 -3.73 15.03 7.41
N LYS A 67 -4.68 14.86 8.28
CA LYS A 67 -6.11 14.80 7.85
C LYS A 67 -6.50 16.05 7.04
N ASP A 68 -5.80 17.13 7.21
CA ASP A 68 -6.18 18.38 6.46
C ASP A 68 -6.27 18.10 4.96
N GLY A 69 -5.36 17.32 4.42
CA GLY A 69 -5.44 17.01 2.97
C GLY A 69 -6.63 16.08 2.72
N TYR A 70 -6.87 15.18 3.64
CA TYR A 70 -8.02 14.24 3.49
C TYR A 70 -9.36 15.00 3.49
N VAL A 71 -9.54 15.95 4.37
CA VAL A 71 -10.84 16.70 4.34
C VAL A 71 -10.85 17.60 3.11
N ALA A 72 -9.70 18.03 2.67
CA ALA A 72 -9.64 18.91 1.46
C ALA A 72 -10.14 18.14 0.24
N PHE A 73 -9.47 17.06 -0.10
CA PHE A 73 -9.87 16.30 -1.32
C PHE A 73 -11.32 15.79 -1.21
N THR A 74 -11.71 15.23 -0.10
CA THR A 74 -13.10 14.68 0.01
C THR A 74 -14.11 15.83 0.05
N SER A 75 -13.78 16.92 0.69
CA SER A 75 -14.74 18.06 0.78
C SER A 75 -15.02 18.66 -0.62
N HIS A 76 -14.09 18.55 -1.53
CA HIS A 76 -14.34 19.11 -2.89
C HIS A 76 -15.36 18.25 -3.64
N PRO A 77 -16.12 18.83 -4.53
CA PRO A 77 -17.15 18.09 -5.33
C PRO A 77 -16.52 17.13 -6.35
N LEU A 78 -15.21 17.15 -6.48
CA LEU A 78 -14.52 16.24 -7.45
C LEU A 78 -14.52 14.79 -6.96
N HIS A 79 -14.55 14.58 -5.67
CA HIS A 79 -14.52 13.19 -5.13
C HIS A 79 -15.92 12.58 -5.16
N VAL A 80 -16.91 13.35 -4.80
CA VAL A 80 -18.30 12.83 -4.79
C VAL A 80 -18.70 12.35 -6.18
N GLU A 81 -18.72 13.26 -7.14
CA GLU A 81 -19.08 12.86 -8.52
C GLU A 81 -18.20 11.69 -8.97
N PHE A 82 -16.95 11.69 -8.60
CA PHE A 82 -16.05 10.58 -8.99
C PHE A 82 -16.37 9.33 -8.16
N SER A 83 -16.77 9.51 -6.93
CA SER A 83 -17.09 8.34 -6.07
C SER A 83 -18.25 7.53 -6.68
N ALA A 84 -19.27 8.20 -7.14
CA ALA A 84 -20.42 7.45 -7.75
C ALA A 84 -19.91 6.69 -8.96
N ALA A 85 -19.06 7.30 -9.74
CA ALA A 85 -18.50 6.61 -10.93
C ALA A 85 -17.59 5.49 -10.46
N PHE A 86 -16.77 5.74 -9.48
CA PHE A 86 -15.87 4.67 -8.98
C PHE A 86 -16.67 3.37 -8.89
N THR A 87 -17.94 3.48 -8.61
CA THR A 87 -18.77 2.25 -8.52
C THR A 87 -19.15 1.85 -9.95
N ALA A 88 -19.86 2.70 -10.63
CA ALA A 88 -20.25 2.40 -12.03
C ALA A 88 -19.07 1.77 -12.78
N VAL A 89 -17.87 1.98 -12.31
CA VAL A 89 -16.69 1.41 -13.00
C VAL A 89 -16.00 0.36 -12.13
N ILE A 90 -16.57 -0.01 -11.02
CA ILE A 90 -15.93 -1.06 -10.17
C ILE A 90 -16.89 -2.23 -9.94
N ASP A 91 -16.34 -3.37 -9.63
CA ASP A 91 -17.17 -4.59 -9.35
C ASP A 91 -17.12 -4.88 -7.85
N LYS A 92 -16.02 -4.54 -7.24
CA LYS A 92 -15.85 -4.76 -5.77
C LYS A 92 -15.01 -3.60 -5.19
N ILE A 93 -15.30 -3.15 -4.00
CA ILE A 93 -14.49 -2.03 -3.42
C ILE A 93 -13.94 -2.44 -2.06
N VAL A 94 -12.64 -2.37 -1.90
CA VAL A 94 -12.00 -2.75 -0.59
C VAL A 94 -11.12 -1.58 -0.13
N LEU A 95 -11.21 -1.14 1.11
CA LEU A 95 -10.33 0.00 1.54
C LEU A 95 -9.76 -0.22 2.94
N LEU A 96 -8.48 0.01 3.10
CA LEU A 96 -7.83 -0.14 4.43
C LEU A 96 -7.20 1.20 4.84
N ASP A 97 -7.51 1.70 6.00
CA ASP A 97 -6.91 2.99 6.45
C ASP A 97 -6.23 2.78 7.80
N PHE A 98 -5.00 3.22 7.95
CA PHE A 98 -4.28 3.02 9.24
C PHE A 98 -3.14 4.04 9.39
N PRO A 99 -3.13 4.80 10.44
CA PRO A 99 -2.05 5.81 10.69
C PRO A 99 -0.65 5.24 10.42
N VAL A 100 0.17 5.96 9.72
CA VAL A 100 1.54 5.44 9.40
C VAL A 100 2.59 6.23 10.17
N ALA A 101 3.52 5.56 10.79
CA ALA A 101 4.58 6.27 11.55
C ALA A 101 5.93 6.10 10.84
N ALA A 102 6.30 7.04 10.02
CA ALA A 102 7.60 6.94 9.30
C ALA A 102 8.74 6.98 10.31
N VAL A 103 8.88 5.96 11.10
CA VAL A 103 9.98 5.95 12.12
C VAL A 103 10.40 4.49 12.38
N LYS A 104 11.58 4.13 11.96
CA LYS A 104 12.06 2.74 12.19
C LYS A 104 13.41 2.77 12.92
N SER A 105 13.89 3.94 13.25
CA SER A 105 15.20 4.03 13.96
C SER A 105 16.30 3.54 13.02
N SER A 106 15.95 2.74 12.05
CA SER A 106 16.98 2.24 11.10
C SER A 106 18.02 1.42 11.87
N VAL A 107 17.58 0.44 12.60
CA VAL A 107 18.53 -0.41 13.37
C VAL A 107 18.04 -1.85 13.34
N VAL A 108 17.83 -2.44 14.48
CA VAL A 108 17.34 -3.85 14.54
C VAL A 108 16.31 -3.99 15.64
N ALA A 109 16.70 -4.57 16.75
CA ALA A 109 15.73 -4.71 17.87
C ALA A 109 16.44 -4.34 19.17
N THR A 110 15.71 -3.97 20.19
CA THR A 110 16.36 -3.59 21.46
C THR A 110 16.91 -4.84 22.16
N PRO A 111 17.92 -4.68 22.98
CA PRO A 111 18.55 -5.80 23.71
C PRO A 111 17.68 -6.27 24.90
N MET B 1 14.05 -2.75 -15.34
CA MET B 1 14.16 -1.30 -15.64
C MET B 1 13.57 -0.50 -14.48
N ALA B 2 12.44 -0.91 -13.97
CA ALA B 2 11.80 -0.15 -12.85
C ALA B 2 11.50 1.27 -13.32
N THR B 3 12.51 2.02 -13.66
CA THR B 3 12.27 3.42 -14.13
C THR B 3 11.94 4.29 -12.92
N SER B 4 11.86 3.70 -11.76
CA SER B 4 11.53 4.47 -10.54
C SER B 4 11.63 3.54 -9.34
N GLY B 5 10.63 3.51 -8.51
CA GLY B 5 10.70 2.63 -7.31
C GLY B 5 10.00 1.29 -7.62
N PHE B 6 10.17 0.32 -6.76
CA PHE B 6 9.49 -0.98 -6.97
C PHE B 6 8.71 -1.32 -5.70
N LYS B 7 7.44 -1.64 -5.84
CA LYS B 7 6.62 -1.90 -4.62
C LYS B 7 6.32 -3.38 -4.43
N HIS B 8 6.48 -3.83 -3.21
CA HIS B 8 6.10 -5.22 -2.84
C HIS B 8 5.18 -5.08 -1.63
N LEU B 9 4.00 -5.63 -1.70
CA LEU B 9 3.07 -5.47 -0.54
C LEU B 9 2.49 -6.82 -0.18
N VAL B 10 2.32 -7.06 1.09
CA VAL B 10 1.75 -8.35 1.54
C VAL B 10 0.62 -8.11 2.54
N VAL B 11 -0.45 -8.82 2.42
CA VAL B 11 -1.58 -8.63 3.38
C VAL B 11 -1.78 -9.96 4.09
N VAL B 12 -1.88 -9.98 5.38
CA VAL B 12 -2.03 -11.30 6.04
C VAL B 12 -3.09 -11.28 7.14
N LYS B 13 -3.76 -12.40 7.28
CA LYS B 13 -4.79 -12.55 8.34
C LYS B 13 -4.44 -13.83 9.11
N PHE B 14 -4.74 -13.88 10.38
CA PHE B 14 -4.36 -15.10 11.17
C PHE B 14 -5.60 -15.89 11.61
N LYS B 15 -5.42 -17.15 11.92
CA LYS B 15 -6.57 -18.00 12.38
C LYS B 15 -7.39 -17.18 13.39
N GLU B 16 -6.88 -17.00 14.58
CA GLU B 16 -7.61 -16.22 15.61
C GLU B 16 -7.27 -14.74 15.39
N ASP B 17 -5.99 -14.47 15.28
CA ASP B 17 -5.48 -13.09 15.14
C ASP B 17 -4.01 -13.11 15.55
N THR B 18 -3.14 -13.17 14.58
CA THR B 18 -1.68 -13.25 14.89
C THR B 18 -1.22 -12.17 15.86
N LYS B 19 -0.17 -12.43 16.57
CA LYS B 19 0.41 -11.42 17.47
C LYS B 19 1.21 -10.49 16.57
N VAL B 20 0.56 -9.48 16.04
CA VAL B 20 1.25 -8.57 15.09
C VAL B 20 2.39 -7.81 15.78
N ASP B 21 2.22 -7.51 17.03
CA ASP B 21 3.28 -6.78 17.78
C ASP B 21 4.53 -7.65 17.93
N GLU B 22 4.37 -8.92 18.23
CA GLU B 22 5.57 -9.80 18.35
C GLU B 22 6.17 -9.92 16.95
N ILE B 23 5.33 -9.85 15.97
CA ILE B 23 5.80 -9.94 14.57
C ILE B 23 6.54 -8.63 14.28
N LEU B 24 6.03 -7.56 14.83
CA LEU B 24 6.65 -6.23 14.62
C LEU B 24 8.13 -6.31 15.05
N LYS B 25 8.43 -7.06 16.07
CA LYS B 25 9.86 -7.17 16.49
C LYS B 25 10.62 -7.81 15.35
N GLY B 26 9.99 -8.73 14.67
CA GLY B 26 10.65 -9.38 13.51
C GLY B 26 10.81 -8.34 12.41
N LEU B 27 9.74 -7.71 12.02
CA LEU B 27 9.81 -6.66 10.97
C LEU B 27 10.95 -5.69 11.31
N GLU B 28 11.02 -5.23 12.53
CA GLU B 28 12.12 -4.31 12.90
C GLU B 28 13.44 -5.01 12.55
N ASN B 29 13.54 -6.27 12.86
CA ASN B 29 14.76 -7.03 12.51
C ASN B 29 14.84 -7.09 10.98
N LEU B 30 13.76 -7.42 10.34
CA LEU B 30 13.73 -7.49 8.85
C LEU B 30 14.33 -6.19 8.30
N VAL B 31 13.93 -5.07 8.86
CA VAL B 31 14.49 -3.76 8.39
C VAL B 31 16.02 -3.82 8.49
N SER B 32 16.53 -4.65 9.35
CA SER B 32 18.01 -4.76 9.48
C SER B 32 18.61 -4.77 8.07
N GLN B 33 17.97 -5.45 7.16
CA GLN B 33 18.51 -5.51 5.77
C GLN B 33 18.44 -4.13 5.08
N ILE B 34 17.97 -3.10 5.74
CA ILE B 34 17.89 -1.78 5.03
C ILE B 34 18.95 -0.82 5.57
N ASP B 35 20.04 -1.32 6.08
CA ASP B 35 21.08 -0.38 6.55
C ASP B 35 21.49 0.42 5.32
N THR B 36 20.99 -0.01 4.19
CA THR B 36 21.29 0.66 2.92
C THR B 36 20.33 1.83 2.74
N VAL B 37 19.45 2.05 3.68
CA VAL B 37 18.51 3.19 3.56
C VAL B 37 18.22 3.44 2.08
N LYS B 38 18.10 2.40 1.31
CA LYS B 38 17.77 2.56 -0.12
C LYS B 38 16.48 1.81 -0.39
N SER B 39 15.56 1.90 0.52
CA SER B 39 14.28 1.18 0.37
C SER B 39 13.33 1.58 1.50
N PHE B 40 12.12 1.08 1.53
CA PHE B 40 11.20 1.49 2.63
C PHE B 40 10.30 0.35 3.08
N GLU B 41 9.84 0.41 4.32
CA GLU B 41 8.96 -0.66 4.87
C GLU B 41 8.14 -0.11 6.06
N TRP B 42 6.85 -0.26 6.03
CA TRP B 42 6.01 0.22 7.16
C TRP B 42 5.01 -0.88 7.52
N GLY B 43 4.27 -0.73 8.59
CA GLY B 43 3.30 -1.82 8.94
C GLY B 43 1.92 -1.23 9.24
N GLU B 44 0.91 -2.06 9.24
CA GLU B 44 -0.46 -1.55 9.51
C GLU B 44 -1.29 -2.64 10.19
N ASP B 45 -2.11 -2.25 11.11
CA ASP B 45 -3.02 -3.22 11.79
C ASP B 45 -4.43 -2.67 11.62
N LYS B 46 -5.45 -3.49 11.69
CA LYS B 46 -6.82 -2.94 11.49
C LYS B 46 -7.11 -1.87 12.54
N GLU B 47 -6.65 -0.67 12.32
CA GLU B 47 -6.94 0.45 13.27
C GLU B 47 -8.03 1.34 12.68
N SER B 48 -9.01 0.76 12.04
CA SER B 48 -10.09 1.59 11.42
C SER B 48 -11.44 0.88 11.56
N HIS B 49 -12.53 1.56 11.29
CA HIS B 49 -13.86 0.93 11.42
C HIS B 49 -13.86 -0.43 10.71
N ASP B 50 -14.51 -1.41 11.28
CA ASP B 50 -14.53 -2.76 10.66
C ASP B 50 -14.80 -2.67 9.16
N MET B 51 -15.75 -1.89 8.75
CA MET B 51 -16.05 -1.75 7.29
C MET B 51 -14.85 -1.19 6.54
N LEU B 52 -14.03 -0.40 7.17
CA LEU B 52 -12.84 0.15 6.46
C LEU B 52 -11.59 -0.62 6.88
N ARG B 53 -11.65 -1.32 7.99
CA ARG B 53 -10.46 -2.06 8.49
C ARG B 53 -10.18 -3.31 7.63
N GLN B 54 -11.03 -3.60 6.69
CA GLN B 54 -10.79 -4.79 5.81
C GLN B 54 -10.63 -6.06 6.68
N GLY B 55 -10.53 -5.90 7.97
CA GLY B 55 -10.40 -7.06 8.90
C GLY B 55 -9.01 -7.71 8.83
N PHE B 56 -8.19 -7.40 7.86
CA PHE B 56 -6.84 -8.05 7.81
C PHE B 56 -6.06 -7.74 9.09
N THR B 57 -5.51 -8.75 9.73
CA THR B 57 -4.74 -8.53 10.99
C THR B 57 -3.64 -7.48 10.78
N HIS B 58 -2.93 -7.55 9.69
CA HIS B 58 -1.82 -6.57 9.48
C HIS B 58 -1.24 -6.73 8.07
N ALA B 59 -0.57 -5.71 7.60
CA ALA B 59 0.05 -5.80 6.25
C ALA B 59 1.39 -5.07 6.26
N PHE B 60 2.18 -5.25 5.23
CA PHE B 60 3.50 -4.57 5.18
C PHE B 60 3.68 -3.94 3.80
N SER B 61 4.03 -2.69 3.75
CA SER B 61 4.23 -2.03 2.43
C SER B 61 5.73 -1.85 2.21
N MET B 62 6.33 -2.70 1.42
CA MET B 62 7.80 -2.58 1.20
C MET B 62 8.09 -2.01 -0.18
N THR B 63 8.91 -1.01 -0.23
CA THR B 63 9.26 -0.38 -1.52
C THR B 63 10.80 -0.35 -1.62
N PHE B 64 11.35 -0.56 -2.78
CA PHE B 64 12.84 -0.57 -2.90
C PHE B 64 13.30 0.46 -3.94
N GLU B 65 14.24 1.29 -3.60
CA GLU B 65 14.73 2.29 -4.60
C GLU B 65 15.00 1.55 -5.90
N ASN B 66 15.43 0.32 -5.79
CA ASN B 66 15.71 -0.50 -6.99
C ASN B 66 15.75 -1.97 -6.56
N LYS B 67 15.71 -2.87 -7.50
CA LYS B 67 15.74 -4.32 -7.16
C LYS B 67 16.97 -4.66 -6.30
N ASP B 68 18.00 -3.87 -6.35
CA ASP B 68 19.23 -4.19 -5.55
C ASP B 68 18.86 -4.41 -4.08
N GLY B 69 17.97 -3.61 -3.53
CA GLY B 69 17.57 -3.82 -2.12
C GLY B 69 16.73 -5.08 -2.01
N TYR B 70 15.92 -5.34 -3.00
CA TYR B 70 15.07 -6.57 -2.98
C TYR B 70 15.94 -7.83 -3.02
N VAL B 71 16.96 -7.89 -3.85
CA VAL B 71 17.81 -9.11 -3.85
C VAL B 71 18.63 -9.14 -2.55
N ALA B 72 18.93 -8.00 -2.01
CA ALA B 72 19.73 -7.95 -0.75
C ALA B 72 18.92 -8.60 0.37
N PHE B 73 17.78 -8.04 0.69
CA PHE B 73 16.96 -8.58 1.82
C PHE B 73 16.60 -10.05 1.59
N THR B 74 16.14 -10.41 0.41
CA THR B 74 15.73 -11.82 0.18
C THR B 74 16.96 -12.74 0.15
N SER B 75 18.06 -12.27 -0.38
CA SER B 75 19.28 -13.13 -0.45
C SER B 75 19.80 -13.45 0.95
N HIS B 76 19.56 -12.61 1.92
CA HIS B 76 20.05 -12.90 3.30
C HIS B 76 19.23 -14.05 3.92
N PRO B 77 19.82 -14.81 4.80
CA PRO B 77 19.12 -15.95 5.48
C PRO B 77 18.04 -15.47 6.47
N LEU B 78 17.94 -14.18 6.68
CA LEU B 78 16.92 -13.63 7.62
C LEU B 78 15.50 -13.72 7.03
N HIS B 79 15.39 -13.67 5.72
CA HIS B 79 14.03 -13.72 5.11
C HIS B 79 13.55 -15.17 4.99
N VAL B 80 14.42 -16.05 4.63
CA VAL B 80 14.02 -17.48 4.49
C VAL B 80 13.49 -18.01 5.83
N GLU B 81 14.32 -18.02 6.83
CA GLU B 81 13.87 -18.51 8.16
C GLU B 81 12.61 -17.77 8.58
N PHE B 82 12.53 -16.50 8.29
CA PHE B 82 11.32 -15.73 8.66
C PHE B 82 10.16 -16.09 7.73
N SER B 83 10.45 -16.39 6.49
CA SER B 83 9.37 -16.74 5.53
C SER B 83 8.63 -17.99 6.01
N ALA B 84 9.35 -18.99 6.45
CA ALA B 84 8.67 -20.23 6.93
C ALA B 84 7.79 -19.87 8.12
N ALA B 85 8.27 -19.03 8.99
CA ALA B 85 7.46 -18.62 10.16
C ALA B 85 6.29 -17.76 9.67
N PHE B 86 6.53 -16.86 8.76
CA PHE B 86 5.42 -16.03 8.26
C PHE B 86 4.21 -16.92 8.02
N THR B 87 4.44 -18.16 7.66
CA THR B 87 3.30 -19.08 7.44
C THR B 87 2.85 -19.58 8.81
N ALA B 88 3.70 -20.27 9.50
CA ALA B 88 3.35 -20.76 10.86
C ALA B 88 2.59 -19.70 11.63
N VAL B 89 2.72 -18.46 11.24
CA VAL B 89 2.00 -17.37 11.97
C VAL B 89 0.95 -16.71 11.07
N ILE B 90 0.71 -17.24 9.90
CA ILE B 90 -0.34 -16.63 9.03
C ILE B 90 -1.40 -17.67 8.66
N ASP B 91 -2.57 -17.19 8.29
CA ASP B 91 -3.68 -18.10 7.89
C ASP B 91 -3.88 -17.96 6.38
N LYS B 92 -3.60 -16.79 5.86
CA LYS B 92 -3.74 -16.54 4.40
C LYS B 92 -2.63 -15.57 3.96
N ILE B 93 -2.07 -15.75 2.78
CA ILE B 93 -0.99 -14.81 2.33
C ILE B 93 -1.35 -14.20 0.98
N VAL B 94 -1.39 -12.89 0.92
CA VAL B 94 -1.73 -12.19 -0.37
C VAL B 94 -0.62 -11.19 -0.69
N LEU B 95 -0.10 -11.15 -1.90
CA LEU B 95 0.99 -10.17 -2.19
C LEU B 95 0.81 -9.52 -3.57
N LEU B 96 0.94 -8.21 -3.63
CA LEU B 96 0.82 -7.49 -4.92
C LEU B 96 2.12 -6.72 -5.19
N ASP B 97 2.72 -6.91 -6.34
CA ASP B 97 3.98 -6.17 -6.65
C ASP B 97 3.81 -5.42 -7.98
N PHE B 98 4.13 -4.15 -8.00
CA PHE B 98 3.96 -3.36 -9.26
C PHE B 98 4.89 -2.14 -9.26
N PRO B 99 5.72 -1.99 -10.26
CA PRO B 99 6.64 -0.82 -10.36
C PRO B 99 5.94 0.50 -10.05
N VAL B 100 6.54 1.34 -9.25
CA VAL B 100 5.89 2.62 -8.88
C VAL B 100 6.63 3.79 -9.52
N ALA B 101 5.92 4.70 -10.13
CA ALA B 101 6.58 5.87 -10.78
C ALA B 101 6.26 7.14 -9.99
N ALA B 102 7.11 7.53 -9.07
CA ALA B 102 6.85 8.76 -8.29
C ALA B 102 6.86 9.97 -9.22
N VAL B 103 5.88 10.09 -10.06
CA VAL B 103 5.83 11.25 -11.01
C VAL B 103 4.38 11.56 -11.34
N LYS B 104 3.89 12.68 -10.88
CA LYS B 104 2.47 13.06 -11.17
C LYS B 104 2.44 14.45 -11.81
N SER B 105 3.58 15.05 -12.02
CA SER B 105 3.60 16.41 -12.65
C SER B 105 2.96 17.40 -11.68
N SER B 106 2.14 16.92 -10.79
CA SER B 106 1.48 17.84 -9.81
C SER B 106 0.63 18.85 -10.56
N VAL B 107 -0.26 18.39 -11.40
CA VAL B 107 -1.13 19.32 -12.16
C VAL B 107 -2.53 18.70 -12.25
N VAL B 108 -3.03 18.53 -13.46
CA VAL B 108 -4.38 17.94 -13.64
C VAL B 108 -4.36 16.98 -14.81
N ALA B 109 -4.89 17.39 -15.93
CA ALA B 109 -4.88 16.50 -17.12
C ALA B 109 -4.49 17.33 -18.35
N THR B 110 -4.00 16.70 -19.37
CA THR B 110 -3.58 17.47 -20.58
C THR B 110 -4.83 17.97 -21.32
N PRO B 111 -4.71 19.03 -22.06
CA PRO B 111 -5.83 19.61 -22.84
C PRO B 111 -6.15 18.79 -24.10
N MET A 1 -4.59 8.00 18.07
CA MET A 1 -3.32 8.58 18.60
C MET A 1 -2.89 9.76 17.71
N ALA A 2 -3.01 9.62 16.43
CA ALA A 2 -2.62 10.72 15.51
C ALA A 2 -1.09 10.75 15.39
N THR A 3 -0.53 11.89 15.07
CA THR A 3 0.95 11.99 14.95
C THR A 3 1.38 11.29 13.66
N SER A 4 0.77 10.17 13.36
CA SER A 4 1.12 9.44 12.12
C SER A 4 0.20 9.91 11.00
N GLY A 5 -0.38 9.01 10.27
CA GLY A 5 -1.30 9.43 9.18
C GLY A 5 -2.52 8.49 9.14
N PHE A 6 -3.45 8.77 8.27
CA PHE A 6 -4.66 7.90 8.16
C PHE A 6 -4.63 7.22 6.79
N LYS A 7 -4.83 5.93 6.74
CA LYS A 7 -4.75 5.22 5.43
C LYS A 7 -6.11 4.80 4.90
N HIS A 8 -6.30 4.99 3.63
CA HIS A 8 -7.53 4.54 2.93
C HIS A 8 -7.06 3.76 1.70
N LEU A 9 -7.54 2.58 1.49
CA LEU A 9 -7.08 1.82 0.31
C LEU A 9 -8.26 1.20 -0.40
N VAL A 10 -8.20 1.12 -1.70
CA VAL A 10 -9.33 0.55 -2.46
C VAL A 10 -8.81 -0.58 -3.36
N VAL A 11 -9.48 -1.70 -3.37
CA VAL A 11 -9.07 -2.81 -4.27
C VAL A 11 -10.22 -3.02 -5.23
N VAL A 12 -9.99 -3.05 -6.50
CA VAL A 12 -11.13 -3.19 -7.42
C VAL A 12 -10.87 -4.13 -8.59
N LYS A 13 -11.92 -4.57 -9.22
CA LYS A 13 -11.82 -5.44 -10.42
C LYS A 13 -12.63 -4.77 -11.53
N PHE A 14 -12.28 -4.98 -12.76
CA PHE A 14 -13.01 -4.29 -13.87
C PHE A 14 -13.84 -5.29 -14.70
N LYS A 15 -14.91 -4.81 -15.30
CA LYS A 15 -15.76 -5.70 -16.15
C LYS A 15 -15.94 -5.03 -17.51
N GLU A 16 -15.81 -3.73 -17.56
CA GLU A 16 -15.95 -3.01 -18.86
C GLU A 16 -14.56 -2.94 -19.48
N ASP A 17 -13.62 -2.44 -18.72
CA ASP A 17 -12.21 -2.33 -19.16
C ASP A 17 -11.63 -1.08 -18.50
N THR A 18 -11.47 -1.12 -17.21
CA THR A 18 -10.98 0.08 -16.48
C THR A 18 -9.67 0.63 -17.03
N LYS A 19 -9.75 1.79 -17.63
CA LYS A 19 -8.52 2.44 -18.14
C LYS A 19 -7.88 3.11 -16.93
N VAL A 20 -7.07 2.37 -16.22
CA VAL A 20 -6.42 2.93 -15.00
C VAL A 20 -5.60 4.18 -15.35
N ASP A 21 -5.03 4.20 -16.52
CA ASP A 21 -4.24 5.39 -16.94
C ASP A 21 -5.13 6.62 -17.10
N GLU A 22 -6.33 6.45 -17.60
CA GLU A 22 -7.24 7.62 -17.72
C GLU A 22 -7.66 8.01 -16.32
N ILE A 23 -7.84 7.03 -15.48
CA ILE A 23 -8.19 7.30 -14.07
C ILE A 23 -7.01 8.07 -13.48
N LEU A 24 -5.83 7.67 -13.84
CA LEU A 24 -4.61 8.37 -13.36
C LEU A 24 -4.74 9.86 -13.68
N LYS A 25 -5.33 10.21 -14.80
CA LYS A 25 -5.49 11.64 -15.12
C LYS A 25 -6.25 12.30 -13.96
N GLY A 26 -7.08 11.54 -13.31
CA GLY A 26 -7.83 12.07 -12.15
C GLY A 26 -6.87 12.11 -10.97
N LEU A 27 -6.12 11.07 -10.76
CA LEU A 27 -5.17 11.03 -9.62
C LEU A 27 -4.34 12.32 -9.62
N GLU A 28 -3.67 12.61 -10.72
CA GLU A 28 -2.86 13.87 -10.76
C GLU A 28 -3.76 15.01 -10.33
N ASN A 29 -5.02 14.93 -10.68
CA ASN A 29 -5.98 15.99 -10.29
C ASN A 29 -6.15 15.91 -8.77
N LEU A 30 -6.35 14.72 -8.26
CA LEU A 30 -6.50 14.53 -6.78
C LEU A 30 -5.37 15.29 -6.08
N VAL A 31 -4.14 15.08 -6.50
CA VAL A 31 -3.00 15.80 -5.87
C VAL A 31 -3.32 17.28 -5.81
N SER A 32 -4.03 17.77 -6.80
CA SER A 32 -4.40 19.21 -6.80
C SER A 32 -4.91 19.58 -5.40
N GLN A 33 -5.81 18.81 -4.87
CA GLN A 33 -6.33 19.09 -3.51
C GLN A 33 -5.24 18.95 -2.43
N ILE A 34 -4.03 18.58 -2.79
CA ILE A 34 -3.00 18.41 -1.73
C ILE A 34 -1.91 19.48 -1.86
N ASP A 35 -2.24 20.65 -2.28
CA ASP A 35 -1.20 21.70 -2.35
C ASP A 35 -0.62 21.78 -0.95
N THR A 36 -1.28 21.14 -0.03
CA THR A 36 -0.84 21.12 1.38
C THR A 36 0.18 20.01 1.57
N VAL A 37 0.46 19.26 0.53
CA VAL A 37 1.46 18.17 0.66
C VAL A 37 1.35 17.56 2.05
N LYS A 38 0.15 17.39 2.53
CA LYS A 38 -0.05 16.77 3.87
C LYS A 38 -0.82 15.47 3.66
N SER A 39 -0.44 14.72 2.66
CA SER A 39 -1.15 13.45 2.36
C SER A 39 -0.41 12.72 1.23
N PHE A 40 -0.82 11.53 0.89
CA PHE A 40 -0.10 10.82 -0.20
C PHE A 40 -1.02 9.91 -1.01
N GLU A 41 -0.63 9.61 -2.23
CA GLU A 41 -1.47 8.75 -3.12
C GLU A 41 -0.60 8.08 -4.19
N TRP A 42 -0.61 6.77 -4.27
CA TRP A 42 0.20 6.06 -5.30
C TRP A 42 -0.75 5.16 -6.10
N GLY A 43 -0.28 4.55 -7.15
CA GLY A 43 -1.22 3.66 -7.93
C GLY A 43 -0.58 2.30 -8.18
N GLU A 44 -1.38 1.30 -8.39
CA GLU A 44 -0.82 -0.07 -8.61
C GLU A 44 -1.76 -0.84 -9.54
N ASP A 45 -1.19 -1.54 -10.48
CA ASP A 45 -1.99 -2.39 -11.40
C ASP A 45 -1.65 -3.84 -11.06
N LYS A 46 -2.58 -4.74 -11.12
CA LYS A 46 -2.23 -6.15 -10.74
C LYS A 46 -2.97 -7.12 -11.66
N GLU A 47 -2.25 -7.77 -12.54
CA GLU A 47 -2.89 -8.74 -13.49
C GLU A 47 -1.92 -9.89 -13.78
N SER A 48 -1.30 -10.43 -12.76
CA SER A 48 -0.34 -11.53 -12.98
C SER A 48 -0.60 -12.67 -11.98
N HIS A 49 -0.81 -13.87 -12.46
CA HIS A 49 -1.06 -15.01 -11.53
C HIS A 49 -2.31 -14.74 -10.69
N ASP A 50 -3.32 -15.55 -10.85
CA ASP A 50 -4.59 -15.32 -10.09
C ASP A 50 -4.34 -15.39 -8.58
N MET A 51 -3.49 -16.27 -8.14
CA MET A 51 -3.23 -16.41 -6.67
C MET A 51 -2.45 -15.20 -6.14
N LEU A 52 -1.54 -14.66 -6.92
CA LEU A 52 -0.77 -13.48 -6.42
C LEU A 52 -1.61 -12.22 -6.61
N ARG A 53 -2.02 -11.93 -7.82
CA ARG A 53 -2.81 -10.69 -8.08
C ARG A 53 -4.16 -10.73 -7.35
N GLN A 54 -4.32 -11.62 -6.42
CA GLN A 54 -5.64 -11.73 -5.72
C GLN A 54 -6.79 -11.65 -6.73
N GLY A 55 -6.47 -11.60 -8.00
CA GLY A 55 -7.51 -11.56 -9.07
C GLY A 55 -8.03 -10.13 -9.35
N PHE A 56 -7.80 -9.19 -8.47
CA PHE A 56 -8.34 -7.81 -8.74
C PHE A 56 -7.71 -7.25 -10.02
N THR A 57 -7.27 -6.02 -9.98
CA THR A 57 -6.67 -5.38 -11.19
C THR A 57 -5.87 -4.13 -10.82
N HIS A 58 -6.29 -3.39 -9.84
CA HIS A 58 -5.54 -2.17 -9.46
C HIS A 58 -6.03 -1.62 -8.13
N ALA A 59 -5.19 -0.91 -7.41
CA ALA A 59 -5.61 -0.35 -6.11
C ALA A 59 -4.99 1.03 -5.93
N PHE A 60 -5.42 1.76 -4.95
CA PHE A 60 -4.84 3.11 -4.70
C PHE A 60 -4.50 3.24 -3.22
N SER A 61 -3.31 3.64 -2.91
CA SER A 61 -2.92 3.77 -1.48
C SER A 61 -3.00 5.25 -1.09
N MET A 62 -4.06 5.65 -0.46
CA MET A 62 -4.19 7.07 -0.04
C MET A 62 -3.91 7.22 1.44
N THR A 63 -2.96 8.05 1.77
CA THR A 63 -2.59 8.26 3.19
C THR A 63 -2.73 9.77 3.48
N PHE A 64 -3.13 10.13 4.67
CA PHE A 64 -3.27 11.58 4.98
C PHE A 64 -2.37 11.95 6.16
N GLU A 65 -1.46 12.87 5.96
CA GLU A 65 -0.56 13.28 7.08
C GLU A 65 -1.43 13.59 8.28
N ASN A 66 -2.66 13.95 8.02
CA ASN A 66 -3.61 14.29 9.12
C ASN A 66 -5.00 14.45 8.51
N LYS A 67 -6.00 14.57 9.34
CA LYS A 67 -7.39 14.72 8.81
C LYS A 67 -7.53 15.95 7.91
N ASP A 68 -6.63 16.90 8.02
CA ASP A 68 -6.75 18.14 7.17
C ASP A 68 -6.74 17.77 5.68
N GLY A 69 -5.90 16.86 5.27
CA GLY A 69 -5.89 16.49 3.83
C GLY A 69 -7.15 15.69 3.51
N TYR A 70 -7.64 14.95 4.46
CA TYR A 70 -8.86 14.14 4.23
C TYR A 70 -10.08 15.06 4.05
N VAL A 71 -10.24 16.08 4.85
CA VAL A 71 -11.42 16.98 4.64
C VAL A 71 -11.21 17.78 3.36
N ALA A 72 -9.98 18.04 3.01
CA ALA A 72 -9.70 18.82 1.78
C ALA A 72 -10.17 18.03 0.55
N PHE A 73 -9.62 16.86 0.35
CA PHE A 73 -9.98 16.07 -0.86
C PHE A 73 -11.51 15.93 -0.99
N THR A 74 -12.22 15.84 0.09
CA THR A 74 -13.71 15.66 0.00
C THR A 74 -14.39 17.03 -0.13
N SER A 75 -13.81 18.05 0.43
CA SER A 75 -14.43 19.41 0.35
C SER A 75 -14.41 19.93 -1.09
N HIS A 76 -14.20 19.08 -2.05
CA HIS A 76 -14.17 19.57 -3.47
C HIS A 76 -15.01 18.64 -4.35
N PRO A 77 -15.56 19.15 -5.43
CA PRO A 77 -16.38 18.33 -6.38
C PRO A 77 -15.51 17.43 -7.27
N LEU A 78 -14.22 17.46 -7.09
CA LEU A 78 -13.31 16.61 -7.93
C LEU A 78 -13.51 15.12 -7.64
N HIS A 79 -13.86 14.77 -6.44
CA HIS A 79 -14.04 13.32 -6.10
C HIS A 79 -15.44 12.86 -6.47
N VAL A 80 -16.41 13.74 -6.39
CA VAL A 80 -17.80 13.35 -6.71
C VAL A 80 -17.91 12.92 -8.18
N GLU A 81 -17.62 13.80 -9.09
CA GLU A 81 -17.69 13.44 -10.53
C GLU A 81 -16.82 12.21 -10.80
N PHE A 82 -15.64 12.17 -10.23
CA PHE A 82 -14.76 11.00 -10.44
C PHE A 82 -15.26 9.81 -9.64
N SER A 83 -15.84 10.05 -8.49
CA SER A 83 -16.36 8.92 -7.66
C SER A 83 -17.47 8.18 -8.39
N ALA A 84 -18.37 8.89 -9.03
CA ALA A 84 -19.46 8.21 -9.77
C ALA A 84 -18.86 7.36 -10.88
N ALA A 85 -17.88 7.90 -11.56
CA ALA A 85 -17.23 7.13 -12.64
C ALA A 85 -16.51 5.93 -12.02
N PHE A 86 -15.85 6.13 -10.91
CA PHE A 86 -15.15 4.99 -10.27
C PHE A 86 -16.07 3.79 -10.28
N THR A 87 -17.36 4.01 -10.21
CA THR A 87 -18.31 2.87 -10.25
C THR A 87 -18.50 2.48 -11.72
N ALA A 88 -19.05 3.38 -12.49
CA ALA A 88 -19.26 3.09 -13.94
C ALA A 88 -18.04 2.36 -14.51
N VAL A 89 -16.88 2.59 -13.95
CA VAL A 89 -15.66 1.93 -14.49
C VAL A 89 -15.21 0.78 -13.57
N ILE A 90 -16.00 0.43 -12.58
CA ILE A 90 -15.59 -0.69 -11.69
C ILE A 90 -16.73 -1.69 -11.54
N ASP A 91 -16.40 -2.89 -11.10
CA ASP A 91 -17.41 -3.96 -10.93
C ASP A 91 -17.39 -4.42 -9.46
N LYS A 92 -16.24 -4.33 -8.85
CA LYS A 92 -16.08 -4.76 -7.43
C LYS A 92 -15.36 -3.64 -6.66
N ILE A 93 -15.89 -3.22 -5.53
CA ILE A 93 -15.21 -2.14 -4.75
C ILE A 93 -14.92 -2.64 -3.32
N VAL A 94 -13.67 -2.65 -2.95
CA VAL A 94 -13.28 -3.09 -1.56
C VAL A 94 -12.34 -2.05 -0.95
N LEU A 95 -12.53 -1.64 0.29
CA LEU A 95 -11.62 -0.60 0.86
C LEU A 95 -11.31 -0.85 2.35
N LEU A 96 -10.09 -0.61 2.74
CA LEU A 96 -9.71 -0.78 4.18
C LEU A 96 -9.26 0.58 4.74
N ASP A 97 -9.93 1.07 5.74
CA ASP A 97 -9.54 2.40 6.32
C ASP A 97 -9.38 2.25 7.85
N PHE A 98 -8.35 2.81 8.41
CA PHE A 98 -8.16 2.69 9.88
C PHE A 98 -6.99 3.58 10.34
N PRO A 99 -6.98 3.98 11.60
CA PRO A 99 -5.85 4.79 12.16
C PRO A 99 -4.51 4.05 12.11
N VAL A 100 -3.52 4.63 11.51
CA VAL A 100 -2.20 3.93 11.40
C VAL A 100 -1.17 4.61 12.30
N ALA A 101 -0.40 3.84 13.02
CA ALA A 101 0.66 4.43 13.89
C ALA A 101 2.04 3.89 13.48
N ALA A 102 2.81 4.68 12.79
CA ALA A 102 4.15 4.19 12.34
C ALA A 102 4.99 5.36 11.85
N VAL A 103 6.28 5.20 11.79
CA VAL A 103 7.15 6.30 11.30
C VAL A 103 8.41 5.71 10.68
N LYS A 104 8.63 4.44 10.86
CA LYS A 104 9.83 3.79 10.27
C LYS A 104 11.08 4.55 10.74
N SER A 105 12.08 4.64 9.91
CA SER A 105 13.34 5.30 10.33
C SER A 105 13.87 4.62 11.60
N SER A 106 13.00 4.04 12.36
CA SER A 106 13.44 3.37 13.61
C SER A 106 14.42 2.24 13.27
N VAL A 107 15.59 2.27 13.85
CA VAL A 107 16.59 1.21 13.57
C VAL A 107 17.11 0.67 14.91
N VAL A 108 17.31 -0.61 15.00
CA VAL A 108 17.79 -1.21 16.28
C VAL A 108 17.48 -2.70 16.28
N ALA A 109 18.28 -3.47 15.59
CA ALA A 109 18.05 -4.94 15.55
C ALA A 109 18.71 -5.57 16.77
N THR A 110 17.95 -6.17 17.65
CA THR A 110 18.56 -6.78 18.85
C THR A 110 19.36 -8.03 18.45
N PRO A 111 20.38 -8.34 19.19
CA PRO A 111 21.24 -9.54 18.91
C PRO A 111 20.42 -10.72 18.37
N MET B 1 9.51 -2.66 -17.72
CA MET B 1 10.01 -1.31 -18.12
C MET B 1 11.08 -0.85 -17.14
N ALA B 2 10.88 -1.07 -15.87
CA ALA B 2 11.88 -0.64 -14.87
C ALA B 2 11.78 0.86 -14.65
N THR B 3 12.84 1.48 -14.21
CA THR B 3 12.81 2.95 -13.99
C THR B 3 11.99 3.24 -12.73
N SER B 4 10.92 2.53 -12.55
CA SER B 4 10.07 2.72 -11.33
C SER B 4 10.54 1.76 -10.25
N GLY B 5 9.65 1.07 -9.62
CA GLY B 5 10.08 0.12 -8.56
C GLY B 5 9.25 -1.18 -8.67
N PHE B 6 9.55 -2.15 -7.84
CA PHE B 6 8.78 -3.42 -7.87
C PHE B 6 8.02 -3.54 -6.56
N LYS B 7 6.75 -3.85 -6.61
CA LYS B 7 5.95 -3.92 -5.35
C LYS B 7 5.62 -5.35 -4.94
N HIS B 8 5.75 -5.60 -3.66
CA HIS B 8 5.35 -6.91 -3.09
C HIS B 8 4.47 -6.60 -1.89
N LEU B 9 3.32 -7.19 -1.79
CA LEU B 9 2.43 -6.86 -0.63
C LEU B 9 1.88 -8.15 -0.05
N VAL B 10 1.71 -8.18 1.24
CA VAL B 10 1.18 -9.40 1.89
C VAL B 10 -0.04 -9.04 2.74
N VAL B 11 -1.08 -9.80 2.63
CA VAL B 11 -2.28 -9.55 3.48
C VAL B 11 -2.46 -10.78 4.34
N VAL B 12 -2.59 -10.62 5.62
CA VAL B 12 -2.68 -11.85 6.46
C VAL B 12 -3.72 -11.74 7.57
N LYS B 13 -4.11 -12.87 8.09
CA LYS B 13 -5.06 -12.92 9.23
C LYS B 13 -4.39 -13.73 10.33
N PHE B 14 -4.72 -13.50 11.57
CA PHE B 14 -4.04 -14.24 12.67
C PHE B 14 -5.02 -15.21 13.38
N LYS B 15 -4.49 -16.28 13.93
CA LYS B 15 -5.35 -17.25 14.67
C LYS B 15 -4.75 -17.47 16.06
N GLU B 16 -3.48 -17.25 16.21
CA GLU B 16 -2.84 -17.41 17.54
C GLU B 16 -2.93 -16.06 18.25
N ASP B 17 -2.46 -15.04 17.60
CA ASP B 17 -2.50 -13.65 18.13
C ASP B 17 -1.26 -12.95 17.60
N THR B 18 -1.23 -12.68 16.32
CA THR B 18 -0.03 -12.05 15.71
C THR B 18 0.36 -10.75 16.38
N LYS B 19 1.48 -10.77 17.05
CA LYS B 19 1.99 -9.53 17.68
C LYS B 19 2.67 -8.75 16.57
N VAL B 20 1.92 -7.96 15.85
CA VAL B 20 2.50 -7.19 14.72
C VAL B 20 3.64 -6.30 15.21
N ASP B 21 3.55 -5.81 16.41
CA ASP B 21 4.63 -4.94 16.96
C ASP B 21 5.92 -5.75 17.15
N GLU B 22 5.82 -6.99 17.57
CA GLU B 22 7.06 -7.81 17.71
C GLU B 22 7.57 -8.10 16.31
N ILE B 23 6.67 -8.30 15.41
CA ILE B 23 7.05 -8.52 13.99
C ILE B 23 7.76 -7.26 13.53
N LEU B 24 7.23 -6.14 13.93
CA LEU B 24 7.86 -4.83 13.59
C LEU B 24 9.33 -4.85 14.00
N LYS B 25 9.65 -5.50 15.09
CA LYS B 25 11.08 -5.56 15.51
C LYS B 25 11.86 -6.18 14.35
N GLY B 26 11.21 -7.03 13.61
CA GLY B 26 11.89 -7.65 12.44
C GLY B 26 11.93 -6.61 11.32
N LEU B 27 10.84 -5.93 11.09
CA LEU B 27 10.79 -4.91 10.02
C LEU B 27 12.00 -3.98 10.17
N GLU B 28 12.17 -3.37 11.31
CA GLU B 28 13.34 -2.46 11.49
C GLU B 28 14.58 -3.24 11.08
N ASN B 29 14.59 -4.52 11.36
CA ASN B 29 15.76 -5.36 10.98
C ASN B 29 15.78 -5.44 9.44
N LEU B 30 14.64 -5.68 8.84
CA LEU B 30 14.57 -5.74 7.35
C LEU B 30 15.27 -4.51 6.78
N VAL B 31 14.93 -3.34 7.25
CA VAL B 31 15.58 -2.09 6.75
C VAL B 31 17.09 -2.30 6.78
N SER B 32 17.57 -3.03 7.75
CA SER B 32 19.04 -3.29 7.83
C SER B 32 19.54 -3.66 6.44
N GLN B 33 18.89 -4.58 5.79
CA GLN B 33 19.31 -4.98 4.41
C GLN B 33 19.13 -3.83 3.41
N ILE B 34 18.64 -2.68 3.83
CA ILE B 34 18.45 -1.59 2.81
C ILE B 34 19.41 -0.44 3.09
N ASP B 35 20.58 -0.71 3.57
CA ASP B 35 21.52 0.41 3.78
C ASP B 35 21.66 1.10 2.43
N THR B 36 21.13 0.45 1.43
CA THR B 36 21.17 0.98 0.05
C THR B 36 19.98 1.92 -0.15
N VAL B 37 19.15 2.06 0.85
CA VAL B 37 17.98 2.98 0.70
C VAL B 37 17.47 2.91 -0.73
N LYS B 38 17.44 1.74 -1.30
CA LYS B 38 16.92 1.59 -2.68
C LYS B 38 15.69 0.70 -2.61
N SER B 39 14.85 0.95 -1.64
CA SER B 39 13.63 0.12 -1.49
C SER B 39 12.77 0.71 -0.37
N PHE B 40 11.59 0.18 -0.14
CA PHE B 40 10.74 0.77 0.95
C PHE B 40 9.88 -0.29 1.64
N GLU B 41 9.47 -0.01 2.84
CA GLU B 41 8.63 -0.97 3.62
C GLU B 41 7.82 -0.22 4.70
N TRP B 42 6.52 -0.36 4.68
CA TRP B 42 5.67 0.32 5.71
C TRP B 42 4.80 -0.74 6.38
N GLY B 43 4.09 -0.41 7.42
CA GLY B 43 3.24 -1.46 8.07
C GLY B 43 1.81 -0.95 8.27
N GLU B 44 0.87 -1.84 8.35
CA GLU B 44 -0.56 -1.42 8.51
C GLU B 44 -1.31 -2.47 9.32
N ASP B 45 -2.10 -2.03 10.24
CA ASP B 45 -2.94 -2.96 11.05
C ASP B 45 -4.39 -2.71 10.64
N LYS B 46 -5.22 -3.72 10.56
CA LYS B 46 -6.61 -3.47 10.12
C LYS B 46 -7.58 -4.34 10.92
N GLU B 47 -8.35 -3.75 11.79
CA GLU B 47 -9.31 -4.53 12.62
C GLU B 47 -10.55 -3.67 12.89
N SER B 48 -11.07 -3.03 11.88
CA SER B 48 -12.28 -2.17 12.08
C SER B 48 -13.31 -2.46 10.99
N HIS B 49 -14.52 -2.81 11.36
CA HIS B 49 -15.57 -3.08 10.35
C HIS B 49 -15.14 -4.24 9.46
N ASP B 50 -15.87 -5.32 9.49
CA ASP B 50 -15.49 -6.52 8.67
C ASP B 50 -15.48 -6.17 7.18
N MET B 51 -16.41 -5.37 6.73
CA MET B 51 -16.47 -5.02 5.27
C MET B 51 -15.29 -4.11 4.88
N LEU B 52 -14.88 -3.22 5.75
CA LEU B 52 -13.75 -2.32 5.40
C LEU B 52 -12.43 -3.06 5.61
N ARG B 53 -12.19 -3.52 6.82
CA ARG B 53 -10.90 -4.22 7.11
C ARG B 53 -10.79 -5.53 6.31
N GLN B 54 -11.60 -5.70 5.30
CA GLN B 54 -11.55 -6.96 4.51
C GLN B 54 -11.43 -8.17 5.45
N GLY B 55 -11.50 -7.94 6.74
CA GLY B 55 -11.43 -9.04 7.73
C GLY B 55 -9.98 -9.46 8.08
N PHE B 56 -9.01 -9.10 7.29
CA PHE B 56 -7.62 -9.54 7.62
C PHE B 56 -7.18 -8.96 8.97
N THR B 57 -5.99 -8.42 9.04
CA THR B 57 -5.50 -7.84 10.33
C THR B 57 -4.31 -6.92 10.10
N HIS B 58 -3.47 -7.21 9.14
CA HIS B 58 -2.29 -6.34 8.91
C HIS B 58 -1.61 -6.69 7.58
N ALA B 59 -0.95 -5.76 6.99
CA ALA B 59 -0.26 -6.04 5.69
C ALA B 59 1.08 -5.29 5.66
N PHE B 60 1.91 -5.59 4.70
CA PHE B 60 3.21 -4.89 4.59
C PHE B 60 3.41 -4.44 3.15
N SER B 61 3.71 -3.19 2.93
CA SER B 61 3.91 -2.69 1.55
C SER B 61 5.41 -2.63 1.26
N MET B 62 5.94 -3.61 0.59
CA MET B 62 7.39 -3.59 0.27
C MET B 62 7.61 -3.20 -1.18
N THR B 63 8.38 -2.16 -1.38
CA THR B 63 8.65 -1.68 -2.77
C THR B 63 10.17 -1.68 -2.97
N PHE B 64 10.64 -1.96 -4.15
CA PHE B 64 12.12 -1.96 -4.36
C PHE B 64 12.49 -0.95 -5.45
N GLU B 65 13.32 0.01 -5.13
CA GLU B 65 13.69 1.02 -6.16
C GLU B 65 14.17 0.26 -7.39
N ASN B 66 14.62 -0.95 -7.19
CA ASN B 66 15.10 -1.78 -8.32
C ASN B 66 15.35 -3.20 -7.78
N LYS B 67 15.62 -4.14 -8.66
CA LYS B 67 15.85 -5.54 -8.22
C LYS B 67 17.02 -5.63 -7.24
N ASP B 68 17.90 -4.66 -7.23
CA ASP B 68 19.08 -4.73 -6.31
C ASP B 68 18.62 -4.86 -4.85
N GLY B 69 17.62 -4.12 -4.46
CA GLY B 69 17.15 -4.24 -3.04
C GLY B 69 16.45 -5.58 -2.86
N TYR B 70 15.80 -6.06 -3.89
CA TYR B 70 15.10 -7.37 -3.80
C TYR B 70 16.10 -8.51 -3.61
N VAL B 71 17.19 -8.53 -4.36
CA VAL B 71 18.16 -9.65 -4.16
C VAL B 71 18.86 -9.47 -2.82
N ALA B 72 18.99 -8.24 -2.38
CA ALA B 72 19.66 -7.98 -1.08
C ALA B 72 18.83 -8.60 0.05
N PHE B 73 17.62 -8.16 0.23
CA PHE B 73 16.77 -8.67 1.34
C PHE B 73 16.76 -10.21 1.37
N THR B 74 16.80 -10.85 0.23
CA THR B 74 16.75 -12.35 0.22
C THR B 74 18.16 -12.91 0.40
N SER B 75 19.16 -12.22 -0.06
CA SER B 75 20.57 -12.74 0.08
C SER B 75 20.99 -12.78 1.55
N HIS B 76 20.07 -12.70 2.47
CA HIS B 76 20.45 -12.73 3.92
C HIS B 76 19.54 -13.70 4.68
N PRO B 77 20.03 -14.28 5.75
CA PRO B 77 19.23 -15.23 6.59
C PRO B 77 18.20 -14.51 7.47
N LEU B 78 18.12 -13.21 7.37
CA LEU B 78 17.15 -12.42 8.21
C LEU B 78 15.70 -12.73 7.80
N HIS B 79 15.46 -13.02 6.56
CA HIS B 79 14.06 -13.30 6.11
C HIS B 79 13.70 -14.76 6.36
N VAL B 80 14.67 -15.64 6.27
CA VAL B 80 14.38 -17.08 6.49
C VAL B 80 13.86 -17.32 7.90
N GLU B 81 14.66 -17.01 8.89
CA GLU B 81 14.21 -17.22 10.29
C GLU B 81 12.89 -16.47 10.53
N PHE B 82 12.79 -15.28 10.04
CA PHE B 82 11.53 -14.51 10.23
C PHE B 82 10.44 -15.04 9.30
N SER B 83 10.81 -15.52 8.14
CA SER B 83 9.79 -16.07 7.20
C SER B 83 9.11 -17.29 7.81
N ALA B 84 9.85 -18.17 8.43
CA ALA B 84 9.22 -19.37 9.05
C ALA B 84 8.25 -18.91 10.13
N ALA B 85 8.65 -17.94 10.92
CA ALA B 85 7.76 -17.43 11.99
C ALA B 85 6.55 -16.77 11.33
N PHE B 86 6.76 -16.02 10.27
CA PHE B 86 5.61 -15.37 9.61
C PHE B 86 4.49 -16.39 9.47
N THR B 87 4.83 -17.64 9.34
CA THR B 87 3.77 -18.68 9.24
C THR B 87 3.30 -19.01 10.65
N ALA B 88 4.19 -19.53 11.45
CA ALA B 88 3.83 -19.86 12.86
C ALA B 88 2.96 -18.75 13.45
N VAL B 89 3.14 -17.54 13.00
CA VAL B 89 2.34 -16.41 13.56
C VAL B 89 1.21 -16.01 12.58
N ILE B 90 1.00 -16.73 11.52
CA ILE B 90 -0.10 -16.36 10.59
C ILE B 90 -0.99 -17.57 10.30
N ASP B 91 -2.18 -17.31 9.80
CA ASP B 91 -3.15 -18.39 9.49
C ASP B 91 -3.50 -18.31 8.01
N LYS B 92 -3.47 -17.11 7.47
CA LYS B 92 -3.83 -16.89 6.04
C LYS B 92 -2.73 -16.03 5.38
N ILE B 93 -2.19 -16.45 4.26
CA ILE B 93 -1.13 -15.62 3.61
C ILE B 93 -1.55 -15.28 2.17
N VAL B 94 -1.64 -14.02 1.87
CA VAL B 94 -2.03 -13.57 0.49
C VAL B 94 -1.03 -12.51 0.02
N LEU B 95 -0.54 -12.58 -1.20
CA LEU B 95 0.47 -11.55 -1.64
C LEU B 95 0.28 -11.16 -3.12
N LEU B 96 0.44 -9.89 -3.42
CA LEU B 96 0.33 -9.42 -4.83
C LEU B 96 1.67 -8.83 -5.27
N ASP B 97 2.30 -9.39 -6.28
CA ASP B 97 3.61 -8.85 -6.74
C ASP B 97 3.55 -8.60 -8.25
N PHE B 98 4.05 -7.49 -8.71
CA PHE B 98 4.02 -7.20 -10.17
C PHE B 98 4.83 -5.94 -10.50
N PRO B 99 5.30 -5.81 -11.72
CA PRO B 99 6.05 -4.59 -12.14
C PRO B 99 5.20 -3.32 -12.07
N VAL B 100 5.65 -2.32 -11.37
CA VAL B 100 4.83 -1.08 -11.22
C VAL B 100 5.48 0.07 -12.01
N ALA B 101 4.69 0.82 -12.72
CA ALA B 101 5.25 1.98 -13.48
C ALA B 101 4.56 3.27 -13.02
N ALA B 102 5.24 4.07 -12.23
CA ALA B 102 4.61 5.32 -11.74
C ALA B 102 5.67 6.21 -11.11
N VAL B 103 5.40 7.48 -10.97
CA VAL B 103 6.39 8.41 -10.36
C VAL B 103 5.65 9.57 -9.70
N LYS B 104 4.37 9.69 -9.96
CA LYS B 104 3.59 10.80 -9.35
C LYS B 104 4.25 12.13 -9.68
N SER B 105 4.20 13.08 -8.78
CA SER B 105 4.79 14.41 -9.07
C SER B 105 4.15 14.97 -10.33
N SER B 106 3.69 14.11 -11.20
CA SER B 106 3.07 14.59 -12.46
C SER B 106 1.85 15.44 -12.14
N VAL B 107 1.81 16.64 -12.63
CA VAL B 107 0.64 17.54 -12.37
C VAL B 107 0.16 18.10 -13.71
N VAL B 108 -1.13 18.20 -13.87
CA VAL B 108 -1.69 18.71 -15.17
C VAL B 108 -3.14 18.30 -15.29
N ALA B 109 -4.02 18.98 -14.60
CA ALA B 109 -5.46 18.61 -14.69
C ALA B 109 -6.07 19.31 -15.90
N THR B 110 -6.53 18.56 -16.86
CA THR B 110 -7.12 19.22 -18.06
C THR B 110 -8.46 19.87 -17.70
N PRO B 111 -8.82 20.92 -18.39
CA PRO B 111 -10.09 21.65 -18.14
C PRO B 111 -11.23 20.70 -17.75
N MET A 1 -6.06 7.69 17.04
CA MET A 1 -5.31 8.70 17.84
C MET A 1 -4.48 9.58 16.90
N ALA A 2 -4.24 9.13 15.70
CA ALA A 2 -3.45 9.95 14.74
C ALA A 2 -2.06 10.25 15.34
N THR A 3 -1.18 9.28 15.31
CA THR A 3 0.17 9.49 15.86
C THR A 3 1.15 9.78 14.72
N SER A 4 0.65 9.81 13.52
CA SER A 4 1.53 10.08 12.35
C SER A 4 0.65 10.45 11.16
N GLY A 5 0.21 9.50 10.40
CA GLY A 5 -0.65 9.83 9.23
C GLY A 5 -1.90 8.95 9.23
N PHE A 6 -2.81 9.20 8.34
CA PHE A 6 -4.05 8.37 8.28
C PHE A 6 -4.06 7.64 6.93
N LYS A 7 -4.30 6.36 6.94
CA LYS A 7 -4.27 5.61 5.64
C LYS A 7 -5.67 5.24 5.14
N HIS A 8 -5.90 5.50 3.88
CA HIS A 8 -7.16 5.12 3.21
C HIS A 8 -6.77 4.30 2.00
N LEU A 9 -7.30 3.11 1.85
CA LEU A 9 -6.89 2.29 0.68
C LEU A 9 -8.13 1.65 0.07
N VAL A 10 -8.15 1.54 -1.22
CA VAL A 10 -9.34 0.95 -1.89
C VAL A 10 -8.88 -0.17 -2.82
N VAL A 11 -9.58 -1.27 -2.82
CA VAL A 11 -9.23 -2.38 -3.75
C VAL A 11 -10.43 -2.58 -4.66
N VAL A 12 -10.25 -2.59 -5.95
CA VAL A 12 -11.43 -2.73 -6.81
C VAL A 12 -11.18 -3.62 -8.03
N LYS A 13 -12.25 -4.12 -8.58
CA LYS A 13 -12.18 -4.97 -9.81
C LYS A 13 -13.01 -4.27 -10.88
N PHE A 14 -12.72 -4.48 -12.13
CA PHE A 14 -13.50 -3.81 -13.21
C PHE A 14 -14.52 -4.76 -13.85
N LYS A 15 -15.67 -4.24 -14.22
CA LYS A 15 -16.71 -5.09 -14.87
C LYS A 15 -16.94 -4.57 -16.30
N GLU A 16 -16.74 -3.30 -16.51
CA GLU A 16 -16.93 -2.73 -17.87
C GLU A 16 -15.59 -2.85 -18.60
N ASP A 17 -14.56 -2.32 -17.99
CA ASP A 17 -13.18 -2.37 -18.54
C ASP A 17 -12.46 -1.14 -18.02
N THR A 18 -12.08 -1.17 -16.77
CA THR A 18 -11.42 0.01 -16.14
C THR A 18 -10.10 0.37 -16.81
N LYS A 19 -10.09 1.47 -17.51
CA LYS A 19 -8.84 1.96 -18.11
C LYS A 19 -8.09 2.67 -16.99
N VAL A 20 -7.24 1.95 -16.30
CA VAL A 20 -6.52 2.55 -15.14
C VAL A 20 -5.73 3.78 -15.58
N ASP A 21 -5.19 3.76 -16.77
CA ASP A 21 -4.42 4.93 -17.27
C ASP A 21 -5.34 6.15 -17.45
N GLU A 22 -6.53 5.96 -17.94
CA GLU A 22 -7.45 7.13 -18.09
C GLU A 22 -7.87 7.54 -16.68
N ILE A 23 -7.97 6.58 -15.81
CA ILE A 23 -8.30 6.87 -14.41
C ILE A 23 -7.10 7.61 -13.82
N LEU A 24 -5.93 7.13 -14.15
CA LEU A 24 -4.67 7.76 -13.66
C LEU A 24 -4.68 9.24 -14.06
N LYS A 25 -5.15 9.56 -15.24
CA LYS A 25 -5.17 10.98 -15.66
C LYS A 25 -6.03 11.74 -14.65
N GLY A 26 -6.93 11.04 -14.02
CA GLY A 26 -7.77 11.69 -12.98
C GLY A 26 -6.97 11.73 -11.68
N LEU A 27 -6.36 10.63 -11.34
CA LEU A 27 -5.55 10.59 -10.09
C LEU A 27 -4.62 11.80 -10.06
N GLU A 28 -3.86 12.01 -11.10
CA GLU A 28 -2.95 13.19 -11.11
C GLU A 28 -3.79 14.42 -10.79
N ASN A 29 -4.97 14.47 -11.35
CA ASN A 29 -5.88 15.61 -11.05
C ASN A 29 -6.13 15.64 -9.53
N LEU A 30 -6.36 14.49 -8.96
CA LEU A 30 -6.55 14.40 -7.48
C LEU A 30 -5.43 15.20 -6.79
N VAL A 31 -4.21 15.00 -7.22
CA VAL A 31 -3.07 15.77 -6.62
C VAL A 31 -3.43 17.25 -6.59
N SER A 32 -4.27 17.68 -7.49
CA SER A 32 -4.70 19.10 -7.49
C SER A 32 -4.99 19.51 -6.06
N GLN A 33 -5.75 18.72 -5.35
CA GLN A 33 -6.05 19.05 -3.92
C GLN A 33 -4.82 18.83 -3.01
N ILE A 34 -3.87 18.00 -3.40
CA ILE A 34 -2.71 17.80 -2.48
C ILE A 34 -1.68 18.91 -2.66
N ASP A 35 -2.08 20.05 -3.14
CA ASP A 35 -1.09 21.14 -3.25
C ASP A 35 -0.56 21.36 -1.85
N THR A 36 -1.22 20.75 -0.90
CA THR A 36 -0.82 20.86 0.52
C THR A 36 0.35 19.90 0.77
N VAL A 37 0.77 19.18 -0.23
CA VAL A 37 1.90 18.24 -0.02
C VAL A 37 1.82 17.66 1.39
N LYS A 38 0.63 17.48 1.88
CA LYS A 38 0.47 16.91 3.25
C LYS A 38 -0.35 15.63 3.10
N SER A 39 -0.04 14.85 2.11
CA SER A 39 -0.79 13.59 1.88
C SER A 39 -0.10 12.79 0.76
N PHE A 40 -0.51 11.57 0.51
CA PHE A 40 0.17 10.80 -0.57
C PHE A 40 -0.78 9.82 -1.26
N GLU A 41 -0.40 9.38 -2.44
CA GLU A 41 -1.24 8.42 -3.22
C GLU A 41 -0.36 7.56 -4.13
N TRP A 42 -0.33 6.27 -3.91
CA TRP A 42 0.48 5.37 -4.79
C TRP A 42 -0.48 4.62 -5.70
N GLY A 43 -0.03 4.11 -6.81
CA GLY A 43 -0.97 3.38 -7.72
C GLY A 43 -0.56 1.92 -7.87
N GLU A 44 -1.50 1.04 -8.11
CA GLU A 44 -1.17 -0.40 -8.28
C GLU A 44 -2.18 -1.05 -9.21
N ASP A 45 -1.70 -1.81 -10.15
CA ASP A 45 -2.59 -2.54 -11.08
C ASP A 45 -1.79 -3.74 -11.59
N LYS A 46 -1.80 -4.85 -10.91
CA LYS A 46 -1.01 -6.01 -11.42
C LYS A 46 -1.79 -6.71 -12.54
N GLU A 47 -1.09 -7.39 -13.41
CA GLU A 47 -1.77 -8.15 -14.49
C GLU A 47 -0.86 -9.30 -14.96
N SER A 48 -0.51 -10.19 -14.07
CA SER A 48 0.41 -11.30 -14.44
C SER A 48 0.53 -12.31 -13.29
N HIS A 49 0.51 -13.58 -13.58
CA HIS A 49 0.70 -14.60 -12.51
C HIS A 49 -0.43 -14.48 -11.49
N ASP A 50 -1.28 -15.47 -11.40
CA ASP A 50 -2.40 -15.42 -10.41
C ASP A 50 -1.86 -15.20 -9.00
N MET A 51 -0.82 -15.89 -8.62
CA MET A 51 -0.24 -15.70 -7.25
C MET A 51 0.21 -14.24 -7.05
N LEU A 52 0.72 -13.60 -8.07
CA LEU A 52 1.13 -12.17 -7.91
C LEU A 52 -0.03 -11.26 -8.33
N ARG A 53 -0.84 -11.71 -9.24
CA ARG A 53 -2.00 -10.89 -9.71
C ARG A 53 -3.17 -10.93 -8.72
N GLN A 54 -3.00 -11.59 -7.61
CA GLN A 54 -4.14 -11.74 -6.66
C GLN A 54 -5.48 -11.82 -7.42
N GLY A 55 -5.41 -11.81 -8.73
CA GLY A 55 -6.65 -11.88 -9.56
C GLY A 55 -7.44 -10.54 -9.59
N PHE A 56 -7.30 -9.70 -8.60
CA PHE A 56 -8.05 -8.41 -8.66
C PHE A 56 -7.65 -7.61 -9.90
N THR A 57 -7.56 -6.31 -9.79
CA THR A 57 -7.21 -5.47 -10.97
C THR A 57 -6.32 -4.30 -10.57
N HIS A 58 -6.67 -3.58 -9.53
CA HIS A 58 -5.84 -2.40 -9.15
C HIS A 58 -6.34 -1.81 -7.84
N ALA A 59 -5.50 -1.06 -7.17
CA ALA A 59 -5.93 -0.43 -5.89
C ALA A 59 -5.25 0.94 -5.75
N PHE A 60 -5.64 1.69 -4.75
CA PHE A 60 -5.00 3.01 -4.54
C PHE A 60 -4.76 3.21 -3.04
N SER A 61 -3.60 3.67 -2.68
CA SER A 61 -3.30 3.85 -1.23
C SER A 61 -3.23 5.35 -0.94
N MET A 62 -4.27 5.90 -0.36
CA MET A 62 -4.24 7.35 -0.03
C MET A 62 -3.88 7.56 1.43
N THR A 63 -2.88 8.35 1.66
CA THR A 63 -2.43 8.62 3.06
C THR A 63 -2.55 10.14 3.31
N PHE A 64 -2.93 10.53 4.48
CA PHE A 64 -3.06 12.00 4.76
C PHE A 64 -2.31 12.36 6.04
N GLU A 65 -1.49 13.38 5.99
CA GLU A 65 -0.73 13.77 7.22
C GLU A 65 -1.75 14.01 8.33
N ASN A 66 -2.91 14.46 7.96
CA ASN A 66 -3.98 14.74 8.95
C ASN A 66 -5.34 14.61 8.25
N LYS A 67 -6.39 14.44 8.99
CA LYS A 67 -7.75 14.29 8.37
C LYS A 67 -8.10 15.53 7.53
N ASP A 68 -7.46 16.64 7.76
CA ASP A 68 -7.81 17.88 7.00
C ASP A 68 -7.70 17.63 5.49
N GLY A 69 -6.71 16.90 5.06
CA GLY A 69 -6.58 16.62 3.60
C GLY A 69 -7.74 15.73 3.16
N TYR A 70 -8.21 14.89 4.03
CA TYR A 70 -9.34 13.99 3.68
C TYR A 70 -10.63 14.79 3.52
N VAL A 71 -10.95 15.70 4.41
CA VAL A 71 -12.21 16.49 4.24
C VAL A 71 -12.02 17.44 3.06
N ALA A 72 -10.81 17.86 2.81
CA ALA A 72 -10.57 18.80 1.68
C ALA A 72 -10.88 18.10 0.36
N PHE A 73 -10.20 17.03 0.07
CA PHE A 73 -10.46 16.30 -1.21
C PHE A 73 -11.94 15.91 -1.34
N THR A 74 -12.61 15.64 -0.24
CA THR A 74 -14.05 15.25 -0.32
C THR A 74 -14.93 16.47 -0.62
N SER A 75 -14.53 17.62 -0.17
CA SER A 75 -15.37 18.84 -0.39
C SER A 75 -15.12 19.44 -1.78
N HIS A 76 -14.25 18.84 -2.55
CA HIS A 76 -13.98 19.40 -3.91
C HIS A 76 -14.79 18.63 -4.96
N PRO A 77 -15.56 19.32 -5.76
CA PRO A 77 -16.38 18.67 -6.84
C PRO A 77 -15.63 17.55 -7.57
N LEU A 78 -14.33 17.49 -7.40
CA LEU A 78 -13.52 16.43 -8.08
C LEU A 78 -13.83 15.04 -7.52
N HIS A 79 -14.20 14.95 -6.29
CA HIS A 79 -14.50 13.61 -5.68
C HIS A 79 -15.89 13.14 -6.10
N VAL A 80 -16.85 14.00 -6.07
CA VAL A 80 -18.24 13.61 -6.44
C VAL A 80 -18.27 13.14 -7.90
N GLU A 81 -17.93 14.00 -8.82
CA GLU A 81 -17.94 13.60 -10.25
C GLU A 81 -17.03 12.39 -10.46
N PHE A 82 -15.91 12.36 -9.80
CA PHE A 82 -14.98 11.22 -9.96
C PHE A 82 -15.54 9.98 -9.25
N SER A 83 -16.07 10.15 -8.07
CA SER A 83 -16.62 8.99 -7.32
C SER A 83 -17.77 8.35 -8.09
N ALA A 84 -18.61 9.14 -8.70
CA ALA A 84 -19.75 8.56 -9.47
C ALA A 84 -19.19 7.68 -10.57
N ALA A 85 -18.26 8.19 -11.33
CA ALA A 85 -17.66 7.39 -12.42
C ALA A 85 -16.79 6.30 -11.80
N PHE A 86 -16.04 6.63 -10.78
CA PHE A 86 -15.19 5.59 -10.14
C PHE A 86 -16.03 4.33 -9.94
N THR A 87 -17.31 4.49 -9.75
CA THR A 87 -18.18 3.30 -9.58
C THR A 87 -18.49 2.75 -10.98
N ALA A 88 -19.16 3.53 -11.77
CA ALA A 88 -19.48 3.09 -13.16
C ALA A 88 -18.31 2.31 -13.74
N VAL A 89 -17.11 2.61 -13.33
CA VAL A 89 -15.93 1.90 -13.89
C VAL A 89 -15.39 0.86 -12.90
N ILE A 90 -16.11 0.57 -11.84
CA ILE A 90 -15.62 -0.46 -10.88
C ILE A 90 -16.61 -1.61 -10.77
N ASP A 91 -16.12 -2.76 -10.41
CA ASP A 91 -16.99 -3.97 -10.28
C ASP A 91 -17.29 -4.20 -8.80
N LYS A 92 -16.34 -3.89 -7.96
CA LYS A 92 -16.50 -4.09 -6.49
C LYS A 92 -15.71 -2.99 -5.76
N ILE A 93 -16.14 -2.56 -4.60
CA ILE A 93 -15.38 -1.49 -3.88
C ILE A 93 -15.08 -1.96 -2.45
N VAL A 94 -13.82 -1.94 -2.08
CA VAL A 94 -13.43 -2.35 -0.69
C VAL A 94 -12.43 -1.31 -0.14
N LEU A 95 -12.56 -0.88 1.10
CA LEU A 95 -11.60 0.16 1.60
C LEU A 95 -11.15 -0.13 3.04
N LEU A 96 -9.88 0.06 3.30
CA LEU A 96 -9.34 -0.12 4.69
C LEU A 96 -8.91 1.25 5.24
N ASP A 97 -9.52 1.70 6.30
CA ASP A 97 -9.11 3.02 6.88
C ASP A 97 -8.73 2.81 8.36
N PHE A 98 -7.56 3.24 8.76
CA PHE A 98 -7.14 3.04 10.17
C PHE A 98 -5.88 3.88 10.48
N PRO A 99 -5.83 4.52 11.62
CA PRO A 99 -4.64 5.32 12.04
C PRO A 99 -3.33 4.55 11.84
N VAL A 100 -2.40 5.10 11.12
CA VAL A 100 -1.11 4.39 10.87
C VAL A 100 0.04 5.15 11.54
N ALA A 101 0.96 4.44 12.12
CA ALA A 101 2.12 5.10 12.78
C ALA A 101 3.40 4.84 11.96
N ALA A 102 3.58 5.56 10.88
CA ALA A 102 4.81 5.36 10.06
C ALA A 102 6.04 5.37 10.96
N VAL A 103 6.40 4.23 11.50
CA VAL A 103 7.61 4.18 12.39
C VAL A 103 8.27 2.81 12.26
N LYS A 104 9.47 2.77 11.75
CA LYS A 104 10.16 1.46 11.57
C LYS A 104 11.58 1.69 11.07
N SER A 105 12.50 1.99 11.94
CA SER A 105 13.90 2.25 11.49
C SER A 105 14.64 3.00 12.58
N SER A 106 14.02 3.99 13.17
CA SER A 106 14.68 4.75 14.26
C SER A 106 14.90 3.82 15.45
N VAL A 107 15.35 2.63 15.21
CA VAL A 107 15.56 1.65 16.32
C VAL A 107 16.87 0.90 16.06
N VAL A 108 16.86 -0.39 16.23
CA VAL A 108 18.09 -1.20 16.00
C VAL A 108 17.69 -2.60 15.54
N ALA A 109 18.54 -3.23 14.77
CA ALA A 109 18.23 -4.60 14.29
C ALA A 109 18.74 -5.61 15.32
N THR A 110 17.88 -6.35 15.95
CA THR A 110 18.35 -7.34 16.95
C THR A 110 17.65 -8.68 16.72
N PRO A 111 18.04 -9.37 15.68
CA PRO A 111 17.45 -10.70 15.33
C PRO A 111 18.07 -11.83 16.14
N MET B 1 9.26 -4.21 -16.81
CA MET B 1 10.25 -3.32 -17.49
C MET B 1 11.00 -2.50 -16.45
N ALA B 2 10.45 -2.37 -15.26
CA ALA B 2 11.14 -1.59 -14.20
C ALA B 2 11.35 -0.15 -14.69
N THR B 3 10.32 0.64 -14.67
CA THR B 3 10.45 2.06 -15.12
C THR B 3 10.58 2.96 -13.90
N SER B 4 10.56 2.39 -12.73
CA SER B 4 10.68 3.19 -11.49
C SER B 4 11.06 2.27 -10.35
N GLY B 5 10.10 1.70 -9.68
CA GLY B 5 10.43 0.80 -8.54
C GLY B 5 9.65 -0.52 -8.70
N PHE B 6 9.93 -1.47 -7.85
CA PHE B 6 9.20 -2.77 -7.92
C PHE B 6 8.39 -2.93 -6.64
N LYS B 7 7.14 -3.28 -6.73
CA LYS B 7 6.31 -3.41 -5.50
C LYS B 7 6.04 -4.86 -5.11
N HIS B 8 6.23 -5.14 -3.85
CA HIS B 8 5.92 -6.48 -3.31
C HIS B 8 4.98 -6.24 -2.13
N LEU B 9 3.84 -6.87 -2.09
CA LEU B 9 2.91 -6.63 -0.96
C LEU B 9 2.34 -7.94 -0.48
N VAL B 10 2.15 -8.07 0.80
CA VAL B 10 1.63 -9.34 1.34
C VAL B 10 0.41 -9.05 2.23
N VAL B 11 -0.62 -9.83 2.11
CA VAL B 11 -1.81 -9.64 2.98
C VAL B 11 -1.96 -10.90 3.79
N VAL B 12 -2.08 -10.80 5.08
CA VAL B 12 -2.16 -12.07 5.86
C VAL B 12 -3.15 -11.98 7.02
N LYS B 13 -3.59 -13.12 7.47
CA LYS B 13 -4.52 -13.20 8.63
C LYS B 13 -3.83 -14.05 9.70
N PHE B 14 -4.15 -13.85 10.95
CA PHE B 14 -3.47 -14.66 12.01
C PHE B 14 -4.38 -15.79 12.53
N LYS B 15 -3.79 -16.91 12.85
CA LYS B 15 -4.58 -18.06 13.38
C LYS B 15 -4.14 -18.35 14.82
N GLU B 16 -2.91 -18.06 15.13
CA GLU B 16 -2.40 -18.29 16.52
C GLU B 16 -2.69 -17.02 17.31
N ASP B 17 -2.21 -15.92 16.81
CA ASP B 17 -2.42 -14.59 17.45
C ASP B 17 -1.22 -13.73 17.06
N THR B 18 -1.20 -13.28 15.84
CA THR B 18 -0.04 -12.48 15.34
C THR B 18 0.16 -11.18 16.11
N LYS B 19 1.20 -11.13 16.89
CA LYS B 19 1.54 -9.88 17.60
C LYS B 19 2.26 -9.01 16.58
N VAL B 20 1.52 -8.17 15.90
CA VAL B 20 2.12 -7.32 14.83
C VAL B 20 3.26 -6.47 15.41
N ASP B 21 3.12 -6.03 16.62
CA ASP B 21 4.18 -5.19 17.24
C ASP B 21 5.45 -6.01 17.46
N GLU B 22 5.33 -7.25 17.86
CA GLU B 22 6.56 -8.08 18.02
C GLU B 22 7.10 -8.37 16.63
N ILE B 23 6.21 -8.48 15.68
CA ILE B 23 6.62 -8.69 14.28
C ILE B 23 7.29 -7.39 13.83
N LEU B 24 6.68 -6.29 14.19
CA LEU B 24 7.24 -4.97 13.84
C LEU B 24 8.69 -4.88 14.34
N LYS B 25 8.97 -5.40 15.51
CA LYS B 25 10.36 -5.33 16.03
C LYS B 25 11.25 -6.06 15.03
N GLY B 26 10.67 -6.97 14.28
CA GLY B 26 11.46 -7.67 13.24
C GLY B 26 11.52 -6.79 12.00
N LEU B 27 10.38 -6.24 11.62
CA LEU B 27 10.36 -5.36 10.42
C LEU B 27 11.49 -4.33 10.53
N GLU B 28 11.56 -3.62 11.64
CA GLU B 28 12.66 -2.62 11.79
C GLU B 28 13.97 -3.35 11.51
N ASN B 29 14.10 -4.55 11.98
CA ASN B 29 15.31 -5.34 11.71
C ASN B 29 15.46 -5.47 10.19
N LEU B 30 14.37 -5.76 9.52
CA LEU B 30 14.40 -5.85 8.03
C LEU B 30 15.14 -4.63 7.48
N VAL B 31 14.82 -3.46 7.96
CA VAL B 31 15.52 -2.23 7.48
C VAL B 31 17.02 -2.47 7.53
N SER B 32 17.46 -3.32 8.42
CA SER B 32 18.91 -3.63 8.50
C SER B 32 19.45 -3.80 7.07
N GLN B 33 18.78 -4.56 6.25
CA GLN B 33 19.21 -4.74 4.85
C GLN B 33 18.94 -3.47 4.01
N ILE B 34 18.01 -2.61 4.39
CA ILE B 34 17.77 -1.42 3.54
C ILE B 34 18.77 -0.32 3.86
N ASP B 35 19.92 -0.65 4.39
CA ASP B 35 20.91 0.41 4.64
C ASP B 35 21.17 1.05 3.30
N THR B 36 20.68 0.41 2.27
CA THR B 36 20.84 0.92 0.89
C THR B 36 19.82 2.02 0.64
N VAL B 37 18.99 2.31 1.61
CA VAL B 37 17.97 3.37 1.41
C VAL B 37 17.49 3.35 -0.04
N LYS B 38 17.45 2.18 -0.62
CA LYS B 38 16.98 2.06 -2.02
C LYS B 38 15.77 1.14 -2.01
N SER B 39 14.90 1.32 -1.07
CA SER B 39 13.70 0.45 -0.97
C SER B 39 12.77 1.00 0.13
N PHE B 40 11.59 0.47 0.27
CA PHE B 40 10.68 1.01 1.33
C PHE B 40 9.75 -0.06 1.88
N GLU B 41 9.21 0.20 3.05
CA GLU B 41 8.27 -0.77 3.70
C GLU B 41 7.28 -0.03 4.61
N TRP B 42 6.01 -0.09 4.31
CA TRP B 42 4.98 0.58 5.17
C TRP B 42 4.28 -0.50 5.97
N GLY B 43 3.64 -0.16 7.06
CA GLY B 43 2.94 -1.23 7.85
C GLY B 43 1.45 -0.94 7.94
N GLU B 44 0.65 -1.98 8.06
CA GLU B 44 -0.82 -1.77 8.14
C GLU B 44 -1.44 -2.89 8.95
N ASP B 45 -2.30 -2.54 9.87
CA ASP B 45 -3.02 -3.55 10.69
C ASP B 45 -4.31 -2.89 11.16
N LYS B 46 -5.36 -2.95 10.40
CA LYS B 46 -6.62 -2.29 10.88
C LYS B 46 -7.32 -3.19 11.90
N GLU B 47 -8.12 -2.62 12.76
CA GLU B 47 -8.89 -3.43 13.75
C GLU B 47 -10.13 -2.66 14.18
N SER B 48 -10.99 -2.31 13.26
CA SER B 48 -12.20 -1.52 13.61
C SER B 48 -13.14 -1.41 12.40
N HIS B 49 -14.41 -1.55 12.60
CA HIS B 49 -15.39 -1.37 11.48
C HIS B 49 -15.09 -2.41 10.39
N ASP B 50 -16.00 -3.32 10.19
CA ASP B 50 -15.79 -4.36 9.14
C ASP B 50 -15.53 -3.71 7.77
N MET B 51 -16.27 -2.71 7.42
CA MET B 51 -16.04 -2.02 6.11
C MET B 51 -14.63 -1.45 6.03
N LEU B 52 -14.10 -0.95 7.13
CA LEU B 52 -12.70 -0.42 7.09
C LEU B 52 -11.73 -1.52 7.50
N ARG B 53 -12.17 -2.44 8.32
CA ARG B 53 -11.28 -3.55 8.79
C ARG B 53 -11.15 -4.64 7.72
N GLN B 54 -11.76 -4.45 6.57
CA GLN B 54 -11.74 -5.54 5.53
C GLN B 54 -11.75 -6.92 6.21
N GLY B 55 -11.83 -6.95 7.51
CA GLY B 55 -11.85 -8.25 8.26
C GLY B 55 -10.46 -8.92 8.33
N PHE B 56 -9.57 -8.65 7.42
CA PHE B 56 -8.22 -9.29 7.51
C PHE B 56 -7.55 -8.92 8.84
N THR B 57 -6.26 -8.72 8.82
CA THR B 57 -5.52 -8.38 10.08
C THR B 57 -4.41 -7.36 9.81
N HIS B 58 -3.60 -7.57 8.82
CA HIS B 58 -2.47 -6.64 8.57
C HIS B 58 -1.76 -6.99 7.27
N ALA B 59 -1.03 -6.06 6.71
CA ALA B 59 -0.30 -6.34 5.45
C ALA B 59 1.01 -5.54 5.45
N PHE B 60 1.85 -5.80 4.49
CA PHE B 60 3.14 -5.04 4.40
C PHE B 60 3.41 -4.68 2.95
N SER B 61 3.79 -3.47 2.69
CA SER B 61 4.03 -3.06 1.27
C SER B 61 5.54 -2.84 1.10
N MET B 62 6.21 -3.78 0.50
CA MET B 62 7.67 -3.62 0.27
C MET B 62 7.95 -3.15 -1.14
N THR B 63 8.66 -2.07 -1.26
CA THR B 63 8.98 -1.50 -2.60
C THR B 63 10.51 -1.49 -2.75
N PHE B 64 11.01 -1.74 -3.92
CA PHE B 64 12.50 -1.74 -4.10
C PHE B 64 12.88 -0.87 -5.30
N GLU B 65 13.82 0.03 -5.13
CA GLU B 65 14.22 0.89 -6.28
C GLU B 65 14.61 -0.02 -7.42
N ASN B 66 15.14 -1.17 -7.09
CA ASN B 66 15.57 -2.14 -8.13
C ASN B 66 15.51 -3.55 -7.53
N LYS B 67 15.48 -4.55 -8.35
CA LYS B 67 15.41 -5.95 -7.83
C LYS B 67 16.62 -6.27 -6.93
N ASP B 68 17.69 -5.52 -7.05
CA ASP B 68 18.90 -5.82 -6.22
C ASP B 68 18.54 -5.83 -4.72
N GLY B 69 17.70 -4.93 -4.28
CA GLY B 69 17.33 -4.93 -2.84
C GLY B 69 16.51 -6.19 -2.54
N TYR B 70 15.77 -6.66 -3.50
CA TYR B 70 14.95 -7.89 -3.29
C TYR B 70 15.85 -9.13 -3.15
N VAL B 71 16.84 -9.30 -4.00
CA VAL B 71 17.71 -10.50 -3.84
C VAL B 71 18.57 -10.33 -2.59
N ALA B 72 18.87 -9.11 -2.24
CA ALA B 72 19.71 -8.86 -1.04
C ALA B 72 18.96 -9.33 0.21
N PHE B 73 17.81 -8.74 0.48
CA PHE B 73 17.03 -9.16 1.68
C PHE B 73 16.76 -10.67 1.68
N THR B 74 16.62 -11.28 0.53
CA THR B 74 16.35 -12.75 0.50
C THR B 74 17.61 -13.54 0.82
N SER B 75 18.76 -13.02 0.46
CA SER B 75 20.02 -13.78 0.72
C SER B 75 20.51 -13.57 2.16
N HIS B 76 19.80 -12.80 2.95
CA HIS B 76 20.24 -12.59 4.36
C HIS B 76 19.47 -13.53 5.29
N PRO B 77 20.17 -14.29 6.10
CA PRO B 77 19.54 -15.25 7.06
C PRO B 77 18.31 -14.63 7.77
N LEU B 78 18.15 -13.34 7.67
CA LEU B 78 16.98 -12.67 8.33
C LEU B 78 15.66 -13.04 7.66
N HIS B 79 15.69 -13.34 6.39
CA HIS B 79 14.42 -13.69 5.68
C HIS B 79 14.04 -15.15 5.97
N VAL B 80 14.99 -16.03 5.95
CA VAL B 80 14.69 -17.47 6.20
C VAL B 80 14.13 -17.64 7.61
N GLU B 81 14.90 -17.29 8.61
CA GLU B 81 14.41 -17.44 10.01
C GLU B 81 13.12 -16.65 10.19
N PHE B 82 13.04 -15.49 9.60
CA PHE B 82 11.79 -14.67 9.75
C PHE B 82 10.67 -15.29 8.91
N SER B 83 10.97 -15.72 7.72
CA SER B 83 9.89 -16.29 6.85
C SER B 83 9.31 -17.55 7.50
N ALA B 84 10.13 -18.37 8.11
CA ALA B 84 9.60 -19.59 8.76
C ALA B 84 8.60 -19.18 9.83
N ALA B 85 8.99 -18.28 10.68
CA ALA B 85 8.07 -17.82 11.75
C ALA B 85 6.95 -17.00 11.11
N PHE B 86 7.27 -16.16 10.17
CA PHE B 86 6.21 -15.35 9.51
C PHE B 86 5.05 -16.28 9.18
N THR B 87 5.32 -17.52 8.90
CA THR B 87 4.23 -18.48 8.61
C THR B 87 3.62 -18.92 9.93
N ALA B 88 4.40 -19.57 10.74
CA ALA B 88 3.91 -20.04 12.06
C ALA B 88 2.99 -18.97 12.68
N VAL B 89 3.21 -17.73 12.36
CA VAL B 89 2.37 -16.65 12.94
C VAL B 89 1.35 -16.13 11.91
N ILE B 90 1.19 -16.79 10.80
CA ILE B 90 0.20 -16.32 9.80
C ILE B 90 -0.86 -17.40 9.55
N ASP B 91 -2.03 -16.97 9.13
CA ASP B 91 -3.14 -17.93 8.88
C ASP B 91 -3.25 -18.15 7.36
N LYS B 92 -2.98 -17.11 6.61
CA LYS B 92 -3.06 -17.19 5.13
C LYS B 92 -2.00 -16.26 4.52
N ILE B 93 -1.45 -16.59 3.37
CA ILE B 93 -0.42 -15.68 2.77
C ILE B 93 -0.81 -15.32 1.34
N VAL B 94 -0.87 -14.05 1.04
CA VAL B 94 -1.22 -13.59 -0.35
C VAL B 94 -0.24 -12.47 -0.75
N LEU B 95 0.27 -12.48 -1.95
CA LEU B 95 1.26 -11.41 -2.32
C LEU B 95 1.02 -10.88 -3.75
N LEU B 96 1.12 -9.59 -3.92
CA LEU B 96 0.99 -8.97 -5.28
C LEU B 96 2.34 -8.39 -5.70
N ASP B 97 2.92 -8.89 -6.76
CA ASP B 97 4.23 -8.33 -7.23
C ASP B 97 4.09 -7.87 -8.68
N PHE B 98 4.44 -6.65 -8.97
CA PHE B 98 4.29 -6.14 -10.37
C PHE B 98 5.04 -4.81 -10.54
N PRO B 99 5.74 -4.63 -11.63
CA PRO B 99 6.46 -3.34 -11.91
C PRO B 99 5.57 -2.12 -11.68
N VAL B 100 6.00 -1.20 -10.86
CA VAL B 100 5.16 0.00 -10.59
C VAL B 100 5.85 1.26 -11.12
N ALA B 101 5.11 2.16 -11.70
CA ALA B 101 5.72 3.42 -12.23
C ALA B 101 5.30 4.60 -11.35
N ALA B 102 5.92 4.77 -10.22
CA ALA B 102 5.56 5.92 -9.33
C ALA B 102 5.53 7.20 -10.16
N VAL B 103 4.41 7.51 -10.75
CA VAL B 103 4.30 8.77 -11.56
C VAL B 103 2.87 9.29 -11.47
N LYS B 104 2.69 10.45 -10.91
CA LYS B 104 1.32 11.02 -10.77
C LYS B 104 1.41 12.41 -10.16
N SER B 105 1.68 13.42 -10.95
CA SER B 105 1.77 14.79 -10.40
C SER B 105 2.53 15.68 -11.39
N SER B 106 3.61 15.18 -11.93
CA SER B 106 4.38 15.98 -12.93
C SER B 106 3.52 16.19 -14.17
N VAL B 107 2.27 16.54 -13.98
CA VAL B 107 1.36 16.74 -15.14
C VAL B 107 0.47 17.96 -14.85
N VAL B 108 -0.79 17.86 -15.12
CA VAL B 108 -1.72 18.99 -14.87
C VAL B 108 -3.11 18.47 -14.53
N ALA B 109 -3.86 19.20 -13.75
CA ALA B 109 -5.22 18.74 -13.39
C ALA B 109 -6.20 19.25 -14.45
N THR B 110 -6.82 18.36 -15.18
CA THR B 110 -7.78 18.82 -16.22
C THR B 110 -9.08 18.01 -16.12
N PRO B 111 -9.86 18.25 -15.12
CA PRO B 111 -11.15 17.54 -14.90
C PRO B 111 -12.29 18.12 -15.75
N MET A 1 -5.00 3.99 17.06
CA MET A 1 -3.59 4.30 17.46
C MET A 1 -3.20 5.66 16.89
N ALA A 2 -3.23 5.81 15.60
CA ALA A 2 -2.83 7.12 14.99
C ALA A 2 -1.41 7.46 15.42
N THR A 3 -1.11 8.73 15.55
CA THR A 3 0.25 9.14 15.97
C THR A 3 1.18 9.12 14.76
N SER A 4 0.67 8.69 13.64
CA SER A 4 1.51 8.65 12.40
C SER A 4 0.66 9.16 11.24
N GLY A 5 0.10 8.27 10.47
CA GLY A 5 -0.74 8.72 9.32
C GLY A 5 -2.03 7.90 9.29
N PHE A 6 -2.92 8.23 8.39
CA PHE A 6 -4.19 7.46 8.28
C PHE A 6 -4.21 6.76 6.93
N LYS A 7 -4.46 5.48 6.90
CA LYS A 7 -4.43 4.75 5.60
C LYS A 7 -5.81 4.47 5.04
N HIS A 8 -5.98 4.79 3.79
CA HIS A 8 -7.23 4.46 3.05
C HIS A 8 -6.81 3.68 1.82
N LEU A 9 -7.31 2.50 1.62
CA LEU A 9 -6.86 1.71 0.45
C LEU A 9 -8.07 1.17 -0.29
N VAL A 10 -8.03 1.19 -1.58
CA VAL A 10 -9.18 0.70 -2.37
C VAL A 10 -8.71 -0.36 -3.37
N VAL A 11 -9.40 -1.47 -3.45
CA VAL A 11 -9.00 -2.54 -4.40
C VAL A 11 -10.10 -2.61 -5.44
N VAL A 12 -9.77 -2.60 -6.70
CA VAL A 12 -10.87 -2.63 -7.69
C VAL A 12 -10.63 -3.67 -8.80
N LYS A 13 -11.67 -3.93 -9.54
CA LYS A 13 -11.58 -4.87 -10.69
C LYS A 13 -12.36 -4.23 -11.85
N PHE A 14 -11.99 -4.52 -13.06
CA PHE A 14 -12.70 -3.87 -14.22
C PHE A 14 -13.60 -4.87 -14.96
N LYS A 15 -14.70 -4.40 -15.50
CA LYS A 15 -15.62 -5.30 -16.27
C LYS A 15 -15.89 -4.65 -17.63
N GLU A 16 -15.83 -3.35 -17.70
CA GLU A 16 -16.07 -2.65 -19.00
C GLU A 16 -14.71 -2.57 -19.71
N ASP A 17 -13.77 -1.94 -19.07
CA ASP A 17 -12.40 -1.80 -19.62
C ASP A 17 -11.81 -0.52 -19.01
N THR A 18 -11.56 -0.55 -17.74
CA THR A 18 -11.06 0.67 -17.04
C THR A 18 -9.73 1.17 -17.61
N LYS A 19 -9.78 2.31 -18.23
CA LYS A 19 -8.54 2.93 -18.76
C LYS A 19 -7.89 3.62 -17.56
N VAL A 20 -7.10 2.90 -16.83
CA VAL A 20 -6.46 3.48 -15.61
C VAL A 20 -5.66 4.74 -15.98
N ASP A 21 -5.09 4.76 -17.14
CA ASP A 21 -4.30 5.95 -17.58
C ASP A 21 -5.22 7.18 -17.71
N GLU A 22 -6.43 7.00 -18.19
CA GLU A 22 -7.35 8.17 -18.28
C GLU A 22 -7.72 8.56 -16.87
N ILE A 23 -7.85 7.59 -16.01
CA ILE A 23 -8.14 7.85 -14.59
C ILE A 23 -6.96 8.65 -14.05
N LEU A 24 -5.78 8.21 -14.38
CA LEU A 24 -4.55 8.91 -13.94
C LEU A 24 -4.68 10.40 -14.30
N LYS A 25 -5.28 10.71 -15.43
CA LYS A 25 -5.45 12.14 -15.79
C LYS A 25 -6.28 12.79 -14.68
N GLY A 26 -7.21 12.06 -14.16
CA GLY A 26 -8.04 12.60 -13.05
C GLY A 26 -7.23 12.51 -11.76
N LEU A 27 -6.56 11.39 -11.57
CA LEU A 27 -5.75 11.22 -10.32
C LEU A 27 -4.78 12.39 -10.20
N GLU A 28 -3.92 12.59 -11.16
CA GLU A 28 -2.96 13.73 -11.08
C GLU A 28 -3.78 14.99 -10.83
N ASN A 29 -4.95 15.05 -11.40
CA ASN A 29 -5.84 16.21 -11.17
C ASN A 29 -6.13 16.29 -9.67
N LEU A 30 -6.44 15.18 -9.06
CA LEU A 30 -6.73 15.15 -7.60
C LEU A 30 -5.58 15.85 -6.87
N VAL A 31 -4.36 15.56 -7.25
CA VAL A 31 -3.19 16.23 -6.61
C VAL A 31 -3.48 17.73 -6.51
N SER A 32 -4.15 18.27 -7.47
CA SER A 32 -4.54 19.70 -7.40
C SER A 32 -5.01 20.00 -5.97
N GLN A 33 -5.85 19.15 -5.43
CA GLN A 33 -6.30 19.33 -4.02
C GLN A 33 -5.16 19.06 -3.02
N ILE A 34 -4.16 18.28 -3.37
CA ILE A 34 -3.08 18.01 -2.36
C ILE A 34 -2.03 19.11 -2.40
N ASP A 35 -2.39 20.30 -2.76
CA ASP A 35 -1.37 21.38 -2.76
C ASP A 35 -0.94 21.51 -1.30
N THR A 36 -1.64 20.80 -0.45
CA THR A 36 -1.34 20.83 1.00
C THR A 36 -0.26 19.79 1.30
N VAL A 37 0.23 19.12 0.30
CA VAL A 37 1.29 18.12 0.54
C VAL A 37 1.03 17.40 1.85
N LYS A 38 -0.22 17.30 2.23
CA LYS A 38 -0.57 16.58 3.48
C LYS A 38 -1.47 15.41 3.09
N SER A 39 -1.16 14.78 2.00
CA SER A 39 -1.99 13.64 1.53
C SER A 39 -1.15 12.78 0.57
N PHE A 40 -1.49 11.53 0.41
CA PHE A 40 -0.67 10.69 -0.52
C PHE A 40 -1.53 9.68 -1.30
N GLU A 41 -1.06 9.30 -2.46
CA GLU A 41 -1.81 8.32 -3.31
C GLU A 41 -0.86 7.63 -4.32
N TRP A 42 -0.83 6.32 -4.32
CA TRP A 42 0.05 5.60 -5.28
C TRP A 42 -0.83 4.64 -6.08
N GLY A 43 -0.30 3.97 -7.07
CA GLY A 43 -1.16 3.04 -7.85
C GLY A 43 -0.47 1.69 -8.03
N GLU A 44 -1.23 0.64 -8.18
CA GLU A 44 -0.62 -0.71 -8.35
C GLU A 44 -1.49 -1.56 -9.26
N ASP A 45 -0.88 -2.28 -10.14
CA ASP A 45 -1.62 -3.20 -11.05
C ASP A 45 -1.08 -4.61 -10.78
N LYS A 46 -1.89 -5.62 -10.83
CA LYS A 46 -1.37 -6.98 -10.52
C LYS A 46 -2.14 -8.04 -11.32
N GLU A 47 -1.44 -8.81 -12.11
CA GLU A 47 -2.11 -9.86 -12.93
C GLU A 47 -1.14 -11.01 -13.18
N SER A 48 -0.45 -11.45 -12.16
CA SER A 48 0.52 -12.57 -12.34
C SER A 48 0.18 -13.72 -11.37
N HIS A 49 -0.06 -14.89 -11.88
CA HIS A 49 -0.39 -16.04 -10.99
C HIS A 49 -1.69 -15.75 -10.22
N ASP A 50 -2.68 -16.58 -10.40
CA ASP A 50 -3.99 -16.35 -9.70
C ASP A 50 -3.78 -16.27 -8.18
N MET A 51 -2.96 -17.12 -7.64
CA MET A 51 -2.74 -17.10 -6.16
C MET A 51 -1.93 -15.86 -5.74
N LEU A 52 -1.05 -15.39 -6.57
CA LEU A 52 -0.24 -14.18 -6.18
C LEU A 52 -1.02 -12.92 -6.58
N ARG A 53 -1.43 -12.83 -7.81
CA ARG A 53 -2.17 -11.61 -8.28
C ARG A 53 -3.47 -11.42 -7.52
N GLN A 54 -3.70 -12.19 -6.49
CA GLN A 54 -4.98 -12.05 -5.72
C GLN A 54 -6.19 -12.13 -6.66
N GLY A 55 -5.95 -12.14 -7.94
CA GLY A 55 -7.05 -12.23 -8.95
C GLY A 55 -7.64 -10.86 -9.32
N PHE A 56 -7.49 -9.86 -8.50
CA PHE A 56 -8.10 -8.53 -8.87
C PHE A 56 -7.39 -7.97 -10.12
N THR A 57 -6.94 -6.74 -10.04
CA THR A 57 -6.26 -6.11 -11.22
C THR A 57 -5.49 -4.85 -10.81
N HIS A 58 -5.99 -4.11 -9.85
CA HIS A 58 -5.26 -2.87 -9.44
C HIS A 58 -5.90 -2.29 -8.19
N ALA A 59 -5.14 -1.56 -7.41
CA ALA A 59 -5.69 -0.93 -6.18
C ALA A 59 -5.10 0.47 -6.02
N PHE A 60 -5.61 1.22 -5.08
CA PHE A 60 -5.08 2.59 -4.85
C PHE A 60 -4.63 2.72 -3.40
N SER A 61 -3.38 3.02 -3.18
CA SER A 61 -2.88 3.15 -1.79
C SER A 61 -2.93 4.63 -1.40
N MET A 62 -3.92 5.04 -0.66
CA MET A 62 -4.00 6.46 -0.25
C MET A 62 -3.72 6.62 1.24
N THR A 63 -2.75 7.41 1.56
CA THR A 63 -2.38 7.63 2.99
C THR A 63 -2.44 9.14 3.27
N PHE A 64 -2.79 9.53 4.46
CA PHE A 64 -2.88 10.99 4.76
C PHE A 64 -2.02 11.33 5.97
N GLU A 65 -1.60 12.58 6.08
CA GLU A 65 -0.77 12.96 7.26
C GLU A 65 -1.71 13.25 8.42
N ASN A 66 -2.90 13.67 8.09
CA ASN A 66 -3.91 13.98 9.13
C ASN A 66 -5.28 14.08 8.47
N LYS A 67 -6.33 14.13 9.24
CA LYS A 67 -7.70 14.21 8.66
C LYS A 67 -7.86 15.45 7.76
N ASP A 68 -7.00 16.44 7.92
CA ASP A 68 -7.15 17.67 7.10
C ASP A 68 -7.07 17.36 5.60
N GLY A 69 -6.20 16.47 5.21
CA GLY A 69 -6.10 16.14 3.76
C GLY A 69 -7.33 15.31 3.36
N TYR A 70 -7.83 14.53 4.27
CA TYR A 70 -9.02 13.69 3.98
C TYR A 70 -10.27 14.57 3.77
N VAL A 71 -10.49 15.55 4.61
CA VAL A 71 -11.69 16.42 4.40
C VAL A 71 -11.45 17.28 3.16
N ALA A 72 -10.22 17.59 2.87
CA ALA A 72 -9.91 18.44 1.69
C ALA A 72 -10.30 17.68 0.41
N PHE A 73 -9.69 16.55 0.18
CA PHE A 73 -9.96 15.80 -1.08
C PHE A 73 -11.48 15.57 -1.27
N THR A 74 -12.22 15.35 -0.22
CA THR A 74 -13.67 15.06 -0.38
C THR A 74 -14.47 16.37 -0.48
N SER A 75 -14.00 17.42 0.14
CA SER A 75 -14.74 18.72 0.09
C SER A 75 -14.70 19.31 -1.33
N HIS A 76 -13.68 19.06 -2.09
CA HIS A 76 -13.60 19.62 -3.48
C HIS A 76 -14.54 18.83 -4.40
N PRO A 77 -15.41 19.50 -5.10
CA PRO A 77 -16.35 18.85 -6.07
C PRO A 77 -15.64 17.80 -6.96
N LEU A 78 -14.34 17.72 -6.87
CA LEU A 78 -13.57 16.73 -7.69
C LEU A 78 -13.80 15.30 -7.20
N HIS A 79 -14.13 15.13 -5.93
CA HIS A 79 -14.31 13.75 -5.39
C HIS A 79 -15.69 13.22 -5.75
N VAL A 80 -16.70 14.03 -5.64
CA VAL A 80 -18.08 13.57 -5.92
C VAL A 80 -18.21 13.20 -7.41
N GLU A 81 -17.93 14.14 -8.28
CA GLU A 81 -18.02 13.83 -9.73
C GLU A 81 -17.07 12.68 -10.08
N PHE A 82 -15.88 12.69 -9.54
CA PHE A 82 -14.93 11.60 -9.83
C PHE A 82 -15.43 10.28 -9.24
N SER A 83 -15.94 10.32 -8.03
CA SER A 83 -16.44 9.06 -7.40
C SER A 83 -17.57 8.47 -8.24
N ALA A 84 -18.37 9.28 -8.89
CA ALA A 84 -19.48 8.74 -9.70
C ALA A 84 -18.88 7.88 -10.82
N ALA A 85 -17.98 8.43 -11.57
CA ALA A 85 -17.35 7.65 -12.68
C ALA A 85 -16.41 6.62 -12.07
N PHE A 86 -15.64 7.00 -11.09
CA PHE A 86 -14.72 6.01 -10.46
C PHE A 86 -15.49 4.70 -10.27
N THR A 87 -16.78 4.78 -10.10
CA THR A 87 -17.57 3.52 -9.94
C THR A 87 -17.89 3.00 -11.33
N ALA A 88 -18.61 3.77 -12.10
CA ALA A 88 -18.97 3.33 -13.47
C ALA A 88 -17.78 2.64 -14.13
N VAL A 89 -16.58 3.00 -13.75
CA VAL A 89 -15.39 2.37 -14.38
C VAL A 89 -14.85 1.22 -13.50
N ILE A 90 -15.59 0.77 -12.53
CA ILE A 90 -15.09 -0.35 -11.68
C ILE A 90 -16.06 -1.52 -11.71
N ASP A 91 -15.56 -2.70 -11.44
CA ASP A 91 -16.41 -3.92 -11.42
C ASP A 91 -16.78 -4.24 -9.97
N LYS A 92 -15.86 -3.98 -9.07
CA LYS A 92 -16.11 -4.23 -7.62
C LYS A 92 -15.34 -3.17 -6.80
N ILE A 93 -15.87 -2.73 -5.69
CA ILE A 93 -15.14 -1.69 -4.88
C ILE A 93 -14.93 -2.20 -3.45
N VAL A 94 -13.69 -2.18 -3.00
CA VAL A 94 -13.38 -2.62 -1.61
C VAL A 94 -12.47 -1.56 -0.95
N LEU A 95 -12.72 -1.18 0.28
CA LEU A 95 -11.85 -0.11 0.89
C LEU A 95 -11.52 -0.43 2.36
N LEU A 96 -10.26 -0.27 2.72
CA LEU A 96 -9.84 -0.50 4.14
C LEU A 96 -9.40 0.83 4.77
N ASP A 97 -10.05 1.27 5.81
CA ASP A 97 -9.65 2.56 6.45
C ASP A 97 -9.42 2.31 7.95
N PHE A 98 -8.31 2.74 8.48
CA PHE A 98 -8.03 2.50 9.92
C PHE A 98 -6.77 3.27 10.36
N PRO A 99 -6.77 3.84 11.54
CA PRO A 99 -5.57 4.53 12.10
C PRO A 99 -4.30 3.68 11.97
N VAL A 100 -3.30 4.18 11.29
CA VAL A 100 -2.06 3.38 11.11
C VAL A 100 -0.92 3.97 11.94
N ALA A 101 -0.15 3.14 12.57
CA ALA A 101 1.00 3.64 13.39
C ALA A 101 2.29 2.95 12.95
N ALA A 102 3.15 3.66 12.27
CA ALA A 102 4.41 3.01 11.78
C ALA A 102 5.49 4.10 11.60
N VAL A 103 6.73 3.74 11.78
CA VAL A 103 7.83 4.73 11.61
C VAL A 103 9.12 4.01 11.26
N LYS A 104 9.96 4.62 10.49
CA LYS A 104 11.24 3.95 10.09
C LYS A 104 12.41 4.91 10.33
N SER A 105 12.67 5.23 11.57
CA SER A 105 13.80 6.16 11.87
C SER A 105 15.06 5.63 11.17
N SER A 106 15.10 4.36 10.89
CA SER A 106 16.29 3.79 10.21
C SER A 106 17.43 3.64 11.22
N VAL A 107 18.22 2.61 11.08
CA VAL A 107 19.35 2.40 12.03
C VAL A 107 18.79 2.44 13.46
N VAL A 108 18.00 1.46 13.82
CA VAL A 108 17.42 1.43 15.19
C VAL A 108 17.31 -0.02 15.65
N ALA A 109 18.19 -0.87 15.21
CA ALA A 109 18.14 -2.28 15.64
C ALA A 109 18.12 -2.33 17.16
N THR A 110 17.70 -3.43 17.73
CA THR A 110 17.66 -3.50 19.22
C THR A 110 19.07 -3.55 19.78
N PRO A 111 19.27 -3.07 20.98
CA PRO A 111 20.60 -3.05 21.64
C PRO A 111 21.41 -4.31 21.32
N MET B 1 5.49 -3.45 -17.02
CA MET B 1 5.71 -2.01 -17.31
C MET B 1 6.99 -1.53 -16.63
N ALA B 2 7.06 -1.65 -15.33
CA ALA B 2 8.29 -1.19 -14.61
C ALA B 2 8.54 0.28 -14.92
N THR B 3 9.77 0.69 -14.94
CA THR B 3 10.10 2.11 -15.25
C THR B 3 9.92 2.95 -13.98
N SER B 4 9.46 2.33 -12.93
CA SER B 4 9.28 3.06 -11.66
C SER B 4 9.77 2.19 -10.51
N GLY B 5 8.89 1.51 -9.84
CA GLY B 5 9.33 0.62 -8.73
C GLY B 5 8.62 -0.73 -8.83
N PHE B 6 8.98 -1.64 -7.97
CA PHE B 6 8.32 -2.98 -8.00
C PHE B 6 7.53 -3.15 -6.69
N LYS B 7 6.28 -3.51 -6.77
CA LYS B 7 5.47 -3.62 -5.53
C LYS B 7 5.26 -5.06 -5.07
N HIS B 8 5.52 -5.29 -3.82
CA HIS B 8 5.26 -6.61 -3.20
C HIS B 8 4.36 -6.34 -1.99
N LEU B 9 3.22 -6.95 -1.91
CA LEU B 9 2.32 -6.65 -0.77
C LEU B 9 1.84 -7.95 -0.15
N VAL B 10 1.77 -8.00 1.15
CA VAL B 10 1.33 -9.23 1.82
C VAL B 10 0.18 -8.92 2.77
N VAL B 11 -0.87 -9.71 2.72
CA VAL B 11 -2.02 -9.46 3.62
C VAL B 11 -2.08 -10.63 4.58
N VAL B 12 -2.17 -10.39 5.86
CA VAL B 12 -2.19 -11.55 6.78
C VAL B 12 -3.30 -11.48 7.82
N LYS B 13 -3.52 -12.59 8.48
CA LYS B 13 -4.53 -12.66 9.56
C LYS B 13 -3.90 -13.45 10.71
N PHE B 14 -4.29 -13.20 11.92
CA PHE B 14 -3.67 -13.94 13.07
C PHE B 14 -4.63 -14.96 13.68
N LYS B 15 -4.10 -16.05 14.18
CA LYS B 15 -4.96 -17.09 14.83
C LYS B 15 -4.38 -17.40 16.21
N GLU B 16 -3.10 -17.24 16.37
CA GLU B 16 -2.48 -17.51 17.70
C GLU B 16 -2.56 -16.21 18.50
N ASP B 17 -1.97 -15.18 17.96
CA ASP B 17 -1.98 -13.83 18.61
C ASP B 17 -0.73 -13.12 18.13
N THR B 18 -0.70 -12.76 16.87
CA THR B 18 0.52 -12.12 16.30
C THR B 18 0.87 -10.80 16.98
N LYS B 19 1.96 -10.80 17.69
CA LYS B 19 2.45 -9.56 18.32
C LYS B 19 3.15 -8.77 17.22
N VAL B 20 2.41 -7.99 16.50
CA VAL B 20 3.02 -7.22 15.36
C VAL B 20 4.16 -6.35 15.87
N ASP B 21 4.07 -5.86 17.07
CA ASP B 21 5.16 -5.02 17.64
C ASP B 21 6.45 -5.84 17.80
N GLU B 22 6.35 -7.08 18.19
CA GLU B 22 7.59 -7.91 18.30
C GLU B 22 8.10 -8.15 16.90
N ILE B 23 7.20 -8.30 15.97
CA ILE B 23 7.58 -8.47 14.56
C ILE B 23 8.30 -7.20 14.15
N LEU B 24 7.73 -6.08 14.51
CA LEU B 24 8.36 -4.77 14.21
C LEU B 24 9.82 -4.80 14.67
N LYS B 25 10.11 -5.44 15.77
CA LYS B 25 11.53 -5.52 16.22
C LYS B 25 12.31 -6.22 15.11
N GLY B 26 11.70 -7.18 14.47
CA GLY B 26 12.38 -7.87 13.35
C GLY B 26 12.30 -6.99 12.11
N LEU B 27 11.15 -6.40 11.89
CA LEU B 27 10.99 -5.53 10.69
C LEU B 27 12.08 -4.46 10.71
N GLU B 28 12.13 -3.65 11.74
CA GLU B 28 13.20 -2.60 11.79
C GLU B 28 14.54 -3.30 11.58
N ASN B 29 14.66 -4.50 12.08
CA ASN B 29 15.91 -5.26 11.87
C ASN B 29 16.11 -5.44 10.37
N LEU B 30 15.06 -5.80 9.68
CA LEU B 30 15.15 -5.98 8.20
C LEU B 30 15.80 -4.73 7.59
N VAL B 31 15.38 -3.57 8.03
CA VAL B 31 15.98 -2.30 7.50
C VAL B 31 17.50 -2.47 7.48
N SER B 32 18.04 -3.16 8.44
CA SER B 32 19.49 -3.42 8.45
C SER B 32 19.94 -3.78 7.02
N GLN B 33 19.19 -4.63 6.37
CA GLN B 33 19.51 -4.96 4.95
C GLN B 33 19.20 -3.79 4.01
N ILE B 34 18.32 -2.88 4.37
CA ILE B 34 18.03 -1.76 3.41
C ILE B 34 19.02 -0.63 3.58
N ASP B 35 20.21 -0.92 4.01
CA ASP B 35 21.20 0.18 4.14
C ASP B 35 21.39 0.72 2.73
N THR B 36 20.80 0.04 1.79
CA THR B 36 20.89 0.43 0.37
C THR B 36 19.78 1.44 0.08
N VAL B 37 19.01 1.80 1.05
CA VAL B 37 17.93 2.80 0.81
C VAL B 37 17.33 2.56 -0.56
N LYS B 38 17.37 1.35 -1.03
CA LYS B 38 16.76 1.03 -2.34
C LYS B 38 15.65 0.01 -2.09
N SER B 39 14.92 0.19 -1.03
CA SER B 39 13.83 -0.76 -0.70
C SER B 39 12.85 -0.07 0.25
N PHE B 40 11.61 -0.51 0.32
CA PHE B 40 10.65 0.17 1.22
C PHE B 40 9.68 -0.82 1.87
N GLU B 41 9.18 -0.46 3.03
CA GLU B 41 8.23 -1.35 3.76
C GLU B 41 7.39 -0.54 4.77
N TRP B 42 6.09 -0.61 4.69
CA TRP B 42 5.23 0.13 5.65
C TRP B 42 4.30 -0.87 6.33
N GLY B 43 3.52 -0.46 7.29
CA GLY B 43 2.61 -1.45 7.95
C GLY B 43 1.20 -0.89 8.08
N GLU B 44 0.21 -1.74 8.11
CA GLU B 44 -1.20 -1.26 8.21
C GLU B 44 -2.02 -2.26 9.01
N ASP B 45 -2.85 -1.77 9.88
CA ASP B 45 -3.76 -2.64 10.66
C ASP B 45 -5.18 -2.20 10.34
N LYS B 46 -6.13 -3.10 10.26
CA LYS B 46 -7.50 -2.66 9.89
C LYS B 46 -8.54 -3.57 10.57
N GLU B 47 -9.41 -2.99 11.34
CA GLU B 47 -10.45 -3.81 12.05
C GLU B 47 -11.69 -2.95 12.28
N SER B 48 -12.12 -2.23 11.27
CA SER B 48 -13.34 -1.37 11.43
C SER B 48 -14.39 -1.72 10.37
N HIS B 49 -15.56 -2.11 10.78
CA HIS B 49 -16.63 -2.46 9.79
C HIS B 49 -16.17 -3.67 8.97
N ASP B 50 -16.92 -4.74 9.02
CA ASP B 50 -16.53 -5.97 8.26
C ASP B 50 -16.37 -5.66 6.77
N MET B 51 -17.26 -4.87 6.22
CA MET B 51 -17.15 -4.55 4.76
C MET B 51 -15.97 -3.61 4.48
N LEU B 52 -15.64 -2.75 5.40
CA LEU B 52 -14.48 -1.83 5.15
C LEU B 52 -13.18 -2.52 5.58
N ARG B 53 -13.14 -3.02 6.79
CA ARG B 53 -11.89 -3.67 7.29
C ARG B 53 -11.53 -4.91 6.45
N GLN B 54 -12.22 -5.13 5.37
CA GLN B 54 -11.91 -6.33 4.53
C GLN B 54 -11.95 -7.60 5.38
N GLY B 55 -12.07 -7.45 6.68
CA GLY B 55 -12.14 -8.63 7.59
C GLY B 55 -10.74 -9.14 8.02
N PHE B 56 -9.69 -8.84 7.29
CA PHE B 56 -8.35 -9.36 7.72
C PHE B 56 -7.93 -8.70 9.04
N THR B 57 -6.75 -8.14 9.08
CA THR B 57 -6.26 -7.51 10.34
C THR B 57 -5.04 -6.61 10.07
N HIS B 58 -4.20 -6.98 9.13
CA HIS B 58 -3.01 -6.13 8.86
C HIS B 58 -2.29 -6.63 7.61
N ALA B 59 -1.57 -5.75 6.94
CA ALA B 59 -0.83 -6.16 5.72
C ALA B 59 0.52 -5.45 5.69
N PHE B 60 1.37 -5.83 4.78
CA PHE B 60 2.70 -5.18 4.69
C PHE B 60 2.88 -4.61 3.28
N SER B 61 3.09 -3.33 3.17
CA SER B 61 3.26 -2.74 1.81
C SER B 61 4.77 -2.62 1.53
N MET B 62 5.30 -3.52 0.76
CA MET B 62 6.75 -3.46 0.44
C MET B 62 6.97 -3.07 -1.01
N THR B 63 7.71 -2.02 -1.22
CA THR B 63 7.98 -1.54 -2.59
C THR B 63 9.51 -1.46 -2.77
N PHE B 64 10.00 -1.69 -3.96
CA PHE B 64 11.48 -1.64 -4.15
C PHE B 64 11.83 -0.66 -5.28
N GLU B 65 13.04 -0.13 -5.28
CA GLU B 65 13.41 0.80 -6.37
C GLU B 65 13.85 -0.03 -7.56
N ASN B 66 14.36 -1.21 -7.29
CA ASN B 66 14.82 -2.11 -8.37
C ASN B 66 15.00 -3.52 -7.79
N LYS B 67 15.19 -4.49 -8.62
CA LYS B 67 15.35 -5.90 -8.12
C LYS B 67 16.55 -6.01 -7.15
N ASP B 68 17.45 -5.07 -7.18
CA ASP B 68 18.65 -5.17 -6.29
C ASP B 68 18.23 -5.23 -4.81
N GLY B 69 17.25 -4.45 -4.42
CA GLY B 69 16.81 -4.49 -3.00
C GLY B 69 16.08 -5.81 -2.75
N TYR B 70 15.39 -6.29 -3.74
CA TYR B 70 14.64 -7.58 -3.59
C TYR B 70 15.61 -8.75 -3.40
N VAL B 71 16.66 -8.84 -4.17
CA VAL B 71 17.61 -9.98 -3.97
C VAL B 71 18.37 -9.76 -2.66
N ALA B 72 18.56 -8.52 -2.28
CA ALA B 72 19.29 -8.23 -1.02
C ALA B 72 18.49 -8.78 0.17
N PHE B 73 17.30 -8.28 0.36
CA PHE B 73 16.49 -8.70 1.55
C PHE B 73 16.38 -10.23 1.62
N THR B 74 16.30 -10.91 0.51
CA THR B 74 16.13 -12.40 0.56
C THR B 74 17.49 -13.08 0.70
N SER B 75 18.53 -12.48 0.19
CA SER B 75 19.89 -13.12 0.28
C SER B 75 20.38 -13.14 1.73
N HIS B 76 19.99 -12.19 2.54
CA HIS B 76 20.47 -12.17 3.95
C HIS B 76 19.69 -13.22 4.77
N PRO B 77 20.39 -14.09 5.46
CA PRO B 77 19.76 -15.14 6.32
C PRO B 77 18.60 -14.58 7.17
N LEU B 78 18.41 -13.28 7.16
CA LEU B 78 17.31 -12.66 7.96
C LEU B 78 15.94 -12.98 7.35
N HIS B 79 15.87 -13.23 6.07
CA HIS B 79 14.56 -13.48 5.41
C HIS B 79 14.12 -14.93 5.65
N VAL B 80 15.03 -15.85 5.52
CA VAL B 80 14.66 -17.28 5.69
C VAL B 80 14.22 -17.54 7.13
N GLU B 81 15.07 -17.25 8.08
CA GLU B 81 14.68 -17.46 9.51
C GLU B 81 13.44 -16.64 9.83
N PHE B 82 13.37 -15.42 9.37
CA PHE B 82 12.19 -14.57 9.65
C PHE B 82 10.96 -15.15 8.93
N SER B 83 11.11 -15.56 7.70
CA SER B 83 9.95 -16.12 6.95
C SER B 83 9.40 -17.36 7.67
N ALA B 84 10.25 -18.12 8.31
CA ALA B 84 9.74 -19.33 9.03
C ALA B 84 8.76 -18.88 10.12
N ALA B 85 9.19 -17.99 10.97
CA ALA B 85 8.29 -17.51 12.05
C ALA B 85 7.21 -16.62 11.43
N PHE B 86 7.59 -15.76 10.52
CA PHE B 86 6.57 -14.88 9.89
C PHE B 86 5.35 -15.73 9.56
N THR B 87 5.55 -17.00 9.31
CA THR B 87 4.38 -17.87 9.01
C THR B 87 3.79 -18.33 10.34
N ALA B 88 4.57 -19.04 11.12
CA ALA B 88 4.08 -19.52 12.44
C ALA B 88 3.24 -18.44 13.11
N VAL B 89 3.52 -17.20 12.83
CA VAL B 89 2.76 -16.10 13.49
C VAL B 89 1.63 -15.60 12.57
N ILE B 90 1.30 -16.31 11.52
CA ILE B 90 0.20 -15.84 10.64
C ILE B 90 -0.88 -16.91 10.52
N ASP B 91 -2.08 -16.48 10.20
CA ASP B 91 -3.23 -17.42 10.04
C ASP B 91 -3.41 -17.72 8.55
N LYS B 92 -3.17 -16.73 7.73
CA LYS B 92 -3.30 -16.89 6.26
C LYS B 92 -2.27 -15.99 5.57
N ILE B 93 -1.71 -16.40 4.45
CA ILE B 93 -0.70 -15.54 3.77
C ILE B 93 -1.13 -15.26 2.33
N VAL B 94 -1.19 -14.01 1.96
CA VAL B 94 -1.56 -13.62 0.56
C VAL B 94 -0.54 -12.60 0.04
N LEU B 95 -0.06 -12.72 -1.18
CA LEU B 95 0.96 -11.73 -1.65
C LEU B 95 0.72 -11.33 -3.12
N LEU B 96 0.80 -10.04 -3.39
CA LEU B 96 0.61 -9.55 -4.79
C LEU B 96 1.94 -8.95 -5.29
N ASP B 97 2.51 -9.49 -6.33
CA ASP B 97 3.79 -8.94 -6.86
C ASP B 97 3.61 -8.63 -8.35
N PHE B 98 3.98 -7.45 -8.78
CA PHE B 98 3.82 -7.08 -10.22
C PHE B 98 4.49 -5.74 -10.52
N PRO B 99 5.14 -5.62 -11.65
CA PRO B 99 5.76 -4.33 -12.08
C PRO B 99 4.80 -3.14 -11.93
N VAL B 100 5.16 -2.16 -11.17
CA VAL B 100 4.26 -1.00 -10.96
C VAL B 100 4.80 0.23 -11.68
N ALA B 101 3.94 0.98 -12.31
CA ALA B 101 4.39 2.22 -13.02
C ALA B 101 3.56 3.42 -12.53
N ALA B 102 4.15 4.29 -11.76
CA ALA B 102 3.38 5.45 -11.24
C ALA B 102 4.35 6.60 -10.91
N VAL B 103 3.90 7.81 -11.03
CA VAL B 103 4.78 8.98 -10.73
C VAL B 103 3.91 10.18 -10.35
N LYS B 104 4.40 11.01 -9.48
CA LYS B 104 3.62 12.20 -9.05
C LYS B 104 4.48 13.46 -9.16
N SER B 105 4.86 13.83 -10.35
CA SER B 105 5.70 15.05 -10.50
C SER B 105 5.03 16.21 -9.76
N SER B 106 3.74 16.13 -9.58
CA SER B 106 3.02 17.21 -8.86
C SER B 106 2.84 18.40 -9.81
N VAL B 107 1.74 19.10 -9.69
CA VAL B 107 1.49 20.26 -10.58
C VAL B 107 1.67 19.82 -12.03
N VAL B 108 0.79 18.97 -12.51
CA VAL B 108 0.89 18.49 -13.91
C VAL B 108 -0.50 18.30 -14.49
N ALA B 109 -1.45 19.07 -14.03
CA ALA B 109 -2.82 18.93 -14.56
C ALA B 109 -2.77 19.01 -16.09
N THR B 110 -3.79 18.55 -16.76
CA THR B 110 -3.77 18.60 -18.25
C THR B 110 -3.90 20.05 -18.72
N PRO B 111 -3.36 20.36 -19.87
CA PRO B 111 -3.42 21.73 -20.44
C PRO B 111 -4.76 22.42 -20.16
N MET A 1 -4.89 13.64 13.43
CA MET A 1 -5.18 12.30 14.02
C MET A 1 -4.17 12.00 15.11
N ALA A 2 -3.72 10.78 15.19
CA ALA A 2 -2.71 10.42 16.23
C ALA A 2 -1.66 9.49 15.62
N THR A 3 -0.55 10.04 15.18
CA THR A 3 0.50 9.20 14.55
C THR A 3 1.33 10.06 13.61
N SER A 4 0.71 10.60 12.59
CA SER A 4 1.44 11.44 11.61
C SER A 4 0.74 11.35 10.26
N GLY A 5 1.23 10.56 9.37
CA GLY A 5 0.56 10.46 8.03
C GLY A 5 -0.64 9.50 8.13
N PHE A 6 -1.45 9.45 7.11
CA PHE A 6 -2.62 8.54 7.13
C PHE A 6 -2.66 7.79 5.80
N LYS A 7 -2.84 6.50 5.83
CA LYS A 7 -2.87 5.74 4.55
C LYS A 7 -4.30 5.41 4.09
N HIS A 8 -4.57 5.76 2.87
CA HIS A 8 -5.88 5.44 2.23
C HIS A 8 -5.57 4.53 1.05
N LEU A 9 -6.01 3.32 1.06
CA LEU A 9 -5.70 2.41 -0.08
C LEU A 9 -6.96 1.73 -0.55
N VAL A 10 -7.11 1.59 -1.84
CA VAL A 10 -8.32 0.95 -2.38
C VAL A 10 -7.92 -0.12 -3.40
N VAL A 11 -8.57 -1.25 -3.39
CA VAL A 11 -8.25 -2.30 -4.38
C VAL A 11 -9.54 -2.56 -5.15
N VAL A 12 -9.49 -2.56 -6.45
CA VAL A 12 -10.76 -2.75 -7.18
C VAL A 12 -10.66 -3.74 -8.33
N LYS A 13 -11.75 -4.40 -8.59
CA LYS A 13 -11.83 -5.37 -9.73
C LYS A 13 -12.93 -4.87 -10.66
N PHE A 14 -12.85 -5.16 -11.93
CA PHE A 14 -13.89 -4.65 -12.88
C PHE A 14 -14.74 -5.81 -13.46
N LYS A 15 -15.96 -5.51 -13.84
CA LYS A 15 -16.83 -6.55 -14.45
C LYS A 15 -17.41 -6.00 -15.76
N GLU A 16 -17.37 -4.70 -15.91
CA GLU A 16 -17.87 -4.09 -17.19
C GLU A 16 -16.67 -4.01 -18.14
N ASP A 17 -15.65 -3.34 -17.69
CA ASP A 17 -14.38 -3.19 -18.48
C ASP A 17 -13.72 -1.90 -18.01
N THR A 18 -13.44 -1.82 -16.75
CA THR A 18 -12.84 -0.57 -16.19
C THR A 18 -11.60 -0.12 -16.97
N LYS A 19 -11.72 1.00 -17.63
CA LYS A 19 -10.56 1.58 -18.34
C LYS A 19 -9.69 2.19 -17.27
N VAL A 20 -8.77 1.44 -16.74
CA VAL A 20 -7.92 1.95 -15.62
C VAL A 20 -7.08 3.15 -16.08
N ASP A 21 -6.54 3.07 -17.26
CA ASP A 21 -5.69 4.19 -17.77
C ASP A 21 -6.53 5.47 -17.92
N GLU A 22 -7.71 5.38 -18.48
CA GLU A 22 -8.55 6.61 -18.60
C GLU A 22 -9.00 6.99 -17.21
N ILE A 23 -9.22 5.99 -16.40
CA ILE A 23 -9.62 6.23 -14.99
C ILE A 23 -8.40 6.84 -14.30
N LEU A 24 -7.25 6.32 -14.62
CA LEU A 24 -5.98 6.85 -14.04
C LEU A 24 -5.85 8.33 -14.42
N LYS A 25 -6.23 8.71 -15.61
CA LYS A 25 -6.14 10.14 -15.99
C LYS A 25 -7.05 10.92 -15.05
N GLY A 26 -8.15 10.32 -14.66
CA GLY A 26 -9.05 11.00 -13.70
C GLY A 26 -8.31 11.16 -12.38
N LEU A 27 -7.78 10.08 -11.86
CA LEU A 27 -7.01 10.17 -10.59
C LEU A 27 -6.01 11.32 -10.69
N GLU A 28 -5.33 11.45 -11.80
CA GLU A 28 -4.37 12.58 -11.94
C GLU A 28 -5.13 13.87 -11.66
N ASN A 29 -6.30 14.01 -12.25
CA ASN A 29 -7.13 15.20 -11.99
C ASN A 29 -7.30 15.33 -10.47
N LEU A 30 -7.51 14.22 -9.80
CA LEU A 30 -7.61 14.24 -8.31
C LEU A 30 -6.45 15.05 -7.74
N VAL A 31 -5.26 14.88 -8.29
CA VAL A 31 -4.09 15.67 -7.83
C VAL A 31 -4.43 17.16 -7.90
N SER A 32 -5.41 17.49 -8.69
CA SER A 32 -5.81 18.93 -8.80
C SER A 32 -5.88 19.52 -7.39
N GLN A 33 -6.42 18.78 -6.46
CA GLN A 33 -6.51 19.29 -5.06
C GLN A 33 -5.21 19.04 -4.28
N ILE A 34 -4.27 18.28 -4.81
CA ILE A 34 -3.03 18.03 -4.01
C ILE A 34 -1.96 19.07 -4.34
N ASP A 35 -2.35 20.22 -4.82
CA ASP A 35 -1.32 21.25 -5.06
C ASP A 35 -0.64 21.48 -3.72
N THR A 36 -1.22 20.88 -2.71
CA THR A 36 -0.66 21.01 -1.34
C THR A 36 0.52 20.05 -1.20
N VAL A 37 0.80 19.28 -2.21
CA VAL A 37 1.95 18.34 -2.14
C VAL A 37 2.11 17.87 -0.69
N LYS A 38 1.02 17.57 -0.05
CA LYS A 38 1.08 17.07 1.34
C LYS A 38 0.40 15.71 1.37
N SER A 39 0.65 14.91 0.38
CA SER A 39 -0.02 13.59 0.30
C SER A 39 0.57 12.80 -0.88
N PHE A 40 0.14 11.59 -1.11
CA PHE A 40 0.74 10.82 -2.25
C PHE A 40 -0.29 9.89 -2.90
N GLU A 41 -0.06 9.57 -4.15
CA GLU A 41 -1.00 8.66 -4.89
C GLU A 41 -0.24 7.91 -6.01
N TRP A 42 -0.25 6.60 -5.97
CA TRP A 42 0.45 5.81 -7.02
C TRP A 42 -0.55 4.82 -7.60
N GLY A 43 -0.24 4.17 -8.69
CA GLY A 43 -1.22 3.18 -9.24
C GLY A 43 -0.56 1.82 -9.46
N GLU A 44 -1.34 0.78 -9.54
CA GLU A 44 -0.76 -0.58 -9.73
C GLU A 44 -1.73 -1.43 -10.55
N ASP A 45 -1.20 -2.22 -11.43
CA ASP A 45 -2.03 -3.16 -12.23
C ASP A 45 -1.38 -4.54 -12.09
N LYS A 46 -2.11 -5.60 -12.27
CA LYS A 46 -1.49 -6.94 -12.08
C LYS A 46 -0.33 -7.11 -13.06
N GLU A 47 0.81 -6.55 -12.75
CA GLU A 47 2.01 -6.72 -13.62
C GLU A 47 2.97 -7.71 -12.97
N SER A 48 2.47 -8.79 -12.42
CA SER A 48 3.36 -9.80 -11.80
C SER A 48 2.75 -11.20 -11.91
N HIS A 49 3.42 -12.20 -11.41
CA HIS A 49 2.86 -13.59 -11.48
C HIS A 49 1.56 -13.66 -10.68
N ASP A 50 0.66 -14.52 -11.09
CA ASP A 50 -0.64 -14.64 -10.38
C ASP A 50 -0.42 -14.64 -8.86
N MET A 51 0.55 -15.36 -8.38
CA MET A 51 0.79 -15.43 -6.91
C MET A 51 1.26 -14.07 -6.38
N LEU A 52 1.93 -13.29 -7.18
CA LEU A 52 2.44 -11.97 -6.68
C LEU A 52 1.47 -10.86 -7.10
N ARG A 53 0.81 -11.03 -8.21
CA ARG A 53 -0.10 -9.96 -8.72
C ARG A 53 -1.51 -10.10 -8.11
N GLN A 54 -1.73 -11.09 -7.30
CA GLN A 54 -3.08 -11.23 -6.66
C GLN A 54 -4.19 -11.04 -7.69
N GLY A 55 -3.83 -11.00 -8.95
CA GLY A 55 -4.84 -10.88 -10.05
C GLY A 55 -5.70 -9.62 -9.92
N PHE A 56 -5.57 -8.84 -8.88
CA PHE A 56 -6.43 -7.62 -8.77
C PHE A 56 -6.22 -6.73 -10.00
N THR A 57 -7.29 -6.29 -10.61
CA THR A 57 -7.17 -5.43 -11.84
C THR A 57 -6.27 -4.21 -11.57
N HIS A 58 -6.50 -3.51 -10.50
CA HIS A 58 -5.66 -2.31 -10.23
C HIS A 58 -5.98 -1.74 -8.85
N ALA A 59 -5.07 -0.98 -8.29
CA ALA A 59 -5.32 -0.38 -6.95
C ALA A 59 -4.69 1.01 -6.90
N PHE A 60 -4.99 1.76 -5.87
CA PHE A 60 -4.40 3.11 -5.73
C PHE A 60 -3.93 3.31 -4.30
N SER A 61 -2.72 3.75 -4.11
CA SER A 61 -2.21 3.94 -2.73
C SER A 61 -2.31 5.43 -2.38
N MET A 62 -3.34 5.81 -1.68
CA MET A 62 -3.49 7.24 -1.30
C MET A 62 -3.01 7.47 0.13
N THR A 63 -2.02 8.30 0.28
CA THR A 63 -1.47 8.59 1.62
C THR A 63 -1.54 10.11 1.84
N PHE A 64 -1.85 10.55 3.03
CA PHE A 64 -1.95 12.03 3.25
C PHE A 64 -0.94 12.46 4.32
N GLU A 65 -0.64 13.73 4.40
CA GLU A 65 0.32 14.20 5.42
C GLU A 65 -0.43 14.36 6.74
N ASN A 66 -1.70 14.67 6.63
CA ASN A 66 -2.54 14.84 7.85
C ASN A 66 -4.00 14.95 7.41
N LYS A 67 -4.91 15.00 8.35
CA LYS A 67 -6.36 15.09 7.98
C LYS A 67 -6.64 16.34 7.12
N ASP A 68 -5.80 17.34 7.18
CA ASP A 68 -6.06 18.57 6.39
C ASP A 68 -6.20 18.24 4.89
N GLY A 69 -5.41 17.32 4.41
CA GLY A 69 -5.52 16.96 2.97
C GLY A 69 -6.86 16.26 2.73
N TYR A 70 -7.32 15.53 3.71
CA TYR A 70 -8.62 14.81 3.55
C TYR A 70 -9.78 15.81 3.47
N VAL A 71 -9.82 16.82 4.30
CA VAL A 71 -10.94 17.79 4.20
C VAL A 71 -10.77 18.62 2.92
N ALA A 72 -9.55 18.80 2.49
CA ALA A 72 -9.30 19.59 1.25
C ALA A 72 -9.91 18.85 0.05
N PHE A 73 -9.45 17.66 -0.22
CA PHE A 73 -9.96 16.91 -1.40
C PHE A 73 -11.46 16.59 -1.25
N THR A 74 -11.84 15.86 -0.23
CA THR A 74 -13.29 15.51 -0.08
C THR A 74 -14.17 16.76 -0.21
N SER A 75 -13.71 17.88 0.29
CA SER A 75 -14.54 19.13 0.22
C SER A 75 -14.72 19.57 -1.23
N HIS A 76 -13.98 19.02 -2.16
CA HIS A 76 -14.12 19.44 -3.58
C HIS A 76 -15.14 18.54 -4.30
N PRO A 77 -16.14 19.11 -4.91
CA PRO A 77 -17.18 18.33 -5.66
C PRO A 77 -16.56 17.24 -6.55
N LEU A 78 -15.26 17.18 -6.61
CA LEU A 78 -14.57 16.14 -7.45
C LEU A 78 -14.65 14.75 -6.80
N HIS A 79 -14.78 14.69 -5.51
CA HIS A 79 -14.80 13.37 -4.82
C HIS A 79 -16.18 12.72 -4.97
N VAL A 80 -17.22 13.46 -4.78
CA VAL A 80 -18.59 12.88 -4.87
C VAL A 80 -18.85 12.39 -6.29
N GLU A 81 -18.75 13.26 -7.26
CA GLU A 81 -18.98 12.84 -8.67
C GLU A 81 -18.10 11.64 -9.00
N PHE A 82 -16.91 11.61 -8.48
CA PHE A 82 -16.00 10.47 -8.78
C PHE A 82 -16.43 9.24 -8.01
N SER A 83 -16.92 9.41 -6.80
CA SER A 83 -17.35 8.23 -6.00
C SER A 83 -18.50 7.50 -6.70
N ALA A 84 -19.45 8.21 -7.23
CA ALA A 84 -20.59 7.54 -7.92
C ALA A 84 -20.05 6.76 -9.11
N ALA A 85 -19.16 7.35 -9.86
CA ALA A 85 -18.59 6.65 -11.04
C ALA A 85 -17.70 5.52 -10.54
N PHE A 86 -16.88 5.78 -9.55
CA PHE A 86 -15.99 4.70 -9.04
C PHE A 86 -16.82 3.41 -8.95
N THR A 87 -18.09 3.52 -8.71
CA THR A 87 -18.93 2.31 -8.63
C THR A 87 -19.30 1.89 -10.06
N ALA A 88 -20.03 2.72 -10.73
CA ALA A 88 -20.43 2.42 -12.13
C ALA A 88 -19.24 1.85 -12.90
N VAL A 89 -18.04 2.17 -12.49
CA VAL A 89 -16.84 1.69 -13.23
C VAL A 89 -16.12 0.59 -12.43
N ILE A 90 -16.71 0.09 -11.37
CA ILE A 90 -16.01 -0.98 -10.59
C ILE A 90 -16.97 -2.14 -10.32
N ASP A 91 -16.42 -3.26 -9.92
CA ASP A 91 -17.23 -4.47 -9.64
C ASP A 91 -17.22 -4.72 -8.13
N LYS A 92 -16.12 -4.40 -7.50
CA LYS A 92 -15.98 -4.59 -6.03
C LYS A 92 -15.06 -3.48 -5.47
N ILE A 93 -15.27 -3.05 -4.26
CA ILE A 93 -14.40 -1.97 -3.70
C ILE A 93 -13.86 -2.40 -2.32
N VAL A 94 -12.56 -2.42 -2.17
CA VAL A 94 -11.94 -2.84 -0.87
C VAL A 94 -10.97 -1.73 -0.42
N LEU A 95 -11.02 -1.30 0.82
CA LEU A 95 -10.07 -0.20 1.24
C LEU A 95 -9.55 -0.41 2.67
N LEU A 96 -8.27 -0.17 2.87
CA LEU A 96 -7.67 -0.28 4.23
C LEU A 96 -7.17 1.10 4.68
N ASP A 97 -7.70 1.61 5.76
CA ASP A 97 -7.25 2.95 6.24
C ASP A 97 -6.47 2.78 7.55
N PHE A 98 -5.21 3.13 7.56
CA PHE A 98 -4.41 3.00 8.82
C PHE A 98 -3.46 4.19 8.98
N PRO A 99 -3.34 4.71 10.18
CA PRO A 99 -2.44 5.89 10.45
C PRO A 99 -0.98 5.57 10.13
N VAL A 100 -0.34 6.41 9.35
CA VAL A 100 1.08 6.13 8.98
C VAL A 100 2.02 6.85 9.96
N ALA A 101 2.81 6.09 10.68
CA ALA A 101 3.78 6.72 11.62
C ALA A 101 5.21 6.54 11.09
N ALA A 102 5.72 7.50 10.39
CA ALA A 102 7.11 7.38 9.86
C ALA A 102 8.10 7.34 11.02
N VAL A 103 8.09 6.26 11.76
CA VAL A 103 9.02 6.17 12.94
C VAL A 103 9.33 4.70 13.22
N LYS A 104 10.42 4.21 12.69
CA LYS A 104 10.78 2.78 12.92
C LYS A 104 12.16 2.50 12.31
N SER A 105 12.26 1.51 11.48
CA SER A 105 13.58 1.18 10.88
C SER A 105 14.53 0.75 11.99
N SER A 106 15.02 1.68 12.77
CA SER A 106 15.94 1.33 13.87
C SER A 106 15.29 1.67 15.21
N VAL A 107 14.29 0.93 15.59
CA VAL A 107 13.59 1.20 16.88
C VAL A 107 13.72 -0.03 17.77
N VAL A 108 14.30 -1.08 17.26
CA VAL A 108 14.47 -2.32 18.08
C VAL A 108 15.23 -3.36 17.26
N ALA A 109 16.38 -2.99 16.76
CA ALA A 109 17.18 -3.97 15.96
C ALA A 109 17.38 -5.23 16.79
N THR A 110 18.10 -6.18 16.29
CA THR A 110 18.32 -7.43 17.08
C THR A 110 19.79 -7.82 17.02
N PRO A 111 20.64 -7.06 17.66
CA PRO A 111 22.11 -7.34 17.68
C PRO A 111 22.48 -8.42 18.70
N MET B 1 14.85 -2.83 -12.74
CA MET B 1 13.58 -3.18 -13.43
C MET B 1 13.26 -2.11 -14.48
N ALA B 2 12.01 -1.75 -14.60
CA ALA B 2 11.63 -0.70 -15.61
C ALA B 2 10.58 0.22 -15.00
N THR B 3 11.00 1.33 -14.44
CA THR B 3 10.04 2.26 -13.80
C THR B 3 10.77 3.10 -12.76
N SER B 4 11.29 2.45 -11.75
CA SER B 4 11.99 3.18 -10.67
C SER B 4 11.89 2.38 -9.38
N GLY B 5 10.99 2.73 -8.51
CA GLY B 5 10.87 1.96 -7.23
C GLY B 5 10.04 0.70 -7.47
N PHE B 6 9.99 -0.17 -6.52
CA PHE B 6 9.18 -1.41 -6.67
C PHE B 6 8.35 -1.60 -5.40
N LYS B 7 7.09 -1.89 -5.53
CA LYS B 7 6.24 -2.07 -4.31
C LYS B 7 6.01 -3.54 -3.96
N HIS B 8 6.31 -3.87 -2.74
CA HIS B 8 6.06 -5.24 -2.23
C HIS B 8 5.05 -5.09 -1.09
N LEU B 9 3.88 -5.63 -1.22
CA LEU B 9 2.89 -5.47 -0.12
C LEU B 9 2.29 -6.82 0.23
N VAL B 10 2.08 -7.06 1.48
CA VAL B 10 1.50 -8.36 1.90
C VAL B 10 0.35 -8.12 2.87
N VAL B 11 -0.72 -8.86 2.74
CA VAL B 11 -1.86 -8.70 3.67
C VAL B 11 -2.06 -10.04 4.34
N VAL B 12 -2.15 -10.09 5.63
CA VAL B 12 -2.25 -11.42 6.27
C VAL B 12 -3.33 -11.48 7.36
N LYS B 13 -3.92 -12.65 7.49
CA LYS B 13 -4.94 -12.87 8.55
C LYS B 13 -4.42 -14.00 9.45
N PHE B 14 -4.79 -14.02 10.69
CA PHE B 14 -4.26 -15.09 11.60
C PHE B 14 -5.36 -16.05 12.05
N LYS B 15 -5.00 -17.28 12.36
CA LYS B 15 -6.00 -18.27 12.85
C LYS B 15 -5.48 -18.89 14.15
N GLU B 16 -4.21 -18.76 14.41
CA GLU B 16 -3.63 -19.29 15.68
C GLU B 16 -3.71 -18.17 16.71
N ASP B 17 -3.11 -17.05 16.38
CA ASP B 17 -3.13 -15.85 17.26
C ASP B 17 -1.87 -15.05 16.92
N THR B 18 -1.73 -14.67 15.69
CA THR B 18 -0.51 -13.93 15.26
C THR B 18 -0.20 -12.72 16.14
N LYS B 19 0.87 -12.80 16.87
CA LYS B 19 1.30 -11.65 17.69
C LYS B 19 1.91 -10.65 16.71
N VAL B 20 1.11 -9.76 16.20
CA VAL B 20 1.62 -8.80 15.18
C VAL B 20 2.71 -7.91 15.77
N ASP B 21 2.51 -7.46 16.98
CA ASP B 21 3.52 -6.56 17.61
C ASP B 21 4.86 -7.29 17.80
N GLU B 22 4.83 -8.51 18.28
CA GLU B 22 6.12 -9.25 18.44
C GLU B 22 6.61 -9.58 17.04
N ILE B 23 5.70 -9.82 16.14
CA ILE B 23 6.07 -10.09 14.74
C ILE B 23 6.61 -8.79 14.17
N LEU B 24 5.97 -7.71 14.53
CA LEU B 24 6.43 -6.37 14.08
C LEU B 24 7.87 -6.14 14.55
N LYS B 25 8.19 -6.57 15.75
CA LYS B 25 9.59 -6.40 16.23
C LYS B 25 10.50 -7.17 15.28
N GLY B 26 10.03 -8.28 14.80
CA GLY B 26 10.83 -9.06 13.83
C GLY B 26 11.02 -8.22 12.57
N LEU B 27 9.93 -7.74 12.02
CA LEU B 27 10.03 -6.88 10.80
C LEU B 27 11.09 -5.79 11.04
N GLU B 28 11.09 -5.19 12.21
CA GLU B 28 12.12 -4.15 12.49
C GLU B 28 13.48 -4.79 12.24
N ASN B 29 13.68 -5.96 12.76
CA ASN B 29 14.95 -6.68 12.54
C ASN B 29 15.20 -6.73 11.02
N LEU B 30 14.16 -6.98 10.27
CA LEU B 30 14.27 -6.98 8.78
C LEU B 30 15.02 -5.71 8.35
N VAL B 31 14.72 -4.60 8.96
CA VAL B 31 15.44 -3.33 8.62
C VAL B 31 16.93 -3.56 8.78
N SER B 32 17.31 -4.56 9.53
CA SER B 32 18.75 -4.86 9.71
C SER B 32 19.44 -4.77 8.34
N GLN B 33 18.82 -5.31 7.32
CA GLN B 33 19.41 -5.26 5.96
C GLN B 33 19.10 -3.93 5.26
N ILE B 34 18.23 -3.09 5.79
CA ILE B 34 17.93 -1.82 5.06
C ILE B 34 18.86 -0.70 5.52
N ASP B 35 20.00 -1.03 6.05
CA ASP B 35 20.93 0.07 6.44
C ASP B 35 21.17 0.85 5.16
N THR B 36 20.71 0.31 4.08
CA THR B 36 20.86 0.96 2.76
C THR B 36 19.82 2.07 2.62
N VAL B 37 18.96 2.21 3.61
CA VAL B 37 17.93 3.28 3.53
C VAL B 37 17.54 3.50 2.07
N LYS B 38 17.38 2.44 1.34
CA LYS B 38 16.96 2.56 -0.08
C LYS B 38 15.67 1.77 -0.25
N SER B 39 14.79 1.89 0.71
CA SER B 39 13.54 1.11 0.66
C SER B 39 12.62 1.55 1.81
N PHE B 40 11.44 1.01 1.93
CA PHE B 40 10.56 1.45 3.04
C PHE B 40 9.67 0.32 3.56
N GLU B 41 9.25 0.43 4.80
CA GLU B 41 8.39 -0.63 5.41
C GLU B 41 7.50 -0.01 6.52
N TRP B 42 6.21 -0.13 6.39
CA TRP B 42 5.29 0.44 7.43
C TRP B 42 4.36 -0.69 7.87
N GLY B 43 3.61 -0.50 8.93
CA GLY B 43 2.68 -1.60 9.35
C GLY B 43 1.26 -1.06 9.52
N GLU B 44 0.28 -1.93 9.47
CA GLU B 44 -1.12 -1.48 9.60
C GLU B 44 -1.94 -2.56 10.30
N ASP B 45 -2.83 -2.16 11.15
CA ASP B 45 -3.75 -3.12 11.83
C ASP B 45 -5.16 -2.59 11.63
N LYS B 46 -6.17 -3.41 11.68
CA LYS B 46 -7.54 -2.88 11.44
C LYS B 46 -7.88 -1.81 12.49
N GLU B 47 -7.39 -0.62 12.28
CA GLU B 47 -7.72 0.50 13.22
C GLU B 47 -8.74 1.43 12.57
N SER B 48 -9.73 0.88 11.92
CA SER B 48 -10.78 1.73 11.28
C SER B 48 -12.13 0.99 11.25
N HIS B 49 -13.15 1.61 10.73
CA HIS B 49 -14.48 0.94 10.67
C HIS B 49 -14.39 -0.31 9.79
N ASP B 50 -15.20 -1.29 10.07
CA ASP B 50 -15.16 -2.55 9.27
C ASP B 50 -15.09 -2.23 7.76
N MET B 51 -15.86 -1.28 7.31
CA MET B 51 -15.84 -0.95 5.85
C MET B 51 -14.50 -0.33 5.45
N LEU B 52 -13.82 0.34 6.35
CA LEU B 52 -12.54 0.99 5.97
C LEU B 52 -11.38 0.09 6.40
N ARG B 53 -11.56 -0.67 7.46
CA ARG B 53 -10.46 -1.52 7.98
C ARG B 53 -10.43 -2.89 7.28
N GLN B 54 -11.34 -3.13 6.38
CA GLN B 54 -11.33 -4.43 5.65
C GLN B 54 -11.12 -5.59 6.62
N GLY B 55 -11.19 -5.33 7.90
CA GLY B 55 -11.05 -6.40 8.93
C GLY B 55 -9.70 -7.14 8.84
N PHE B 56 -8.88 -6.87 7.87
CA PHE B 56 -7.58 -7.62 7.78
C PHE B 56 -6.79 -7.42 9.09
N THR B 57 -6.30 -8.50 9.66
CA THR B 57 -5.54 -8.39 10.95
C THR B 57 -4.39 -7.38 10.83
N HIS B 58 -3.60 -7.47 9.79
CA HIS B 58 -2.46 -6.52 9.66
C HIS B 58 -1.78 -6.70 8.30
N ALA B 59 -1.06 -5.70 7.86
CA ALA B 59 -0.36 -5.80 6.55
C ALA B 59 0.97 -5.06 6.63
N PHE B 60 1.81 -5.23 5.64
CA PHE B 60 3.11 -4.52 5.64
C PHE B 60 3.36 -3.93 4.26
N SER B 61 3.70 -2.68 4.18
CA SER B 61 3.94 -2.06 2.85
C SER B 61 5.45 -2.02 2.60
N MET B 62 5.96 -2.96 1.87
CA MET B 62 7.42 -2.97 1.58
C MET B 62 7.70 -2.38 0.20
N THR B 63 8.44 -1.32 0.18
CA THR B 63 8.77 -0.64 -1.11
C THR B 63 10.31 -0.59 -1.22
N PHE B 64 10.84 -0.77 -2.39
CA PHE B 64 12.33 -0.73 -2.52
C PHE B 64 12.75 0.39 -3.48
N GLU B 65 14.00 0.79 -3.46
CA GLU B 65 14.45 1.86 -4.39
C GLU B 65 14.74 1.20 -5.73
N ASN B 66 15.16 -0.02 -5.70
CA ASN B 66 15.47 -0.77 -6.94
C ASN B 66 15.68 -2.25 -6.59
N LYS B 67 15.88 -3.08 -7.57
CA LYS B 67 16.07 -4.53 -7.29
C LYS B 67 17.27 -4.77 -6.38
N ASP B 68 18.20 -3.86 -6.32
CA ASP B 68 19.41 -4.07 -5.45
C ASP B 68 18.98 -4.33 -4.00
N GLY B 69 17.97 -3.66 -3.53
CA GLY B 69 17.53 -3.90 -2.12
C GLY B 69 16.94 -5.30 -2.03
N TYR B 70 16.31 -5.75 -3.07
CA TYR B 70 15.69 -7.11 -3.06
C TYR B 70 16.78 -8.20 -2.98
N VAL B 71 17.84 -8.09 -3.73
CA VAL B 71 18.90 -9.14 -3.64
C VAL B 71 19.61 -8.99 -2.30
N ALA B 72 19.67 -7.80 -1.78
CA ALA B 72 20.37 -7.58 -0.48
C ALA B 72 19.61 -8.32 0.63
N PHE B 73 18.37 -7.97 0.85
CA PHE B 73 17.58 -8.62 1.94
C PHE B 73 17.41 -10.14 1.67
N THR B 74 16.78 -10.51 0.58
CA THR B 74 16.56 -11.96 0.30
C THR B 74 17.87 -12.73 0.47
N SER B 75 18.98 -12.16 0.08
CA SER B 75 20.28 -12.87 0.19
C SER B 75 20.66 -13.13 1.65
N HIS B 76 19.98 -12.50 2.58
CA HIS B 76 20.33 -12.71 4.02
C HIS B 76 19.46 -13.84 4.59
N PRO B 77 20.08 -14.84 5.18
CA PRO B 77 19.34 -15.98 5.81
C PRO B 77 18.15 -15.51 6.66
N LEU B 78 17.97 -14.23 6.80
CA LEU B 78 16.82 -13.70 7.61
C LEU B 78 15.49 -13.85 6.86
N HIS B 79 15.53 -13.88 5.55
CA HIS B 79 14.25 -13.97 4.77
C HIS B 79 13.71 -15.39 4.80
N VAL B 80 14.56 -16.36 4.59
CA VAL B 80 14.09 -17.77 4.56
C VAL B 80 13.53 -18.16 5.93
N GLU B 81 14.33 -18.06 6.95
CA GLU B 81 13.84 -18.44 8.30
C GLU B 81 12.56 -17.67 8.62
N PHE B 82 12.46 -16.45 8.17
CA PHE B 82 11.23 -15.66 8.45
C PHE B 82 10.08 -16.15 7.56
N SER B 83 10.38 -16.53 6.34
CA SER B 83 9.30 -17.00 5.43
C SER B 83 8.62 -18.25 6.01
N ALA B 84 9.38 -19.17 6.53
CA ALA B 84 8.76 -20.40 7.09
C ALA B 84 7.85 -20.01 8.25
N ALA B 85 8.32 -19.14 9.10
CA ALA B 85 7.51 -18.71 10.26
C ALA B 85 6.34 -17.87 9.74
N PHE B 86 6.58 -16.98 8.83
CA PHE B 86 5.47 -16.14 8.31
C PHE B 86 4.26 -17.05 8.07
N THR B 87 4.50 -18.30 7.76
CA THR B 87 3.36 -19.23 7.54
C THR B 87 2.89 -19.72 8.90
N ALA B 88 3.75 -20.44 9.59
CA ALA B 88 3.37 -20.96 10.94
C ALA B 88 2.66 -19.87 11.73
N VAL B 89 2.91 -18.63 11.42
CA VAL B 89 2.27 -17.53 12.20
C VAL B 89 1.17 -16.85 11.38
N ILE B 90 0.79 -17.39 10.26
CA ILE B 90 -0.28 -16.74 9.45
C ILE B 90 -1.34 -17.76 9.03
N ASP B 91 -2.47 -17.28 8.61
CA ASP B 91 -3.58 -18.16 8.18
C ASP B 91 -3.73 -18.07 6.65
N LYS B 92 -3.47 -16.90 6.12
CA LYS B 92 -3.58 -16.67 4.66
C LYS B 92 -2.52 -15.63 4.24
N ILE B 93 -1.99 -15.73 3.04
CA ILE B 93 -0.97 -14.72 2.62
C ILE B 93 -1.35 -14.14 1.25
N VAL B 94 -1.48 -12.83 1.19
CA VAL B 94 -1.85 -12.16 -0.09
C VAL B 94 -0.80 -11.07 -0.41
N LEU B 95 -0.29 -11.00 -1.61
CA LEU B 95 0.74 -9.94 -1.90
C LEU B 95 0.58 -9.34 -3.30
N LEU B 96 0.73 -8.04 -3.40
CA LEU B 96 0.66 -7.35 -4.72
C LEU B 96 2.01 -6.72 -5.04
N ASP B 97 2.64 -7.12 -6.12
CA ASP B 97 3.96 -6.53 -6.47
C ASP B 97 3.81 -5.68 -7.73
N PHE B 98 4.05 -4.39 -7.64
CA PHE B 98 3.92 -3.52 -8.85
C PHE B 98 5.04 -2.46 -8.87
N PRO B 99 5.63 -2.22 -10.02
CA PRO B 99 6.73 -1.23 -10.14
C PRO B 99 6.28 0.20 -9.76
N VAL B 100 7.00 0.84 -8.88
CA VAL B 100 6.59 2.20 -8.43
C VAL B 100 7.28 3.26 -9.30
N ALA B 101 6.51 4.04 -10.02
CA ALA B 101 7.11 5.12 -10.85
C ALA B 101 6.77 6.48 -10.25
N ALA B 102 7.63 7.02 -9.45
CA ALA B 102 7.36 8.35 -8.85
C ALA B 102 7.31 9.42 -9.94
N VAL B 103 6.30 9.38 -10.75
CA VAL B 103 6.19 10.37 -11.87
C VAL B 103 4.73 10.58 -12.23
N LYS B 104 4.11 11.59 -11.68
CA LYS B 104 2.67 11.85 -11.98
C LYS B 104 2.24 13.15 -11.30
N SER B 105 1.18 13.11 -10.54
CA SER B 105 0.70 14.36 -9.88
C SER B 105 0.26 15.36 -10.95
N SER B 106 1.20 15.96 -11.62
CA SER B 106 0.85 16.93 -12.70
C SER B 106 1.32 16.40 -14.04
N VAL B 107 0.69 15.38 -14.54
CA VAL B 107 1.11 14.79 -15.84
C VAL B 107 -0.06 14.88 -16.82
N VAL B 108 -1.19 15.34 -16.34
CA VAL B 108 -2.39 15.46 -17.23
C VAL B 108 -3.54 16.08 -16.44
N ALA B 109 -3.31 17.22 -15.83
CA ALA B 109 -4.39 17.87 -15.06
C ALA B 109 -5.60 18.03 -15.96
N THR B 110 -6.65 18.63 -15.48
CA THR B 110 -7.86 18.80 -16.34
C THR B 110 -8.38 20.23 -16.21
N PRO B 111 -7.66 21.18 -16.75
CA PRO B 111 -8.05 22.62 -16.70
C PRO B 111 -9.09 22.97 -17.76
N MET A 1 -3.34 5.55 15.92
CA MET A 1 -1.99 5.95 16.43
C MET A 1 -1.76 7.44 16.17
N ALA A 2 -1.87 7.85 14.93
CA ALA A 2 -1.66 9.29 14.61
C ALA A 2 -0.22 9.68 14.96
N THR A 3 0.71 8.80 14.70
CA THR A 3 2.14 9.12 15.01
C THR A 3 2.86 9.51 13.74
N SER A 4 2.20 9.38 12.62
CA SER A 4 2.82 9.74 11.32
C SER A 4 1.74 10.28 10.40
N GLY A 5 0.99 9.43 9.76
CA GLY A 5 -0.07 9.92 8.86
C GLY A 5 -1.29 9.00 8.94
N PHE A 6 -2.12 9.01 7.93
CA PHE A 6 -3.33 8.14 7.94
C PHE A 6 -3.46 7.50 6.55
N LYS A 7 -3.78 6.23 6.49
CA LYS A 7 -3.87 5.57 5.16
C LYS A 7 -5.29 5.16 4.79
N HIS A 8 -5.61 5.32 3.53
CA HIS A 8 -6.92 4.86 3.00
C HIS A 8 -6.59 4.05 1.74
N LEU A 9 -7.12 2.88 1.61
CA LEU A 9 -6.77 2.07 0.42
C LEU A 9 -8.03 1.44 -0.15
N VAL A 10 -8.09 1.32 -1.45
CA VAL A 10 -9.29 0.72 -2.08
C VAL A 10 -8.85 -0.38 -3.04
N VAL A 11 -9.52 -1.50 -3.02
CA VAL A 11 -9.17 -2.61 -3.96
C VAL A 11 -10.38 -2.80 -4.84
N VAL A 12 -10.23 -2.79 -6.13
CA VAL A 12 -11.44 -2.93 -6.98
C VAL A 12 -11.24 -3.87 -8.16
N LYS A 13 -12.33 -4.39 -8.65
CA LYS A 13 -12.30 -5.28 -9.84
C LYS A 13 -13.21 -4.64 -10.89
N PHE A 14 -12.96 -4.87 -12.15
CA PHE A 14 -13.80 -4.22 -13.20
C PHE A 14 -14.77 -5.23 -13.85
N LYS A 15 -15.93 -4.77 -14.24
CA LYS A 15 -16.92 -5.66 -14.91
C LYS A 15 -17.22 -5.10 -16.30
N GLU A 16 -17.05 -3.81 -16.48
CA GLU A 16 -17.28 -3.20 -17.81
C GLU A 16 -15.96 -3.27 -18.59
N ASP A 17 -14.94 -2.74 -17.99
CA ASP A 17 -13.57 -2.74 -18.60
C ASP A 17 -12.87 -1.50 -18.08
N THR A 18 -12.51 -1.50 -16.82
CA THR A 18 -11.87 -0.31 -16.21
C THR A 18 -10.58 0.10 -16.91
N LYS A 19 -10.62 1.21 -17.59
CA LYS A 19 -9.41 1.75 -18.23
C LYS A 19 -8.65 2.48 -17.13
N VAL A 20 -7.75 1.80 -16.48
CA VAL A 20 -7.00 2.42 -15.35
C VAL A 20 -6.26 3.68 -15.81
N ASP A 21 -5.82 3.67 -17.03
CA ASP A 21 -5.10 4.87 -17.58
C ASP A 21 -6.06 6.07 -17.68
N GLU A 22 -7.28 5.85 -18.07
CA GLU A 22 -8.24 7.00 -18.13
C GLU A 22 -8.51 7.44 -16.70
N ILE A 23 -8.51 6.50 -15.81
CA ILE A 23 -8.70 6.81 -14.38
C ILE A 23 -7.47 7.61 -13.95
N LEU A 24 -6.32 7.17 -14.36
CA LEU A 24 -5.06 7.88 -14.05
C LEU A 24 -5.18 9.34 -14.50
N LYS A 25 -5.84 9.58 -15.61
CA LYS A 25 -6.02 11.00 -16.05
C LYS A 25 -6.79 11.72 -14.94
N GLY A 26 -7.64 11.00 -14.27
CA GLY A 26 -8.40 11.62 -13.14
C GLY A 26 -7.48 11.61 -11.91
N LEU A 27 -6.82 10.50 -11.68
CA LEU A 27 -5.91 10.41 -10.51
C LEU A 27 -4.88 11.54 -10.59
N GLU A 28 -4.11 11.60 -11.66
CA GLU A 28 -3.11 12.69 -11.77
C GLU A 28 -3.84 14.01 -11.54
N ASN A 29 -5.00 14.15 -12.12
CA ASN A 29 -5.81 15.39 -11.90
C ASN A 29 -6.13 15.46 -10.41
N LEU A 30 -6.51 14.34 -9.82
CA LEU A 30 -6.82 14.31 -8.37
C LEU A 30 -5.65 14.96 -7.60
N VAL A 31 -4.44 14.63 -7.99
CA VAL A 31 -3.26 15.26 -7.32
C VAL A 31 -3.44 16.78 -7.31
N SER A 32 -4.15 17.28 -8.27
CA SER A 32 -4.41 18.75 -8.30
C SER A 32 -4.67 19.23 -6.88
N GLN A 33 -5.45 18.49 -6.14
CA GLN A 33 -5.72 18.87 -4.72
C GLN A 33 -4.52 18.56 -3.81
N ILE A 34 -3.65 17.65 -4.16
CA ILE A 34 -2.50 17.35 -3.24
C ILE A 34 -1.35 18.33 -3.49
N ASP A 35 -1.63 19.50 -3.99
CA ASP A 35 -0.51 20.45 -4.18
C ASP A 35 0.05 20.69 -2.79
N THR A 36 -0.65 20.19 -1.80
CA THR A 36 -0.22 20.32 -0.40
C THR A 36 0.95 19.38 -0.14
N VAL A 37 1.32 18.61 -1.13
CA VAL A 37 2.47 17.68 -0.93
C VAL A 37 2.45 17.15 0.50
N LYS A 38 1.28 17.03 1.06
CA LYS A 38 1.17 16.49 2.45
C LYS A 38 0.33 15.23 2.37
N SER A 39 0.53 14.45 1.35
CA SER A 39 -0.26 13.20 1.19
C SER A 39 0.33 12.38 0.03
N PHE A 40 -0.10 11.16 -0.16
CA PHE A 40 0.48 10.36 -1.28
C PHE A 40 -0.54 9.41 -1.90
N GLU A 41 -0.29 9.01 -3.13
CA GLU A 41 -1.23 8.09 -3.84
C GLU A 41 -0.46 7.25 -4.88
N TRP A 42 -0.50 5.95 -4.73
CA TRP A 42 0.18 5.07 -5.74
C TRP A 42 -0.83 4.00 -6.16
N GLY A 43 -0.59 3.30 -7.24
CA GLY A 43 -1.60 2.27 -7.67
C GLY A 43 -0.92 0.96 -8.05
N GLU A 44 -1.68 -0.05 -8.33
CA GLU A 44 -1.07 -1.36 -8.70
C GLU A 44 -2.04 -2.13 -9.60
N ASP A 45 -1.52 -2.79 -10.58
CA ASP A 45 -2.35 -3.60 -11.50
C ASP A 45 -2.13 -5.07 -11.12
N LYS A 46 -3.14 -5.89 -11.14
CA LYS A 46 -2.91 -7.31 -10.74
C LYS A 46 -3.62 -8.23 -11.73
N GLU A 47 -2.89 -8.85 -12.61
CA GLU A 47 -3.49 -9.78 -13.61
C GLU A 47 -2.49 -10.90 -13.93
N SER A 48 -1.60 -11.20 -13.01
CA SER A 48 -0.60 -12.26 -13.27
C SER A 48 -1.15 -13.63 -12.80
N HIS A 49 -0.66 -14.14 -11.71
CA HIS A 49 -1.15 -15.46 -11.22
C HIS A 49 -2.29 -15.25 -10.23
N ASP A 50 -3.23 -16.15 -10.18
CA ASP A 50 -4.38 -16.00 -9.26
C ASP A 50 -3.91 -15.75 -7.82
N MET A 51 -2.91 -16.47 -7.37
CA MET A 51 -2.41 -16.27 -5.98
C MET A 51 -1.58 -14.99 -5.89
N LEU A 52 -0.89 -14.62 -6.93
CA LEU A 52 -0.07 -13.37 -6.86
C LEU A 52 -0.92 -12.18 -7.31
N ARG A 53 -1.49 -12.26 -8.48
CA ARG A 53 -2.30 -11.12 -9.01
C ARG A 53 -3.52 -10.85 -8.13
N GLN A 54 -3.68 -11.58 -7.06
CA GLN A 54 -4.86 -11.34 -6.17
C GLN A 54 -6.17 -11.45 -6.97
N GLY A 55 -6.07 -11.38 -8.28
CA GLY A 55 -7.29 -11.48 -9.15
C GLY A 55 -7.97 -10.13 -9.38
N PHE A 56 -7.80 -9.16 -8.53
CA PHE A 56 -8.49 -7.85 -8.76
C PHE A 56 -8.02 -7.24 -10.09
N THR A 57 -7.69 -5.97 -10.10
CA THR A 57 -7.25 -5.30 -11.36
C THR A 57 -6.50 -4.00 -11.05
N HIS A 58 -6.91 -3.28 -10.05
CA HIS A 58 -6.18 -2.01 -9.72
C HIS A 58 -6.60 -1.51 -8.34
N ALA A 59 -5.71 -0.84 -7.66
CA ALA A 59 -6.04 -0.32 -6.30
C ALA A 59 -5.39 1.05 -6.11
N PHE A 60 -5.77 1.76 -5.09
CA PHE A 60 -5.17 3.08 -4.83
C PHE A 60 -4.91 3.23 -3.33
N SER A 61 -3.76 3.71 -2.95
CA SER A 61 -3.46 3.86 -1.51
C SER A 61 -3.27 5.36 -1.22
N MET A 62 -4.24 5.98 -0.60
CA MET A 62 -4.11 7.42 -0.27
C MET A 62 -3.60 7.60 1.15
N THR A 63 -2.53 8.33 1.28
CA THR A 63 -1.95 8.58 2.62
C THR A 63 -1.99 10.09 2.89
N PHE A 64 -2.28 10.50 4.09
CA PHE A 64 -2.33 11.97 4.37
C PHE A 64 -1.44 12.31 5.57
N GLU A 65 -0.57 13.27 5.43
CA GLU A 65 0.30 13.64 6.57
C GLU A 65 -0.60 13.86 7.78
N ASN A 66 -1.82 14.23 7.53
CA ASN A 66 -2.78 14.46 8.64
C ASN A 66 -4.18 14.66 8.03
N LYS A 67 -5.19 14.76 8.84
CA LYS A 67 -6.57 14.92 8.30
C LYS A 67 -6.70 16.22 7.49
N ASP A 68 -5.81 17.16 7.68
CA ASP A 68 -5.94 18.45 6.94
C ASP A 68 -5.91 18.22 5.43
N GLY A 69 -5.07 17.34 4.95
CA GLY A 69 -5.04 17.08 3.48
C GLY A 69 -6.25 16.22 3.12
N TYR A 70 -6.71 15.41 4.03
CA TYR A 70 -7.88 14.54 3.75
C TYR A 70 -9.14 15.39 3.54
N VAL A 71 -9.37 16.40 4.33
CA VAL A 71 -10.60 17.22 4.12
C VAL A 71 -10.42 18.03 2.84
N ALA A 72 -9.20 18.36 2.49
CA ALA A 72 -8.97 19.16 1.27
C ALA A 72 -9.37 18.32 0.04
N PHE A 73 -8.74 17.20 -0.16
CA PHE A 73 -9.05 16.37 -1.37
C PHE A 73 -10.55 16.08 -1.48
N THR A 74 -11.22 15.82 -0.39
CA THR A 74 -12.67 15.48 -0.47
C THR A 74 -13.50 16.76 -0.62
N SER A 75 -13.04 17.85 -0.09
CA SER A 75 -13.82 19.12 -0.18
C SER A 75 -13.95 19.59 -1.63
N HIS A 76 -13.03 19.23 -2.48
CA HIS A 76 -13.11 19.68 -3.91
C HIS A 76 -14.14 18.81 -4.66
N PRO A 77 -15.11 19.42 -5.29
CA PRO A 77 -16.14 18.69 -6.08
C PRO A 77 -15.54 17.59 -6.97
N LEU A 78 -14.23 17.52 -7.04
CA LEU A 78 -13.55 16.49 -7.89
C LEU A 78 -13.61 15.10 -7.23
N HIS A 79 -13.72 15.05 -5.93
CA HIS A 79 -13.73 13.72 -5.24
C HIS A 79 -15.09 13.03 -5.41
N VAL A 80 -16.15 13.77 -5.27
CA VAL A 80 -17.50 13.17 -5.39
C VAL A 80 -17.72 12.64 -6.81
N GLU A 81 -17.54 13.48 -7.79
CA GLU A 81 -17.69 13.02 -9.20
C GLU A 81 -16.88 11.75 -9.42
N PHE A 82 -15.78 11.61 -8.72
CA PHE A 82 -14.95 10.38 -8.89
C PHE A 82 -15.65 9.19 -8.24
N SER A 83 -16.30 9.40 -7.13
CA SER A 83 -16.98 8.25 -6.43
C SER A 83 -18.09 7.68 -7.32
N ALA A 84 -18.86 8.53 -7.97
CA ALA A 84 -19.95 8.01 -8.83
C ALA A 84 -19.35 7.22 -9.97
N ALA A 85 -18.40 7.80 -10.66
CA ALA A 85 -17.77 7.11 -11.80
C ALA A 85 -16.99 5.91 -11.27
N PHE A 86 -16.26 6.09 -10.20
CA PHE A 86 -15.48 4.95 -9.64
C PHE A 86 -16.39 3.72 -9.63
N THR A 87 -17.67 3.92 -9.46
CA THR A 87 -18.59 2.75 -9.43
C THR A 87 -18.83 2.31 -10.87
N ALA A 88 -19.43 3.17 -11.65
CA ALA A 88 -19.68 2.84 -13.08
C ALA A 88 -18.48 2.10 -13.66
N VAL A 89 -17.32 2.29 -13.10
CA VAL A 89 -16.11 1.62 -13.66
C VAL A 89 -15.58 0.54 -12.68
N ILE A 90 -16.29 0.26 -11.62
CA ILE A 90 -15.81 -0.79 -10.69
C ILE A 90 -16.82 -1.93 -10.57
N ASP A 91 -16.35 -3.09 -10.24
CA ASP A 91 -17.23 -4.29 -10.10
C ASP A 91 -17.47 -4.55 -8.61
N LYS A 92 -16.48 -4.24 -7.81
CA LYS A 92 -16.58 -4.44 -6.34
C LYS A 92 -15.72 -3.38 -5.63
N ILE A 93 -16.08 -2.97 -4.44
CA ILE A 93 -15.27 -1.92 -3.75
C ILE A 93 -14.85 -2.42 -2.36
N VAL A 94 -13.56 -2.48 -2.10
CA VAL A 94 -13.05 -2.94 -0.77
C VAL A 94 -12.04 -1.90 -0.26
N LEU A 95 -12.11 -1.48 0.99
CA LEU A 95 -11.15 -0.44 1.45
C LEU A 95 -10.65 -0.73 2.87
N LEU A 96 -9.36 -0.56 3.10
CA LEU A 96 -8.78 -0.74 4.46
C LEU A 96 -8.22 0.61 4.95
N ASP A 97 -8.70 1.11 6.06
CA ASP A 97 -8.17 2.41 6.57
C ASP A 97 -7.64 2.21 7.99
N PHE A 98 -6.43 2.62 8.26
CA PHE A 98 -5.86 2.45 9.63
C PHE A 98 -4.63 3.34 9.82
N PRO A 99 -4.48 3.94 10.97
CA PRO A 99 -3.29 4.81 11.28
C PRO A 99 -1.97 4.12 10.89
N VAL A 100 -1.21 4.73 10.02
CA VAL A 100 0.07 4.11 9.60
C VAL A 100 1.25 4.84 10.25
N ALA A 101 2.21 4.11 10.76
CA ALA A 101 3.39 4.76 11.39
C ALA A 101 4.63 4.52 10.53
N ALA A 102 4.75 5.23 9.43
CA ALA A 102 5.94 5.04 8.54
C ALA A 102 6.99 6.09 8.88
N VAL A 103 8.11 5.69 9.41
CA VAL A 103 9.17 6.66 9.74
C VAL A 103 10.52 6.12 9.26
N LYS A 104 10.87 4.93 9.66
CA LYS A 104 12.16 4.33 9.21
C LYS A 104 13.32 5.23 9.64
N SER A 105 14.19 5.57 8.74
CA SER A 105 15.34 6.43 9.11
C SER A 105 16.33 5.61 9.95
N SER A 106 15.89 4.52 10.49
CA SER A 106 16.79 3.69 11.33
C SER A 106 15.95 2.63 12.07
N VAL A 107 14.82 3.02 12.57
CA VAL A 107 13.96 2.05 13.33
C VAL A 107 12.49 2.38 13.05
N VAL A 108 11.66 1.37 13.00
CA VAL A 108 10.21 1.62 12.74
C VAL A 108 9.40 1.04 13.90
N ALA A 109 10.04 0.70 14.97
CA ALA A 109 9.30 0.13 16.12
C ALA A 109 8.23 1.13 16.56
N THR A 110 7.04 0.68 16.84
CA THR A 110 5.98 1.63 17.27
C THR A 110 5.27 1.08 18.52
N PRO A 111 5.94 1.10 19.64
CA PRO A 111 5.38 0.61 20.92
C PRO A 111 3.95 1.09 21.15
N MET B 1 6.83 -1.75 -15.68
CA MET B 1 7.13 -0.34 -16.08
C MET B 1 8.57 -0.02 -15.69
N ALA B 2 8.92 -0.17 -14.44
CA ALA B 2 10.31 0.13 -14.01
C ALA B 2 10.60 1.62 -14.23
N THR B 3 9.63 2.46 -13.97
CA THR B 3 9.84 3.92 -14.18
C THR B 3 10.10 4.58 -12.83
N SER B 4 9.94 3.84 -11.77
CA SER B 4 10.17 4.39 -10.40
C SER B 4 10.74 3.30 -9.52
N GLY B 5 9.91 2.44 -8.99
CA GLY B 5 10.44 1.35 -8.12
C GLY B 5 9.63 0.07 -8.35
N PHE B 6 9.65 -0.82 -7.40
CA PHE B 6 8.89 -2.09 -7.55
C PHE B 6 8.17 -2.37 -6.23
N LYS B 7 6.94 -2.80 -6.26
CA LYS B 7 6.19 -3.03 -4.99
C LYS B 7 5.89 -4.50 -4.75
N HIS B 8 6.00 -4.90 -3.51
CA HIS B 8 5.61 -6.27 -3.09
C HIS B 8 4.72 -6.10 -1.88
N LEU B 9 3.57 -6.73 -1.86
CA LEU B 9 2.66 -6.54 -0.70
C LEU B 9 2.11 -7.87 -0.26
N VAL B 10 1.93 -8.04 1.02
CA VAL B 10 1.39 -9.32 1.52
C VAL B 10 0.19 -9.04 2.44
N VAL B 11 -0.87 -9.79 2.28
CA VAL B 11 -2.06 -9.60 3.17
C VAL B 11 -2.20 -10.89 3.96
N VAL B 12 -2.30 -10.82 5.25
CA VAL B 12 -2.37 -12.10 6.00
C VAL B 12 -3.40 -12.06 7.14
N LYS B 13 -3.86 -13.22 7.52
CA LYS B 13 -4.82 -13.35 8.63
C LYS B 13 -4.18 -14.27 9.67
N PHE B 14 -4.51 -14.12 10.93
CA PHE B 14 -3.86 -14.99 11.96
C PHE B 14 -4.81 -16.08 12.48
N LYS B 15 -4.28 -17.23 12.83
CA LYS B 15 -5.14 -18.32 13.38
C LYS B 15 -4.63 -18.68 14.77
N GLU B 16 -3.38 -18.41 15.05
CA GLU B 16 -2.84 -18.69 16.41
C GLU B 16 -3.06 -17.44 17.26
N ASP B 17 -2.59 -16.32 16.76
CA ASP B 17 -2.75 -15.02 17.45
C ASP B 17 -1.54 -14.17 17.07
N THR B 18 -1.50 -13.73 15.85
CA THR B 18 -0.33 -12.95 15.36
C THR B 18 -0.07 -11.69 16.16
N LYS B 19 1.00 -11.69 16.92
CA LYS B 19 1.38 -10.49 17.67
C LYS B 19 2.12 -9.59 16.68
N VAL B 20 1.40 -8.70 16.03
CA VAL B 20 2.03 -7.84 15.00
C VAL B 20 3.18 -7.03 15.60
N ASP B 21 3.07 -6.68 16.84
CA ASP B 21 4.16 -5.91 17.50
C ASP B 21 5.42 -6.77 17.63
N GLU B 22 5.29 -8.03 17.93
CA GLU B 22 6.51 -8.89 18.01
C GLU B 22 7.05 -9.01 16.61
N ILE B 23 6.17 -9.04 15.64
CA ILE B 23 6.60 -9.09 14.23
C ILE B 23 7.33 -7.79 13.94
N LEU B 24 6.75 -6.70 14.40
CA LEU B 24 7.37 -5.37 14.21
C LEU B 24 8.80 -5.40 14.76
N LYS B 25 9.03 -6.12 15.83
CA LYS B 25 10.42 -6.22 16.36
C LYS B 25 11.27 -6.84 15.26
N GLY B 26 10.68 -7.70 14.48
CA GLY B 26 11.44 -8.31 13.35
C GLY B 26 11.42 -7.33 12.19
N LEU B 27 10.29 -6.73 11.92
CA LEU B 27 10.19 -5.76 10.80
C LEU B 27 11.21 -4.64 11.03
N GLU B 28 11.14 -3.97 12.15
CA GLU B 28 12.14 -2.88 12.41
C GLU B 28 13.53 -3.49 12.21
N ASN B 29 13.73 -4.66 12.73
CA ASN B 29 15.04 -5.34 12.55
C ASN B 29 15.23 -5.56 11.04
N LEU B 30 14.19 -5.99 10.36
CA LEU B 30 14.28 -6.19 8.89
C LEU B 30 14.86 -4.93 8.26
N VAL B 31 14.42 -3.78 8.68
CA VAL B 31 14.98 -2.50 8.15
C VAL B 31 16.50 -2.56 8.23
N SER B 32 17.01 -3.29 9.18
CA SER B 32 18.49 -3.43 9.29
C SER B 32 19.08 -3.55 7.88
N GLN B 33 18.46 -4.33 7.04
CA GLN B 33 18.95 -4.47 5.64
C GLN B 33 18.61 -3.25 4.80
N ILE B 34 17.59 -2.48 5.14
CA ILE B 34 17.26 -1.30 4.28
C ILE B 34 18.11 -0.10 4.66
N ASP B 35 19.26 -0.31 5.23
CA ASP B 35 20.12 0.87 5.56
C ASP B 35 20.39 1.55 4.22
N THR B 36 20.01 0.87 3.17
CA THR B 36 20.19 1.40 1.80
C THR B 36 19.18 2.52 1.56
N VAL B 37 18.31 2.75 2.51
CA VAL B 37 17.30 3.83 2.32
C VAL B 37 16.86 3.87 0.86
N LYS B 38 16.89 2.74 0.21
CA LYS B 38 16.45 2.68 -1.20
C LYS B 38 15.26 1.73 -1.27
N SER B 39 14.40 1.80 -0.30
CA SER B 39 13.23 0.90 -0.27
C SER B 39 12.28 1.35 0.85
N PHE B 40 11.10 0.80 0.94
CA PHE B 40 10.18 1.24 2.02
C PHE B 40 9.28 0.11 2.51
N GLU B 41 8.78 0.23 3.72
CA GLU B 41 7.90 -0.83 4.31
C GLU B 41 6.93 -0.20 5.33
N TRP B 42 5.65 -0.33 5.10
CA TRP B 42 4.65 0.18 6.08
C TRP B 42 3.65 -0.93 6.36
N GLY B 43 2.87 -0.82 7.40
CA GLY B 43 1.91 -1.94 7.69
C GLY B 43 0.53 -1.39 8.03
N GLU B 44 -0.44 -2.25 8.19
CA GLU B 44 -1.82 -1.78 8.50
C GLU B 44 -2.55 -2.86 9.28
N ASP B 45 -3.32 -2.46 10.24
CA ASP B 45 -4.12 -3.43 11.06
C ASP B 45 -5.57 -3.30 10.59
N LYS B 46 -6.29 -4.38 10.47
CA LYS B 46 -7.70 -4.24 10.00
C LYS B 46 -8.62 -5.08 10.87
N GLU B 47 -9.35 -4.46 11.76
CA GLU B 47 -10.29 -5.21 12.64
C GLU B 47 -11.51 -4.34 12.95
N SER B 48 -11.82 -3.42 12.08
CA SER B 48 -12.99 -2.52 12.32
C SER B 48 -14.26 -3.14 11.73
N HIS B 49 -14.75 -2.62 10.65
CA HIS B 49 -15.99 -3.18 10.03
C HIS B 49 -15.61 -4.23 8.98
N ASP B 50 -16.43 -5.23 8.81
CA ASP B 50 -16.12 -6.31 7.83
C ASP B 50 -15.83 -5.71 6.44
N MET B 51 -16.61 -4.75 6.01
CA MET B 51 -16.36 -4.15 4.67
C MET B 51 -15.15 -3.20 4.72
N LEU B 52 -14.90 -2.56 5.82
CA LEU B 52 -13.73 -1.64 5.89
C LEU B 52 -12.49 -2.42 6.37
N ARG B 53 -12.60 -3.07 7.50
CA ARG B 53 -11.44 -3.82 8.06
C ARG B 53 -11.00 -4.95 7.12
N GLN B 54 -11.65 -5.09 5.99
CA GLN B 54 -11.25 -6.18 5.05
C GLN B 54 -11.31 -7.55 5.75
N GLY B 55 -11.32 -7.54 7.05
CA GLY B 55 -11.37 -8.81 7.85
C GLY B 55 -9.99 -9.41 8.13
N PHE B 56 -8.98 -9.08 7.37
CA PHE B 56 -7.63 -9.68 7.64
C PHE B 56 -7.15 -9.27 9.03
N THR B 57 -5.91 -8.83 9.14
CA THR B 57 -5.37 -8.43 10.48
C THR B 57 -4.13 -7.55 10.32
N HIS B 58 -3.30 -7.83 9.33
CA HIS B 58 -2.09 -6.99 9.14
C HIS B 58 -1.46 -7.26 7.78
N ALA B 59 -0.83 -6.28 7.20
CA ALA B 59 -0.20 -6.47 5.87
C ALA B 59 1.12 -5.70 5.81
N PHE B 60 1.92 -5.95 4.82
CA PHE B 60 3.20 -5.22 4.69
C PHE B 60 3.43 -4.85 3.23
N SER B 61 3.82 -3.64 2.96
CA SER B 61 4.05 -3.23 1.55
C SER B 61 5.53 -2.90 1.38
N MET B 62 6.27 -3.76 0.74
CA MET B 62 7.71 -3.49 0.54
C MET B 62 7.95 -2.87 -0.84
N THR B 63 8.59 -1.74 -0.86
CA THR B 63 8.86 -1.05 -2.14
C THR B 63 10.39 -0.94 -2.30
N PHE B 64 10.90 -1.12 -3.48
CA PHE B 64 12.38 -1.04 -3.67
C PHE B 64 12.73 -0.05 -4.78
N GLU B 65 13.59 0.89 -4.51
CA GLU B 65 13.96 1.88 -5.57
C GLU B 65 14.34 1.08 -6.82
N ASN B 66 14.77 -0.12 -6.62
CA ASN B 66 15.18 -0.99 -7.77
C ASN B 66 15.45 -2.40 -7.23
N LYS B 67 15.68 -3.34 -8.10
CA LYS B 67 15.94 -4.74 -7.65
C LYS B 67 17.18 -4.82 -6.76
N ASP B 68 18.04 -3.84 -6.82
CA ASP B 68 19.30 -3.91 -6.01
C ASP B 68 18.97 -4.01 -4.51
N GLY B 69 18.00 -3.29 -4.05
CA GLY B 69 17.63 -3.38 -2.61
C GLY B 69 16.86 -4.68 -2.37
N TYR B 70 16.15 -5.13 -3.37
CA TYR B 70 15.36 -6.38 -3.23
C TYR B 70 16.30 -7.58 -3.03
N VAL B 71 17.39 -7.67 -3.78
CA VAL B 71 18.29 -8.85 -3.59
C VAL B 71 19.00 -8.69 -2.23
N ALA B 72 19.21 -7.49 -1.80
CA ALA B 72 19.90 -7.27 -0.50
C ALA B 72 19.04 -7.82 0.64
N PHE B 73 17.85 -7.30 0.80
CA PHE B 73 16.97 -7.75 1.92
C PHE B 73 16.80 -9.28 1.92
N THR B 74 16.66 -9.89 0.77
CA THR B 74 16.46 -11.37 0.73
C THR B 74 17.78 -12.11 0.92
N SER B 75 18.87 -11.52 0.50
CA SER B 75 20.19 -12.20 0.62
C SER B 75 20.58 -12.38 2.10
N HIS B 76 20.08 -11.56 2.98
CA HIS B 76 20.44 -11.71 4.42
C HIS B 76 19.61 -12.85 5.04
N PRO B 77 20.27 -13.81 5.65
CA PRO B 77 19.58 -14.96 6.32
C PRO B 77 18.38 -14.50 7.17
N LEU B 78 18.19 -13.21 7.32
CA LEU B 78 17.05 -12.68 8.14
C LEU B 78 15.72 -12.81 7.38
N HIS B 79 15.75 -12.84 6.07
CA HIS B 79 14.49 -12.90 5.30
C HIS B 79 13.91 -14.31 5.33
N VAL B 80 14.74 -15.30 5.17
CA VAL B 80 14.24 -16.70 5.16
C VAL B 80 13.65 -17.06 6.53
N GLU B 81 14.41 -16.89 7.57
CA GLU B 81 13.87 -17.17 8.92
C GLU B 81 12.53 -16.49 9.12
N PHE B 82 12.33 -15.36 8.48
CA PHE B 82 11.04 -14.63 8.61
C PHE B 82 9.95 -15.39 7.84
N SER B 83 10.29 -15.94 6.71
CA SER B 83 9.25 -16.66 5.90
C SER B 83 8.73 -17.88 6.67
N ALA B 84 9.59 -18.61 7.32
CA ALA B 84 9.12 -19.81 8.07
C ALA B 84 8.21 -19.34 9.20
N ALA B 85 8.67 -18.41 9.97
CA ALA B 85 7.84 -17.91 11.10
C ALA B 85 6.62 -17.19 10.54
N PHE B 86 6.80 -16.38 9.54
CA PHE B 86 5.63 -15.66 8.95
C PHE B 86 4.50 -16.66 8.79
N THR B 87 4.81 -17.91 8.55
CA THR B 87 3.73 -18.91 8.39
C THR B 87 3.23 -19.29 9.77
N ALA B 88 4.08 -19.87 10.57
CA ALA B 88 3.67 -20.25 11.95
C ALA B 88 2.80 -19.15 12.57
N VAL B 89 2.92 -17.95 12.10
CA VAL B 89 2.12 -16.84 12.67
C VAL B 89 1.07 -16.33 11.67
N ILE B 90 0.91 -16.98 10.54
CA ILE B 90 -0.11 -16.52 9.57
C ILE B 90 -1.15 -17.61 9.32
N ASP B 91 -2.33 -17.21 8.93
CA ASP B 91 -3.43 -18.19 8.66
C ASP B 91 -3.58 -18.34 7.13
N LYS B 92 -3.29 -17.28 6.42
CA LYS B 92 -3.40 -17.29 4.94
C LYS B 92 -2.38 -16.29 4.36
N ILE B 93 -1.86 -16.54 3.18
CA ILE B 93 -0.85 -15.60 2.62
C ILE B 93 -1.29 -15.13 1.22
N VAL B 94 -1.43 -13.84 1.06
CA VAL B 94 -1.84 -13.26 -0.27
C VAL B 94 -0.87 -12.14 -0.64
N LEU B 95 -0.36 -12.09 -1.86
CA LEU B 95 0.62 -11.01 -2.20
C LEU B 95 0.38 -10.43 -3.60
N LEU B 96 0.44 -9.13 -3.72
CA LEU B 96 0.31 -8.47 -5.05
C LEU B 96 1.63 -7.77 -5.41
N ASP B 97 2.24 -8.13 -6.51
CA ASP B 97 3.52 -7.47 -6.90
C ASP B 97 3.36 -6.86 -8.29
N PHE B 98 3.70 -5.60 -8.44
CA PHE B 98 3.56 -4.95 -9.79
C PHE B 98 4.35 -3.64 -9.84
N PRO B 99 5.01 -3.36 -10.93
CA PRO B 99 5.77 -2.09 -11.10
C PRO B 99 4.96 -0.87 -10.67
N VAL B 100 5.44 -0.11 -9.72
CA VAL B 100 4.69 1.09 -9.27
C VAL B 100 5.37 2.36 -9.78
N ALA B 101 4.59 3.29 -10.28
CA ALA B 101 5.18 4.56 -10.79
C ALA B 101 4.78 5.72 -9.86
N ALA B 102 5.40 5.81 -8.72
CA ALA B 102 5.04 6.91 -7.78
C ALA B 102 6.03 8.07 -7.96
N VAL B 103 5.56 9.19 -8.44
CA VAL B 103 6.46 10.35 -8.65
C VAL B 103 5.77 11.61 -8.11
N LYS B 104 4.58 11.89 -8.58
CA LYS B 104 3.85 13.09 -8.08
C LYS B 104 4.67 14.34 -8.38
N SER B 105 4.87 15.18 -7.39
CA SER B 105 5.66 16.42 -7.64
C SER B 105 4.81 17.39 -8.46
N SER B 106 3.80 16.89 -9.11
CA SER B 106 2.95 17.78 -9.94
C SER B 106 2.01 16.92 -10.80
N VAL B 107 2.53 15.86 -11.35
CA VAL B 107 1.70 14.98 -12.23
C VAL B 107 2.13 13.53 -12.03
N VAL B 108 1.20 12.62 -12.09
CA VAL B 108 1.54 11.18 -11.92
C VAL B 108 1.11 10.40 -13.15
N ALA B 109 0.79 11.09 -14.21
CA ALA B 109 0.37 10.38 -15.45
C ALA B 109 1.47 9.43 -15.88
N THR B 110 1.15 8.23 -16.26
CA THR B 110 2.21 7.28 -16.69
C THR B 110 1.81 6.63 -18.01
N PRO B 111 1.85 7.38 -19.08
CA PRO B 111 1.48 6.86 -20.43
C PRO B 111 2.11 5.49 -20.72
N MET A 1 -6.29 6.88 14.86
CA MET A 1 -5.29 7.56 15.73
C MET A 1 -4.58 8.65 14.94
N ALA A 2 -4.46 8.49 13.65
CA ALA A 2 -3.78 9.53 12.83
C ALA A 2 -2.45 9.91 13.50
N THR A 3 -1.57 8.96 13.68
CA THR A 3 -0.27 9.27 14.33
C THR A 3 0.51 10.26 13.45
N SER A 4 0.61 9.96 12.18
CA SER A 4 1.32 10.87 11.25
C SER A 4 0.62 10.85 9.90
N GLY A 5 1.08 10.04 8.99
CA GLY A 5 0.41 10.00 7.66
C GLY A 5 -0.88 9.16 7.76
N PHE A 6 -1.82 9.42 6.90
CA PHE A 6 -3.08 8.64 6.92
C PHE A 6 -3.23 7.93 5.58
N LYS A 7 -3.43 6.64 5.58
CA LYS A 7 -3.51 5.91 4.28
C LYS A 7 -4.93 5.45 3.95
N HIS A 8 -5.29 5.60 2.71
CA HIS A 8 -6.58 5.11 2.20
C HIS A 8 -6.26 4.20 1.01
N LEU A 9 -6.68 2.97 1.04
CA LEU A 9 -6.33 2.07 -0.09
C LEU A 9 -7.57 1.33 -0.56
N VAL A 10 -7.70 1.14 -1.84
CA VAL A 10 -8.89 0.43 -2.36
C VAL A 10 -8.42 -0.69 -3.32
N VAL A 11 -8.99 -1.85 -3.18
CA VAL A 11 -8.60 -2.97 -4.09
C VAL A 11 -9.82 -3.25 -4.95
N VAL A 12 -9.67 -3.30 -6.24
CA VAL A 12 -10.89 -3.51 -7.06
C VAL A 12 -10.70 -4.56 -8.16
N LYS A 13 -11.79 -5.05 -8.67
CA LYS A 13 -11.77 -6.03 -9.78
C LYS A 13 -12.77 -5.53 -10.83
N PHE A 14 -12.55 -5.82 -12.08
CA PHE A 14 -13.48 -5.30 -13.14
C PHE A 14 -14.34 -6.41 -13.74
N LYS A 15 -15.56 -6.09 -14.12
CA LYS A 15 -16.43 -7.10 -14.77
C LYS A 15 -17.02 -6.49 -16.05
N GLU A 16 -17.01 -5.19 -16.15
CA GLU A 16 -17.52 -4.53 -17.39
C GLU A 16 -16.31 -4.35 -18.32
N ASP A 17 -15.32 -3.65 -17.83
CA ASP A 17 -14.07 -3.42 -18.60
C ASP A 17 -13.44 -2.16 -18.02
N THR A 18 -13.00 -2.23 -16.79
CA THR A 18 -12.45 -1.02 -16.11
C THR A 18 -11.26 -0.43 -16.86
N LYS A 19 -11.47 0.72 -17.45
CA LYS A 19 -10.37 1.42 -18.14
C LYS A 19 -9.55 2.06 -17.02
N VAL A 20 -8.60 1.34 -16.49
CA VAL A 20 -7.78 1.87 -15.37
C VAL A 20 -7.00 3.11 -15.82
N ASP A 21 -6.53 3.10 -17.03
CA ASP A 21 -5.76 4.28 -17.54
C ASP A 21 -6.66 5.50 -17.67
N GLU A 22 -7.86 5.35 -18.15
CA GLU A 22 -8.77 6.53 -18.23
C GLU A 22 -9.11 6.94 -16.80
N ILE A 23 -9.17 5.97 -15.94
CA ILE A 23 -9.44 6.25 -14.51
C ILE A 23 -8.25 7.03 -13.99
N LEU A 24 -7.08 6.64 -14.43
CA LEU A 24 -5.83 7.33 -14.02
C LEU A 24 -5.98 8.83 -14.32
N LYS A 25 -6.66 9.18 -15.38
CA LYS A 25 -6.83 10.64 -15.67
C LYS A 25 -7.57 11.25 -14.49
N GLY A 26 -8.46 10.50 -13.91
CA GLY A 26 -9.19 11.02 -12.72
C GLY A 26 -8.16 11.31 -11.63
N LEU A 27 -7.36 10.33 -11.29
CA LEU A 27 -6.30 10.55 -10.27
C LEU A 27 -5.49 11.80 -10.64
N GLU A 28 -5.08 11.92 -11.87
CA GLU A 28 -4.33 13.14 -12.28
C GLU A 28 -5.20 14.34 -11.94
N ASN A 29 -6.48 14.20 -12.11
CA ASN A 29 -7.40 15.33 -11.77
C ASN A 29 -7.27 15.60 -10.27
N LEU A 30 -7.25 14.55 -9.47
CA LEU A 30 -7.10 14.71 -8.00
C LEU A 30 -5.92 15.64 -7.72
N VAL A 31 -4.80 15.39 -8.37
CA VAL A 31 -3.61 16.27 -8.15
C VAL A 31 -4.03 17.73 -8.32
N SER A 32 -5.05 17.97 -9.08
CA SER A 32 -5.52 19.36 -9.28
C SER A 32 -5.61 20.04 -7.91
N GLN A 33 -6.14 19.36 -6.93
CA GLN A 33 -6.25 19.95 -5.56
C GLN A 33 -5.04 19.58 -4.70
N ILE A 34 -4.34 18.49 -4.96
CA ILE A 34 -3.18 18.16 -4.10
C ILE A 34 -2.03 19.12 -4.35
N ASP A 35 -2.31 20.31 -4.80
CA ASP A 35 -1.19 21.27 -5.00
C ASP A 35 -0.59 21.49 -3.61
N THR A 36 -1.26 20.94 -2.62
CA THR A 36 -0.80 21.07 -1.23
C THR A 36 0.43 20.19 -1.03
N VAL A 37 0.79 19.43 -2.02
CA VAL A 37 1.98 18.55 -1.88
C VAL A 37 2.08 18.08 -0.43
N LYS A 38 0.97 17.91 0.21
CA LYS A 38 0.97 17.44 1.62
C LYS A 38 0.24 16.10 1.65
N SER A 39 0.46 15.30 0.64
CA SER A 39 -0.24 13.99 0.57
C SER A 39 0.32 13.20 -0.62
N PHE A 40 -0.12 11.99 -0.83
CA PHE A 40 0.42 11.22 -1.99
C PHE A 40 -0.63 10.28 -2.60
N GLU A 41 -0.45 9.96 -3.86
CA GLU A 41 -1.41 9.06 -4.56
C GLU A 41 -0.74 8.41 -5.79
N TRP A 42 -0.82 7.11 -5.91
CA TRP A 42 -0.22 6.41 -7.09
C TRP A 42 -1.14 5.26 -7.47
N GLY A 43 -0.85 4.54 -8.52
CA GLY A 43 -1.76 3.42 -8.90
C GLY A 43 -0.97 2.12 -9.08
N GLU A 44 -1.65 1.00 -9.06
CA GLU A 44 -0.94 -0.29 -9.24
C GLU A 44 -1.84 -1.27 -9.99
N ASP A 45 -1.27 -2.00 -10.91
CA ASP A 45 -2.03 -3.04 -11.64
C ASP A 45 -1.31 -4.37 -11.39
N LYS A 46 -2.01 -5.47 -11.38
CA LYS A 46 -1.31 -6.75 -11.05
C LYS A 46 -0.40 -7.15 -12.21
N GLU A 47 0.77 -6.57 -12.27
CA GLU A 47 1.75 -6.96 -13.32
C GLU A 47 2.98 -7.59 -12.66
N SER A 48 2.80 -8.62 -11.90
CA SER A 48 3.96 -9.29 -11.22
C SER A 48 3.67 -10.78 -11.02
N HIS A 49 3.90 -11.58 -12.01
CA HIS A 49 3.71 -13.06 -11.84
C HIS A 49 2.29 -13.35 -11.38
N ASP A 50 1.54 -14.08 -12.17
CA ASP A 50 0.14 -14.43 -11.79
C ASP A 50 0.08 -14.86 -10.32
N MET A 51 1.10 -15.51 -9.82
CA MET A 51 1.06 -16.00 -8.41
C MET A 51 1.31 -14.84 -7.43
N LEU A 52 2.10 -13.87 -7.80
CA LEU A 52 2.37 -12.76 -6.85
C LEU A 52 1.42 -11.58 -7.14
N ARG A 53 0.74 -11.63 -8.25
CA ARG A 53 -0.19 -10.52 -8.63
C ARG A 53 -1.62 -10.83 -8.21
N GLN A 54 -1.86 -11.96 -7.58
CA GLN A 54 -3.24 -12.29 -7.13
C GLN A 54 -4.26 -11.98 -8.25
N GLY A 55 -3.79 -11.87 -9.47
CA GLY A 55 -4.70 -11.67 -10.64
C GLY A 55 -5.72 -10.54 -10.41
N PHE A 56 -5.67 -9.85 -9.30
CA PHE A 56 -6.67 -8.75 -9.08
C PHE A 56 -6.74 -7.84 -10.32
N THR A 57 -6.93 -6.56 -10.12
CA THR A 57 -6.99 -5.61 -11.27
C THR A 57 -6.17 -4.34 -10.98
N HIS A 58 -6.46 -3.66 -9.91
CA HIS A 58 -5.68 -2.42 -9.61
C HIS A 58 -5.98 -1.95 -8.18
N ALA A 59 -5.05 -1.26 -7.57
CA ALA A 59 -5.28 -0.77 -6.19
C ALA A 59 -4.72 0.65 -6.07
N PHE A 60 -5.58 1.60 -5.82
CA PHE A 60 -5.11 3.00 -5.64
C PHE A 60 -4.80 3.23 -4.16
N SER A 61 -3.66 3.79 -3.87
CA SER A 61 -3.28 4.00 -2.44
C SER A 61 -3.04 5.50 -2.23
N MET A 62 -3.76 6.11 -1.34
CA MET A 62 -3.55 7.55 -1.07
C MET A 62 -3.06 7.78 0.34
N THR A 63 -2.05 8.61 0.47
CA THR A 63 -1.47 8.89 1.81
C THR A 63 -1.55 10.40 2.04
N PHE A 64 -1.82 10.84 3.24
CA PHE A 64 -1.92 12.30 3.50
C PHE A 64 -0.83 12.74 4.48
N GLU A 65 -0.51 14.01 4.52
CA GLU A 65 0.54 14.47 5.47
C GLU A 65 -0.11 14.58 6.84
N ASN A 66 -1.38 14.85 6.86
CA ASN A 66 -2.12 14.99 8.15
C ASN A 66 -3.61 15.16 7.83
N LYS A 67 -4.42 15.33 8.84
CA LYS A 67 -5.88 15.51 8.60
C LYS A 67 -6.19 16.81 7.87
N ASP A 68 -5.35 17.81 8.01
CA ASP A 68 -5.65 19.12 7.33
C ASP A 68 -5.67 18.93 5.81
N GLY A 69 -4.73 18.21 5.26
CA GLY A 69 -4.74 18.00 3.79
C GLY A 69 -5.90 17.09 3.42
N TYR A 70 -6.24 16.18 4.30
CA TYR A 70 -7.37 15.25 4.02
C TYR A 70 -8.69 16.01 3.99
N VAL A 71 -8.96 16.89 4.92
CA VAL A 71 -10.25 17.63 4.88
C VAL A 71 -10.22 18.60 3.70
N ALA A 72 -9.06 19.08 3.35
CA ALA A 72 -8.95 20.04 2.22
C ALA A 72 -9.37 19.35 0.92
N PHE A 73 -8.67 18.31 0.55
CA PHE A 73 -8.99 17.63 -0.74
C PHE A 73 -10.46 17.15 -0.78
N THR A 74 -10.90 16.46 0.24
CA THR A 74 -12.30 15.92 0.21
C THR A 74 -13.31 17.06 0.14
N SER A 75 -12.97 18.21 0.66
CA SER A 75 -13.94 19.35 0.66
C SER A 75 -14.30 19.75 -0.78
N HIS A 76 -14.01 18.93 -1.75
CA HIS A 76 -14.37 19.29 -3.16
C HIS A 76 -15.30 18.21 -3.75
N PRO A 77 -16.15 18.59 -4.67
CA PRO A 77 -17.09 17.63 -5.33
C PRO A 77 -16.39 16.76 -6.40
N LEU A 78 -15.09 16.76 -6.42
CA LEU A 78 -14.33 15.96 -7.43
C LEU A 78 -14.33 14.46 -7.06
N HIS A 79 -14.40 14.14 -5.80
CA HIS A 79 -14.34 12.71 -5.39
C HIS A 79 -15.74 12.10 -5.43
N VAL A 80 -16.73 12.83 -4.99
CA VAL A 80 -18.11 12.28 -4.98
C VAL A 80 -18.53 11.88 -6.39
N GLU A 81 -18.50 12.80 -7.31
CA GLU A 81 -18.87 12.47 -8.72
C GLU A 81 -17.95 11.36 -9.23
N PHE A 82 -16.70 11.42 -8.90
CA PHE A 82 -15.75 10.37 -9.35
C PHE A 82 -16.04 9.05 -8.62
N SER A 83 -16.32 9.11 -7.35
CA SER A 83 -16.59 7.87 -6.58
C SER A 83 -17.82 7.15 -7.16
N ALA A 84 -18.82 7.88 -7.56
CA ALA A 84 -20.04 7.21 -8.13
C ALA A 84 -19.61 6.37 -9.32
N ALA A 85 -18.93 6.97 -10.26
CA ALA A 85 -18.47 6.20 -11.45
C ALA A 85 -17.39 5.22 -11.00
N PHE A 86 -16.51 5.63 -10.14
CA PHE A 86 -15.46 4.69 -9.66
C PHE A 86 -16.11 3.35 -9.36
N THR A 87 -17.36 3.36 -8.96
CA THR A 87 -18.04 2.08 -8.66
C THR A 87 -18.56 1.52 -9.98
N ALA A 88 -19.45 2.24 -10.62
CA ALA A 88 -20.01 1.79 -11.91
C ALA A 88 -18.93 1.08 -12.73
N VAL A 89 -17.68 1.43 -12.52
CA VAL A 89 -16.59 0.79 -13.31
C VAL A 89 -15.87 -0.28 -12.48
N ILE A 90 -16.46 -0.74 -11.40
CA ILE A 90 -15.78 -1.79 -10.58
C ILE A 90 -16.69 -3.01 -10.43
N ASP A 91 -16.10 -4.13 -10.12
CA ASP A 91 -16.87 -5.39 -9.91
C ASP A 91 -17.00 -5.65 -8.41
N LYS A 92 -15.97 -5.30 -7.69
CA LYS A 92 -15.96 -5.48 -6.21
C LYS A 92 -15.18 -4.32 -5.56
N ILE A 93 -15.60 -3.85 -4.41
CA ILE A 93 -14.87 -2.71 -3.78
C ILE A 93 -14.36 -3.11 -2.39
N VAL A 94 -13.07 -3.02 -2.19
CA VAL A 94 -12.46 -3.37 -0.86
C VAL A 94 -11.58 -2.20 -0.40
N LEU A 95 -11.72 -1.70 0.81
CA LEU A 95 -10.88 -0.54 1.22
C LEU A 95 -10.30 -0.73 2.64
N LEU A 96 -9.01 -0.49 2.77
CA LEU A 96 -8.36 -0.59 4.11
C LEU A 96 -7.69 0.75 4.44
N ASP A 97 -7.98 1.32 5.59
CA ASP A 97 -7.35 2.62 5.96
C ASP A 97 -6.67 2.47 7.32
N PHE A 98 -5.45 2.94 7.45
CA PHE A 98 -4.75 2.82 8.76
C PHE A 98 -3.67 3.91 8.89
N PRO A 99 -3.66 4.65 9.98
CA PRO A 99 -2.63 5.71 10.22
C PRO A 99 -1.21 5.19 9.92
N VAL A 100 -0.43 5.96 9.21
CA VAL A 100 0.96 5.52 8.89
C VAL A 100 1.96 6.35 9.71
N ALA A 101 2.86 5.68 10.38
CA ALA A 101 3.88 6.41 11.20
C ALA A 101 5.21 6.46 10.44
N ALA A 102 5.36 7.38 9.53
CA ALA A 102 6.63 7.49 8.77
C ALA A 102 7.76 7.87 9.72
N VAL A 103 8.24 6.94 10.48
CA VAL A 103 9.34 7.24 11.44
C VAL A 103 10.13 5.96 11.74
N LYS A 104 9.49 4.83 11.64
CA LYS A 104 10.19 3.55 11.92
C LYS A 104 11.67 3.83 12.17
N SER A 105 12.52 3.50 11.24
CA SER A 105 13.98 3.77 11.43
C SER A 105 14.49 2.86 12.55
N SER A 106 13.61 2.20 13.24
CA SER A 106 14.05 1.29 14.33
C SER A 106 15.04 0.28 13.78
N VAL A 107 16.13 0.08 14.47
CA VAL A 107 17.16 -0.89 14.01
C VAL A 107 17.71 -1.65 15.21
N VAL A 108 16.84 -2.00 16.13
CA VAL A 108 17.29 -2.74 17.34
C VAL A 108 16.34 -3.89 17.62
N ALA A 109 16.85 -5.03 17.99
CA ALA A 109 15.96 -6.18 18.28
C ALA A 109 15.50 -6.08 19.73
N THR A 110 14.66 -6.98 20.18
CA THR A 110 14.19 -6.91 21.58
C THR A 110 14.19 -8.31 22.19
N PRO A 111 15.35 -8.87 22.44
CA PRO A 111 15.48 -10.22 23.02
C PRO A 111 15.31 -10.21 24.55
N MET B 1 8.33 -4.66 -14.72
CA MET B 1 8.97 -3.55 -15.47
C MET B 1 9.96 -2.81 -14.56
N ALA B 2 9.70 -2.80 -13.28
CA ALA B 2 10.62 -2.09 -12.35
C ALA B 2 10.94 -0.70 -12.90
N THR B 3 9.93 0.12 -13.09
CA THR B 3 10.16 1.49 -13.63
C THR B 3 11.02 2.28 -12.64
N SER B 4 10.64 2.27 -11.39
CA SER B 4 11.42 2.99 -10.36
C SER B 4 11.37 2.19 -9.06
N GLY B 5 10.47 2.52 -8.18
CA GLY B 5 10.39 1.76 -6.90
C GLY B 5 9.68 0.42 -7.15
N PHE B 6 9.96 -0.56 -6.32
CA PHE B 6 9.31 -1.88 -6.49
C PHE B 6 8.52 -2.17 -5.21
N LYS B 7 7.25 -2.48 -5.31
CA LYS B 7 6.45 -2.72 -4.08
C LYS B 7 6.09 -4.18 -3.87
N HIS B 8 6.20 -4.61 -2.65
CA HIS B 8 5.79 -5.98 -2.26
C HIS B 8 4.78 -5.81 -1.12
N LEU B 9 3.60 -6.32 -1.25
CA LEU B 9 2.60 -6.13 -0.16
C LEU B 9 1.94 -7.46 0.17
N VAL B 10 1.68 -7.69 1.41
CA VAL B 10 1.04 -8.96 1.82
C VAL B 10 -0.17 -8.67 2.71
N VAL B 11 -1.27 -9.30 2.46
CA VAL B 11 -2.47 -9.07 3.31
C VAL B 11 -2.70 -10.37 4.08
N VAL B 12 -2.85 -10.32 5.36
CA VAL B 12 -3.01 -11.60 6.09
C VAL B 12 -4.13 -11.57 7.12
N LYS B 13 -4.56 -12.74 7.52
CA LYS B 13 -5.61 -12.87 8.56
C LYS B 13 -5.09 -13.89 9.58
N PHE B 14 -5.49 -13.80 10.82
CA PHE B 14 -4.95 -14.75 11.84
C PHE B 14 -6.02 -15.74 12.31
N LYS B 15 -5.62 -16.94 12.63
CA LYS B 15 -6.59 -17.95 13.16
C LYS B 15 -6.02 -18.57 14.44
N GLU B 16 -4.73 -18.46 14.63
CA GLU B 16 -4.11 -18.99 15.87
C GLU B 16 -4.08 -17.85 16.89
N ASP B 17 -3.45 -16.77 16.52
CA ASP B 17 -3.38 -15.56 17.38
C ASP B 17 -2.14 -14.79 16.93
N THR B 18 -2.17 -14.29 15.72
CA THR B 18 -0.97 -13.58 15.17
C THR B 18 -0.53 -12.41 16.04
N LYS B 19 0.57 -12.56 16.69
CA LYS B 19 1.15 -11.46 17.49
C LYS B 19 1.78 -10.51 16.48
N VAL B 20 1.01 -9.60 15.96
CA VAL B 20 1.54 -8.65 14.93
C VAL B 20 2.68 -7.81 15.52
N ASP B 21 2.55 -7.42 16.75
CA ASP B 21 3.62 -6.60 17.39
C ASP B 21 4.92 -7.40 17.54
N GLU B 22 4.83 -8.64 17.94
CA GLU B 22 6.08 -9.45 18.04
C GLU B 22 6.60 -9.66 16.62
N ILE B 23 5.71 -9.75 15.69
CA ILE B 23 6.10 -9.89 14.28
C ILE B 23 6.80 -8.60 13.89
N LEU B 24 6.29 -7.50 14.37
CA LEU B 24 6.90 -6.17 14.10
C LEU B 24 8.37 -6.21 14.48
N LYS B 25 8.71 -6.93 15.53
CA LYS B 25 10.16 -7.02 15.91
C LYS B 25 10.90 -7.61 14.72
N GLY B 26 10.28 -8.52 14.03
CA GLY B 26 10.93 -9.12 12.84
C GLY B 26 11.20 -8.00 11.84
N LEU B 27 10.18 -7.26 11.49
CA LEU B 27 10.38 -6.12 10.56
C LEU B 27 11.52 -5.25 11.06
N GLU B 28 11.52 -4.90 12.33
CA GLU B 28 12.65 -4.08 12.86
C GLU B 28 13.94 -4.83 12.55
N ASN B 29 13.91 -6.13 12.63
CA ASN B 29 15.11 -6.93 12.31
C ASN B 29 15.48 -6.67 10.84
N LEU B 30 14.48 -6.67 9.98
CA LEU B 30 14.72 -6.42 8.54
C LEU B 30 15.56 -5.15 8.40
N VAL B 31 15.18 -4.10 9.10
CA VAL B 31 15.96 -2.83 9.03
C VAL B 31 17.43 -3.14 9.27
N SER B 32 17.71 -4.20 9.97
CA SER B 32 19.13 -4.56 10.23
C SER B 32 19.90 -4.49 8.91
N GLN B 33 19.33 -5.01 7.85
CA GLN B 33 20.01 -4.97 6.53
C GLN B 33 19.60 -3.74 5.72
N ILE B 34 18.44 -3.16 5.95
CA ILE B 34 18.07 -1.96 5.14
C ILE B 34 18.91 -0.76 5.53
N ASP B 35 20.09 -0.97 6.04
CA ASP B 35 20.93 0.21 6.38
C ASP B 35 21.18 0.91 5.05
N THR B 36 20.77 0.27 4.00
CA THR B 36 20.94 0.83 2.64
C THR B 36 19.98 2.01 2.46
N VAL B 37 19.13 2.23 3.43
CA VAL B 37 18.16 3.36 3.29
C VAL B 37 17.77 3.51 1.82
N LYS B 38 17.75 2.43 1.10
CA LYS B 38 17.36 2.50 -0.33
C LYS B 38 16.09 1.67 -0.51
N SER B 39 15.22 1.75 0.45
CA SER B 39 13.97 0.94 0.39
C SER B 39 13.05 1.35 1.55
N PHE B 40 11.87 0.80 1.65
CA PHE B 40 10.99 1.20 2.80
C PHE B 40 10.12 0.03 3.27
N GLU B 41 9.69 0.09 4.51
CA GLU B 41 8.84 -0.98 5.08
C GLU B 41 8.05 -0.45 6.30
N TRP B 42 6.76 -0.66 6.32
CA TRP B 42 5.94 -0.19 7.49
C TRP B 42 4.85 -1.23 7.74
N GLY B 43 4.05 -1.07 8.74
CA GLY B 43 2.97 -2.09 8.99
C GLY B 43 1.61 -1.43 9.13
N GLU B 44 0.56 -2.19 8.99
CA GLU B 44 -0.81 -1.60 9.11
C GLU B 44 -1.75 -2.63 9.74
N ASP B 45 -2.58 -2.19 10.63
CA ASP B 45 -3.59 -3.07 11.25
C ASP B 45 -4.96 -2.46 10.94
N LYS B 46 -5.99 -3.24 10.81
CA LYS B 46 -7.30 -2.62 10.44
C LYS B 46 -7.86 -1.83 11.63
N GLU B 47 -7.38 -0.63 11.80
CA GLU B 47 -7.92 0.25 12.88
C GLU B 47 -8.61 1.47 12.26
N SER B 48 -9.58 1.25 11.42
CA SER B 48 -10.29 2.40 10.78
C SER B 48 -11.73 2.01 10.44
N HIS B 49 -12.63 2.10 11.40
CA HIS B 49 -14.06 1.81 11.12
C HIS B 49 -14.19 0.39 10.55
N ASP B 50 -14.91 -0.46 11.24
CA ASP B 50 -15.11 -1.86 10.73
C ASP B 50 -15.43 -1.85 9.23
N MET B 51 -16.14 -0.86 8.77
CA MET B 51 -16.53 -0.83 7.32
C MET B 51 -15.35 -0.42 6.45
N LEU B 52 -14.47 0.41 6.93
CA LEU B 52 -13.32 0.84 6.07
C LEU B 52 -12.10 -0.03 6.39
N ARG B 53 -12.15 -0.78 7.45
CA ARG B 53 -11.00 -1.64 7.84
C ARG B 53 -11.16 -3.08 7.32
N GLN B 54 -12.21 -3.35 6.60
CA GLN B 54 -12.40 -4.72 6.04
C GLN B 54 -12.08 -5.78 7.11
N GLY B 55 -12.09 -5.39 8.35
CA GLY B 55 -11.88 -6.36 9.47
C GLY B 55 -10.65 -7.27 9.26
N PHE B 56 -9.89 -7.09 8.21
CA PHE B 56 -8.71 -7.98 8.01
C PHE B 56 -7.88 -8.05 9.30
N THR B 57 -6.58 -8.12 9.17
CA THR B 57 -5.70 -8.18 10.38
C THR B 57 -4.49 -7.25 10.23
N HIS B 58 -3.72 -7.41 9.20
CA HIS B 58 -2.54 -6.51 9.03
C HIS B 58 -1.95 -6.67 7.62
N ALA B 59 -1.31 -5.65 7.13
CA ALA B 59 -0.70 -5.73 5.77
C ALA B 59 0.67 -5.07 5.78
N PHE B 60 1.70 -5.83 5.54
CA PHE B 60 3.07 -5.23 5.49
C PHE B 60 3.35 -4.79 4.05
N SER B 61 3.83 -3.60 3.88
CA SER B 61 4.11 -3.11 2.50
C SER B 61 5.59 -2.72 2.41
N MET B 62 6.32 -3.35 1.52
CA MET B 62 7.75 -3.00 1.37
C MET B 62 8.01 -2.38 0.01
N THR B 63 8.76 -1.31 -0.01
CA THR B 63 9.07 -0.61 -1.28
C THR B 63 10.60 -0.56 -1.41
N PHE B 64 11.14 -0.70 -2.59
CA PHE B 64 12.62 -0.66 -2.75
C PHE B 64 13.02 0.52 -3.64
N GLU B 65 14.26 0.96 -3.55
CA GLU B 65 14.69 2.10 -4.41
C GLU B 65 14.94 1.56 -5.81
N ASN B 66 15.32 0.32 -5.88
CA ASN B 66 15.60 -0.32 -7.20
C ASN B 66 15.89 -1.80 -6.97
N LYS B 67 16.19 -2.52 -8.01
CA LYS B 67 16.46 -3.99 -7.86
C LYS B 67 17.75 -4.23 -7.06
N ASP B 68 18.68 -3.32 -7.08
CA ASP B 68 19.96 -3.55 -6.33
C ASP B 68 19.69 -3.68 -4.83
N GLY B 69 18.85 -2.84 -4.27
CA GLY B 69 18.55 -2.98 -2.82
C GLY B 69 17.72 -4.24 -2.59
N TYR B 70 16.89 -4.58 -3.54
CA TYR B 70 16.05 -5.80 -3.41
C TYR B 70 16.92 -7.07 -3.41
N VAL B 71 17.88 -7.18 -4.30
CA VAL B 71 18.72 -8.42 -4.28
C VAL B 71 19.61 -8.39 -3.04
N ALA B 72 19.96 -7.21 -2.59
CA ALA B 72 20.84 -7.12 -1.39
C ALA B 72 20.11 -7.68 -0.17
N PHE B 73 18.99 -7.09 0.18
CA PHE B 73 18.25 -7.55 1.40
C PHE B 73 17.90 -9.04 1.30
N THR B 74 17.32 -9.48 0.21
CA THR B 74 16.90 -10.92 0.11
C THR B 74 18.12 -11.83 0.20
N SER B 75 19.27 -11.37 -0.22
CA SER B 75 20.48 -12.23 -0.19
C SER B 75 20.82 -12.66 1.24
N HIS B 76 19.90 -12.52 2.17
CA HIS B 76 20.21 -12.93 3.56
C HIS B 76 19.19 -13.98 4.02
N PRO B 77 19.56 -14.86 4.92
CA PRO B 77 18.66 -15.93 5.44
C PRO B 77 17.66 -15.38 6.48
N LEU B 78 17.55 -14.08 6.59
CA LEU B 78 16.62 -13.46 7.59
C LEU B 78 15.16 -13.57 7.12
N HIS B 79 14.93 -13.56 5.83
CA HIS B 79 13.52 -13.60 5.32
C HIS B 79 13.04 -15.05 5.25
N VAL B 80 13.87 -15.93 4.79
CA VAL B 80 13.44 -17.36 4.66
C VAL B 80 12.99 -17.89 6.01
N GLU B 81 13.85 -17.86 6.99
CA GLU B 81 13.46 -18.35 8.34
C GLU B 81 12.24 -17.57 8.83
N PHE B 82 12.22 -16.29 8.58
CA PHE B 82 11.06 -15.46 9.03
C PHE B 82 9.82 -15.81 8.19
N SER B 83 10.00 -15.99 6.91
CA SER B 83 8.82 -16.32 6.04
C SER B 83 8.18 -17.63 6.49
N ALA B 84 8.96 -18.59 6.87
CA ALA B 84 8.38 -19.89 7.31
C ALA B 84 7.42 -19.62 8.47
N ALA B 85 7.90 -18.96 9.49
CA ALA B 85 7.03 -18.66 10.64
C ALA B 85 5.97 -17.64 10.20
N PHE B 86 6.37 -16.66 9.43
CA PHE B 86 5.37 -15.65 8.96
C PHE B 86 4.11 -16.40 8.52
N THR B 87 4.26 -17.60 8.04
CA THR B 87 3.06 -18.37 7.61
C THR B 87 2.47 -19.04 8.86
N ALA B 88 3.23 -19.89 9.48
CA ALA B 88 2.74 -20.58 10.70
C ALA B 88 1.88 -19.61 11.55
N VAL B 89 2.14 -18.34 11.43
CA VAL B 89 1.36 -17.36 12.24
C VAL B 89 0.28 -16.68 11.39
N ILE B 90 -0.05 -17.22 10.24
CA ILE B 90 -1.11 -16.57 9.41
C ILE B 90 -2.22 -17.56 9.10
N ASP B 91 -3.37 -17.04 8.76
CA ASP B 91 -4.54 -17.90 8.42
C ASP B 91 -4.70 -17.94 6.90
N LYS B 92 -4.38 -16.84 6.26
CA LYS B 92 -4.48 -16.75 4.78
C LYS B 92 -3.35 -15.84 4.26
N ILE B 93 -2.77 -16.13 3.12
CA ILE B 93 -1.65 -15.26 2.63
C ILE B 93 -2.02 -14.69 1.25
N VAL B 94 -2.03 -13.39 1.14
CA VAL B 94 -2.33 -12.73 -0.18
C VAL B 94 -1.21 -11.73 -0.49
N LEU B 95 -0.64 -11.75 -1.67
CA LEU B 95 0.48 -10.78 -1.95
C LEU B 95 0.34 -10.12 -3.33
N LEU B 96 0.47 -8.81 -3.36
CA LEU B 96 0.40 -8.07 -4.67
C LEU B 96 1.69 -7.27 -4.87
N ASP B 97 2.35 -7.43 -5.98
CA ASP B 97 3.61 -6.68 -6.21
C ASP B 97 3.51 -5.92 -7.55
N PHE B 98 3.87 -4.66 -7.56
CA PHE B 98 3.78 -3.87 -8.83
C PHE B 98 4.77 -2.71 -8.82
N PRO B 99 5.58 -2.57 -9.84
CA PRO B 99 6.55 -1.44 -9.94
C PRO B 99 5.91 -0.09 -9.59
N VAL B 100 6.56 0.70 -8.78
CA VAL B 100 5.98 2.02 -8.42
C VAL B 100 6.76 3.15 -9.10
N ALA B 101 6.07 4.04 -9.75
CA ALA B 101 6.75 5.16 -10.45
C ALA B 101 6.65 6.43 -9.61
N ALA B 102 7.50 6.59 -8.62
CA ALA B 102 7.43 7.81 -7.78
C ALA B 102 7.78 9.04 -8.62
N VAL B 103 6.86 9.49 -9.43
CA VAL B 103 7.14 10.68 -10.29
C VAL B 103 5.82 11.37 -10.62
N LYS B 104 4.74 10.63 -10.65
CA LYS B 104 3.42 11.25 -10.96
C LYS B 104 3.59 12.77 -11.10
N SER B 105 3.12 13.52 -10.14
CA SER B 105 3.27 15.00 -10.23
C SER B 105 2.41 15.52 -11.36
N SER B 106 1.86 14.63 -12.15
CA SER B 106 1.00 15.06 -13.28
C SER B 106 -0.13 15.94 -12.74
N VAL B 107 -0.38 17.05 -13.37
CA VAL B 107 -1.46 17.97 -12.90
C VAL B 107 -2.18 18.53 -14.12
N VAL B 108 -2.40 17.70 -15.13
CA VAL B 108 -3.10 18.18 -16.34
C VAL B 108 -4.15 17.15 -16.77
N ALA B 109 -5.29 17.60 -17.18
CA ALA B 109 -6.35 16.65 -17.61
C ALA B 109 -6.12 16.30 -19.08
N THR B 110 -6.91 15.42 -19.63
CA THR B 110 -6.70 15.06 -21.06
C THR B 110 -8.06 14.97 -21.77
N PRO B 111 -8.70 16.09 -21.97
CA PRO B 111 -10.03 16.16 -22.64
C PRO B 111 -9.90 16.10 -24.17
N MET A 1 -1.53 5.42 14.62
CA MET A 1 -2.47 6.51 15.02
C MET A 1 -2.05 7.82 14.35
N ALA A 2 -2.25 8.92 15.01
CA ALA A 2 -1.86 10.23 14.40
C ALA A 2 -0.40 10.54 14.77
N THR A 3 0.49 9.63 14.50
CA THR A 3 1.93 9.86 14.84
C THR A 3 2.68 10.21 13.57
N SER A 4 2.06 10.05 12.44
CA SER A 4 2.73 10.37 11.14
C SER A 4 1.66 10.75 10.13
N GLY A 5 1.10 9.80 9.45
CA GLY A 5 0.06 10.12 8.44
C GLY A 5 -1.08 9.10 8.50
N PHE A 6 -1.83 8.98 7.45
CA PHE A 6 -2.96 8.01 7.43
C PHE A 6 -3.05 7.41 6.04
N LYS A 7 -3.34 6.14 5.93
CA LYS A 7 -3.42 5.51 4.58
C LYS A 7 -4.82 5.06 4.21
N HIS A 8 -5.15 5.23 2.96
CA HIS A 8 -6.47 4.79 2.43
C HIS A 8 -6.15 3.93 1.22
N LEU A 9 -6.69 2.74 1.13
CA LEU A 9 -6.38 1.89 -0.05
C LEU A 9 -7.67 1.26 -0.57
N VAL A 10 -7.78 1.14 -1.86
CA VAL A 10 -9.01 0.54 -2.44
C VAL A 10 -8.60 -0.53 -3.46
N VAL A 11 -9.30 -1.64 -3.47
CA VAL A 11 -8.98 -2.70 -4.47
C VAL A 11 -10.19 -2.81 -5.37
N VAL A 12 -10.02 -2.74 -6.66
CA VAL A 12 -11.22 -2.78 -7.52
C VAL A 12 -11.07 -3.73 -8.72
N LYS A 13 -12.14 -4.37 -9.05
CA LYS A 13 -12.16 -5.30 -10.22
C LYS A 13 -13.03 -4.66 -11.29
N PHE A 14 -12.78 -4.91 -12.54
CA PHE A 14 -13.58 -4.26 -13.62
C PHE A 14 -14.55 -5.25 -14.28
N LYS A 15 -15.70 -4.77 -14.71
CA LYS A 15 -16.68 -5.66 -15.41
C LYS A 15 -16.97 -5.06 -16.79
N GLU A 16 -16.83 -3.77 -16.92
CA GLU A 16 -17.08 -3.12 -18.25
C GLU A 16 -15.77 -3.17 -19.02
N ASP A 17 -14.74 -2.60 -18.43
CA ASP A 17 -13.39 -2.58 -19.04
C ASP A 17 -12.68 -1.34 -18.50
N THR A 18 -12.34 -1.37 -17.23
CA THR A 18 -11.71 -0.19 -16.59
C THR A 18 -10.45 0.28 -17.33
N LYS A 19 -10.58 1.38 -18.01
CA LYS A 19 -9.40 1.98 -18.68
C LYS A 19 -8.56 2.60 -17.57
N VAL A 20 -7.67 1.83 -17.00
CA VAL A 20 -6.86 2.33 -15.85
C VAL A 20 -6.04 3.56 -16.28
N ASP A 21 -5.50 3.52 -17.45
CA ASP A 21 -4.67 4.67 -17.93
C ASP A 21 -5.52 5.95 -17.99
N GLU A 22 -6.71 5.88 -18.51
CA GLU A 22 -7.55 7.11 -18.56
C GLU A 22 -8.05 7.38 -17.15
N ILE A 23 -8.38 6.34 -16.45
CA ILE A 23 -8.85 6.48 -15.06
C ILE A 23 -7.66 7.00 -14.25
N LEU A 24 -6.54 6.34 -14.40
CA LEU A 24 -5.31 6.77 -13.70
C LEU A 24 -5.00 8.22 -14.07
N LYS A 25 -5.14 8.59 -15.33
CA LYS A 25 -4.89 10.00 -15.71
C LYS A 25 -5.87 10.86 -14.93
N GLY A 26 -6.97 10.28 -14.54
CA GLY A 26 -7.96 11.03 -13.74
C GLY A 26 -7.36 11.29 -12.36
N LEU A 27 -6.93 10.24 -11.70
CA LEU A 27 -6.32 10.40 -10.35
C LEU A 27 -5.34 11.59 -10.39
N GLU A 28 -4.61 11.74 -11.47
CA GLU A 28 -3.68 12.90 -11.56
C GLU A 28 -4.49 14.16 -11.27
N ASN A 29 -5.68 14.23 -11.79
CA ASN A 29 -6.55 15.40 -11.52
C ASN A 29 -6.73 15.49 -10.00
N LEU A 30 -6.94 14.36 -9.35
CA LEU A 30 -7.08 14.35 -7.87
C LEU A 30 -5.91 15.11 -7.26
N VAL A 31 -4.71 14.85 -7.73
CA VAL A 31 -3.52 15.57 -7.19
C VAL A 31 -3.81 17.07 -7.18
N SER A 32 -4.70 17.50 -8.02
CA SER A 32 -5.07 18.93 -8.05
C SER A 32 -5.21 19.43 -6.61
N GLN A 33 -5.85 18.65 -5.77
CA GLN A 33 -6.01 19.05 -4.34
C GLN A 33 -4.70 18.84 -3.56
N ILE A 34 -3.80 18.00 -3.99
CA ILE A 34 -2.56 17.80 -3.19
C ILE A 34 -1.57 18.94 -3.43
N ASP A 35 -2.02 20.06 -3.91
CA ASP A 35 -1.07 21.18 -4.11
C ASP A 35 -0.46 21.42 -2.73
N THR A 36 -1.04 20.79 -1.75
CA THR A 36 -0.56 20.92 -0.36
C THR A 36 0.62 19.97 -0.14
N VAL A 37 0.99 19.25 -1.17
CA VAL A 37 2.12 18.30 -1.01
C VAL A 37 2.11 17.72 0.40
N LYS A 38 0.94 17.54 0.95
CA LYS A 38 0.83 16.97 2.32
C LYS A 38 0.03 15.68 2.21
N SER A 39 0.30 14.90 1.21
CA SER A 39 -0.44 13.64 1.01
C SER A 39 0.16 12.88 -0.19
N PHE A 40 -0.30 11.69 -0.48
CA PHE A 40 0.30 10.97 -1.64
C PHE A 40 -0.71 10.02 -2.29
N GLU A 41 -0.44 9.65 -3.53
CA GLU A 41 -1.36 8.74 -4.28
C GLU A 41 -0.61 8.07 -5.44
N TRP A 42 -0.72 6.77 -5.57
CA TRP A 42 -0.06 6.07 -6.70
C TRP A 42 -1.08 5.09 -7.30
N GLY A 43 -0.77 4.48 -8.41
CA GLY A 43 -1.78 3.54 -9.00
C GLY A 43 -1.12 2.24 -9.45
N GLU A 44 -1.89 1.24 -9.76
CA GLU A 44 -1.31 -0.05 -10.19
C GLU A 44 -2.33 -0.82 -11.02
N ASP A 45 -1.86 -1.66 -11.90
CA ASP A 45 -2.75 -2.50 -12.72
C ASP A 45 -1.93 -3.70 -13.19
N LYS A 46 -1.85 -4.75 -12.43
CA LYS A 46 -1.03 -5.91 -12.89
C LYS A 46 -1.90 -6.88 -13.69
N GLU A 47 -1.29 -7.83 -14.34
CA GLU A 47 -2.07 -8.87 -15.08
C GLU A 47 -1.23 -10.14 -15.20
N SER A 48 -0.29 -10.34 -14.30
CA SER A 48 0.59 -11.54 -14.38
C SER A 48 -0.16 -12.78 -13.85
N HIS A 49 0.42 -13.47 -12.90
CA HIS A 49 -0.22 -14.72 -12.40
C HIS A 49 -1.36 -14.37 -11.45
N ASP A 50 -2.34 -15.25 -11.33
CA ASP A 50 -3.48 -14.99 -10.41
C ASP A 50 -3.03 -15.09 -8.95
N MET A 51 -2.22 -16.07 -8.62
CA MET A 51 -1.77 -16.23 -7.22
C MET A 51 -0.87 -15.05 -6.79
N LEU A 52 0.00 -14.60 -7.65
CA LEU A 52 0.85 -13.43 -7.29
C LEU A 52 0.02 -12.14 -7.36
N ARG A 53 -0.43 -11.78 -8.53
CA ARG A 53 -1.25 -10.55 -8.68
C ARG A 53 -2.62 -10.70 -7.99
N GLN A 54 -2.76 -11.64 -7.11
CA GLN A 54 -4.08 -11.85 -6.45
C GLN A 54 -5.21 -11.83 -7.49
N GLY A 55 -4.84 -11.82 -8.75
CA GLY A 55 -5.87 -11.85 -9.84
C GLY A 55 -6.66 -10.53 -9.96
N PHE A 56 -6.56 -9.64 -9.01
CA PHE A 56 -7.34 -8.36 -9.12
C PHE A 56 -7.03 -7.69 -10.47
N THR A 57 -6.82 -6.39 -10.45
CA THR A 57 -6.51 -5.67 -11.73
C THR A 57 -5.91 -4.28 -11.43
N HIS A 58 -6.55 -3.50 -10.61
CA HIS A 58 -6.00 -2.14 -10.33
C HIS A 58 -6.36 -1.71 -8.90
N ALA A 59 -5.45 -1.03 -8.25
CA ALA A 59 -5.74 -0.54 -6.88
C ALA A 59 -5.13 0.85 -6.70
N PHE A 60 -5.57 1.56 -5.70
CA PHE A 60 -5.02 2.93 -5.46
C PHE A 60 -4.69 3.07 -3.97
N SER A 61 -3.52 3.55 -3.66
CA SER A 61 -3.15 3.71 -2.22
C SER A 61 -2.93 5.20 -1.96
N MET A 62 -3.81 5.82 -1.22
CA MET A 62 -3.64 7.27 -0.92
C MET A 62 -3.21 7.47 0.52
N THR A 63 -2.21 8.28 0.71
CA THR A 63 -1.70 8.56 2.08
C THR A 63 -1.87 10.07 2.35
N PHE A 64 -2.23 10.45 3.53
CA PHE A 64 -2.42 11.91 3.81
C PHE A 64 -1.48 12.34 4.94
N GLU A 65 -1.18 13.62 5.02
CA GLU A 65 -0.28 14.09 6.11
C GLU A 65 -1.09 14.10 7.41
N ASN A 66 -2.38 14.25 7.28
CA ASN A 66 -3.26 14.28 8.47
C ASN A 66 -4.72 14.35 7.98
N LYS A 67 -5.66 14.44 8.89
CA LYS A 67 -7.09 14.50 8.48
C LYS A 67 -7.40 15.80 7.74
N ASP A 68 -6.64 16.84 7.94
CA ASP A 68 -6.93 18.13 7.25
C ASP A 68 -6.84 17.95 5.73
N GLY A 69 -5.88 17.22 5.24
CA GLY A 69 -5.79 17.02 3.77
C GLY A 69 -6.92 16.10 3.32
N TYR A 70 -7.31 15.19 4.17
CA TYR A 70 -8.40 14.24 3.83
C TYR A 70 -9.75 14.99 3.74
N VAL A 71 -10.05 15.87 4.66
CA VAL A 71 -11.35 16.60 4.55
C VAL A 71 -11.28 17.57 3.38
N ALA A 72 -10.11 18.05 3.07
CA ALA A 72 -9.97 19.00 1.94
C ALA A 72 -10.33 18.29 0.63
N PHE A 73 -9.61 17.27 0.28
CA PHE A 73 -9.88 16.55 -1.00
C PHE A 73 -11.33 16.04 -1.06
N THR A 74 -11.73 15.22 -0.12
CA THR A 74 -13.13 14.68 -0.16
C THR A 74 -14.14 15.83 -0.18
N SER A 75 -13.87 16.90 0.50
CA SER A 75 -14.84 18.04 0.55
C SER A 75 -15.00 18.69 -0.83
N HIS A 76 -13.96 18.72 -1.63
CA HIS A 76 -14.07 19.37 -2.97
C HIS A 76 -14.99 18.52 -3.87
N PRO A 77 -15.97 19.13 -4.48
CA PRO A 77 -16.90 18.42 -5.42
C PRO A 77 -16.15 17.48 -6.38
N LEU A 78 -14.84 17.52 -6.37
CA LEU A 78 -14.04 16.63 -7.28
C LEU A 78 -14.19 15.16 -6.88
N HIS A 79 -14.44 14.89 -5.63
CA HIS A 79 -14.56 13.46 -5.19
C HIS A 79 -15.98 12.95 -5.44
N VAL A 80 -16.96 13.79 -5.29
CA VAL A 80 -18.37 13.36 -5.51
C VAL A 80 -18.56 12.93 -6.96
N GLU A 81 -18.36 13.82 -7.88
CA GLU A 81 -18.53 13.47 -9.32
C GLU A 81 -17.59 12.32 -9.68
N PHE A 82 -16.39 12.33 -9.15
CA PHE A 82 -15.43 11.24 -9.46
C PHE A 82 -15.90 9.93 -8.84
N SER A 83 -16.35 9.97 -7.60
CA SER A 83 -16.81 8.71 -6.94
C SER A 83 -17.97 8.10 -7.72
N ALA A 84 -18.82 8.90 -8.29
CA ALA A 84 -19.98 8.33 -9.05
C ALA A 84 -19.43 7.48 -10.19
N ALA A 85 -18.56 8.05 -10.99
CA ALA A 85 -17.98 7.27 -12.12
C ALA A 85 -17.06 6.20 -11.55
N PHE A 86 -16.28 6.53 -10.56
CA PHE A 86 -15.38 5.50 -9.97
C PHE A 86 -16.17 4.21 -9.82
N THR A 87 -17.45 4.31 -9.61
CA THR A 87 -18.27 3.07 -9.48
C THR A 87 -18.61 2.59 -10.88
N ALA A 88 -19.32 3.39 -11.62
CA ALA A 88 -19.68 3.01 -13.01
C ALA A 88 -18.50 2.32 -13.69
N VAL A 89 -17.31 2.62 -13.27
CA VAL A 89 -16.12 1.99 -13.92
C VAL A 89 -15.54 0.86 -13.03
N ILE A 90 -16.25 0.45 -12.01
CA ILE A 90 -15.72 -0.65 -11.16
C ILE A 90 -16.73 -1.78 -11.04
N ASP A 91 -16.26 -2.95 -10.71
CA ASP A 91 -17.15 -4.14 -10.57
C ASP A 91 -17.36 -4.43 -9.08
N LYS A 92 -16.35 -4.13 -8.29
CA LYS A 92 -16.43 -4.35 -6.82
C LYS A 92 -15.57 -3.29 -6.12
N ILE A 93 -15.95 -2.85 -4.94
CA ILE A 93 -15.14 -1.79 -4.24
C ILE A 93 -14.78 -2.26 -2.83
N VAL A 94 -13.52 -2.22 -2.49
CA VAL A 94 -13.07 -2.61 -1.12
C VAL A 94 -12.11 -1.53 -0.58
N LEU A 95 -12.25 -1.10 0.65
CA LEU A 95 -11.34 -0.03 1.16
C LEU A 95 -10.81 -0.35 2.56
N LEU A 96 -9.51 -0.25 2.74
CA LEU A 96 -8.89 -0.47 4.08
C LEU A 96 -8.19 0.80 4.54
N ASP A 97 -8.48 1.29 5.71
CA ASP A 97 -7.80 2.51 6.21
C ASP A 97 -7.12 2.20 7.55
N PHE A 98 -5.84 2.44 7.66
CA PHE A 98 -5.13 2.14 8.94
C PHE A 98 -4.00 3.16 9.18
N PRO A 99 -3.98 3.78 10.33
CA PRO A 99 -2.90 4.75 10.70
C PRO A 99 -1.50 4.19 10.42
N VAL A 100 -0.72 4.88 9.63
CA VAL A 100 0.65 4.37 9.32
C VAL A 100 1.69 5.23 10.03
N ALA A 101 2.65 4.60 10.66
CA ALA A 101 3.71 5.38 11.38
C ALA A 101 5.03 5.28 10.60
N ALA A 102 5.17 6.08 9.57
CA ALA A 102 6.43 6.03 8.78
C ALA A 102 7.60 6.50 9.64
N VAL A 103 8.17 5.61 10.42
CA VAL A 103 9.30 6.00 11.30
C VAL A 103 10.26 4.82 11.43
N LYS A 104 9.78 3.63 11.21
CA LYS A 104 10.67 2.44 11.33
C LYS A 104 11.56 2.60 12.56
N SER A 105 11.23 1.92 13.64
CA SER A 105 12.07 2.04 14.86
C SER A 105 13.53 1.80 14.49
N SER A 106 13.81 0.73 13.80
CA SER A 106 15.20 0.45 13.38
C SER A 106 16.14 0.68 14.57
N VAL A 107 15.66 0.47 15.76
CA VAL A 107 16.50 0.68 16.96
C VAL A 107 17.53 -0.46 17.04
N VAL A 108 17.07 -1.68 17.05
CA VAL A 108 18.00 -2.84 17.12
C VAL A 108 17.43 -4.00 16.32
N ALA A 109 18.27 -4.71 15.62
CA ALA A 109 17.76 -5.86 14.83
C ALA A 109 18.14 -7.16 15.55
N THR A 110 17.18 -7.95 15.92
CA THR A 110 17.50 -9.22 16.64
C THR A 110 16.54 -10.32 16.18
N PRO A 111 16.96 -11.55 16.30
CA PRO A 111 16.13 -12.73 15.91
C PRO A 111 15.04 -13.03 16.94
N MET B 1 6.46 -0.06 -14.28
CA MET B 1 7.65 -0.89 -14.65
C MET B 1 8.87 -0.42 -13.87
N ALA B 2 10.03 -0.46 -14.46
CA ALA B 2 11.25 -0.01 -13.75
C ALA B 2 11.47 1.48 -13.99
N THR B 3 10.46 2.28 -13.74
CA THR B 3 10.60 3.75 -13.96
C THR B 3 10.80 4.45 -12.62
N SER B 4 10.62 3.73 -11.55
CA SER B 4 10.78 4.33 -10.21
C SER B 4 11.20 3.24 -9.22
N GLY B 5 10.24 2.54 -8.66
CA GLY B 5 10.61 1.47 -7.69
C GLY B 5 9.69 0.26 -7.90
N PHE B 6 9.57 -0.57 -6.91
CA PHE B 6 8.69 -1.78 -7.03
C PHE B 6 8.02 -2.01 -5.68
N LYS B 7 6.77 -2.42 -5.68
CA LYS B 7 6.07 -2.63 -4.38
C LYS B 7 5.70 -4.09 -4.14
N HIS B 8 5.84 -4.49 -2.91
CA HIS B 8 5.47 -5.88 -2.50
C HIS B 8 4.51 -5.72 -1.33
N LEU B 9 3.37 -6.36 -1.36
CA LEU B 9 2.43 -6.19 -0.23
C LEU B 9 1.87 -7.56 0.16
N VAL B 10 1.68 -7.77 1.43
CA VAL B 10 1.14 -9.07 1.88
C VAL B 10 -0.02 -8.83 2.85
N VAL B 11 -1.05 -9.62 2.74
CA VAL B 11 -2.20 -9.46 3.68
C VAL B 11 -2.26 -10.73 4.50
N VAL B 12 -2.28 -10.64 5.79
CA VAL B 12 -2.28 -11.91 6.57
C VAL B 12 -3.32 -11.91 7.70
N LYS B 13 -3.88 -13.06 7.93
CA LYS B 13 -4.87 -13.23 9.02
C LYS B 13 -4.23 -14.13 10.09
N PHE B 14 -4.58 -13.98 11.33
CA PHE B 14 -3.93 -14.81 12.39
C PHE B 14 -4.88 -15.89 12.92
N LYS B 15 -4.33 -17.03 13.30
CA LYS B 15 -5.18 -18.11 13.87
C LYS B 15 -4.65 -18.46 15.27
N GLU B 16 -3.39 -18.22 15.51
CA GLU B 16 -2.81 -18.51 16.85
C GLU B 16 -3.01 -17.25 17.71
N ASP B 17 -2.51 -16.15 17.22
CA ASP B 17 -2.63 -14.85 17.92
C ASP B 17 -1.43 -14.01 17.51
N THR B 18 -1.42 -13.58 16.28
CA THR B 18 -0.25 -12.81 15.76
C THR B 18 0.07 -11.58 16.61
N LYS B 19 1.13 -11.65 17.35
CA LYS B 19 1.58 -10.48 18.14
C LYS B 19 2.19 -9.52 17.12
N VAL B 20 1.38 -8.67 16.55
CA VAL B 20 1.89 -7.73 15.50
C VAL B 20 3.00 -6.85 16.07
N ASP B 21 2.85 -6.39 17.27
CA ASP B 21 3.89 -5.51 17.87
C ASP B 21 5.24 -6.25 17.97
N GLU B 22 5.23 -7.48 18.41
CA GLU B 22 6.53 -8.21 18.49
C GLU B 22 6.93 -8.59 17.07
N ILE B 23 5.96 -8.95 16.29
CA ILE B 23 6.23 -9.32 14.88
C ILE B 23 6.70 -8.04 14.19
N LEU B 24 5.95 -6.99 14.36
CA LEU B 24 6.30 -5.67 13.78
C LEU B 24 7.70 -5.27 14.27
N LYS B 25 7.99 -5.47 15.53
CA LYS B 25 9.35 -5.14 16.02
C LYS B 25 10.35 -5.98 15.24
N GLY B 26 9.89 -7.10 14.74
CA GLY B 26 10.77 -7.97 13.94
C GLY B 26 11.06 -7.26 12.61
N LEU B 27 10.03 -6.87 11.91
CA LEU B 27 10.22 -6.15 10.62
C LEU B 27 11.31 -5.09 10.82
N GLU B 28 11.34 -4.43 11.94
CA GLU B 28 12.40 -3.42 12.18
C GLU B 28 13.74 -4.09 11.91
N ASN B 29 13.88 -5.30 12.37
CA ASN B 29 15.14 -6.05 12.12
C ASN B 29 15.34 -6.12 10.60
N LEU B 30 14.28 -6.38 9.88
CA LEU B 30 14.37 -6.42 8.38
C LEU B 30 15.07 -5.15 7.90
N VAL B 31 14.67 -4.01 8.42
CA VAL B 31 15.32 -2.73 8.01
C VAL B 31 16.84 -2.90 8.09
N SER B 32 17.28 -3.81 8.91
CA SER B 32 18.75 -4.05 9.01
C SER B 32 19.35 -4.06 7.61
N GLN B 33 18.67 -4.70 6.67
CA GLN B 33 19.18 -4.73 5.27
C GLN B 33 18.92 -3.38 4.56
N ILE B 34 17.96 -2.60 4.99
CA ILE B 34 17.71 -1.32 4.25
C ILE B 34 18.74 -0.26 4.64
N ASP B 35 19.86 -0.65 5.16
CA ASP B 35 20.87 0.37 5.49
C ASP B 35 21.15 1.10 4.19
N THR B 36 20.65 0.53 3.12
CA THR B 36 20.84 1.13 1.78
C THR B 36 19.80 2.24 1.58
N VAL B 37 18.98 2.47 2.57
CA VAL B 37 17.95 3.54 2.41
C VAL B 37 17.46 3.57 0.97
N LYS B 38 17.42 2.43 0.33
CA LYS B 38 16.94 2.38 -1.07
C LYS B 38 15.72 1.46 -1.11
N SER B 39 14.87 1.61 -0.14
CA SER B 39 13.66 0.75 -0.09
C SER B 39 12.78 1.19 1.09
N PHE B 40 11.62 0.63 1.27
CA PHE B 40 10.76 1.08 2.41
C PHE B 40 9.88 -0.05 2.93
N GLU B 41 9.41 0.10 4.16
CA GLU B 41 8.54 -0.94 4.78
C GLU B 41 7.73 -0.33 5.94
N TRP B 42 6.44 -0.55 5.97
CA TRP B 42 5.61 -0.03 7.09
C TRP B 42 4.69 -1.15 7.55
N GLY B 43 3.98 -0.99 8.63
CA GLY B 43 3.10 -2.11 9.10
C GLY B 43 1.72 -1.58 9.48
N GLU B 44 0.77 -2.46 9.68
CA GLU B 44 -0.60 -2.02 10.05
C GLU B 44 -1.33 -3.16 10.76
N ASP B 45 -2.25 -2.81 11.61
CA ASP B 45 -3.07 -3.83 12.32
C ASP B 45 -4.35 -3.14 12.75
N LYS B 46 -5.37 -3.10 11.92
CA LYS B 46 -6.61 -2.41 12.35
C LYS B 46 -7.55 -3.40 13.03
N GLU B 47 -8.60 -2.92 13.65
CA GLU B 47 -9.60 -3.83 14.26
C GLU B 47 -10.96 -3.11 14.34
N SER B 48 -11.17 -2.14 13.48
CA SER B 48 -12.45 -1.36 13.55
C SER B 48 -13.58 -2.16 12.88
N HIS B 49 -14.26 -1.58 11.92
CA HIS B 49 -15.41 -2.28 11.30
C HIS B 49 -14.91 -3.33 10.30
N ASP B 50 -15.68 -4.35 10.07
CA ASP B 50 -15.26 -5.40 9.09
C ASP B 50 -15.33 -4.87 7.65
N MET B 51 -16.34 -4.13 7.32
CA MET B 51 -16.45 -3.58 5.94
C MET B 51 -15.33 -2.57 5.66
N LEU B 52 -15.00 -1.73 6.61
CA LEU B 52 -13.89 -0.75 6.37
C LEU B 52 -12.55 -1.48 6.47
N ARG B 53 -12.22 -1.99 7.64
CA ARG B 53 -10.94 -2.71 7.82
C ARG B 53 -10.92 -4.03 7.04
N GLN B 54 -11.79 -4.19 6.08
CA GLN B 54 -11.85 -5.47 5.32
C GLN B 54 -11.80 -6.67 6.29
N GLY B 55 -11.89 -6.40 7.57
CA GLY B 55 -11.90 -7.49 8.59
C GLY B 55 -10.53 -8.17 8.75
N PHE B 56 -9.60 -7.95 7.87
CA PHE B 56 -8.27 -8.62 8.03
C PHE B 56 -7.71 -8.34 9.44
N THR B 57 -6.44 -8.04 9.53
CA THR B 57 -5.82 -7.75 10.86
C THR B 57 -4.49 -7.02 10.70
N HIS B 58 -3.59 -7.53 9.90
CA HIS B 58 -2.27 -6.87 9.75
C HIS B 58 -1.72 -7.08 8.34
N ALA B 59 -1.08 -6.08 7.79
CA ALA B 59 -0.48 -6.22 6.44
C ALA B 59 0.86 -5.51 6.40
N PHE B 60 1.67 -5.80 5.43
CA PHE B 60 2.99 -5.13 5.32
C PHE B 60 3.20 -4.69 3.88
N SER B 61 3.59 -3.46 3.66
CA SER B 61 3.81 -2.98 2.27
C SER B 61 5.30 -2.63 2.13
N MET B 62 6.03 -3.40 1.37
CA MET B 62 7.47 -3.09 1.19
C MET B 62 7.74 -2.54 -0.21
N THR B 63 8.47 -1.47 -0.28
CA THR B 63 8.78 -0.86 -1.59
C THR B 63 10.32 -0.87 -1.75
N PHE B 64 10.81 -1.13 -2.93
CA PHE B 64 12.29 -1.17 -3.12
C PHE B 64 12.72 -0.12 -4.14
N GLU B 65 13.96 0.28 -4.13
CA GLU B 65 14.43 1.29 -5.13
C GLU B 65 14.59 0.57 -6.46
N ASN B 66 14.84 -0.70 -6.40
CA ASN B 66 15.02 -1.49 -7.64
C ASN B 66 15.19 -2.97 -7.25
N LYS B 67 15.41 -3.83 -8.21
CA LYS B 67 15.57 -5.28 -7.89
C LYS B 67 16.84 -5.54 -7.08
N ASP B 68 17.82 -4.67 -7.16
CA ASP B 68 19.08 -4.91 -6.39
C ASP B 68 18.81 -4.94 -4.88
N GLY B 69 17.97 -4.07 -4.39
CA GLY B 69 17.66 -4.10 -2.93
C GLY B 69 16.81 -5.33 -2.63
N TYR B 70 16.00 -5.73 -3.56
CA TYR B 70 15.14 -6.93 -3.35
C TYR B 70 15.98 -8.21 -3.29
N VAL B 71 16.95 -8.37 -4.17
CA VAL B 71 17.76 -9.62 -4.10
C VAL B 71 18.65 -9.56 -2.86
N ALA B 72 19.01 -8.37 -2.44
CA ALA B 72 19.88 -8.24 -1.24
C ALA B 72 19.13 -8.74 -0.01
N PHE B 73 18.02 -8.12 0.31
CA PHE B 73 17.24 -8.54 1.52
C PHE B 73 16.85 -10.03 1.44
N THR B 74 16.14 -10.43 0.42
CA THR B 74 15.72 -11.86 0.35
C THR B 74 16.94 -12.78 0.38
N SER B 75 18.03 -12.37 -0.20
CA SER B 75 19.24 -13.25 -0.24
C SER B 75 19.82 -13.44 1.17
N HIS B 76 19.71 -12.47 2.03
CA HIS B 76 20.28 -12.62 3.41
C HIS B 76 19.46 -13.65 4.19
N PRO B 77 20.11 -14.63 4.78
CA PRO B 77 19.43 -15.67 5.60
C PRO B 77 18.36 -15.08 6.53
N LEU B 78 18.29 -13.77 6.62
CA LEU B 78 17.27 -13.12 7.51
C LEU B 78 15.85 -13.36 7.00
N HIS B 79 15.68 -13.54 5.72
CA HIS B 79 14.30 -13.75 5.17
C HIS B 79 13.90 -15.21 5.30
N VAL B 80 14.83 -16.10 5.14
CA VAL B 80 14.50 -17.55 5.24
C VAL B 80 14.00 -17.88 6.64
N GLU B 81 14.81 -17.68 7.64
CA GLU B 81 14.39 -17.98 9.03
C GLU B 81 13.14 -17.16 9.37
N PHE B 82 13.09 -15.94 8.92
CA PHE B 82 11.90 -15.09 9.21
C PHE B 82 10.67 -15.62 8.47
N SER B 83 10.83 -15.97 7.22
CA SER B 83 9.67 -16.48 6.43
C SER B 83 9.11 -17.75 7.09
N ALA B 84 9.94 -18.56 7.67
CA ALA B 84 9.43 -19.80 8.31
C ALA B 84 8.46 -19.41 9.43
N ALA B 85 8.90 -18.57 10.31
CA ALA B 85 8.01 -18.13 11.42
C ALA B 85 6.90 -17.27 10.84
N PHE B 86 7.22 -16.39 9.93
CA PHE B 86 6.16 -15.53 9.33
C PHE B 86 4.95 -16.41 9.03
N THR B 87 5.18 -17.67 8.75
CA THR B 87 4.03 -18.57 8.48
C THR B 87 3.48 -19.04 9.82
N ALA B 88 4.29 -19.74 10.57
CA ALA B 88 3.85 -20.23 11.90
C ALA B 88 3.01 -19.16 12.60
N VAL B 89 3.23 -17.92 12.29
CA VAL B 89 2.47 -16.83 12.96
C VAL B 89 1.36 -16.30 12.04
N ILE B 90 1.08 -16.95 10.95
CA ILE B 90 -0.01 -16.46 10.06
C ILE B 90 -1.04 -17.55 9.80
N ASP B 91 -2.22 -17.15 9.42
CA ASP B 91 -3.32 -18.13 9.14
C ASP B 91 -3.48 -18.25 7.62
N LYS B 92 -3.23 -17.18 6.91
CA LYS B 92 -3.34 -17.17 5.44
C LYS B 92 -2.32 -16.17 4.86
N ILE B 93 -1.78 -16.43 3.69
CA ILE B 93 -0.75 -15.49 3.14
C ILE B 93 -1.15 -15.09 1.71
N VAL B 94 -1.20 -13.80 1.46
CA VAL B 94 -1.55 -13.28 0.09
C VAL B 94 -0.52 -12.21 -0.30
N LEU B 95 0.00 -12.23 -1.52
CA LEU B 95 1.02 -11.19 -1.88
C LEU B 95 0.75 -10.59 -3.27
N LEU B 96 0.74 -9.29 -3.35
CA LEU B 96 0.56 -8.60 -4.67
C LEU B 96 1.79 -7.76 -4.99
N ASP B 97 2.38 -7.93 -6.14
CA ASP B 97 3.57 -7.12 -6.51
C ASP B 97 3.29 -6.38 -7.82
N PHE B 98 3.42 -5.08 -7.83
CA PHE B 98 3.14 -4.30 -9.07
C PHE B 98 4.08 -3.09 -9.17
N PRO B 99 4.77 -2.93 -10.28
CA PRO B 99 5.66 -1.75 -10.50
C PRO B 99 4.97 -0.43 -10.17
N VAL B 100 5.53 0.36 -9.29
CA VAL B 100 4.90 1.65 -8.92
C VAL B 100 5.70 2.81 -9.51
N ALA B 101 5.04 3.75 -10.13
CA ALA B 101 5.76 4.91 -10.72
C ALA B 101 5.50 6.16 -9.86
N ALA B 102 6.21 6.30 -8.77
CA ALA B 102 6.01 7.49 -7.90
C ALA B 102 6.42 8.75 -8.66
N VAL B 103 5.55 9.30 -9.45
CA VAL B 103 5.89 10.51 -10.23
C VAL B 103 4.65 11.38 -10.39
N LYS B 104 3.49 10.80 -10.28
CA LYS B 104 2.23 11.59 -10.43
C LYS B 104 2.39 12.58 -11.59
N SER B 105 1.82 12.28 -12.73
CA SER B 105 1.95 13.20 -13.88
C SER B 105 1.56 14.60 -13.43
N SER B 106 0.42 14.74 -12.81
CA SER B 106 0.00 16.07 -12.33
C SER B 106 0.22 17.11 -13.44
N VAL B 107 0.14 16.70 -14.67
CA VAL B 107 0.35 17.64 -15.80
C VAL B 107 -0.87 18.57 -15.88
N VAL B 108 -2.04 18.02 -16.00
CA VAL B 108 -3.27 18.86 -16.10
C VAL B 108 -4.43 18.13 -15.41
N ALA B 109 -5.26 18.86 -14.72
CA ALA B 109 -6.41 18.21 -14.04
C ALA B 109 -7.68 18.53 -14.83
N THR B 110 -8.36 17.54 -15.31
CA THR B 110 -9.61 17.81 -16.09
C THR B 110 -10.65 16.73 -15.79
N PRO B 111 -11.90 17.05 -15.96
CA PRO B 111 -13.02 16.10 -15.71
C PRO B 111 -13.16 15.07 -16.82
N MET A 1 -4.69 7.98 15.46
CA MET A 1 -3.85 8.64 16.50
C MET A 1 -3.14 9.86 15.91
N ALA A 2 -3.02 9.90 14.61
CA ALA A 2 -2.34 11.06 13.96
C ALA A 2 -0.94 11.21 14.54
N THR A 3 -0.08 10.25 14.32
CA THR A 3 1.30 10.32 14.85
C THR A 3 2.28 10.43 13.69
N SER A 4 1.76 10.52 12.49
CA SER A 4 2.64 10.61 11.30
C SER A 4 1.77 10.80 10.07
N GLY A 5 1.74 9.84 9.19
CA GLY A 5 0.90 10.00 7.96
C GLY A 5 -0.34 9.11 8.06
N PHE A 6 -1.23 9.23 7.12
CA PHE A 6 -2.46 8.38 7.13
C PHE A 6 -2.53 7.65 5.79
N LYS A 7 -2.71 6.35 5.81
CA LYS A 7 -2.75 5.60 4.52
C LYS A 7 -4.17 5.18 4.14
N HIS A 8 -4.49 5.41 2.89
CA HIS A 8 -5.79 4.96 2.33
C HIS A 8 -5.46 4.15 1.08
N LEU A 9 -5.90 2.94 0.98
CA LEU A 9 -5.55 2.14 -0.23
C LEU A 9 -6.78 1.39 -0.71
N VAL A 10 -6.90 1.22 -1.99
CA VAL A 10 -8.07 0.52 -2.55
C VAL A 10 -7.61 -0.56 -3.52
N VAL A 11 -8.20 -1.72 -3.48
CA VAL A 11 -7.81 -2.80 -4.42
C VAL A 11 -9.06 -3.13 -5.23
N VAL A 12 -8.96 -3.20 -6.52
CA VAL A 12 -10.20 -3.47 -7.29
C VAL A 12 -10.01 -4.49 -8.41
N LYS A 13 -11.09 -5.12 -8.79
CA LYS A 13 -11.07 -6.10 -9.90
C LYS A 13 -12.09 -5.62 -10.93
N PHE A 14 -11.91 -5.95 -12.19
CA PHE A 14 -12.86 -5.45 -13.22
C PHE A 14 -13.73 -6.58 -13.80
N LYS A 15 -14.95 -6.29 -14.15
CA LYS A 15 -15.83 -7.32 -14.78
C LYS A 15 -16.46 -6.72 -16.04
N GLU A 16 -16.50 -5.41 -16.14
CA GLU A 16 -17.05 -4.77 -17.35
C GLU A 16 -15.87 -4.51 -18.29
N ASP A 17 -14.90 -3.78 -17.80
CA ASP A 17 -13.67 -3.46 -18.57
C ASP A 17 -13.08 -2.20 -17.95
N THR A 18 -12.65 -2.29 -16.73
CA THR A 18 -12.13 -1.09 -16.01
C THR A 18 -11.09 -0.32 -16.82
N LYS A 19 -11.50 0.76 -17.40
CA LYS A 19 -10.54 1.63 -18.13
C LYS A 19 -9.67 2.28 -17.07
N VAL A 20 -8.66 1.56 -16.63
CA VAL A 20 -7.76 2.12 -15.58
C VAL A 20 -7.04 3.37 -16.09
N ASP A 21 -6.63 3.37 -17.32
CA ASP A 21 -5.90 4.55 -17.89
C ASP A 21 -6.84 5.75 -17.98
N GLU A 22 -8.04 5.58 -18.46
CA GLU A 22 -8.98 6.74 -18.51
C GLU A 22 -9.33 7.10 -17.07
N ILE A 23 -9.41 6.10 -16.24
CA ILE A 23 -9.68 6.33 -14.81
C ILE A 23 -8.47 7.05 -14.25
N LEU A 24 -7.31 6.59 -14.63
CA LEU A 24 -6.04 7.24 -14.19
C LEU A 24 -6.09 8.72 -14.55
N LYS A 25 -6.69 9.07 -15.66
CA LYS A 25 -6.78 10.52 -16.01
C LYS A 25 -7.56 11.21 -14.89
N GLY A 26 -8.51 10.50 -14.32
CA GLY A 26 -9.28 11.07 -13.20
C GLY A 26 -8.31 11.38 -12.06
N LEU A 27 -7.53 10.39 -11.68
CA LEU A 27 -6.53 10.62 -10.60
C LEU A 27 -5.77 11.92 -10.90
N GLU A 28 -5.38 12.13 -12.13
CA GLU A 28 -4.67 13.40 -12.46
C GLU A 28 -5.57 14.55 -12.01
N ASN A 29 -6.85 14.39 -12.19
CA ASN A 29 -7.80 15.45 -11.76
C ASN A 29 -7.68 15.60 -10.24
N LEU A 30 -7.66 14.50 -9.53
CA LEU A 30 -7.52 14.55 -8.04
C LEU A 30 -6.34 15.47 -7.70
N VAL A 31 -5.24 15.31 -8.38
CA VAL A 31 -4.06 16.19 -8.11
C VAL A 31 -4.50 17.65 -8.17
N SER A 32 -5.55 17.92 -8.91
CA SER A 32 -6.04 19.31 -8.98
C SER A 32 -6.11 19.89 -7.57
N GLN A 33 -6.69 19.16 -6.65
CA GLN A 33 -6.78 19.64 -5.25
C GLN A 33 -5.52 19.28 -4.44
N ILE A 34 -4.78 18.27 -4.82
CA ILE A 34 -3.55 17.95 -4.02
C ILE A 34 -2.46 18.99 -4.27
N ASP A 35 -2.81 20.16 -4.70
CA ASP A 35 -1.75 21.17 -4.90
C ASP A 35 -1.13 21.39 -3.53
N THR A 36 -1.77 20.83 -2.54
CA THR A 36 -1.27 20.94 -1.15
C THR A 36 -0.02 20.09 -0.99
N VAL A 37 0.34 19.37 -2.02
CA VAL A 37 1.57 18.53 -1.92
C VAL A 37 1.75 18.05 -0.49
N LYS A 38 0.66 17.75 0.17
CA LYS A 38 0.74 17.23 1.56
C LYS A 38 0.05 15.88 1.58
N SER A 39 0.30 15.08 0.57
CA SER A 39 -0.38 13.76 0.48
C SER A 39 0.19 12.99 -0.73
N PHE A 40 -0.25 11.80 -0.98
CA PHE A 40 0.32 11.05 -2.13
C PHE A 40 -0.74 10.19 -2.84
N GLU A 41 -0.53 9.94 -4.11
CA GLU A 41 -1.50 9.12 -4.90
C GLU A 41 -0.79 8.49 -6.12
N TRP A 42 -0.85 7.20 -6.25
CA TRP A 42 -0.19 6.53 -7.42
C TRP A 42 -1.17 5.50 -7.97
N GLY A 43 -0.86 4.87 -9.07
CA GLY A 43 -1.83 3.85 -9.62
C GLY A 43 -1.11 2.86 -10.53
N GLU A 44 -1.53 1.63 -10.53
CA GLU A 44 -0.86 0.61 -11.38
C GLU A 44 -1.88 -0.43 -11.83
N ASP A 45 -1.52 -1.20 -12.81
CA ASP A 45 -2.41 -2.28 -13.31
C ASP A 45 -1.72 -3.60 -12.98
N LYS A 46 -2.42 -4.71 -12.96
CA LYS A 46 -1.73 -5.98 -12.59
C LYS A 46 -0.64 -6.29 -13.61
N GLU A 47 0.52 -5.72 -13.42
CA GLU A 47 1.66 -5.99 -14.36
C GLU A 47 2.89 -6.38 -13.55
N SER A 48 2.74 -7.28 -12.60
CA SER A 48 3.91 -7.70 -11.78
C SER A 48 3.82 -9.20 -11.48
N HIS A 49 4.17 -10.04 -12.42
CA HIS A 49 4.13 -11.51 -12.18
C HIS A 49 2.72 -11.92 -11.75
N ASP A 50 2.00 -12.59 -12.62
CA ASP A 50 0.59 -12.97 -12.28
C ASP A 50 0.51 -13.56 -10.87
N MET A 51 1.52 -14.28 -10.45
CA MET A 51 1.47 -14.91 -9.09
C MET A 51 1.59 -13.85 -7.99
N LEU A 52 2.37 -12.82 -8.20
CA LEU A 52 2.53 -11.79 -7.13
C LEU A 52 1.31 -10.87 -7.12
N ARG A 53 0.95 -10.34 -8.27
CA ARG A 53 -0.20 -9.39 -8.34
C ARG A 53 -1.51 -10.10 -7.97
N GLN A 54 -1.45 -11.26 -7.41
CA GLN A 54 -2.70 -11.98 -7.01
C GLN A 54 -3.80 -11.75 -8.08
N GLY A 55 -3.40 -11.61 -9.30
CA GLY A 55 -4.40 -11.44 -10.43
C GLY A 55 -5.30 -10.21 -10.24
N PHE A 56 -5.12 -9.42 -9.21
CA PHE A 56 -6.01 -8.23 -9.05
C PHE A 56 -6.07 -7.44 -10.36
N THR A 57 -6.21 -6.15 -10.28
CA THR A 57 -6.32 -5.32 -11.53
C THR A 57 -5.61 -3.96 -11.35
N HIS A 58 -5.98 -3.19 -10.37
CA HIS A 58 -5.31 -1.87 -10.18
C HIS A 58 -5.49 -1.39 -8.73
N ALA A 59 -4.50 -0.71 -8.22
CA ALA A 59 -4.58 -0.22 -6.81
C ALA A 59 -4.20 1.25 -6.77
N PHE A 60 -4.77 1.98 -5.86
CA PHE A 60 -4.41 3.42 -5.73
C PHE A 60 -3.82 3.66 -4.34
N SER A 61 -2.61 4.11 -4.27
CA SER A 61 -1.98 4.35 -2.93
C SER A 61 -2.32 5.78 -2.50
N MET A 62 -3.34 5.95 -1.72
CA MET A 62 -3.69 7.31 -1.25
C MET A 62 -3.25 7.50 0.20
N THR A 63 -2.27 8.34 0.39
CA THR A 63 -1.73 8.59 1.75
C THR A 63 -1.77 10.11 2.00
N PHE A 64 -2.01 10.53 3.21
CA PHE A 64 -2.07 12.00 3.47
C PHE A 64 -0.97 12.39 4.46
N GLU A 65 -0.62 13.65 4.51
CA GLU A 65 0.43 14.08 5.47
C GLU A 65 -0.22 14.26 6.84
N ASN A 66 -1.46 14.65 6.82
CA ASN A 66 -2.21 14.87 8.09
C ASN A 66 -3.71 14.91 7.77
N LYS A 67 -4.54 14.98 8.77
CA LYS A 67 -6.01 15.01 8.52
C LYS A 67 -6.40 16.19 7.63
N ASP A 68 -5.63 17.27 7.65
CA ASP A 68 -6.00 18.44 6.80
C ASP A 68 -6.15 18.03 5.33
N GLY A 69 -5.33 17.12 4.87
CA GLY A 69 -5.48 16.67 3.45
C GLY A 69 -6.77 15.87 3.32
N TYR A 70 -7.11 15.12 4.32
CA TYR A 70 -8.36 14.32 4.27
C TYR A 70 -9.59 15.22 4.13
N VAL A 71 -9.67 16.31 4.86
CA VAL A 71 -10.86 17.19 4.68
C VAL A 71 -10.76 17.89 3.33
N ALA A 72 -9.56 18.11 2.86
CA ALA A 72 -9.38 18.79 1.54
C ALA A 72 -9.97 17.91 0.44
N PHE A 73 -9.43 16.73 0.27
CA PHE A 73 -9.91 15.84 -0.83
C PHE A 73 -11.44 15.68 -0.80
N THR A 74 -12.03 15.57 0.36
CA THR A 74 -13.51 15.37 0.43
C THR A 74 -14.22 16.72 0.27
N SER A 75 -13.61 17.80 0.70
CA SER A 75 -14.28 19.12 0.61
C SER A 75 -14.66 19.45 -0.85
N HIS A 76 -13.88 19.02 -1.80
CA HIS A 76 -14.22 19.33 -3.23
C HIS A 76 -15.14 18.24 -3.79
N PRO A 77 -16.11 18.61 -4.59
CA PRO A 77 -17.09 17.65 -5.18
C PRO A 77 -16.47 16.80 -6.30
N LEU A 78 -15.17 16.84 -6.46
CA LEU A 78 -14.49 16.05 -7.53
C LEU A 78 -14.46 14.56 -7.18
N HIS A 79 -14.48 14.23 -5.92
CA HIS A 79 -14.41 12.78 -5.53
C HIS A 79 -15.80 12.16 -5.55
N VAL A 80 -16.78 12.85 -5.05
CA VAL A 80 -18.16 12.28 -5.00
C VAL A 80 -18.61 11.89 -6.41
N GLU A 81 -18.62 12.83 -7.32
CA GLU A 81 -19.03 12.50 -8.72
C GLU A 81 -18.11 11.42 -9.28
N PHE A 82 -16.84 11.51 -9.03
CA PHE A 82 -15.89 10.48 -9.55
C PHE A 82 -16.09 9.17 -8.79
N SER A 83 -16.31 9.24 -7.51
CA SER A 83 -16.49 7.99 -6.71
C SER A 83 -17.69 7.20 -7.25
N ALA A 84 -18.73 7.86 -7.64
CA ALA A 84 -19.93 7.13 -8.16
C ALA A 84 -19.49 6.28 -9.35
N ALA A 85 -18.81 6.88 -10.29
CA ALA A 85 -18.32 6.12 -11.46
C ALA A 85 -17.23 5.15 -11.00
N PHE A 86 -16.36 5.59 -10.15
CA PHE A 86 -15.29 4.67 -9.65
C PHE A 86 -15.93 3.34 -9.31
N THR A 87 -17.17 3.35 -8.90
CA THR A 87 -17.85 2.06 -8.58
C THR A 87 -18.40 1.50 -9.89
N ALA A 88 -19.33 2.20 -10.48
CA ALA A 88 -19.93 1.75 -11.76
C ALA A 88 -18.85 1.16 -12.66
N VAL A 89 -17.62 1.59 -12.51
CA VAL A 89 -16.54 1.08 -13.38
C VAL A 89 -15.74 -0.02 -12.67
N ILE A 90 -16.26 -0.59 -11.60
CA ILE A 90 -15.50 -1.66 -10.89
C ILE A 90 -16.38 -2.89 -10.66
N ASP A 91 -15.77 -3.99 -10.35
CA ASP A 91 -16.52 -5.25 -10.11
C ASP A 91 -16.57 -5.51 -8.59
N LYS A 92 -15.51 -5.17 -7.91
CA LYS A 92 -15.43 -5.35 -6.44
C LYS A 92 -14.57 -4.23 -5.84
N ILE A 93 -14.87 -3.78 -4.64
CA ILE A 93 -14.06 -2.67 -4.05
C ILE A 93 -13.59 -3.06 -2.64
N VAL A 94 -12.31 -2.96 -2.40
CA VAL A 94 -11.74 -3.30 -1.06
C VAL A 94 -10.86 -2.13 -0.59
N LEU A 95 -10.99 -1.68 0.64
CA LEU A 95 -10.12 -0.53 1.09
C LEU A 95 -9.58 -0.74 2.50
N LEU A 96 -8.30 -0.49 2.68
CA LEU A 96 -7.68 -0.60 4.04
C LEU A 96 -6.99 0.72 4.39
N ASP A 97 -7.27 1.27 5.54
CA ASP A 97 -6.63 2.57 5.92
C ASP A 97 -5.81 2.37 7.21
N PHE A 98 -4.55 2.70 7.19
CA PHE A 98 -3.71 2.53 8.42
C PHE A 98 -2.71 3.69 8.55
N PRO A 99 -2.36 4.07 9.75
CA PRO A 99 -1.41 5.19 9.99
C PRO A 99 0.03 4.80 9.62
N VAL A 100 0.71 5.60 8.86
CA VAL A 100 2.11 5.28 8.47
C VAL A 100 3.09 5.97 9.42
N ALA A 101 3.85 5.21 10.16
CA ALA A 101 4.83 5.81 11.11
C ALA A 101 6.18 6.00 10.40
N ALA A 102 6.29 6.98 9.54
CA ALA A 102 7.58 7.21 8.84
C ALA A 102 8.66 7.60 9.86
N VAL A 103 9.09 6.66 10.66
CA VAL A 103 10.13 6.96 11.67
C VAL A 103 10.97 5.71 11.91
N LYS A 104 10.37 4.55 11.83
CA LYS A 104 11.12 3.29 12.06
C LYS A 104 12.12 3.50 13.20
N SER A 105 13.34 3.86 12.87
CA SER A 105 14.37 4.05 13.94
C SER A 105 14.65 2.69 14.59
N SER A 106 13.63 1.93 14.85
CA SER A 106 13.84 0.59 15.48
C SER A 106 15.01 -0.11 14.81
N VAL A 107 16.15 -0.14 15.45
CA VAL A 107 17.34 -0.80 14.84
C VAL A 107 17.23 -2.30 15.06
N VAL A 108 18.22 -3.04 14.65
CA VAL A 108 18.18 -4.52 14.81
C VAL A 108 17.62 -4.87 16.18
N ALA A 109 16.84 -5.92 16.26
CA ALA A 109 16.27 -6.31 17.57
C ALA A 109 17.40 -6.43 18.59
N THR A 110 17.68 -5.38 19.32
CA THR A 110 18.78 -5.46 20.32
C THR A 110 18.37 -6.35 21.47
N PRO A 111 19.32 -6.97 22.12
CA PRO A 111 19.05 -7.87 23.28
C PRO A 111 17.90 -7.37 24.15
N MET B 1 9.33 -2.93 -15.13
CA MET B 1 9.97 -1.97 -16.07
C MET B 1 11.09 -1.22 -15.34
N ALA B 2 11.05 -1.17 -14.04
CA ALA B 2 12.10 -0.45 -13.28
C ALA B 2 12.16 1.01 -13.75
N THR B 3 11.11 1.75 -13.55
CA THR B 3 11.10 3.18 -13.99
C THR B 3 11.05 4.07 -12.75
N SER B 4 11.10 3.48 -11.59
CA SER B 4 11.04 4.28 -10.34
C SER B 4 11.23 3.34 -9.16
N GLY B 5 10.23 3.17 -8.36
CA GLY B 5 10.38 2.27 -7.18
C GLY B 5 9.60 0.97 -7.41
N PHE B 6 9.74 0.03 -6.52
CA PHE B 6 9.00 -1.25 -6.68
C PHE B 6 8.19 -1.49 -5.39
N LYS B 7 6.92 -1.77 -5.52
CA LYS B 7 6.10 -1.97 -4.29
C LYS B 7 5.78 -3.43 -4.02
N HIS B 8 5.95 -3.82 -2.79
CA HIS B 8 5.58 -5.19 -2.34
C HIS B 8 4.66 -5.01 -1.14
N LEU B 9 3.50 -5.57 -1.15
CA LEU B 9 2.59 -5.36 0.02
C LEU B 9 1.92 -6.68 0.37
N VAL B 10 1.68 -6.90 1.62
CA VAL B 10 1.04 -8.16 2.06
C VAL B 10 -0.14 -7.85 2.99
N VAL B 11 -1.22 -8.54 2.81
CA VAL B 11 -2.39 -8.30 3.71
C VAL B 11 -2.67 -9.62 4.41
N VAL B 12 -2.83 -9.62 5.70
CA VAL B 12 -3.04 -10.93 6.36
C VAL B 12 -4.14 -10.89 7.42
N LYS B 13 -4.70 -12.05 7.68
CA LYS B 13 -5.74 -12.19 8.72
C LYS B 13 -5.25 -13.24 9.72
N PHE B 14 -5.67 -13.18 10.95
CA PHE B 14 -5.15 -14.16 11.95
C PHE B 14 -6.25 -15.14 12.40
N LYS B 15 -5.87 -16.36 12.69
CA LYS B 15 -6.86 -17.37 13.19
C LYS B 15 -6.30 -18.02 14.45
N GLU B 16 -5.00 -17.96 14.63
CA GLU B 16 -4.38 -18.55 15.85
C GLU B 16 -4.29 -17.42 16.88
N ASP B 17 -3.62 -16.36 16.50
CA ASP B 17 -3.46 -15.17 17.38
C ASP B 17 -2.21 -14.44 16.88
N THR B 18 -2.27 -13.94 15.68
CA THR B 18 -1.06 -13.27 15.09
C THR B 18 -0.45 -12.23 16.01
N LYS B 19 0.63 -12.58 16.63
CA LYS B 19 1.36 -11.62 17.49
C LYS B 19 2.00 -10.61 16.53
N VAL B 20 1.24 -9.64 16.11
CA VAL B 20 1.78 -8.62 15.16
C VAL B 20 2.93 -7.85 15.81
N ASP B 21 2.81 -7.53 17.06
CA ASP B 21 3.88 -6.75 17.74
C ASP B 21 5.16 -7.58 17.85
N GLU B 22 5.06 -8.83 18.25
CA GLU B 22 6.29 -9.66 18.32
C GLU B 22 6.77 -9.89 16.90
N ILE B 23 5.84 -10.00 15.99
CA ILE B 23 6.18 -10.15 14.56
C ILE B 23 6.83 -8.83 14.14
N LEU B 24 6.25 -7.74 14.56
CA LEU B 24 6.80 -6.40 14.24
C LEU B 24 8.27 -6.36 14.70
N LYS B 25 8.59 -7.00 15.79
CA LYS B 25 10.02 -7.00 16.24
C LYS B 25 10.84 -7.65 15.12
N GLY B 26 10.26 -8.61 14.45
CA GLY B 26 10.97 -9.24 13.32
C GLY B 26 11.25 -8.18 12.27
N LEU B 27 10.24 -7.45 11.86
CA LEU B 27 10.44 -6.36 10.88
C LEU B 27 11.65 -5.52 11.30
N GLU B 28 11.75 -5.20 12.58
CA GLU B 28 12.93 -4.41 13.03
C GLU B 28 14.18 -5.18 12.62
N ASN B 29 14.11 -6.48 12.70
CA ASN B 29 15.27 -7.31 12.28
C ASN B 29 15.53 -7.08 10.80
N LEU B 30 14.47 -7.10 10.01
CA LEU B 30 14.60 -6.84 8.54
C LEU B 30 15.44 -5.58 8.34
N VAL B 31 15.14 -4.54 9.08
CA VAL B 31 15.92 -3.27 8.95
C VAL B 31 17.41 -3.61 9.07
N SER B 32 17.73 -4.67 9.76
CA SER B 32 19.15 -5.06 9.91
C SER B 32 19.81 -4.99 8.53
N GLN B 33 19.19 -5.55 7.53
CA GLN B 33 19.78 -5.50 6.16
C GLN B 33 19.36 -4.23 5.41
N ILE B 34 18.26 -3.60 5.76
CA ILE B 34 17.89 -2.35 5.01
C ILE B 34 18.82 -1.20 5.41
N ASP B 35 19.98 -1.47 5.90
CA ASP B 35 20.89 -0.36 6.24
C ASP B 35 21.14 0.37 4.93
N THR B 36 20.70 -0.23 3.86
CA THR B 36 20.86 0.36 2.52
C THR B 36 19.92 1.55 2.39
N VAL B 37 19.10 1.78 3.38
CA VAL B 37 18.17 2.94 3.30
C VAL B 37 17.77 3.18 1.85
N LYS B 38 17.60 2.12 1.11
CA LYS B 38 17.17 2.25 -0.30
C LYS B 38 15.88 1.46 -0.47
N SER B 39 15.00 1.56 0.50
CA SER B 39 13.75 0.79 0.46
C SER B 39 12.86 1.21 1.64
N PHE B 40 11.69 0.65 1.78
CA PHE B 40 10.82 1.07 2.92
C PHE B 40 10.02 -0.10 3.48
N GLU B 41 9.67 -0.01 4.75
CA GLU B 41 8.88 -1.09 5.42
C GLU B 41 8.12 -0.52 6.64
N TRP B 42 6.83 -0.69 6.67
CA TRP B 42 6.03 -0.17 7.82
C TRP B 42 5.06 -1.27 8.24
N GLY B 43 4.33 -1.09 9.31
CA GLY B 43 3.37 -2.16 9.73
C GLY B 43 2.27 -1.61 10.61
N GLU B 44 1.07 -2.13 10.50
CA GLU B 44 -0.05 -1.60 11.31
C GLU B 44 -1.03 -2.73 11.64
N ASP B 45 -1.88 -2.50 12.58
CA ASP B 45 -2.92 -3.51 12.93
C ASP B 45 -4.27 -2.91 12.55
N LYS B 46 -5.30 -3.69 12.42
CA LYS B 46 -6.61 -3.09 12.00
C LYS B 46 -7.07 -2.10 13.07
N GLU B 47 -6.59 -0.88 13.00
CA GLU B 47 -7.01 0.15 13.98
C GLU B 47 -7.46 1.42 13.23
N SER B 48 -8.28 1.25 12.21
CA SER B 48 -8.75 2.44 11.44
C SER B 48 -10.21 2.24 11.04
N HIS B 49 -11.14 2.46 11.95
CA HIS B 49 -12.58 2.31 11.60
C HIS B 49 -12.84 0.91 11.05
N ASP B 50 -13.49 0.08 11.81
CA ASP B 50 -13.73 -1.32 11.36
C ASP B 50 -14.22 -1.35 9.91
N MET B 51 -14.99 -0.38 9.51
CA MET B 51 -15.53 -0.39 8.11
C MET B 51 -14.42 -0.10 7.10
N LEU B 52 -13.48 0.74 7.42
CA LEU B 52 -12.40 1.06 6.44
C LEU B 52 -11.37 -0.08 6.42
N ARG B 53 -10.89 -0.46 7.57
CA ARG B 53 -9.85 -1.54 7.63
C ARG B 53 -10.42 -2.89 7.14
N GLN B 54 -11.55 -2.87 6.49
CA GLN B 54 -12.12 -4.15 5.98
C GLN B 54 -11.87 -5.29 6.98
N GLY B 55 -11.84 -4.98 8.24
CA GLY B 55 -11.66 -6.03 9.30
C GLY B 55 -10.35 -6.81 9.14
N PHE B 56 -9.52 -6.50 8.18
CA PHE B 56 -8.24 -7.27 8.05
C PHE B 56 -7.54 -7.36 9.41
N THR B 57 -6.23 -7.39 9.42
CA THR B 57 -5.48 -7.52 10.70
C THR B 57 -4.19 -6.69 10.67
N HIS B 58 -3.33 -6.93 9.71
CA HIS B 58 -2.06 -6.14 9.66
C HIS B 58 -1.48 -6.17 8.25
N ALA B 59 -0.84 -5.10 7.84
CA ALA B 59 -0.26 -5.05 6.48
C ALA B 59 1.18 -4.54 6.56
N PHE B 60 2.02 -4.99 5.66
CA PHE B 60 3.42 -4.50 5.66
C PHE B 60 3.69 -3.80 4.33
N SER B 61 4.05 -2.56 4.37
CA SER B 61 4.31 -1.82 3.10
C SER B 61 5.79 -2.00 2.74
N MET B 62 6.09 -2.96 1.91
CA MET B 62 7.50 -3.17 1.51
C MET B 62 7.76 -2.61 0.12
N THR B 63 8.51 -1.55 0.05
CA THR B 63 8.79 -0.89 -1.25
C THR B 63 10.32 -0.80 -1.40
N PHE B 64 10.84 -0.92 -2.59
CA PHE B 64 12.33 -0.84 -2.75
C PHE B 64 12.69 0.36 -3.63
N GLU B 65 13.92 0.81 -3.58
CA GLU B 65 14.32 1.96 -4.43
C GLU B 65 14.64 1.42 -5.82
N ASN B 66 15.14 0.22 -5.86
CA ASN B 66 15.48 -0.42 -7.15
C ASN B 66 15.64 -1.93 -6.92
N LYS B 67 15.84 -2.68 -7.97
CA LYS B 67 15.99 -4.16 -7.83
C LYS B 67 17.15 -4.51 -6.88
N ASP B 68 18.13 -3.67 -6.77
CA ASP B 68 19.29 -3.98 -5.87
C ASP B 68 18.79 -4.26 -4.45
N GLY B 69 17.80 -3.56 -3.99
CA GLY B 69 17.27 -3.84 -2.63
C GLY B 69 16.57 -5.21 -2.63
N TYR B 70 15.92 -5.53 -3.71
CA TYR B 70 15.22 -6.84 -3.79
C TYR B 70 16.21 -8.00 -3.66
N VAL B 71 17.35 -7.95 -4.32
CA VAL B 71 18.31 -9.08 -4.16
C VAL B 71 18.92 -9.01 -2.75
N ALA B 72 19.01 -7.84 -2.20
CA ALA B 72 19.59 -7.70 -0.84
C ALA B 72 18.69 -8.43 0.17
N PHE B 73 17.46 -8.00 0.30
CA PHE B 73 16.54 -8.62 1.30
C PHE B 73 16.52 -10.15 1.15
N THR B 74 16.53 -10.66 -0.04
CA THR B 74 16.47 -12.15 -0.22
C THR B 74 17.86 -12.76 -0.01
N SER B 75 18.90 -12.03 -0.33
CA SER B 75 20.28 -12.60 -0.19
C SER B 75 20.54 -13.05 1.25
N HIS B 76 20.00 -12.37 2.23
CA HIS B 76 20.24 -12.78 3.65
C HIS B 76 19.19 -13.83 4.07
N PRO B 77 19.60 -14.81 4.83
CA PRO B 77 18.68 -15.91 5.29
C PRO B 77 17.71 -15.45 6.39
N LEU B 78 17.64 -14.16 6.63
CA LEU B 78 16.73 -13.63 7.69
C LEU B 78 15.26 -13.69 7.24
N HIS B 79 15.01 -13.65 5.95
CA HIS B 79 13.60 -13.67 5.46
C HIS B 79 13.09 -15.10 5.36
N VAL B 80 13.89 -15.99 4.85
CA VAL B 80 13.45 -17.40 4.67
C VAL B 80 13.01 -17.97 6.02
N GLU B 81 13.88 -17.98 6.98
CA GLU B 81 13.50 -18.51 8.33
C GLU B 81 12.30 -17.73 8.87
N PHE B 82 12.32 -16.43 8.72
CA PHE B 82 11.18 -15.62 9.23
C PHE B 82 9.94 -15.86 8.36
N SER B 83 10.11 -15.98 7.07
CA SER B 83 8.93 -16.20 6.19
C SER B 83 8.21 -17.51 6.59
N ALA B 84 8.94 -18.52 6.95
CA ALA B 84 8.28 -19.80 7.35
C ALA B 84 7.33 -19.51 8.50
N ALA B 85 7.80 -18.85 9.52
CA ALA B 85 6.93 -18.52 10.67
C ALA B 85 5.89 -17.48 10.21
N PHE B 86 6.31 -16.51 9.44
CA PHE B 86 5.35 -15.50 8.96
C PHE B 86 4.08 -16.22 8.48
N THR B 87 4.23 -17.42 7.99
CA THR B 87 3.03 -18.17 7.54
C THR B 87 2.45 -18.87 8.77
N ALA B 88 3.19 -19.77 9.34
CA ALA B 88 2.69 -20.49 10.55
C ALA B 88 1.96 -19.52 11.47
N VAL B 89 2.30 -18.27 11.44
CA VAL B 89 1.63 -17.29 12.34
C VAL B 89 0.52 -16.53 11.59
N ILE B 90 0.06 -17.02 10.47
CA ILE B 90 -1.02 -16.30 9.74
C ILE B 90 -2.14 -17.26 9.36
N ASP B 91 -3.28 -16.71 9.02
CA ASP B 91 -4.46 -17.55 8.63
C ASP B 91 -4.60 -17.51 7.11
N LYS B 92 -4.31 -16.39 6.53
CA LYS B 92 -4.41 -16.23 5.05
C LYS B 92 -3.33 -15.24 4.58
N ILE B 93 -2.77 -15.42 3.41
CA ILE B 93 -1.70 -14.48 2.95
C ILE B 93 -2.04 -13.94 1.55
N VAL B 94 -2.04 -12.64 1.40
CA VAL B 94 -2.34 -12.01 0.08
C VAL B 94 -1.22 -11.01 -0.26
N LEU B 95 -0.68 -11.02 -1.46
CA LEU B 95 0.41 -10.03 -1.76
C LEU B 95 0.24 -9.41 -3.16
N LEU B 96 0.41 -8.11 -3.24
CA LEU B 96 0.32 -7.41 -4.55
C LEU B 96 1.60 -6.58 -4.76
N ASP B 97 2.24 -6.73 -5.89
CA ASP B 97 3.50 -5.96 -6.15
C ASP B 97 3.32 -5.08 -7.39
N PHE B 98 3.53 -3.80 -7.26
CA PHE B 98 3.37 -2.89 -8.44
C PHE B 98 4.45 -1.80 -8.43
N PRO B 99 4.88 -1.34 -9.57
CA PRO B 99 5.92 -0.27 -9.67
C PRO B 99 5.38 1.10 -9.25
N VAL B 100 6.08 1.78 -8.37
CA VAL B 100 5.61 3.12 -7.94
C VAL B 100 6.27 4.21 -8.77
N ALA B 101 5.49 4.97 -9.50
CA ALA B 101 6.08 6.05 -10.34
C ALA B 101 6.09 7.36 -9.53
N ALA B 102 7.00 7.49 -8.60
CA ALA B 102 7.08 8.74 -7.81
C ALA B 102 7.43 9.91 -8.72
N VAL B 103 6.52 10.33 -9.56
CA VAL B 103 6.79 11.46 -10.47
C VAL B 103 5.50 12.21 -10.77
N LYS B 104 4.39 11.50 -10.79
CA LYS B 104 3.08 12.17 -11.06
C LYS B 104 3.29 13.26 -12.12
N SER B 105 3.51 14.48 -11.69
CA SER B 105 3.68 15.59 -12.68
C SER B 105 2.35 15.80 -13.40
N SER B 106 1.70 14.74 -13.78
CA SER B 106 0.39 14.89 -14.49
C SER B 106 -0.45 15.96 -13.78
N VAL B 107 -0.53 17.12 -14.35
CA VAL B 107 -1.33 18.21 -13.72
C VAL B 107 -2.81 17.99 -14.05
N VAL B 108 -3.65 18.89 -13.63
CA VAL B 108 -5.11 18.75 -13.88
C VAL B 108 -5.31 18.25 -15.31
N ALA B 109 -6.29 17.40 -15.52
CA ALA B 109 -6.54 16.89 -16.89
C ALA B 109 -6.68 18.08 -17.83
N THR B 110 -5.63 18.49 -18.46
CA THR B 110 -5.73 19.65 -19.39
C THR B 110 -6.52 19.25 -20.64
N PRO B 111 -7.17 20.18 -21.27
CA PRO B 111 -7.97 19.93 -22.49
C PRO B 111 -7.31 18.88 -23.40
#